data_6IMM
#
_entry.id   6IMM
#
loop_
_entity.id
_entity.type
_entity.pdbx_description
1 polymer 'Spike glycoprotein E1'
2 polymer 'Spike glycoprotein E2'
3 polymer 'Assembly protein E3'
4 non-polymer Octadecane
#
loop_
_entity_poly.entity_id
_entity_poly.type
_entity_poly.pdbx_seq_one_letter_code
_entity_poly.pdbx_strand_id
1 'polypeptide(L)'
;FEHATTVPNVPRIPYKALVERAGYAPLNLEITVMSSELIPSTNLEYVTCKYTTVVPSPKVKCCGTLECSSARHADYNCKV
FGGVYPFMWGGAQCFCDSENSQMSEAYVEFSADCAADHAQAVKVHTAALKAGLRIVYGNTTSMLDVYVNGVTPGTSKDLK
VIAGPISAAYTPFDHKVIIHKGKVYNYDFPEYGAMKPGAFGDIQATSLTSNDLIANTDIRLLKPSAKNVHVPYTQAASGF
EMWKNNSGRPLQETAPFGCQIAVNPLRAVDCAYGNIPISLDIPNAAFVRVSDAPLVTALKCEVGECVYSADFGGIATLQY
SSDREGQCSVHSHSSTATLQESTVHVLQKGGATIHFSTASPQANFIVSLCGKKTTCNAECKPPADHIVNVPHKNDQEFQA
AVSQTSWSWLFALFGGASSLLVIGVMIFACSALLTSTRR
;
N,T,Z,a
2 'polypeptide(L)'
;FTLTSPYLGTCSYCHHTEPCFSPVKIEQVWDEADDNTIRIQTSAQFGYDQSGAASVNKYRIMSLKQDHTIEEGSMDAIKI
STSGPCRRLNHKGYFLLAKCPPGDSVTVSISAGDSATSCTLARKVKPKFVGREKYDLPPVHGKKIPCYIYDRLKETSAGY
ITMHRPGPHAYATYLEESSGKVYAKPPSGKNITYKSDQTKWVFNSPDLIRHADHTAQGKMHLPFKLVPSTCLVPLAHVPQ
VVHGFKHISLQLDTDHLTLLTTRRLGEKPEPTSEWIIGKTVRNFSVGRDGFEYIWGNHEPVRVWAQESAPGDPHGWPHEI
VQHYYHRHPVYTVMILVAATLAIVLGVSVASVCVCRARRECLTPYALAPNAVVPTSIALLCCIRPTSA
;
P,V,d,e
3 'polypeptide(L)' SAAPLVAAMCILGNMTFPCNQPPTCYSREPARALDILEANVDSAAYDDLMRAVLRCTPSSRAKRNITDD R,X,h,i
#
loop_
_chem_comp.id
_chem_comp.type
_chem_comp.name
_chem_comp.formula
8K6 non-polymer Octadecane 'C18 H38'
#
# COMPACT_ATOMS: atom_id res chain seq x y z
N PHE A 1 -32.25 14.55 8.69
CA PHE A 1 -33.14 13.40 8.56
C PHE A 1 -33.15 12.90 7.14
N GLU A 2 -33.00 11.59 6.96
CA GLU A 2 -32.89 11.01 5.63
C GLU A 2 -34.27 10.64 5.08
N HIS A 3 -34.50 11.00 3.82
CA HIS A 3 -35.76 10.72 3.15
C HIS A 3 -35.50 10.55 1.67
N ALA A 4 -36.23 9.64 1.03
CA ALA A 4 -35.96 9.29 -0.36
C ALA A 4 -37.25 9.15 -1.13
N THR A 5 -37.41 9.97 -2.18
CA THR A 5 -38.54 9.85 -3.09
C THR A 5 -38.08 9.82 -4.55
N THR A 6 -39.04 9.88 -5.47
CA THR A 6 -38.78 9.78 -6.91
C THR A 6 -39.42 10.98 -7.62
N VAL A 7 -38.60 11.96 -7.98
CA VAL A 7 -39.10 13.07 -8.78
C VAL A 7 -39.38 12.57 -10.18
N PRO A 8 -40.45 12.98 -10.84
CA PRO A 8 -40.56 12.70 -12.28
C PRO A 8 -39.82 13.76 -13.07
N ASN A 9 -39.19 13.32 -14.16
CA ASN A 9 -38.31 14.18 -14.94
C ASN A 9 -39.09 14.90 -16.03
N VAL A 10 -39.93 15.85 -15.60
CA VAL A 10 -40.61 16.76 -16.51
C VAL A 10 -40.40 18.15 -15.96
N PRO A 11 -39.82 19.08 -16.71
CA PRO A 11 -39.39 20.35 -16.11
C PRO A 11 -40.55 21.25 -15.74
N ARG A 12 -40.42 21.87 -14.56
CA ARG A 12 -41.35 22.86 -14.01
C ARG A 12 -42.74 22.28 -13.78
N ILE A 13 -42.79 21.03 -13.33
CA ILE A 13 -44.02 20.49 -12.74
C ILE A 13 -43.70 20.10 -11.31
N PRO A 14 -44.27 20.78 -10.31
CA PRO A 14 -43.85 20.54 -8.93
C PRO A 14 -44.34 19.21 -8.39
N TYR A 15 -43.56 18.67 -7.46
CA TYR A 15 -43.84 17.38 -6.85
C TYR A 15 -44.02 17.57 -5.36
N LYS A 16 -45.10 16.99 -4.83
CA LYS A 16 -45.52 17.18 -3.46
C LYS A 16 -45.17 15.95 -2.63
N ALA A 17 -44.72 16.18 -1.40
CA ALA A 17 -44.36 15.08 -0.52
C ALA A 17 -44.45 15.53 0.94
N LEU A 18 -44.58 14.56 1.82
CA LEU A 18 -44.53 14.77 3.27
C LEU A 18 -43.29 14.12 3.85
N VAL A 19 -42.56 14.86 4.67
CA VAL A 19 -41.51 14.29 5.50
C VAL A 19 -41.95 14.39 6.95
N GLU A 20 -41.84 13.27 7.67
CA GLU A 20 -42.24 13.24 9.07
C GLU A 20 -41.22 12.43 9.85
N ARG A 21 -40.84 12.94 11.00
CA ARG A 21 -40.05 12.18 11.95
C ARG A 21 -40.98 11.80 13.09
N ALA A 22 -40.88 10.55 13.53
CA ALA A 22 -41.76 10.01 14.56
C ALA A 22 -41.47 10.74 15.86
N GLY A 23 -42.35 11.65 16.23
CA GLY A 23 -42.08 12.55 17.35
C GLY A 23 -42.11 13.99 16.88
N TYR A 24 -42.59 14.21 15.67
CA TYR A 24 -42.64 15.54 15.10
C TYR A 24 -43.87 15.65 14.22
N ALA A 25 -44.31 16.89 14.02
CA ALA A 25 -45.38 17.11 13.07
C ALA A 25 -44.84 16.98 11.64
N PRO A 26 -45.64 16.46 10.72
CA PRO A 26 -45.18 16.33 9.33
C PRO A 26 -44.97 17.69 8.70
N LEU A 27 -44.16 17.73 7.65
CA LEU A 27 -43.97 18.99 6.95
C LEU A 27 -43.89 18.78 5.45
N ASN A 28 -44.19 19.86 4.75
CA ASN A 28 -44.37 19.90 3.31
C ASN A 28 -43.05 19.71 2.58
N LEU A 29 -43.15 19.31 1.31
CA LEU A 29 -41.96 19.12 0.50
C LEU A 29 -42.34 19.31 -0.96
N GLU A 30 -42.03 20.48 -1.50
CA GLU A 30 -42.30 20.78 -2.91
C GLU A 30 -40.97 20.81 -3.64
N ILE A 31 -40.75 19.85 -4.52
CA ILE A 31 -39.49 19.74 -5.25
C ILE A 31 -39.78 19.86 -6.74
N THR A 32 -39.02 20.74 -7.41
CA THR A 32 -39.19 21.00 -8.83
C THR A 32 -37.84 20.89 -9.51
N VAL A 33 -37.85 20.45 -10.75
CA VAL A 33 -36.66 20.37 -11.58
C VAL A 33 -36.76 21.47 -12.64
N MET A 34 -36.02 22.55 -12.46
CA MET A 34 -36.24 23.72 -13.29
C MET A 34 -35.31 23.85 -14.48
N SER A 35 -34.32 22.98 -14.61
CA SER A 35 -33.48 22.95 -15.81
C SER A 35 -32.78 21.61 -15.86
N SER A 36 -32.60 21.07 -17.05
CA SER A 36 -31.83 19.83 -17.12
C SER A 36 -31.08 19.79 -18.44
N GLU A 37 -29.85 20.30 -18.43
CA GLU A 37 -28.94 20.03 -19.54
C GLU A 37 -28.31 18.67 -19.34
N LEU A 38 -28.03 17.99 -20.44
CA LEU A 38 -27.22 16.79 -20.38
C LEU A 38 -26.14 16.88 -21.46
N ILE A 39 -24.92 16.54 -21.08
CA ILE A 39 -23.73 16.85 -21.85
C ILE A 39 -23.08 15.56 -22.30
N PRO A 40 -22.99 15.29 -23.59
CA PRO A 40 -22.25 14.12 -24.06
C PRO A 40 -20.76 14.37 -24.02
N SER A 41 -20.02 13.30 -24.30
CA SER A 41 -18.56 13.30 -24.27
C SER A 41 -18.05 13.25 -25.70
N THR A 42 -17.40 14.33 -26.14
CA THR A 42 -17.13 14.54 -27.54
C THR A 42 -15.63 14.69 -27.82
N ASN A 43 -15.26 14.39 -29.05
CA ASN A 43 -13.96 14.73 -29.61
C ASN A 43 -14.13 14.97 -31.10
N LEU A 44 -13.22 15.75 -31.68
CA LEU A 44 -13.35 16.11 -33.08
C LEU A 44 -12.33 15.35 -33.92
N GLU A 45 -12.80 14.79 -35.03
CA GLU A 45 -11.93 14.13 -35.99
C GLU A 45 -11.36 15.11 -37.00
N TYR A 46 -12.20 15.81 -37.74
CA TYR A 46 -11.67 16.72 -38.74
C TYR A 46 -12.61 17.88 -38.99
N VAL A 47 -12.13 18.82 -39.80
CA VAL A 47 -12.75 20.12 -40.02
C VAL A 47 -12.76 20.42 -41.51
N THR A 48 -13.92 20.73 -42.06
CA THR A 48 -14.15 20.73 -43.51
C THR A 48 -14.57 22.12 -43.99
N CYS A 49 -14.15 22.47 -45.20
CA CYS A 49 -14.51 23.73 -45.83
C CYS A 49 -14.75 23.52 -47.32
N LYS A 50 -14.73 24.61 -48.07
CA LYS A 50 -14.55 24.59 -49.50
C LYS A 50 -13.08 24.76 -49.84
N TYR A 51 -12.68 24.28 -51.01
CA TYR A 51 -11.31 24.46 -51.43
C TYR A 51 -11.12 25.76 -52.19
N THR A 52 -9.85 26.13 -52.34
CA THR A 52 -9.41 27.05 -53.38
C THR A 52 -8.18 26.42 -54.02
N THR A 53 -8.16 26.37 -55.34
CA THR A 53 -7.12 25.65 -56.04
C THR A 53 -6.03 26.63 -56.44
N VAL A 54 -4.93 26.60 -55.70
CA VAL A 54 -3.76 27.39 -56.05
C VAL A 54 -3.14 26.78 -57.29
N VAL A 55 -3.05 27.58 -58.35
CA VAL A 55 -2.37 27.20 -59.58
C VAL A 55 -1.27 28.21 -59.82
N PRO A 56 -0.03 27.88 -59.51
CA PRO A 56 1.06 28.85 -59.67
C PRO A 56 1.46 28.99 -61.12
N SER A 57 2.23 30.05 -61.37
CA SER A 57 2.70 30.34 -62.72
C SER A 57 3.63 29.25 -63.21
N PRO A 58 3.48 28.78 -64.44
CA PRO A 58 4.16 27.56 -64.87
C PRO A 58 5.62 27.81 -65.20
N LYS A 59 6.35 26.71 -65.33
CA LYS A 59 7.76 26.74 -65.68
C LYS A 59 7.91 26.22 -67.10
N VAL A 60 8.51 27.03 -67.97
CA VAL A 60 8.67 26.70 -69.38
C VAL A 60 10.12 26.89 -69.77
N LYS A 61 10.74 25.84 -70.30
CA LYS A 61 12.02 25.97 -70.99
C LYS A 61 11.81 26.01 -72.49
N CYS A 62 12.43 26.99 -73.15
CA CYS A 62 12.26 27.12 -74.59
C CYS A 62 12.99 26.02 -75.35
N CYS A 63 14.09 25.52 -74.79
CA CYS A 63 14.92 24.55 -75.48
C CYS A 63 15.02 23.22 -74.75
N GLY A 64 15.39 23.24 -73.47
CA GLY A 64 15.61 22.02 -72.72
C GLY A 64 14.33 21.38 -72.24
N THR A 65 14.48 20.44 -71.32
CA THR A 65 13.36 19.70 -70.74
C THR A 65 13.30 19.95 -69.25
N LEU A 66 12.21 19.47 -68.64
CA LEU A 66 11.88 19.79 -67.25
C LEU A 66 11.26 18.58 -66.58
N GLU A 67 11.57 18.41 -65.30
CA GLU A 67 10.89 17.45 -64.44
C GLU A 67 10.67 18.06 -63.07
N CYS A 68 9.62 17.58 -62.39
CA CYS A 68 9.31 18.07 -61.06
C CYS A 68 8.84 16.91 -60.18
N SER A 69 8.89 17.13 -58.88
CA SER A 69 8.67 16.09 -57.88
C SER A 69 7.67 16.56 -56.84
N SER A 70 7.25 15.61 -56.01
CA SER A 70 6.24 15.89 -55.00
C SER A 70 6.82 16.70 -53.85
N ALA A 71 6.00 17.58 -53.30
CA ALA A 71 6.39 18.38 -52.14
C ALA A 71 5.22 18.39 -51.17
N ARG A 72 5.30 19.25 -50.16
CA ARG A 72 4.36 19.21 -49.05
C ARG A 72 3.23 20.18 -49.32
N HIS A 73 2.23 19.71 -50.05
CA HIS A 73 0.96 20.39 -50.17
C HIS A 73 -0.13 19.32 -50.15
N ALA A 74 -1.34 19.72 -50.57
CA ALA A 74 -2.47 18.82 -50.75
C ALA A 74 -2.32 18.08 -52.07
N ASP A 75 -3.44 17.66 -52.67
CA ASP A 75 -3.46 17.01 -53.97
C ASP A 75 -2.61 17.71 -55.02
N TYR A 76 -1.51 17.09 -55.42
CA TYR A 76 -0.78 17.50 -56.59
C TYR A 76 -1.31 16.81 -57.83
N ASN A 77 -1.13 17.48 -58.94
CA ASN A 77 -1.00 16.83 -60.24
C ASN A 77 -0.05 17.70 -61.03
N CYS A 78 1.22 17.32 -61.04
CA CYS A 78 2.24 18.05 -61.77
C CYS A 78 2.65 17.23 -62.98
N LYS A 79 2.35 17.73 -64.18
CA LYS A 79 2.74 17.06 -65.41
C LYS A 79 3.62 18.01 -66.22
N VAL A 80 4.42 17.43 -67.11
CA VAL A 80 5.58 18.08 -67.71
C VAL A 80 5.51 18.12 -69.23
N PHE A 81 4.33 18.48 -69.76
CA PHE A 81 3.96 18.51 -71.18
C PHE A 81 5.07 19.02 -72.10
N GLY A 82 5.17 18.39 -73.27
CA GLY A 82 6.30 18.61 -74.16
C GLY A 82 6.16 19.83 -75.05
N GLY A 83 6.27 19.62 -76.37
CA GLY A 83 6.33 20.69 -77.34
C GLY A 83 5.09 21.55 -77.43
N VAL A 84 5.25 22.85 -77.14
CA VAL A 84 4.14 23.76 -77.02
C VAL A 84 4.70 25.18 -77.11
N TYR A 85 3.85 26.13 -77.52
CA TYR A 85 4.10 27.57 -77.64
C TYR A 85 5.31 27.91 -78.52
N PRO A 86 5.22 27.78 -79.85
CA PRO A 86 6.32 28.33 -80.66
C PRO A 86 6.27 29.86 -80.72
N GLU A 99 11.72 23.07 -79.77
CA GLU A 99 10.63 22.52 -78.98
C GLU A 99 10.72 22.97 -77.53
N ASN A 100 9.70 23.72 -77.08
CA ASN A 100 9.66 24.18 -75.70
C ASN A 100 8.99 23.13 -74.83
N SER A 101 8.86 23.42 -73.54
CA SER A 101 8.28 22.48 -72.60
C SER A 101 7.74 23.22 -71.39
N GLN A 102 6.52 22.86 -70.97
CA GLN A 102 5.85 23.43 -69.82
C GLN A 102 5.63 22.36 -68.77
N MET A 103 5.86 22.71 -67.51
CA MET A 103 5.61 21.82 -66.38
C MET A 103 4.54 22.47 -65.53
N SER A 104 3.28 22.08 -65.74
CA SER A 104 2.18 22.65 -65.00
C SER A 104 2.08 22.02 -63.62
N GLU A 105 1.54 22.77 -62.67
CA GLU A 105 1.38 22.27 -61.32
C GLU A 105 0.18 22.96 -60.68
N ALA A 106 -0.55 22.23 -59.85
CA ALA A 106 -1.76 22.76 -59.23
C ALA A 106 -2.08 21.97 -57.98
N TYR A 107 -2.59 22.66 -56.95
CA TYR A 107 -2.89 22.01 -55.69
C TYR A 107 -3.94 22.80 -54.93
N VAL A 108 -4.87 22.09 -54.29
CA VAL A 108 -5.93 22.76 -53.54
C VAL A 108 -5.40 23.18 -52.18
N GLU A 109 -6.17 24.02 -51.50
CA GLU A 109 -5.94 24.35 -50.11
C GLU A 109 -7.25 24.83 -49.52
N PHE A 110 -7.21 25.18 -48.23
CA PHE A 110 -8.35 25.79 -47.54
C PHE A 110 -8.81 27.07 -48.22
N SER A 111 -10.06 27.42 -47.94
CA SER A 111 -10.68 28.57 -48.57
C SER A 111 -10.08 29.86 -48.05
N ALA A 112 -10.55 30.97 -48.61
CA ALA A 112 -10.10 32.28 -48.18
C ALA A 112 -10.53 32.60 -46.76
N ASP A 113 -11.59 31.95 -46.28
CA ASP A 113 -12.11 32.22 -44.95
C ASP A 113 -12.87 31.00 -44.45
N CYS A 114 -12.18 30.17 -43.67
CA CYS A 114 -12.80 29.08 -42.94
C CYS A 114 -13.09 29.43 -41.50
N ALA A 115 -12.66 30.60 -41.05
CA ALA A 115 -12.77 30.95 -39.64
C ALA A 115 -14.20 31.16 -39.21
N ALA A 116 -15.11 31.38 -40.15
CA ALA A 116 -16.53 31.49 -39.83
C ALA A 116 -17.30 30.29 -40.34
N ASP A 117 -17.20 29.99 -41.62
CA ASP A 117 -17.92 28.87 -42.22
C ASP A 117 -17.00 27.66 -42.32
N HIS A 118 -17.14 26.73 -41.39
CA HIS A 118 -16.44 25.47 -41.47
C HIS A 118 -17.24 24.45 -40.69
N ALA A 119 -17.29 23.23 -41.17
CA ALA A 119 -18.00 22.20 -40.44
C ALA A 119 -17.00 21.44 -39.58
N GLN A 120 -17.50 20.92 -38.46
CA GLN A 120 -16.72 20.04 -37.61
C GLN A 120 -17.37 18.68 -37.60
N ALA A 121 -16.58 17.63 -37.73
CA ALA A 121 -17.11 16.27 -37.67
C ALA A 121 -16.76 15.68 -36.31
N VAL A 122 -17.76 15.62 -35.43
CA VAL A 122 -17.57 15.34 -34.01
C VAL A 122 -18.20 13.98 -33.71
N LYS A 123 -17.65 13.28 -32.72
CA LYS A 123 -18.12 11.95 -32.36
C LYS A 123 -18.56 11.95 -30.91
N VAL A 124 -19.62 11.21 -30.61
CA VAL A 124 -20.33 11.30 -29.33
C VAL A 124 -20.31 9.93 -28.64
N HIS A 125 -19.72 9.86 -27.45
CA HIS A 125 -19.70 8.57 -26.76
C HIS A 125 -20.77 8.38 -25.70
N THR A 126 -20.72 9.14 -24.59
CA THR A 126 -21.66 8.96 -23.50
C THR A 126 -21.96 10.32 -22.86
N ALA A 127 -23.05 10.36 -22.10
CA ALA A 127 -23.65 11.62 -21.66
C ALA A 127 -23.55 11.82 -20.15
N ALA A 128 -23.43 13.08 -19.75
CA ALA A 128 -23.58 13.50 -18.36
C ALA A 128 -25.04 13.84 -18.09
N LEU A 129 -25.37 14.20 -16.84
CA LEU A 129 -26.76 14.40 -16.43
C LEU A 129 -26.97 15.54 -15.42
N LYS A 130 -26.54 16.75 -15.75
CA LYS A 130 -26.78 17.88 -14.87
C LYS A 130 -28.27 18.16 -14.67
N ALA A 131 -28.58 18.89 -13.61
CA ALA A 131 -29.97 19.19 -13.27
C ALA A 131 -30.03 20.55 -12.58
N GLY A 132 -31.22 20.92 -12.11
CA GLY A 132 -31.44 22.30 -11.70
C GLY A 132 -32.34 22.57 -10.51
N LEU A 133 -32.35 21.69 -9.52
CA LEU A 133 -33.48 21.55 -8.59
C LEU A 133 -33.76 22.81 -7.76
N ARG A 134 -35.06 23.08 -7.57
CA ARG A 134 -35.55 23.86 -6.44
C ARG A 134 -36.16 22.92 -5.42
N ILE A 135 -35.89 23.20 -4.15
CA ILE A 135 -36.50 22.45 -3.06
C ILE A 135 -37.11 23.44 -2.09
N VAL A 136 -38.42 23.31 -1.84
CA VAL A 136 -39.13 24.10 -0.85
C VAL A 136 -39.50 23.15 0.28
N TYR A 137 -39.10 23.51 1.49
CA TYR A 137 -39.33 22.66 2.65
C TYR A 137 -39.55 23.56 3.85
N GLY A 138 -40.61 23.30 4.59
CA GLY A 138 -41.05 24.17 5.66
C GLY A 138 -41.39 25.55 5.15
N ASN A 139 -40.57 26.53 5.52
CA ASN A 139 -40.70 27.91 5.05
C ASN A 139 -39.41 28.36 4.38
N THR A 140 -38.62 27.42 3.88
CA THR A 140 -37.35 27.73 3.25
C THR A 140 -37.29 27.15 1.85
N THR A 141 -36.97 28.01 0.89
CA THR A 141 -36.75 27.60 -0.49
C THR A 141 -35.26 27.53 -0.76
N SER A 142 -34.89 26.77 -1.76
CA SER A 142 -33.48 26.52 -2.02
C SER A 142 -33.22 26.30 -3.49
N MET A 143 -32.26 27.05 -4.01
CA MET A 143 -31.74 26.94 -5.38
C MET A 143 -30.46 26.13 -5.34
N LEU A 144 -30.41 25.03 -6.08
CA LEU A 144 -29.19 24.25 -6.16
C LEU A 144 -29.16 23.51 -7.49
N ASP A 145 -28.09 22.75 -7.71
CA ASP A 145 -27.99 21.86 -8.85
C ASP A 145 -27.31 20.59 -8.41
N VAL A 146 -27.33 19.58 -9.28
CA VAL A 146 -26.79 18.27 -8.93
C VAL A 146 -26.42 17.52 -10.20
N TYR A 147 -25.30 16.81 -10.18
CA TYR A 147 -25.01 15.86 -11.24
C TYR A 147 -25.79 14.59 -10.96
N VAL A 148 -26.65 14.18 -11.89
CA VAL A 148 -27.46 13.02 -11.59
C VAL A 148 -26.64 11.78 -11.90
N ASN A 149 -25.83 11.38 -10.94
CA ASN A 149 -25.26 10.07 -10.81
C ASN A 149 -25.55 9.62 -9.39
N GLY A 150 -25.33 8.36 -9.10
CA GLY A 150 -25.76 7.87 -7.80
C GLY A 150 -24.96 8.35 -6.59
N VAL A 151 -23.89 9.11 -6.78
CA VAL A 151 -22.96 9.32 -5.67
C VAL A 151 -22.65 10.79 -5.35
N THR A 152 -22.75 11.68 -6.31
CA THR A 152 -22.25 13.04 -6.09
C THR A 152 -23.25 13.83 -5.23
N PRO A 153 -22.81 14.41 -4.12
CA PRO A 153 -23.76 15.09 -3.23
C PRO A 153 -23.99 16.55 -3.60
N GLY A 154 -25.26 16.94 -3.70
CA GLY A 154 -25.63 18.30 -3.95
C GLY A 154 -25.96 19.00 -2.64
N THR A 155 -25.19 20.03 -2.32
CA THR A 155 -25.28 20.69 -1.03
C THR A 155 -25.96 22.03 -1.17
N SER A 156 -26.93 22.29 -0.32
CA SER A 156 -27.51 23.61 -0.17
C SER A 156 -26.74 24.35 0.92
N LYS A 157 -27.32 25.41 1.46
CA LYS A 157 -26.73 26.07 2.63
C LYS A 157 -26.67 25.14 3.84
N ASP A 158 -27.63 24.26 3.96
CA ASP A 158 -27.63 23.39 5.12
C ASP A 158 -27.79 21.92 4.75
N LEU A 159 -28.62 21.61 3.77
CA LEU A 159 -28.95 20.22 3.49
C LEU A 159 -28.08 19.63 2.40
N LYS A 160 -28.26 18.33 2.20
CA LYS A 160 -27.49 17.59 1.21
C LYS A 160 -28.44 16.67 0.45
N VAL A 161 -28.37 16.72 -0.87
CA VAL A 161 -29.15 15.86 -1.74
C VAL A 161 -28.19 15.00 -2.54
N ILE A 162 -28.51 13.72 -2.69
CA ILE A 162 -27.94 12.92 -3.77
C ILE A 162 -29.09 12.48 -4.66
N ALA A 163 -28.79 12.28 -5.93
CA ALA A 163 -29.80 12.11 -6.96
C ALA A 163 -29.44 10.92 -7.84
N GLY A 164 -29.99 9.75 -7.52
CA GLY A 164 -29.62 8.51 -8.16
C GLY A 164 -29.95 8.46 -9.64
N PRO A 165 -29.46 7.44 -10.34
CA PRO A 165 -29.42 7.47 -11.80
C PRO A 165 -30.80 7.38 -12.43
N ILE A 166 -30.89 7.86 -13.67
CA ILE A 166 -32.16 7.90 -14.38
C ILE A 166 -32.62 6.47 -14.65
N SER A 167 -33.93 6.27 -14.61
CA SER A 167 -34.50 4.93 -14.78
C SER A 167 -34.21 4.35 -16.16
N ALA A 168 -34.01 5.19 -17.17
CA ALA A 168 -33.65 4.71 -18.48
C ALA A 168 -32.70 5.69 -19.15
N ALA A 169 -31.65 5.16 -19.75
CA ALA A 169 -30.72 6.01 -20.50
C ALA A 169 -31.36 6.40 -21.82
N TYR A 170 -31.09 7.62 -22.25
CA TYR A 170 -31.71 8.14 -23.46
C TYR A 170 -30.80 9.20 -24.05
N THR A 171 -30.74 9.26 -25.37
CA THR A 171 -29.94 10.23 -26.06
C THR A 171 -30.69 10.77 -27.26
N PRO A 172 -30.59 12.07 -27.53
CA PRO A 172 -31.05 12.60 -28.82
C PRO A 172 -30.04 12.41 -29.93
N PHE A 173 -28.86 11.90 -29.59
CA PHE A 173 -27.66 11.96 -30.41
C PHE A 173 -27.30 10.61 -31.01
N ASP A 174 -26.84 10.62 -32.24
CA ASP A 174 -26.31 9.43 -32.88
C ASP A 174 -24.84 9.32 -32.53
N HIS A 175 -24.14 8.33 -33.07
CA HIS A 175 -22.74 8.17 -32.74
C HIS A 175 -21.86 9.20 -33.44
N LYS A 176 -22.24 9.65 -34.62
CA LYS A 176 -21.53 10.73 -35.29
C LYS A 176 -22.40 11.96 -35.32
N VAL A 177 -21.79 13.13 -35.52
CA VAL A 177 -22.53 14.37 -35.57
C VAL A 177 -21.69 15.40 -36.31
N ILE A 178 -22.36 16.41 -36.88
CA ILE A 178 -21.72 17.52 -37.58
C ILE A 178 -22.18 18.81 -36.95
N ILE A 179 -21.24 19.68 -36.61
CA ILE A 179 -21.58 21.02 -36.17
C ILE A 179 -21.22 21.99 -37.28
N HIS A 180 -22.22 22.68 -37.81
CA HIS A 180 -22.08 23.72 -38.81
C HIS A 180 -21.93 25.06 -38.07
N LYS A 181 -22.27 26.17 -38.74
CA LYS A 181 -22.40 27.49 -38.14
C LYS A 181 -23.13 27.50 -36.82
N GLY A 182 -24.27 26.84 -36.74
CA GLY A 182 -24.87 26.70 -35.44
C GLY A 182 -25.61 25.40 -35.24
N LYS A 183 -25.64 24.55 -36.25
CA LYS A 183 -26.67 23.54 -36.31
C LYS A 183 -26.04 22.16 -36.25
N VAL A 184 -26.85 21.20 -35.82
CA VAL A 184 -26.38 19.91 -35.35
C VAL A 184 -27.04 18.82 -36.16
N TYR A 185 -26.24 18.05 -36.89
CA TYR A 185 -26.79 17.11 -37.85
C TYR A 185 -26.26 15.72 -37.57
N ASN A 186 -27.15 14.75 -37.44
CA ASN A 186 -26.74 13.35 -37.41
C ASN A 186 -26.38 12.90 -38.82
N TYR A 187 -25.09 12.68 -39.08
CA TYR A 187 -24.69 12.24 -40.41
C TYR A 187 -23.41 11.44 -40.36
N ASP A 188 -23.47 10.21 -40.86
CA ASP A 188 -22.38 9.23 -40.80
C ASP A 188 -21.25 9.67 -41.74
N PHE A 189 -20.43 10.60 -41.25
CA PHE A 189 -19.37 11.16 -42.07
C PHE A 189 -18.29 10.12 -42.30
N PRO A 190 -17.51 10.25 -43.39
CA PRO A 190 -16.45 9.28 -43.62
C PRO A 190 -15.31 9.42 -42.64
N GLU A 191 -14.66 8.28 -42.36
CA GLU A 191 -13.54 8.25 -41.44
C GLU A 191 -12.34 8.97 -42.02
N TYR A 192 -11.34 9.17 -41.18
CA TYR A 192 -10.27 10.12 -41.49
C TYR A 192 -9.38 9.61 -42.60
N GLY A 193 -9.15 10.45 -43.60
CA GLY A 193 -8.31 10.08 -44.72
C GLY A 193 -8.89 9.02 -45.61
N ALA A 194 -10.20 8.85 -45.60
CA ALA A 194 -10.88 7.75 -46.26
C ALA A 194 -12.03 8.26 -47.09
N MET A 195 -11.77 9.28 -47.90
CA MET A 195 -12.85 10.06 -48.48
C MET A 195 -12.95 9.86 -49.98
N LYS A 196 -14.09 10.22 -50.49
CA LYS A 196 -14.46 10.18 -51.88
C LYS A 196 -14.59 11.60 -52.42
N PRO A 197 -14.27 11.83 -53.68
CA PRO A 197 -14.48 13.16 -54.25
C PRO A 197 -15.96 13.41 -54.53
N GLY A 198 -16.38 14.64 -54.28
CA GLY A 198 -17.76 15.02 -54.47
C GLY A 198 -18.66 14.78 -53.28
N ALA A 199 -18.30 13.86 -52.39
CA ALA A 199 -19.06 13.66 -51.18
C ALA A 199 -18.57 14.62 -50.11
N PHE A 200 -19.19 14.56 -48.94
CA PHE A 200 -18.80 15.44 -47.86
C PHE A 200 -17.44 15.05 -47.30
N GLY A 201 -16.60 16.04 -47.07
CA GLY A 201 -15.30 15.77 -46.51
C GLY A 201 -14.23 15.49 -47.53
N ASP A 202 -14.14 16.31 -48.59
CA ASP A 202 -13.01 16.20 -49.50
C ASP A 202 -11.75 16.68 -48.81
N ILE A 203 -11.71 17.94 -48.44
CA ILE A 203 -10.63 18.44 -47.61
C ILE A 203 -10.88 18.02 -46.18
N GLN A 204 -9.88 17.42 -45.54
CA GLN A 204 -9.92 17.12 -44.13
C GLN A 204 -8.71 17.75 -43.48
N ALA A 205 -8.86 18.13 -42.20
CA ALA A 205 -7.80 18.72 -41.43
C ALA A 205 -8.14 18.59 -39.95
N THR A 206 -7.13 18.36 -39.13
CA THR A 206 -7.36 18.12 -37.72
C THR A 206 -7.73 19.39 -36.96
N SER A 207 -7.29 20.56 -37.44
CA SER A 207 -7.84 21.82 -36.96
C SER A 207 -7.59 22.88 -38.02
N LEU A 208 -8.20 24.06 -37.79
CA LEU A 208 -8.01 25.18 -38.70
C LEU A 208 -6.58 25.71 -38.64
N THR A 209 -5.93 25.56 -37.50
CA THR A 209 -4.56 26.02 -37.38
C THR A 209 -3.59 24.97 -37.88
N SER A 210 -3.90 23.70 -37.69
CA SER A 210 -2.96 22.63 -38.00
C SER A 210 -2.81 22.45 -39.49
N ASN A 211 -1.64 21.98 -39.87
CA ASN A 211 -1.34 21.64 -41.25
C ASN A 211 -1.69 20.17 -41.49
N ASP A 212 -1.15 19.61 -42.57
CA ASP A 212 -1.41 18.24 -43.03
C ASP A 212 -2.87 18.09 -43.45
N LEU A 213 -3.23 18.84 -44.49
CA LEU A 213 -4.47 18.61 -45.22
C LEU A 213 -4.40 17.28 -45.96
N ILE A 214 -5.56 16.70 -46.23
CA ILE A 214 -5.68 15.62 -47.19
C ILE A 214 -6.76 16.07 -48.16
N ALA A 215 -6.79 15.47 -49.35
CA ALA A 215 -7.73 15.96 -50.36
C ALA A 215 -8.02 14.89 -51.40
N ASN A 216 -9.21 14.97 -52.00
CA ASN A 216 -9.58 14.19 -53.17
C ASN A 216 -10.55 15.02 -54.00
N THR A 217 -10.03 15.68 -55.01
CA THR A 217 -10.89 16.47 -55.89
C THR A 217 -10.84 16.00 -57.34
N ASP A 218 -10.01 15.01 -57.66
CA ASP A 218 -9.78 14.50 -59.01
C ASP A 218 -9.33 15.59 -59.97
N ILE A 219 -8.38 16.39 -59.53
CA ILE A 219 -7.92 17.50 -60.36
C ILE A 219 -7.07 16.94 -61.50
N ARG A 220 -7.59 16.98 -62.72
CA ARG A 220 -6.91 16.46 -63.88
C ARG A 220 -6.38 17.60 -64.72
N LEU A 221 -5.15 17.45 -65.21
CA LEU A 221 -4.47 18.50 -65.95
C LEU A 221 -4.49 18.19 -67.43
N LEU A 222 -4.59 19.22 -68.25
CA LEU A 222 -4.76 19.06 -69.68
C LEU A 222 -3.64 19.76 -70.44
N LYS A 223 -3.48 19.39 -71.70
CA LYS A 223 -2.45 20.00 -72.53
C LYS A 223 -2.84 21.42 -72.92
N PRO A 224 -2.01 22.41 -72.66
CA PRO A 224 -2.34 23.77 -73.09
C PRO A 224 -2.19 23.90 -74.59
N SER A 225 -3.14 24.62 -75.19
CA SER A 225 -3.12 24.82 -76.65
C SER A 225 -3.77 26.19 -76.93
N ALA A 226 -2.93 27.21 -77.04
CA ALA A 226 -3.39 28.58 -77.26
C ALA A 226 -2.21 29.39 -77.75
N LYS A 227 -2.51 30.62 -78.18
CA LYS A 227 -1.44 31.53 -78.56
C LYS A 227 -0.75 32.08 -77.32
N ASN A 228 -1.52 32.37 -76.28
CA ASN A 228 -0.98 32.91 -75.04
C ASN A 228 -0.91 31.85 -73.97
N VAL A 229 -0.08 32.11 -72.97
CA VAL A 229 0.23 31.11 -71.95
C VAL A 229 -0.89 31.03 -70.96
N HIS A 230 -1.43 29.83 -70.76
CA HIS A 230 -2.34 29.56 -69.66
C HIS A 230 -2.03 28.18 -69.13
N VAL A 231 -2.88 27.67 -68.25
CA VAL A 231 -2.74 26.31 -67.76
C VAL A 231 -4.13 25.71 -67.53
N PRO A 232 -4.50 24.71 -68.32
CA PRO A 232 -5.86 24.17 -68.24
C PRO A 232 -5.96 22.99 -67.30
N TYR A 233 -7.12 22.88 -66.65
CA TYR A 233 -7.36 21.80 -65.71
C TYR A 233 -8.86 21.59 -65.60
N THR A 234 -9.24 20.65 -64.72
CA THR A 234 -10.64 20.34 -64.47
C THR A 234 -10.74 19.69 -63.10
N GLN A 235 -11.96 19.60 -62.59
CA GLN A 235 -12.14 19.29 -61.18
C GLN A 235 -13.59 18.93 -60.92
N ALA A 236 -13.81 18.01 -59.97
CA ALA A 236 -15.16 17.80 -59.49
C ALA A 236 -15.59 18.95 -58.60
N ALA A 237 -16.89 19.06 -58.38
CA ALA A 237 -17.41 20.13 -57.55
C ALA A 237 -17.12 19.87 -56.08
N SER A 238 -17.26 20.92 -55.27
CA SER A 238 -16.98 20.80 -53.85
C SER A 238 -18.07 19.99 -53.16
N GLY A 239 -17.66 19.03 -52.34
CA GLY A 239 -18.63 18.19 -51.67
C GLY A 239 -19.31 18.87 -50.52
N PHE A 240 -18.65 19.85 -49.91
CA PHE A 240 -19.24 20.54 -48.77
C PHE A 240 -20.38 21.45 -49.21
N GLU A 241 -20.23 22.12 -50.34
CA GLU A 241 -21.30 22.97 -50.83
C GLU A 241 -22.47 22.13 -51.31
N MET A 242 -22.18 20.98 -51.92
CA MET A 242 -23.21 20.03 -52.31
C MET A 242 -23.97 19.51 -51.10
N TRP A 243 -23.26 19.31 -49.99
CA TRP A 243 -23.91 18.91 -48.76
C TRP A 243 -24.76 20.04 -48.18
N LYS A 244 -24.30 21.29 -48.28
CA LYS A 244 -25.09 22.41 -47.79
C LYS A 244 -26.38 22.56 -48.56
N ASN A 245 -26.35 22.27 -49.85
CA ASN A 245 -27.59 22.19 -50.60
C ASN A 245 -28.45 21.05 -50.09
N ASN A 246 -27.86 19.89 -49.85
CA ASN A 246 -28.68 18.71 -49.62
C ASN A 246 -28.95 18.45 -48.14
N SER A 247 -28.58 19.37 -47.25
CA SER A 247 -28.73 19.13 -45.82
C SER A 247 -30.20 19.22 -45.42
N GLY A 248 -30.67 18.26 -44.64
CA GLY A 248 -32.06 18.25 -44.23
C GLY A 248 -32.35 19.22 -43.10
N ARG A 249 -33.03 18.76 -42.16
CA ARG A 249 -33.35 19.62 -41.04
C ARG A 249 -32.40 19.35 -39.87
N PRO A 250 -32.03 20.38 -39.13
CA PRO A 250 -31.14 20.16 -37.98
C PRO A 250 -31.78 19.42 -36.82
N LEU A 251 -31.02 19.11 -35.77
CA LEU A 251 -31.61 18.46 -34.62
C LEU A 251 -32.36 19.40 -33.70
N GLN A 252 -32.25 20.71 -33.92
CA GLN A 252 -33.10 21.65 -33.18
C GLN A 252 -34.58 21.44 -33.45
N GLU A 253 -34.92 20.78 -34.56
CA GLU A 253 -36.28 20.69 -35.04
C GLU A 253 -36.73 19.26 -35.27
N THR A 254 -35.88 18.27 -35.02
CA THR A 254 -36.26 16.87 -35.17
C THR A 254 -36.05 16.04 -33.91
N ALA A 255 -35.65 16.64 -32.80
CA ALA A 255 -35.20 15.92 -31.62
C ALA A 255 -36.36 15.16 -30.96
N PRO A 256 -36.08 14.01 -30.34
CA PRO A 256 -37.17 13.08 -30.00
C PRO A 256 -37.80 13.19 -28.62
N PHE A 257 -37.54 14.23 -27.84
CA PHE A 257 -38.28 14.33 -26.60
C PHE A 257 -38.72 15.76 -26.30
N GLY A 258 -38.76 16.61 -27.31
CA GLY A 258 -39.02 17.99 -27.02
C GLY A 258 -37.85 18.71 -26.41
N CYS A 259 -36.64 18.22 -26.64
CA CYS A 259 -35.48 18.87 -26.09
C CYS A 259 -34.96 19.92 -27.04
N GLN A 260 -34.01 20.70 -26.56
CA GLN A 260 -33.36 21.70 -27.38
C GLN A 260 -31.89 21.34 -27.45
N ILE A 261 -31.19 21.88 -28.43
CA ILE A 261 -29.78 21.56 -28.63
C ILE A 261 -29.02 22.87 -28.78
N ALA A 262 -28.02 23.10 -27.93
CA ALA A 262 -27.25 24.33 -28.02
C ALA A 262 -25.78 24.04 -27.80
N VAL A 263 -24.92 24.64 -28.62
CA VAL A 263 -23.53 24.24 -28.74
C VAL A 263 -22.64 25.48 -28.56
N ASN A 264 -22.25 25.78 -27.34
CA ASN A 264 -20.82 26.06 -27.27
C ASN A 264 -20.13 24.76 -26.84
N PRO A 265 -20.53 24.06 -25.77
CA PRO A 265 -19.99 22.71 -25.57
C PRO A 265 -20.88 21.55 -26.01
N LEU A 266 -21.93 21.81 -26.81
CA LEU A 266 -22.86 20.80 -27.30
C LEU A 266 -23.61 20.10 -26.17
N ARG A 267 -24.57 20.80 -25.59
CA ARG A 267 -25.47 20.23 -24.60
C ARG A 267 -26.87 20.09 -25.18
N ALA A 268 -27.62 19.12 -24.65
CA ALA A 268 -29.03 18.97 -24.95
C ALA A 268 -29.84 19.39 -23.74
N VAL A 269 -30.69 20.39 -23.91
CA VAL A 269 -31.29 21.12 -22.80
C VAL A 269 -32.75 20.71 -22.68
N ASP A 270 -33.18 20.39 -21.46
CA ASP A 270 -34.58 20.26 -21.08
C ASP A 270 -35.30 19.15 -21.83
N CYS A 271 -34.81 17.94 -21.64
CA CYS A 271 -35.52 16.75 -22.09
C CYS A 271 -36.73 16.48 -21.21
N ALA A 272 -37.47 15.42 -21.54
CA ALA A 272 -38.60 15.01 -20.70
C ALA A 272 -38.78 13.50 -20.85
N TYR A 273 -38.15 12.76 -19.93
CA TYR A 273 -38.15 11.31 -20.02
C TYR A 273 -37.71 10.73 -18.69
N GLY A 274 -38.32 9.63 -18.29
CA GLY A 274 -37.90 8.91 -17.10
C GLY A 274 -38.20 9.65 -15.82
N ASN A 275 -37.56 9.19 -14.73
CA ASN A 275 -37.75 9.79 -13.43
C ASN A 275 -36.49 9.62 -12.59
N ILE A 276 -36.26 10.56 -11.68
CA ILE A 276 -35.03 10.69 -10.91
C ILE A 276 -35.34 10.19 -9.50
N PRO A 277 -34.79 9.06 -9.07
CA PRO A 277 -34.84 8.73 -7.65
C PRO A 277 -33.96 9.69 -6.86
N ILE A 278 -34.56 10.32 -5.85
CA ILE A 278 -33.91 11.36 -5.07
C ILE A 278 -33.62 10.78 -3.70
N SER A 279 -32.68 11.40 -2.99
CA SER A 279 -32.45 11.09 -1.58
C SER A 279 -31.94 12.34 -0.91
N LEU A 280 -32.52 12.68 0.23
CA LEU A 280 -32.38 14.02 0.75
C LEU A 280 -32.16 13.96 2.25
N ASP A 281 -31.34 14.87 2.76
CA ASP A 281 -31.02 14.91 4.18
C ASP A 281 -31.55 16.21 4.76
N ILE A 282 -32.77 16.16 5.28
CA ILE A 282 -33.43 17.35 5.82
C ILE A 282 -32.76 17.74 7.12
N PRO A 283 -32.42 19.02 7.32
CA PRO A 283 -31.80 19.45 8.59
C PRO A 283 -32.72 19.25 9.77
N ASN A 284 -32.11 19.00 10.93
CA ASN A 284 -32.87 18.64 12.11
C ASN A 284 -33.58 19.86 12.69
N ALA A 285 -33.00 21.05 12.52
CA ALA A 285 -33.56 22.26 13.12
C ALA A 285 -34.83 22.72 12.43
N ALA A 286 -35.12 22.24 11.23
CA ALA A 286 -36.32 22.65 10.50
C ALA A 286 -37.36 21.55 10.65
N PHE A 287 -37.99 21.53 11.81
CA PHE A 287 -39.13 20.68 12.10
C PHE A 287 -39.99 21.41 13.13
N VAL A 288 -40.98 20.71 13.66
CA VAL A 288 -41.68 21.13 14.88
C VAL A 288 -42.22 19.87 15.54
N ARG A 289 -42.15 19.83 16.87
CA ARG A 289 -42.69 18.68 17.58
C ARG A 289 -44.20 18.73 17.59
N VAL A 290 -44.80 17.60 17.99
CA VAL A 290 -46.25 17.51 18.04
C VAL A 290 -46.86 18.32 19.17
N SER A 291 -46.04 18.82 20.09
CA SER A 291 -46.54 19.66 21.17
C SER A 291 -46.90 21.07 20.73
N ASP A 292 -46.63 21.43 19.49
CA ASP A 292 -47.00 22.75 18.98
C ASP A 292 -47.99 22.68 17.82
N ALA A 293 -48.11 21.56 17.15
CA ALA A 293 -49.07 21.47 16.08
C ALA A 293 -50.47 21.25 16.64
N PRO A 294 -51.51 21.77 15.97
CA PRO A 294 -52.88 21.50 16.42
C PRO A 294 -53.35 20.09 16.12
N LEU A 295 -54.62 19.80 16.41
CA LEU A 295 -55.18 18.49 16.18
C LEU A 295 -56.46 18.61 15.36
N VAL A 296 -56.65 17.69 14.43
CA VAL A 296 -57.69 17.82 13.42
C VAL A 296 -58.60 16.60 13.48
N THR A 297 -59.92 16.84 13.46
CA THR A 297 -60.93 15.79 13.34
C THR A 297 -61.96 16.18 12.28
N ALA A 298 -62.70 15.17 11.81
CA ALA A 298 -63.96 15.30 11.05
C ALA A 298 -63.76 16.00 9.71
N LEU A 299 -63.07 15.32 8.80
CA LEU A 299 -62.98 15.72 7.40
C LEU A 299 -64.06 15.06 6.56
N LYS A 300 -64.79 15.87 5.78
CA LYS A 300 -65.64 15.36 4.72
C LYS A 300 -65.45 16.21 3.48
N CYS A 301 -65.94 15.71 2.35
CA CYS A 301 -65.63 16.26 1.04
C CYS A 301 -66.88 16.39 0.19
N GLU A 302 -67.11 17.59 -0.34
CA GLU A 302 -68.13 17.80 -1.36
C GLU A 302 -67.44 18.07 -2.69
N VAL A 303 -68.05 17.60 -3.77
CA VAL A 303 -67.47 17.68 -5.10
C VAL A 303 -68.36 18.56 -5.96
N GLY A 304 -67.75 19.51 -6.68
CA GLY A 304 -68.50 20.42 -7.51
C GLY A 304 -68.61 19.98 -8.96
N GLU A 305 -67.85 20.61 -9.85
CA GLU A 305 -68.06 20.40 -11.29
C GLU A 305 -67.39 19.11 -11.78
N CYS A 306 -66.06 19.08 -11.74
CA CYS A 306 -65.22 18.01 -12.29
C CYS A 306 -65.52 17.75 -13.77
N VAL A 307 -65.20 18.73 -14.59
CA VAL A 307 -65.20 18.55 -16.04
C VAL A 307 -63.76 18.21 -16.41
N TYR A 308 -63.51 16.93 -16.64
CA TYR A 308 -62.16 16.41 -16.51
C TYR A 308 -61.30 16.73 -17.71
N SER A 309 -60.06 16.26 -17.62
CA SER A 309 -59.00 16.12 -18.62
C SER A 309 -58.32 17.42 -19.01
N ALA A 310 -58.82 18.58 -18.61
CA ALA A 310 -58.16 19.74 -19.20
C ALA A 310 -56.91 20.15 -18.43
N ASP A 311 -57.10 20.95 -17.39
CA ASP A 311 -56.03 21.31 -16.47
C ASP A 311 -56.47 21.07 -15.04
N PHE A 312 -57.53 21.76 -14.65
CA PHE A 312 -58.00 21.85 -13.28
C PHE A 312 -59.50 21.84 -13.26
N GLY A 313 -60.10 20.88 -13.97
CA GLY A 313 -61.54 20.83 -14.11
C GLY A 313 -62.29 20.52 -12.84
N GLY A 314 -61.63 19.97 -11.83
CA GLY A 314 -62.30 19.63 -10.59
C GLY A 314 -62.29 20.78 -9.60
N ILE A 315 -63.38 20.90 -8.85
CA ILE A 315 -63.50 21.84 -7.73
C ILE A 315 -64.20 21.11 -6.59
N ALA A 316 -63.54 21.05 -5.45
CA ALA A 316 -64.09 20.32 -4.31
C ALA A 316 -63.90 21.17 -3.07
N THR A 317 -64.74 20.94 -2.08
CA THR A 317 -64.71 21.69 -0.83
C THR A 317 -64.55 20.74 0.35
N LEU A 318 -63.68 21.13 1.27
CA LEU A 318 -63.34 20.36 2.44
C LEU A 318 -64.06 20.89 3.67
N GLN A 319 -64.49 19.99 4.53
CA GLN A 319 -65.19 20.34 5.75
C GLN A 319 -64.44 19.71 6.92
N TYR A 320 -64.10 20.52 7.91
CA TYR A 320 -63.11 20.12 8.88
C TYR A 320 -63.40 20.74 10.23
N SER A 321 -62.56 20.39 11.21
CA SER A 321 -62.70 20.86 12.58
C SER A 321 -61.35 20.70 13.27
N SER A 322 -60.76 21.80 13.72
CA SER A 322 -59.43 21.81 14.30
C SER A 322 -59.51 22.29 15.75
N ASP A 323 -58.33 22.53 16.35
CA ASP A 323 -58.25 22.98 17.72
C ASP A 323 -57.51 24.30 17.92
N ARG A 324 -56.81 24.79 16.91
CA ARG A 324 -56.11 26.07 16.97
C ARG A 324 -56.13 26.70 15.59
N GLU A 325 -55.59 27.90 15.51
CA GLU A 325 -55.07 28.40 14.24
C GLU A 325 -53.57 28.17 14.18
N GLY A 326 -53.07 27.91 12.98
CA GLY A 326 -51.66 27.67 12.76
C GLY A 326 -51.42 27.33 11.31
N GLN A 327 -50.60 26.32 11.06
CA GLN A 327 -50.43 25.79 9.72
C GLN A 327 -50.46 24.28 9.79
N CYS A 328 -50.98 23.67 8.73
CA CYS A 328 -50.94 22.23 8.62
C CYS A 328 -50.31 21.87 7.30
N SER A 329 -50.37 20.59 6.92
CA SER A 329 -49.73 20.10 5.71
C SER A 329 -50.72 19.21 5.00
N VAL A 330 -51.53 19.81 4.11
CA VAL A 330 -52.50 19.04 3.35
C VAL A 330 -51.78 18.25 2.29
N HIS A 331 -52.15 16.98 2.14
CA HIS A 331 -51.38 16.11 1.26
C HIS A 331 -52.22 14.92 0.84
N SER A 332 -52.10 14.53 -0.42
CA SER A 332 -52.76 13.34 -0.92
C SER A 332 -51.87 12.13 -0.81
N HIS A 333 -52.43 11.02 -0.33
CA HIS A 333 -51.68 9.79 -0.22
C HIS A 333 -51.80 8.91 -1.45
N SER A 334 -52.89 8.99 -2.18
CA SER A 334 -53.03 8.18 -3.37
C SER A 334 -52.26 8.82 -4.52
N SER A 335 -52.36 8.20 -5.69
CA SER A 335 -51.56 8.61 -6.85
C SER A 335 -52.40 9.13 -8.00
N THR A 336 -53.73 9.11 -7.88
CA THR A 336 -54.55 9.60 -8.98
C THR A 336 -54.67 11.11 -8.97
N ALA A 337 -54.75 11.72 -7.79
CA ALA A 337 -54.93 13.16 -7.68
C ALA A 337 -53.79 13.76 -6.87
N THR A 338 -53.28 14.89 -7.34
CA THR A 338 -52.20 15.60 -6.69
C THR A 338 -52.69 17.00 -6.42
N LEU A 339 -52.98 17.33 -5.17
CA LEU A 339 -53.66 18.58 -4.87
C LEU A 339 -52.69 19.75 -4.94
N GLN A 340 -53.14 20.91 -4.51
CA GLN A 340 -52.52 22.18 -4.84
C GLN A 340 -52.20 22.94 -3.56
N GLU A 341 -50.97 23.44 -3.47
CA GLU A 341 -50.40 24.42 -2.53
C GLU A 341 -50.14 23.89 -1.11
N SER A 342 -50.73 22.74 -0.75
CA SER A 342 -50.22 21.83 0.28
C SER A 342 -50.17 22.31 1.74
N THR A 343 -50.39 23.61 2.00
CA THR A 343 -50.40 24.15 3.38
C THR A 343 -51.53 25.18 3.45
N VAL A 344 -52.72 24.72 3.75
CA VAL A 344 -53.90 25.58 3.72
C VAL A 344 -54.03 26.26 5.07
N HIS A 345 -54.37 27.54 5.06
CA HIS A 345 -54.67 28.26 6.29
C HIS A 345 -56.03 27.84 6.80
N VAL A 346 -56.06 26.87 7.71
CA VAL A 346 -57.31 26.37 8.26
C VAL A 346 -57.85 27.34 9.29
N LEU A 347 -59.08 27.12 9.71
CA LEU A 347 -59.69 27.88 10.80
C LEU A 347 -60.23 26.82 11.77
N GLN A 348 -60.95 27.20 12.82
CA GLN A 348 -61.50 26.19 13.72
C GLN A 348 -62.60 25.38 13.06
N LYS A 349 -63.41 26.02 12.21
CA LYS A 349 -64.36 25.35 11.35
C LYS A 349 -64.35 26.07 10.00
N GLY A 350 -64.42 25.32 8.91
CA GLY A 350 -64.22 25.98 7.64
C GLY A 350 -64.72 25.20 6.45
N GLY A 351 -64.45 25.77 5.28
CA GLY A 351 -64.94 25.27 4.01
C GLY A 351 -63.97 25.34 2.85
N ALA A 352 -62.68 25.11 3.07
CA ALA A 352 -61.65 25.39 2.07
C ALA A 352 -61.79 24.53 0.83
N THR A 353 -61.19 24.99 -0.26
CA THR A 353 -61.45 24.47 -1.61
C THR A 353 -60.18 23.90 -2.25
N ILE A 354 -60.38 22.93 -3.14
CA ILE A 354 -59.26 22.25 -3.80
C ILE A 354 -59.41 22.47 -5.31
N HIS A 355 -58.52 21.89 -6.12
CA HIS A 355 -58.69 21.81 -7.57
C HIS A 355 -58.15 20.46 -8.02
N PHE A 356 -59.05 19.54 -8.36
CA PHE A 356 -58.65 18.27 -8.91
C PHE A 356 -58.11 18.46 -10.33
N SER A 357 -57.44 17.43 -10.84
CA SER A 357 -56.79 17.50 -12.16
C SER A 357 -56.94 16.20 -12.91
N THR A 358 -58.10 15.55 -12.80
CA THR A 358 -58.19 14.19 -13.27
C THR A 358 -58.38 14.12 -14.77
N ALA A 359 -58.16 12.93 -15.32
CA ALA A 359 -58.31 12.66 -16.74
C ALA A 359 -59.03 11.34 -16.96
N SER A 360 -60.08 11.12 -16.18
CA SER A 360 -60.90 9.90 -16.22
C SER A 360 -62.18 10.20 -15.45
N PRO A 361 -63.28 9.50 -15.72
CA PRO A 361 -64.55 9.86 -15.07
C PRO A 361 -64.72 9.41 -13.62
N GLN A 362 -63.65 9.12 -12.89
CA GLN A 362 -63.75 8.64 -11.52
C GLN A 362 -62.91 9.50 -10.58
N ALA A 363 -62.97 9.19 -9.28
CA ALA A 363 -62.25 9.91 -8.24
C ALA A 363 -62.22 9.06 -6.98
N ASN A 364 -61.03 8.76 -6.48
CA ASN A 364 -60.95 7.97 -5.24
C ASN A 364 -59.73 8.37 -4.38
N PHE A 365 -59.54 9.66 -4.14
CA PHE A 365 -58.28 10.10 -3.56
C PHE A 365 -58.39 10.47 -2.08
N ILE A 366 -57.31 10.17 -1.34
CA ILE A 366 -57.27 10.22 0.12
C ILE A 366 -56.51 11.45 0.57
N VAL A 367 -57.12 12.24 1.44
CA VAL A 367 -56.53 13.47 1.94
C VAL A 367 -56.11 13.25 3.39
N SER A 368 -54.95 13.78 3.78
CA SER A 368 -54.54 13.81 5.18
C SER A 368 -54.16 15.24 5.53
N LEU A 369 -54.93 15.87 6.41
CA LEU A 369 -54.73 17.29 6.66
C LEU A 369 -53.59 17.51 7.64
N CYS A 370 -53.66 16.90 8.82
CA CYS A 370 -52.51 16.97 9.70
C CYS A 370 -52.31 15.64 10.42
N GLY A 371 -52.92 14.56 9.92
CA GLY A 371 -52.86 13.28 10.57
C GLY A 371 -54.10 12.45 10.37
N LYS A 372 -55.13 13.02 9.75
CA LYS A 372 -56.42 12.35 9.58
C LYS A 372 -56.45 11.61 8.24
N LYS A 373 -57.64 11.20 7.80
CA LYS A 373 -57.84 10.52 6.53
C LYS A 373 -59.30 10.60 6.10
N THR A 374 -59.52 10.66 4.80
CA THR A 374 -60.85 10.75 4.20
C THR A 374 -60.76 10.30 2.74
N THR A 375 -61.86 10.44 1.99
CA THR A 375 -61.91 10.10 0.58
C THR A 375 -62.70 11.15 -0.20
N CYS A 376 -62.73 10.97 -1.53
CA CYS A 376 -63.58 11.74 -2.42
C CYS A 376 -64.18 10.82 -3.46
N ASN A 377 -65.35 11.19 -3.97
CA ASN A 377 -66.02 10.41 -4.99
C ASN A 377 -66.76 11.34 -5.93
N ALA A 378 -66.75 11.02 -7.22
CA ALA A 378 -67.28 11.93 -8.22
C ALA A 378 -67.62 11.14 -9.48
N GLU A 379 -68.17 11.85 -10.46
CA GLU A 379 -68.35 11.34 -11.81
C GLU A 379 -68.04 12.50 -12.75
N CYS A 380 -67.02 12.35 -13.58
CA CYS A 380 -66.50 13.47 -14.33
C CYS A 380 -67.04 13.45 -15.75
N LYS A 381 -67.39 14.64 -16.25
CA LYS A 381 -68.02 14.93 -17.53
C LYS A 381 -67.00 15.39 -18.56
N PRO A 382 -67.15 14.97 -19.82
CA PRO A 382 -66.14 15.30 -20.83
C PRO A 382 -66.21 16.76 -21.21
N PRO A 383 -65.10 17.35 -21.62
CA PRO A 383 -65.07 18.80 -21.87
C PRO A 383 -65.54 19.13 -23.27
N ALA A 384 -65.98 20.36 -23.42
CA ALA A 384 -66.30 20.88 -24.75
C ALA A 384 -65.28 21.96 -25.06
N ASP A 385 -64.11 21.52 -25.48
CA ASP A 385 -63.02 22.34 -26.01
C ASP A 385 -62.03 21.37 -26.63
N HIS A 386 -61.70 21.54 -27.90
CA HIS A 386 -60.98 20.47 -28.56
C HIS A 386 -59.47 20.60 -28.51
N ILE A 387 -58.93 21.80 -28.37
CA ILE A 387 -57.50 22.03 -28.50
C ILE A 387 -57.04 23.06 -27.46
N VAL A 388 -56.00 22.70 -26.70
CA VAL A 388 -55.57 23.41 -25.49
C VAL A 388 -54.06 23.34 -25.39
N ASN A 389 -53.44 24.36 -24.76
CA ASN A 389 -51.99 24.58 -24.80
C ASN A 389 -51.23 24.21 -23.52
N VAL A 390 -51.84 23.48 -22.58
CA VAL A 390 -51.27 23.36 -21.24
C VAL A 390 -50.97 21.91 -20.94
N PRO A 391 -49.82 21.56 -20.32
CA PRO A 391 -49.44 20.15 -20.18
C PRO A 391 -50.14 19.40 -19.05
N HIS A 392 -50.27 18.09 -19.25
CA HIS A 392 -50.90 17.21 -18.27
C HIS A 392 -50.02 17.05 -17.03
N LYS A 393 -50.62 16.55 -15.95
CA LYS A 393 -49.91 16.38 -14.69
C LYS A 393 -50.06 15.01 -14.06
N ASN A 394 -50.79 14.09 -14.67
CA ASN A 394 -51.01 12.78 -14.09
C ASN A 394 -51.10 11.75 -15.21
N ASP A 395 -51.07 10.48 -14.81
CA ASP A 395 -51.09 9.39 -15.77
C ASP A 395 -52.34 8.54 -15.58
N GLN A 396 -52.77 7.92 -16.67
CA GLN A 396 -53.92 7.04 -16.64
C GLN A 396 -53.54 5.70 -16.02
N GLU A 397 -54.47 5.12 -15.29
CA GLU A 397 -54.29 3.81 -14.70
C GLU A 397 -55.46 2.93 -15.11
N PHE A 398 -55.17 1.68 -15.43
CA PHE A 398 -56.23 0.73 -15.67
C PHE A 398 -56.93 0.42 -14.35
N GLN A 399 -58.20 0.00 -14.46
CA GLN A 399 -59.18 -0.05 -13.37
C GLN A 399 -59.43 1.34 -12.78
N ALA A 400 -59.20 2.38 -13.57
CA ALA A 400 -59.57 3.74 -13.19
C ALA A 400 -60.03 4.60 -14.35
N ALA A 401 -60.15 4.07 -15.58
CA ALA A 401 -60.45 4.91 -16.74
C ALA A 401 -61.73 4.48 -17.45
N VAL A 402 -62.54 3.65 -16.83
CA VAL A 402 -63.80 3.16 -17.39
C VAL A 402 -64.91 3.52 -16.41
N SER A 403 -66.02 4.04 -16.92
CA SER A 403 -67.09 4.54 -16.08
C SER A 403 -67.79 3.40 -15.35
N GLN A 404 -68.18 3.66 -14.09
CA GLN A 404 -68.72 2.61 -13.23
C GLN A 404 -70.08 2.13 -13.70
N THR A 405 -70.83 2.97 -14.42
CA THR A 405 -72.08 2.52 -15.02
C THR A 405 -71.81 1.46 -16.08
N SER A 406 -70.78 1.67 -16.89
CA SER A 406 -70.38 0.67 -17.87
C SER A 406 -69.80 -0.57 -17.20
N TRP A 407 -69.15 -0.40 -16.04
CA TRP A 407 -68.75 -1.55 -15.25
C TRP A 407 -69.96 -2.35 -14.79
N SER A 408 -71.04 -1.66 -14.42
CA SER A 408 -72.24 -2.36 -13.97
C SER A 408 -72.90 -3.10 -15.12
N TRP A 409 -72.96 -2.47 -16.30
CA TRP A 409 -73.54 -3.13 -17.47
C TRP A 409 -72.72 -4.35 -17.88
N LEU A 410 -71.40 -4.23 -17.90
CA LEU A 410 -70.57 -5.35 -18.31
C LEU A 410 -70.58 -6.46 -17.27
N PHE A 411 -70.61 -6.12 -15.98
CA PHE A 411 -70.69 -7.14 -14.94
C PHE A 411 -72.01 -7.86 -14.98
N ALA A 412 -73.11 -7.13 -15.18
CA ALA A 412 -74.42 -7.78 -15.24
C ALA A 412 -74.54 -8.69 -16.44
N LEU A 413 -74.04 -8.24 -17.60
CA LEU A 413 -74.15 -9.06 -18.80
C LEU A 413 -73.21 -10.27 -18.74
N PHE A 414 -71.96 -10.02 -18.33
CA PHE A 414 -70.93 -11.05 -18.26
C PHE A 414 -71.19 -12.04 -17.14
N GLY A 415 -71.98 -11.68 -16.13
CA GLY A 415 -72.35 -12.61 -15.08
C GLY A 415 -73.65 -13.31 -15.38
N GLY A 416 -74.53 -12.68 -16.16
CA GLY A 416 -75.72 -13.37 -16.63
C GLY A 416 -75.39 -14.42 -17.66
N ALA A 417 -74.29 -14.24 -18.39
CA ALA A 417 -73.82 -15.27 -19.30
C ALA A 417 -73.13 -16.42 -18.60
N SER A 418 -72.98 -16.37 -17.27
CA SER A 418 -72.33 -17.41 -16.49
C SER A 418 -73.24 -18.06 -15.45
N SER A 419 -74.23 -17.32 -14.95
CA SER A 419 -75.08 -17.81 -13.87
C SER A 419 -75.92 -19.00 -14.32
N LEU A 420 -76.44 -18.97 -15.54
CA LEU A 420 -77.22 -20.08 -16.07
C LEU A 420 -76.35 -21.32 -16.25
N LEU A 421 -75.08 -21.15 -16.61
CA LEU A 421 -74.17 -22.27 -16.75
C LEU A 421 -73.87 -22.91 -15.39
N VAL A 422 -73.64 -22.07 -14.38
CA VAL A 422 -73.37 -22.61 -13.04
C VAL A 422 -74.61 -23.29 -12.48
N ILE A 423 -75.80 -22.74 -12.78
CA ILE A 423 -77.05 -23.39 -12.39
C ILE A 423 -77.20 -24.74 -13.08
N GLY A 424 -76.82 -24.83 -14.35
CA GLY A 424 -76.88 -26.10 -15.05
C GLY A 424 -75.96 -27.16 -14.48
N VAL A 425 -74.72 -26.78 -14.15
CA VAL A 425 -73.81 -27.79 -13.61
C VAL A 425 -74.18 -28.16 -12.17
N MET A 426 -74.81 -27.25 -11.43
CA MET A 426 -75.33 -27.64 -10.12
C MET A 426 -76.54 -28.54 -10.24
N ILE A 427 -77.35 -28.34 -11.28
CA ILE A 427 -78.47 -29.25 -11.57
C ILE A 427 -77.95 -30.65 -11.89
N PHE A 428 -76.86 -30.74 -12.67
CA PHE A 428 -76.33 -32.06 -12.97
C PHE A 428 -75.69 -32.72 -11.75
N ALA A 429 -75.02 -31.93 -10.89
CA ALA A 429 -74.44 -32.48 -9.67
C ALA A 429 -75.53 -33.01 -8.73
N CYS A 430 -76.59 -32.21 -8.54
CA CYS A 430 -77.68 -32.62 -7.66
C CYS A 430 -78.43 -33.81 -8.22
N SER A 431 -78.71 -33.80 -9.52
CA SER A 431 -79.46 -34.89 -10.13
C SER A 431 -78.64 -36.17 -10.21
N ALA A 432 -77.32 -36.06 -10.24
CA ALA A 432 -76.47 -37.25 -10.18
C ALA A 432 -76.44 -37.81 -8.77
N LEU A 433 -76.26 -36.95 -7.76
CA LEU A 433 -76.19 -37.44 -6.39
C LEU A 433 -77.54 -37.86 -5.82
N LEU A 434 -78.64 -37.53 -6.49
CA LEU A 434 -79.93 -38.06 -6.06
C LEU A 434 -80.20 -39.46 -6.60
N THR A 435 -79.77 -39.74 -7.83
CA THR A 435 -80.11 -40.95 -8.60
C THR A 435 -81.62 -41.22 -8.66
N PHE B 1 -0.10 46.14 -50.47
CA PHE B 1 -0.70 47.41 -50.06
C PHE B 1 0.29 48.54 -50.39
N THR B 2 0.39 48.79 -51.69
CA THR B 2 1.40 49.67 -52.32
C THR B 2 2.82 49.25 -51.93
N LEU B 3 2.98 47.95 -51.70
CA LEU B 3 4.27 47.28 -51.62
C LEU B 3 4.51 46.42 -52.84
N THR B 4 3.46 46.12 -53.58
CA THR B 4 3.46 45.34 -54.80
C THR B 4 3.28 46.25 -56.00
N SER B 5 3.13 45.63 -57.17
CA SER B 5 2.99 46.32 -58.42
C SER B 5 2.07 45.50 -59.30
N PRO B 6 1.25 46.14 -60.12
CA PRO B 6 0.23 45.41 -60.88
C PRO B 6 0.82 44.77 -62.13
N TYR B 7 -0.07 44.18 -62.91
CA TYR B 7 0.29 43.41 -64.09
C TYR B 7 -0.93 43.34 -64.98
N LEU B 8 -0.71 43.03 -66.24
CA LEU B 8 -1.80 42.92 -67.18
C LEU B 8 -1.92 41.47 -67.63
N GLY B 9 -3.15 41.04 -67.90
CA GLY B 9 -3.39 39.62 -68.10
C GLY B 9 -4.15 39.27 -69.36
N THR B 10 -4.49 37.99 -69.50
CA THR B 10 -5.16 37.47 -70.68
C THR B 10 -6.57 37.08 -70.28
N CYS B 11 -7.47 38.05 -70.30
CA CYS B 11 -8.85 37.79 -69.94
C CYS B 11 -9.60 37.29 -71.16
N SER B 12 -10.91 37.24 -71.04
CA SER B 12 -11.78 36.87 -72.15
C SER B 12 -12.96 37.82 -72.15
N TYR B 13 -13.42 38.17 -73.35
CA TYR B 13 -14.61 38.97 -73.61
C TYR B 13 -14.50 40.36 -72.97
N CYS B 14 -13.59 41.15 -73.50
CA CYS B 14 -13.26 42.46 -72.95
C CYS B 14 -13.58 43.57 -73.96
N HIS B 15 -14.86 43.99 -73.99
CA HIS B 15 -15.43 45.07 -74.83
C HIS B 15 -15.03 44.99 -76.31
N HIS B 16 -14.64 43.80 -76.76
CA HIS B 16 -14.12 43.51 -78.09
C HIS B 16 -14.14 42.00 -78.16
N THR B 17 -14.80 41.43 -79.16
CA THR B 17 -15.27 40.05 -79.03
C THR B 17 -14.20 39.00 -79.36
N GLU B 18 -13.03 39.14 -78.75
CA GLU B 18 -11.92 38.23 -78.95
C GLU B 18 -11.17 38.09 -77.62
N PRO B 19 -10.34 37.06 -77.48
CA PRO B 19 -9.36 37.09 -76.41
C PRO B 19 -8.37 38.21 -76.65
N CYS B 20 -8.05 38.93 -75.58
CA CYS B 20 -7.17 40.09 -75.70
C CYS B 20 -6.48 40.36 -74.37
N PHE B 21 -5.26 40.87 -74.45
CA PHE B 21 -4.56 41.38 -73.27
C PHE B 21 -5.32 42.55 -72.67
N SER B 22 -5.24 42.68 -71.36
CA SER B 22 -6.08 43.68 -70.74
C SER B 22 -5.48 44.09 -69.41
N PRO B 23 -5.84 45.27 -68.93
CA PRO B 23 -5.93 45.56 -67.49
C PRO B 23 -7.00 44.73 -66.83
N VAL B 24 -7.82 45.33 -65.97
CA VAL B 24 -8.45 44.89 -64.72
C VAL B 24 -9.04 43.45 -64.68
N LYS B 25 -8.54 42.54 -65.54
CA LYS B 25 -8.70 41.10 -65.46
C LYS B 25 -8.80 40.57 -64.04
N ILE B 26 -9.82 39.77 -63.79
CA ILE B 26 -10.35 39.59 -62.44
C ILE B 26 -9.83 38.34 -61.74
N GLU B 27 -10.04 37.17 -62.34
CA GLU B 27 -9.42 35.89 -61.99
C GLU B 27 -9.82 35.27 -60.65
N GLN B 28 -10.59 35.97 -59.82
CA GLN B 28 -11.10 35.40 -58.57
C GLN B 28 -12.21 36.29 -58.04
N VAL B 29 -13.27 35.66 -57.52
CA VAL B 29 -14.36 36.39 -56.85
C VAL B 29 -14.96 35.50 -55.76
N TRP B 30 -15.04 36.04 -54.54
CA TRP B 30 -15.58 35.33 -53.40
C TRP B 30 -16.99 35.79 -53.08
N ASP B 31 -17.79 34.87 -52.56
CA ASP B 31 -19.21 35.13 -52.27
C ASP B 31 -19.61 34.27 -51.09
N GLU B 32 -19.61 34.83 -49.89
CA GLU B 32 -20.15 34.11 -48.74
C GLU B 32 -21.00 34.92 -47.79
N ALA B 33 -21.11 36.23 -47.93
CA ALA B 33 -21.84 37.01 -46.94
C ALA B 33 -23.33 36.79 -47.08
N ASP B 34 -24.04 37.02 -46.00
CA ASP B 34 -25.46 36.70 -45.97
C ASP B 34 -26.34 37.79 -46.56
N ASP B 35 -25.82 39.00 -46.71
CA ASP B 35 -26.44 39.94 -47.63
C ASP B 35 -25.77 39.77 -49.00
N ASN B 36 -26.01 40.69 -49.92
CA ASN B 36 -25.52 40.48 -51.27
C ASN B 36 -24.15 41.11 -51.49
N THR B 37 -23.19 40.83 -50.62
CA THR B 37 -21.90 41.50 -50.62
C THR B 37 -20.85 40.62 -51.29
N ILE B 38 -19.98 41.22 -52.09
CA ILE B 38 -19.07 40.51 -52.99
C ILE B 38 -17.65 41.04 -52.82
N ARG B 39 -16.71 40.13 -52.57
CA ARG B 39 -15.29 40.43 -52.57
C ARG B 39 -14.65 39.95 -53.86
N ILE B 40 -13.92 40.83 -54.52
CA ILE B 40 -13.38 40.62 -55.86
C ILE B 40 -11.87 40.82 -55.81
N GLN B 41 -11.12 39.83 -56.29
CA GLN B 41 -9.73 40.07 -56.62
C GLN B 41 -9.65 40.61 -58.04
N THR B 42 -8.77 41.58 -58.27
CA THR B 42 -8.49 42.02 -59.64
C THR B 42 -7.00 42.06 -59.90
N SER B 43 -6.61 42.68 -61.01
CA SER B 43 -5.21 42.78 -61.37
C SER B 43 -4.77 44.23 -61.56
N ALA B 44 -5.10 45.09 -60.61
CA ALA B 44 -4.66 46.48 -60.64
C ALA B 44 -4.65 47.02 -59.22
N GLN B 45 -3.57 47.68 -58.83
CA GLN B 45 -3.50 48.24 -57.50
C GLN B 45 -4.32 49.52 -57.43
N PHE B 46 -4.98 49.72 -56.31
CA PHE B 46 -5.90 50.84 -56.15
C PHE B 46 -5.48 51.86 -55.10
N GLY B 47 -4.33 51.68 -54.47
CA GLY B 47 -3.87 52.64 -53.51
C GLY B 47 -2.94 53.67 -54.11
N TYR B 48 -1.90 53.20 -54.81
CA TYR B 48 -0.85 54.07 -55.27
C TYR B 48 -1.30 54.94 -56.45
N ASP B 49 -0.99 56.24 -56.38
CA ASP B 49 -1.41 57.14 -57.44
C ASP B 49 -0.30 57.54 -58.39
N GLN B 50 0.71 58.23 -57.90
CA GLN B 50 1.76 58.81 -58.75
C GLN B 50 2.94 57.87 -58.89
N SER B 51 2.62 56.63 -59.26
CA SER B 51 3.52 55.50 -59.48
C SER B 51 4.22 55.00 -58.22
N GLY B 52 4.08 55.68 -57.09
CA GLY B 52 4.31 55.06 -55.80
C GLY B 52 3.34 55.53 -54.73
N ALA B 53 2.64 56.63 -55.01
CA ALA B 53 2.07 57.48 -53.97
C ALA B 53 0.69 56.99 -53.56
N ALA B 54 0.58 56.46 -52.35
CA ALA B 54 -0.65 55.87 -51.84
C ALA B 54 -1.69 56.97 -51.61
N SER B 55 -2.65 57.07 -52.52
CA SER B 55 -3.75 58.03 -52.43
C SER B 55 -5.07 57.27 -52.32
N VAL B 56 -6.16 58.02 -52.39
CA VAL B 56 -7.48 57.40 -52.25
C VAL B 56 -8.15 57.26 -53.60
N ASN B 57 -8.32 58.38 -54.30
CA ASN B 57 -9.16 58.40 -55.50
C ASN B 57 -8.34 58.24 -56.77
N LYS B 58 -7.32 57.41 -56.77
CA LYS B 58 -6.51 57.21 -57.96
C LYS B 58 -5.95 55.79 -57.98
N TYR B 59 -5.85 55.20 -59.16
CA TYR B 59 -5.38 53.84 -59.33
C TYR B 59 -4.11 53.78 -60.17
N ARG B 60 -3.68 52.57 -60.47
CA ARG B 60 -2.31 52.24 -60.86
C ARG B 60 -2.33 51.30 -62.06
N ILE B 61 -3.02 51.68 -63.12
CA ILE B 61 -3.25 50.77 -64.23
C ILE B 61 -1.99 50.59 -65.07
N MET B 62 -1.80 49.37 -65.56
CA MET B 62 -0.78 49.05 -66.56
C MET B 62 -1.21 49.58 -67.92
N SER B 63 -0.23 49.95 -68.75
CA SER B 63 -0.55 50.49 -70.06
C SER B 63 -0.91 49.39 -71.04
N LEU B 64 -1.64 49.77 -72.09
CA LEU B 64 -1.99 48.84 -73.15
C LEU B 64 -0.77 48.47 -73.98
N LYS B 65 0.05 49.47 -74.32
CA LYS B 65 1.37 49.17 -74.86
C LYS B 65 2.25 48.59 -73.76
N GLN B 66 3.03 47.58 -74.10
CA GLN B 66 3.88 46.92 -73.10
C GLN B 66 5.23 47.59 -72.98
N ASP B 67 5.22 48.91 -72.84
CA ASP B 67 6.42 49.71 -72.61
C ASP B 67 6.68 49.93 -71.14
N HIS B 68 5.99 49.20 -70.28
CA HIS B 68 6.12 49.25 -68.82
C HIS B 68 5.87 50.66 -68.28
N THR B 69 4.64 51.12 -68.49
CA THR B 69 4.25 52.49 -68.17
C THR B 69 2.98 52.45 -67.33
N ILE B 70 3.13 52.58 -66.02
CA ILE B 70 1.97 52.70 -65.14
C ILE B 70 1.36 54.08 -65.34
N GLU B 71 0.04 54.16 -65.53
CA GLU B 71 -0.60 55.43 -65.82
C GLU B 71 -1.69 55.77 -64.80
N GLU B 72 -1.27 56.23 -63.61
CA GLU B 72 -1.86 57.34 -62.85
C GLU B 72 -3.35 57.60 -63.01
N GLY B 73 -4.20 56.62 -62.70
CA GLY B 73 -5.62 56.76 -62.94
C GLY B 73 -6.33 57.68 -61.97
N SER B 74 -7.65 57.54 -61.93
CA SER B 74 -8.51 58.29 -61.02
C SER B 74 -9.69 57.40 -60.65
N MET B 75 -9.72 56.94 -59.39
CA MET B 75 -10.62 55.87 -58.95
C MET B 75 -12.07 56.28 -58.84
N ASP B 76 -12.51 57.45 -59.30
CA ASP B 76 -13.93 57.77 -59.29
C ASP B 76 -14.64 57.26 -60.53
N ALA B 77 -13.91 56.75 -61.51
CA ALA B 77 -14.52 56.33 -62.77
C ALA B 77 -14.80 54.84 -62.85
N ILE B 78 -14.27 54.05 -61.93
CA ILE B 78 -14.41 52.59 -62.01
C ILE B 78 -15.80 52.20 -61.57
N LYS B 79 -16.63 51.80 -62.52
CA LYS B 79 -17.92 51.21 -62.22
C LYS B 79 -17.82 49.71 -62.42
N ILE B 80 -18.56 48.95 -61.62
CA ILE B 80 -18.61 47.51 -61.77
C ILE B 80 -20.06 47.09 -61.85
N SER B 81 -20.33 46.04 -62.62
CA SER B 81 -21.69 45.70 -62.95
C SER B 81 -21.79 44.20 -63.18
N THR B 82 -22.95 43.65 -62.83
CA THR B 82 -23.20 42.23 -63.00
C THR B 82 -24.40 41.91 -63.88
N SER B 83 -25.56 42.45 -63.57
CA SER B 83 -26.63 42.55 -64.55
C SER B 83 -27.32 43.90 -64.55
N GLY B 84 -27.25 44.65 -63.47
CA GLY B 84 -27.53 46.06 -63.49
C GLY B 84 -26.29 46.76 -62.98
N PRO B 85 -26.43 48.01 -62.55
CA PRO B 85 -25.33 48.67 -61.87
C PRO B 85 -25.15 48.12 -60.47
N CYS B 86 -24.07 48.53 -59.83
CA CYS B 86 -23.70 47.95 -58.55
C CYS B 86 -22.85 48.94 -57.79
N ARG B 87 -23.18 49.17 -56.52
CA ARG B 87 -22.50 50.17 -55.71
C ARG B 87 -21.27 49.55 -55.07
N ARG B 88 -20.09 50.08 -55.37
CA ARG B 88 -18.90 49.59 -54.71
C ARG B 88 -18.80 50.19 -53.33
N LEU B 89 -18.36 49.39 -52.36
CA LEU B 89 -18.34 49.86 -50.99
C LEU B 89 -16.95 50.24 -50.53
N ASN B 90 -15.93 49.50 -50.94
CA ASN B 90 -14.57 49.81 -50.52
C ASN B 90 -13.59 49.17 -51.49
N HIS B 91 -12.36 49.68 -51.48
CA HIS B 91 -11.26 49.13 -52.24
C HIS B 91 -10.03 49.05 -51.36
N LYS B 92 -9.16 48.09 -51.64
CA LYS B 92 -7.92 47.94 -50.88
C LYS B 92 -6.91 47.21 -51.76
N GLY B 93 -5.98 47.96 -52.33
CA GLY B 93 -4.91 47.38 -53.14
C GLY B 93 -5.42 46.73 -54.41
N TYR B 94 -5.34 45.41 -54.46
CA TYR B 94 -5.91 44.63 -55.55
C TYR B 94 -7.42 44.48 -55.47
N PHE B 95 -8.00 44.65 -54.29
CA PHE B 95 -9.26 44.01 -53.95
C PHE B 95 -10.41 45.00 -53.91
N LEU B 96 -11.58 44.52 -54.28
CA LEU B 96 -12.80 45.31 -54.28
C LEU B 96 -13.85 44.66 -53.39
N LEU B 97 -14.69 45.49 -52.79
CA LEU B 97 -15.83 45.00 -52.03
C LEU B 97 -17.02 45.82 -52.43
N ALA B 98 -18.06 45.15 -52.93
CA ALA B 98 -19.25 45.82 -53.43
C ALA B 98 -20.47 45.06 -52.96
N LYS B 99 -21.67 45.55 -53.29
CA LYS B 99 -22.87 44.76 -53.03
C LYS B 99 -23.74 44.66 -54.28
N CYS B 100 -23.67 43.50 -54.93
CA CYS B 100 -24.26 43.25 -56.24
C CYS B 100 -25.35 42.20 -56.11
N PRO B 101 -26.60 42.51 -56.39
CA PRO B 101 -27.70 41.51 -56.21
C PRO B 101 -27.73 40.36 -57.21
N PRO B 102 -27.72 40.58 -58.55
CA PRO B 102 -28.13 39.48 -59.43
C PRO B 102 -27.03 38.46 -59.71
N GLY B 103 -27.23 37.62 -60.72
CA GLY B 103 -26.23 36.63 -61.05
C GLY B 103 -25.72 36.59 -62.48
N ASP B 104 -25.00 35.51 -62.78
CA ASP B 104 -24.53 34.98 -64.06
C ASP B 104 -23.32 35.69 -64.66
N SER B 105 -22.85 36.82 -64.12
CA SER B 105 -21.72 37.52 -64.70
C SER B 105 -21.16 38.49 -63.68
N VAL B 106 -19.88 38.80 -63.81
CA VAL B 106 -19.25 39.91 -63.07
C VAL B 106 -18.39 40.68 -64.06
N THR B 107 -18.65 41.96 -64.23
CA THR B 107 -17.87 42.80 -65.12
C THR B 107 -17.19 43.90 -64.33
N VAL B 108 -16.07 44.38 -64.84
CA VAL B 108 -15.40 45.56 -64.32
C VAL B 108 -15.16 46.50 -65.49
N SER B 109 -15.68 47.71 -65.39
CA SER B 109 -15.63 48.66 -66.49
C SER B 109 -14.38 49.52 -66.35
N ILE B 110 -14.35 50.67 -67.05
CA ILE B 110 -13.25 51.63 -67.13
C ILE B 110 -12.51 51.94 -65.84
N THR B 117 -12.83 50.71 -70.32
CA THR B 117 -13.63 49.58 -70.75
C THR B 117 -12.80 48.32 -70.58
N SER B 118 -13.33 47.31 -69.89
CA SER B 118 -12.50 46.17 -69.51
C SER B 118 -13.36 44.91 -69.40
N CYS B 119 -12.82 43.92 -68.68
CA CYS B 119 -13.16 42.51 -68.86
C CYS B 119 -14.47 42.11 -68.22
N THR B 120 -14.69 40.80 -68.17
CA THR B 120 -15.83 40.19 -67.52
C THR B 120 -15.44 38.78 -67.11
N LEU B 121 -16.34 38.13 -66.38
CA LEU B 121 -16.08 36.78 -65.91
C LEU B 121 -17.41 36.07 -65.70
N ALA B 122 -17.47 34.80 -66.13
CA ALA B 122 -18.70 34.04 -66.05
C ALA B 122 -18.70 33.23 -64.77
N ARG B 123 -19.32 33.77 -63.73
CA ARG B 123 -19.55 33.02 -62.50
C ARG B 123 -20.97 33.25 -62.04
N LYS B 124 -21.68 32.16 -61.76
CA LYS B 124 -23.05 32.26 -61.29
C LYS B 124 -23.07 32.81 -59.87
N VAL B 125 -23.76 33.93 -59.68
CA VAL B 125 -23.90 34.53 -58.36
C VAL B 125 -25.32 34.23 -57.90
N LYS B 126 -25.46 33.24 -57.03
CA LYS B 126 -26.80 32.77 -56.74
C LYS B 126 -27.50 33.70 -55.75
N PRO B 127 -28.81 33.88 -55.88
CA PRO B 127 -29.54 34.70 -54.92
C PRO B 127 -29.81 33.94 -53.64
N LYS B 128 -29.66 34.63 -52.52
CA LYS B 128 -29.67 33.97 -51.22
C LYS B 128 -30.35 34.85 -50.17
N PHE B 129 -30.86 34.20 -49.15
CA PHE B 129 -31.47 34.83 -47.99
C PHE B 129 -30.98 34.08 -46.76
N VAL B 130 -31.39 34.53 -45.58
CA VAL B 130 -30.78 33.97 -44.37
C VAL B 130 -31.83 33.43 -43.40
N GLY B 131 -33.04 33.95 -43.44
CA GLY B 131 -34.06 33.53 -42.50
C GLY B 131 -34.75 32.26 -42.92
N ARG B 132 -35.94 32.05 -42.36
CA ARG B 132 -36.81 30.99 -42.83
C ARG B 132 -37.82 31.49 -43.85
N GLU B 133 -38.45 32.63 -43.61
CA GLU B 133 -39.29 33.27 -44.60
C GLU B 133 -38.41 34.08 -45.54
N LYS B 134 -38.65 33.96 -46.84
CA LYS B 134 -37.69 34.46 -47.81
C LYS B 134 -38.02 35.86 -48.26
N TYR B 135 -37.08 36.47 -48.97
CA TYR B 135 -37.19 37.89 -49.30
C TYR B 135 -36.24 38.23 -50.44
N ASP B 136 -36.67 39.12 -51.32
CA ASP B 136 -35.82 39.54 -52.43
C ASP B 136 -35.01 40.75 -52.02
N LEU B 137 -35.69 41.86 -51.85
CA LEU B 137 -35.12 43.05 -51.25
C LEU B 137 -35.29 42.92 -49.75
N PRO B 138 -34.57 43.72 -48.96
CA PRO B 138 -34.97 43.86 -47.58
C PRO B 138 -36.34 44.52 -47.51
N PRO B 139 -37.30 43.87 -46.88
CA PRO B 139 -38.64 44.46 -46.74
C PRO B 139 -38.68 45.57 -45.69
N VAL B 140 -39.89 45.97 -45.31
CA VAL B 140 -40.05 47.16 -44.49
C VAL B 140 -39.70 46.93 -43.00
N HIS B 141 -39.94 45.75 -42.43
CA HIS B 141 -40.00 45.64 -40.97
C HIS B 141 -38.86 44.87 -40.31
N GLY B 142 -38.61 43.59 -40.61
CA GLY B 142 -37.56 42.81 -39.97
C GLY B 142 -37.60 42.48 -38.47
N LYS B 143 -36.74 41.53 -37.99
CA LYS B 143 -36.68 41.21 -36.57
C LYS B 143 -35.30 40.90 -35.99
N LYS B 144 -34.20 41.10 -36.75
CA LYS B 144 -32.82 41.03 -36.25
C LYS B 144 -32.42 39.65 -35.70
N ILE B 145 -32.24 38.71 -36.61
CA ILE B 145 -31.57 37.45 -36.28
C ILE B 145 -30.10 37.55 -36.71
N PRO B 146 -29.17 36.76 -36.18
CA PRO B 146 -27.76 36.94 -36.54
C PRO B 146 -27.36 36.27 -37.85
N CYS B 147 -26.25 36.75 -38.40
CA CYS B 147 -25.71 36.34 -39.68
C CYS B 147 -24.23 36.70 -39.72
N TYR B 148 -23.65 36.66 -40.92
CA TYR B 148 -22.28 37.07 -41.17
C TYR B 148 -22.23 38.13 -42.25
N ILE B 149 -21.08 38.83 -42.34
CA ILE B 149 -20.90 39.97 -43.24
C ILE B 149 -19.42 40.27 -43.43
N TYR B 150 -19.01 40.54 -44.67
CA TYR B 150 -17.68 41.10 -44.90
C TYR B 150 -17.62 42.48 -44.27
N ASP B 151 -16.71 42.66 -43.32
CA ASP B 151 -16.59 43.96 -42.70
C ASP B 151 -15.95 44.96 -43.66
N ARG B 152 -15.97 46.21 -43.25
CA ARG B 152 -15.78 47.30 -44.18
C ARG B 152 -14.41 47.97 -44.06
N LEU B 153 -13.73 47.88 -42.91
CA LEU B 153 -12.72 48.87 -42.58
C LEU B 153 -11.29 48.36 -42.63
N LYS B 154 -10.87 47.43 -41.76
CA LYS B 154 -9.44 47.20 -41.58
C LYS B 154 -9.01 45.74 -41.45
N GLU B 155 -9.91 44.82 -41.16
CA GLU B 155 -9.52 43.54 -40.62
C GLU B 155 -9.25 42.53 -41.73
N THR B 156 -8.23 41.69 -41.52
CA THR B 156 -7.72 40.75 -42.50
C THR B 156 -7.91 39.33 -42.00
N SER B 157 -8.15 38.41 -42.94
CA SER B 157 -8.63 37.08 -42.60
C SER B 157 -7.56 36.02 -42.54
N ALA B 158 -6.31 36.36 -42.84
CA ALA B 158 -5.17 35.44 -42.96
C ALA B 158 -5.48 34.31 -43.95
N GLY B 159 -5.65 34.72 -45.20
CA GLY B 159 -5.97 33.78 -46.26
C GLY B 159 -4.75 33.40 -47.07
N TYR B 160 -3.69 34.20 -46.97
CA TYR B 160 -2.36 33.90 -47.49
C TYR B 160 -2.35 33.73 -49.01
N ILE B 161 -2.61 34.84 -49.68
CA ILE B 161 -2.25 34.99 -51.09
C ILE B 161 -0.73 35.01 -51.22
N THR B 162 -0.20 34.37 -52.26
CA THR B 162 1.25 34.21 -52.42
C THR B 162 1.74 34.92 -53.66
N MET B 163 2.79 35.73 -53.52
CA MET B 163 3.31 36.54 -54.61
C MET B 163 4.81 36.31 -54.76
N HIS B 164 5.37 36.78 -55.86
CA HIS B 164 6.81 36.67 -56.10
C HIS B 164 7.30 37.87 -56.91
N ARG B 165 8.57 37.79 -57.32
CA ARG B 165 9.39 38.77 -58.02
C ARG B 165 9.03 38.78 -59.52
N PRO B 166 9.77 39.49 -60.41
CA PRO B 166 9.19 40.46 -61.33
C PRO B 166 7.77 40.91 -61.03
N THR B 199 12.60 45.56 -54.89
CA THR B 199 11.77 46.45 -55.67
C THR B 199 10.29 46.24 -55.40
N LYS B 200 9.66 45.35 -56.16
CA LYS B 200 8.23 45.12 -56.06
C LYS B 200 7.90 43.65 -56.22
N TRP B 201 6.73 43.27 -55.73
CA TRP B 201 6.14 41.97 -55.98
C TRP B 201 5.00 42.06 -56.99
N VAL B 202 4.74 40.92 -57.63
CA VAL B 202 3.61 40.73 -58.53
C VAL B 202 2.96 39.41 -58.15
N PHE B 203 1.63 39.38 -58.10
CA PHE B 203 0.87 38.19 -57.76
C PHE B 203 1.19 37.02 -58.68
N ASN B 204 1.26 35.83 -58.09
CA ASN B 204 1.60 34.60 -58.79
C ASN B 204 0.44 34.17 -59.67
N SER B 205 0.19 34.89 -60.74
CA SER B 205 -0.93 34.61 -61.62
C SER B 205 -0.63 33.42 -62.51
N PRO B 206 -1.66 32.66 -62.91
CA PRO B 206 -1.41 31.57 -63.86
C PRO B 206 -1.11 32.04 -65.26
N ASP B 207 -1.39 33.30 -65.59
CA ASP B 207 -1.11 33.83 -66.91
C ASP B 207 0.18 34.64 -66.96
N LEU B 208 1.17 34.24 -66.17
CA LEU B 208 2.49 34.85 -66.22
C LEU B 208 3.50 33.76 -66.53
N ILE B 209 4.26 33.96 -67.61
CA ILE B 209 5.30 33.02 -67.96
C ILE B 209 6.44 33.09 -66.97
N ARG B 210 6.60 34.21 -66.29
CA ARG B 210 7.85 34.59 -65.64
C ARG B 210 8.12 33.75 -64.40
N HIS B 211 8.35 32.46 -64.60
CA HIS B 211 8.76 31.61 -63.50
C HIS B 211 9.67 30.56 -64.14
N ALA B 212 10.97 30.87 -64.18
CA ALA B 212 11.98 30.03 -64.79
C ALA B 212 13.02 29.58 -63.79
N ASP B 213 13.62 30.54 -63.07
CA ASP B 213 14.59 30.25 -62.02
C ASP B 213 14.35 31.04 -60.75
N HIS B 214 13.46 32.03 -60.76
CA HIS B 214 13.19 32.85 -59.58
C HIS B 214 12.27 32.05 -58.68
N THR B 215 12.86 31.24 -57.81
CA THR B 215 12.08 30.49 -56.84
C THR B 215 11.91 31.34 -55.58
N ALA B 216 11.41 30.71 -54.51
CA ALA B 216 11.23 31.30 -53.18
C ALA B 216 10.32 32.53 -53.22
N GLN B 217 9.04 32.25 -53.49
CA GLN B 217 8.00 33.26 -53.44
C GLN B 217 7.66 33.61 -52.00
N GLY B 218 7.05 34.78 -51.81
CA GLY B 218 6.55 35.23 -50.53
C GLY B 218 5.03 35.25 -50.47
N LYS B 219 4.51 35.87 -49.42
CA LYS B 219 3.06 35.89 -49.28
C LYS B 219 2.56 37.12 -48.50
N MET B 220 1.43 37.66 -48.97
CA MET B 220 0.56 38.58 -48.25
C MET B 220 -0.58 37.78 -47.65
N HIS B 221 -1.60 38.47 -47.16
CA HIS B 221 -2.87 37.81 -46.90
C HIS B 221 -4.03 38.75 -47.15
N LEU B 222 -5.22 38.18 -47.08
CA LEU B 222 -6.42 38.78 -47.62
C LEU B 222 -7.07 39.68 -46.59
N PRO B 223 -7.50 40.88 -46.97
CA PRO B 223 -8.32 41.70 -46.09
C PRO B 223 -9.77 41.24 -45.97
N PHE B 224 -10.60 42.06 -45.32
CA PHE B 224 -12.05 41.94 -45.31
C PHE B 224 -12.49 40.64 -44.63
N LYS B 225 -12.35 40.64 -43.30
CA LYS B 225 -12.25 39.45 -42.47
C LYS B 225 -13.52 38.57 -42.42
N LEU B 226 -14.68 39.08 -42.85
CA LEU B 226 -15.99 38.40 -42.71
C LEU B 226 -16.37 38.19 -41.25
N VAL B 227 -16.78 39.27 -40.59
CA VAL B 227 -17.15 39.36 -39.18
C VAL B 227 -18.61 38.95 -38.96
N PRO B 228 -18.96 38.27 -37.86
CA PRO B 228 -20.38 38.03 -37.54
C PRO B 228 -21.11 39.30 -37.12
N SER B 229 -22.44 39.28 -37.31
CA SER B 229 -23.33 40.42 -37.10
C SER B 229 -24.79 39.97 -37.07
N THR B 230 -25.73 40.90 -37.26
CA THR B 230 -27.14 40.57 -37.33
C THR B 230 -27.84 41.32 -38.46
N CYS B 231 -29.07 40.92 -38.77
CA CYS B 231 -29.82 41.48 -39.89
C CYS B 231 -31.32 41.25 -39.67
N LEU B 232 -32.12 41.56 -40.70
CA LEU B 232 -33.57 41.63 -40.62
C LEU B 232 -34.20 40.59 -41.55
N VAL B 233 -35.40 40.12 -41.21
CA VAL B 233 -36.11 39.08 -41.96
C VAL B 233 -37.62 39.31 -41.99
N PRO B 234 -38.32 39.01 -43.11
CA PRO B 234 -39.75 39.35 -43.21
C PRO B 234 -40.63 38.44 -42.39
N LEU B 235 -41.93 38.69 -42.46
CA LEU B 235 -42.93 37.98 -41.66
C LEU B 235 -44.19 37.85 -42.51
N ALA B 236 -44.74 36.64 -42.54
CA ALA B 236 -45.90 36.42 -43.37
C ALA B 236 -47.18 36.88 -42.67
N HIS B 237 -48.26 36.90 -43.42
CA HIS B 237 -49.58 37.16 -42.85
C HIS B 237 -49.96 36.00 -41.95
N VAL B 238 -50.34 36.31 -40.72
CA VAL B 238 -50.65 35.35 -39.66
C VAL B 238 -51.83 34.48 -40.10
N PRO B 239 -51.74 33.16 -39.98
CA PRO B 239 -52.81 32.31 -40.51
C PRO B 239 -54.06 32.35 -39.67
N GLN B 240 -55.11 31.67 -40.09
CA GLN B 240 -56.33 31.66 -39.29
C GLN B 240 -56.79 30.22 -39.13
N VAL B 241 -57.10 29.83 -37.90
CA VAL B 241 -57.22 28.41 -37.60
C VAL B 241 -58.66 28.07 -37.25
N VAL B 242 -58.98 26.79 -37.40
CA VAL B 242 -60.23 26.21 -36.98
C VAL B 242 -59.86 24.99 -36.15
N HIS B 243 -60.16 25.05 -34.85
CA HIS B 243 -59.91 23.94 -33.96
C HIS B 243 -61.05 22.95 -34.15
N GLY B 244 -60.88 21.96 -35.02
CA GLY B 244 -61.87 20.91 -35.14
C GLY B 244 -61.65 19.86 -34.07
N PHE B 245 -62.52 18.86 -34.11
CA PHE B 245 -62.33 17.66 -33.30
C PHE B 245 -61.11 16.87 -33.74
N LYS B 246 -60.10 16.82 -32.87
CA LYS B 246 -58.84 16.07 -33.04
C LYS B 246 -57.98 16.56 -34.20
N HIS B 247 -58.26 17.74 -34.76
CA HIS B 247 -57.39 18.25 -35.82
C HIS B 247 -57.46 19.76 -35.86
N ILE B 248 -56.44 20.35 -36.42
CA ILE B 248 -56.47 21.75 -36.81
C ILE B 248 -56.79 21.83 -38.28
N SER B 249 -57.46 22.91 -38.67
CA SER B 249 -57.76 23.18 -40.07
C SER B 249 -57.40 24.65 -40.27
N LEU B 250 -56.27 24.92 -40.87
CA LEU B 250 -55.77 26.28 -40.95
C LEU B 250 -55.78 26.81 -42.37
N GLN B 251 -56.01 28.12 -42.48
CA GLN B 251 -56.06 28.85 -43.74
C GLN B 251 -54.94 29.88 -43.83
N LEU B 252 -54.41 30.05 -45.03
CA LEU B 252 -53.27 30.91 -45.28
C LEU B 252 -53.59 31.88 -46.42
N ASP B 253 -52.82 32.96 -46.49
CA ASP B 253 -52.96 33.91 -47.59
C ASP B 253 -51.63 34.63 -47.78
N THR B 254 -50.84 34.19 -48.76
CA THR B 254 -49.54 34.79 -49.02
C THR B 254 -49.36 35.15 -50.48
N ASP B 255 -48.13 35.51 -50.84
CA ASP B 255 -47.72 35.60 -52.23
C ASP B 255 -46.28 35.12 -52.44
N HIS B 256 -45.68 34.44 -51.47
CA HIS B 256 -44.32 33.93 -51.60
C HIS B 256 -44.11 32.80 -50.59
N LEU B 257 -42.96 32.16 -50.70
CA LEU B 257 -42.74 30.86 -50.08
C LEU B 257 -42.38 31.01 -48.60
N THR B 258 -43.12 30.33 -47.73
CA THR B 258 -42.96 30.46 -46.29
C THR B 258 -42.76 29.07 -45.69
N LEU B 259 -41.89 28.94 -44.68
CA LEU B 259 -41.49 27.60 -44.20
C LEU B 259 -42.34 27.20 -43.01
N LEU B 260 -42.80 25.95 -43.00
CA LEU B 260 -43.89 25.49 -42.17
C LEU B 260 -43.49 24.17 -41.53
N THR B 261 -43.09 24.15 -40.25
CA THR B 261 -42.44 22.97 -39.67
C THR B 261 -43.21 22.49 -38.46
N THR B 262 -43.27 21.17 -38.25
CA THR B 262 -43.85 20.60 -37.04
C THR B 262 -42.88 19.60 -36.41
N ARG B 263 -43.18 19.21 -35.17
CA ARG B 263 -42.71 17.95 -34.60
C ARG B 263 -43.58 17.62 -33.40
N ARG B 264 -43.52 16.38 -32.96
CA ARG B 264 -44.28 15.94 -31.80
C ARG B 264 -43.33 15.78 -30.63
N LEU B 265 -43.83 16.08 -29.43
CA LEU B 265 -43.00 16.14 -28.24
C LEU B 265 -42.85 14.80 -27.53
N GLY B 266 -43.35 13.71 -28.10
CA GLY B 266 -43.42 12.48 -27.35
C GLY B 266 -42.17 11.63 -27.44
N GLU B 267 -42.32 10.40 -27.93
CA GLU B 267 -41.20 9.52 -28.23
C GLU B 267 -40.93 9.44 -29.72
N LYS B 268 -41.96 9.24 -30.52
CA LYS B 268 -41.88 9.20 -31.96
C LYS B 268 -42.11 10.61 -32.48
N PRO B 269 -41.07 11.31 -32.90
CA PRO B 269 -41.20 12.73 -33.19
C PRO B 269 -42.02 12.98 -34.43
N GLU B 270 -41.65 12.30 -35.50
CA GLU B 270 -42.25 12.38 -36.83
C GLU B 270 -42.30 13.83 -37.33
N PRO B 271 -41.20 14.42 -37.76
CA PRO B 271 -41.24 15.80 -38.23
C PRO B 271 -41.88 15.95 -39.60
N THR B 272 -42.02 17.20 -40.06
CA THR B 272 -42.73 17.58 -41.26
C THR B 272 -42.35 19.03 -41.57
N SER B 273 -42.09 19.33 -42.84
CA SER B 273 -41.82 20.72 -43.23
C SER B 273 -42.33 20.96 -44.63
N GLU B 274 -42.74 22.20 -44.91
CA GLU B 274 -43.32 22.51 -46.21
C GLU B 274 -43.13 23.98 -46.54
N TRP B 275 -43.25 24.32 -47.83
CA TRP B 275 -43.32 25.68 -48.38
C TRP B 275 -44.53 25.74 -49.32
N ILE B 276 -45.28 26.85 -49.33
CA ILE B 276 -46.47 27.01 -50.17
C ILE B 276 -46.68 28.48 -50.56
N ILE B 277 -47.55 28.70 -51.54
CA ILE B 277 -47.92 30.02 -52.06
C ILE B 277 -49.41 30.03 -52.38
N GLY B 278 -50.14 31.02 -51.91
CA GLY B 278 -51.44 31.31 -52.50
C GLY B 278 -52.57 31.51 -51.52
N LYS B 279 -53.57 30.63 -51.59
CA LYS B 279 -54.68 30.63 -50.64
C LYS B 279 -55.19 29.20 -50.57
N THR B 280 -54.78 28.47 -49.53
CA THR B 280 -55.12 27.07 -49.40
C THR B 280 -55.61 26.80 -47.98
N VAL B 281 -56.02 25.55 -47.77
CA VAL B 281 -56.60 25.07 -46.52
C VAL B 281 -55.93 23.75 -46.21
N ARG B 282 -55.28 23.66 -45.05
CA ARG B 282 -54.58 22.44 -44.68
C ARG B 282 -55.16 21.86 -43.40
N ASN B 283 -55.27 20.54 -43.37
CA ASN B 283 -55.81 19.83 -42.22
C ASN B 283 -54.68 19.00 -41.61
N PHE B 284 -54.54 19.05 -40.28
CA PHE B 284 -53.52 18.26 -39.60
C PHE B 284 -54.08 17.63 -38.35
N SER B 285 -53.92 16.31 -38.22
CA SER B 285 -54.34 15.61 -37.03
C SER B 285 -53.38 15.89 -35.87
N VAL B 286 -53.90 15.79 -34.64
CA VAL B 286 -53.26 16.32 -33.44
C VAL B 286 -53.16 15.21 -32.40
N GLY B 287 -52.01 15.13 -31.72
CA GLY B 287 -51.73 14.04 -30.80
C GLY B 287 -52.35 14.18 -29.42
N ARG B 288 -51.62 13.71 -28.41
CA ARG B 288 -52.00 13.80 -27.01
C ARG B 288 -50.97 14.51 -26.16
N ASP B 289 -49.69 14.30 -26.42
CA ASP B 289 -48.65 14.91 -25.63
C ASP B 289 -47.63 15.62 -26.50
N GLY B 290 -48.07 16.32 -27.54
CA GLY B 290 -47.09 17.00 -28.35
C GLY B 290 -47.59 18.03 -29.33
N PHE B 291 -47.03 17.95 -30.54
CA PHE B 291 -47.31 18.79 -31.69
C PHE B 291 -46.97 20.25 -31.41
N GLU B 292 -45.68 20.46 -31.27
CA GLU B 292 -45.06 21.78 -31.28
C GLU B 292 -44.67 22.11 -32.71
N TYR B 293 -45.19 23.22 -33.23
CA TYR B 293 -44.90 23.54 -34.63
C TYR B 293 -44.56 25.01 -34.77
N ILE B 294 -43.63 25.32 -35.68
CA ILE B 294 -43.24 26.71 -35.89
C ILE B 294 -43.46 27.09 -37.35
N TRP B 295 -43.32 28.38 -37.62
CA TRP B 295 -43.61 28.93 -38.94
C TRP B 295 -42.85 30.24 -39.08
N GLY B 296 -42.63 30.65 -40.33
CA GLY B 296 -42.19 31.97 -40.75
C GLY B 296 -41.17 32.73 -39.92
N ASN B 297 -40.18 32.01 -39.40
CA ASN B 297 -39.23 32.36 -38.34
C ASN B 297 -39.84 33.16 -37.18
N HIS B 298 -41.03 32.75 -36.76
CA HIS B 298 -41.60 33.23 -35.51
C HIS B 298 -41.02 32.40 -34.36
N GLU B 299 -41.46 32.68 -33.15
CA GLU B 299 -41.13 31.82 -32.02
C GLU B 299 -42.07 30.62 -32.02
N PRO B 300 -41.69 29.50 -31.37
CA PRO B 300 -42.55 28.31 -31.43
C PRO B 300 -43.86 28.39 -30.65
N VAL B 301 -44.63 27.31 -30.70
CA VAL B 301 -45.95 27.25 -30.08
C VAL B 301 -46.18 25.78 -29.77
N ARG B 302 -47.00 25.49 -28.75
CA ARG B 302 -47.17 24.11 -28.28
C ARG B 302 -48.64 23.74 -28.12
N VAL B 303 -49.19 23.04 -29.10
CA VAL B 303 -50.63 22.93 -29.33
C VAL B 303 -51.08 21.47 -29.28
N TRP B 304 -52.05 21.15 -28.42
CA TRP B 304 -52.32 19.77 -28.04
C TRP B 304 -53.80 19.47 -28.28
N ALA B 305 -54.24 18.28 -27.90
CA ALA B 305 -55.65 17.93 -27.99
C ALA B 305 -56.14 17.38 -26.67
N GLN B 306 -57.46 17.21 -26.56
CA GLN B 306 -58.09 16.71 -25.34
C GLN B 306 -59.01 15.55 -25.66
N GLU B 307 -59.38 14.85 -24.60
CA GLU B 307 -60.32 13.72 -24.70
C GLU B 307 -61.74 14.28 -24.77
N SER B 308 -62.19 14.50 -25.99
CA SER B 308 -63.56 14.91 -26.23
C SER B 308 -64.22 13.88 -27.14
N ALA B 309 -65.54 13.77 -27.04
CA ALA B 309 -66.38 12.92 -27.86
C ALA B 309 -67.82 13.30 -27.60
N PRO B 310 -68.67 13.34 -28.62
CA PRO B 310 -70.11 13.44 -28.38
C PRO B 310 -70.64 12.16 -27.77
N GLY B 311 -71.63 12.30 -26.91
CA GLY B 311 -72.15 11.19 -26.14
C GLY B 311 -71.80 11.32 -24.67
N ASP B 312 -72.29 10.37 -23.90
CA ASP B 312 -72.14 10.42 -22.45
C ASP B 312 -71.68 9.07 -21.93
N PRO B 313 -70.60 9.02 -21.16
CA PRO B 313 -70.23 7.78 -20.47
C PRO B 313 -71.03 7.54 -19.21
N HIS B 314 -71.83 8.51 -18.78
CA HIS B 314 -72.72 8.38 -17.63
C HIS B 314 -74.15 8.54 -18.14
N GLY B 315 -74.80 7.42 -18.44
CA GLY B 315 -76.17 7.51 -18.90
C GLY B 315 -76.67 6.28 -19.63
N TRP B 316 -77.39 6.48 -20.71
CA TRP B 316 -77.96 5.38 -21.46
C TRP B 316 -76.88 4.68 -22.28
N PRO B 317 -77.02 3.37 -22.51
CA PRO B 317 -75.89 2.61 -23.06
C PRO B 317 -75.52 2.95 -24.49
N HIS B 318 -76.48 3.41 -25.31
CA HIS B 318 -76.12 3.83 -26.66
C HIS B 318 -75.25 5.08 -26.63
N GLU B 319 -75.46 5.97 -25.65
CA GLU B 319 -74.58 7.11 -25.50
C GLU B 319 -73.20 6.70 -25.02
N ILE B 320 -73.12 5.65 -24.21
CA ILE B 320 -71.83 5.11 -23.79
C ILE B 320 -71.07 4.54 -24.98
N VAL B 321 -71.78 3.83 -25.86
CA VAL B 321 -71.13 3.23 -27.03
C VAL B 321 -70.71 4.32 -28.02
N GLN B 322 -71.55 5.34 -28.21
CA GLN B 322 -71.17 6.43 -29.10
C GLN B 322 -70.10 7.32 -28.52
N HIS B 323 -69.89 7.29 -27.21
CA HIS B 323 -68.75 8.01 -26.67
C HIS B 323 -67.47 7.22 -26.81
N TYR B 324 -67.47 5.95 -26.41
CA TYR B 324 -66.23 5.20 -26.39
C TYR B 324 -65.79 4.76 -27.77
N TYR B 325 -66.75 4.38 -28.63
CA TYR B 325 -66.44 3.96 -30.00
C TYR B 325 -65.82 5.10 -30.80
N HIS B 326 -66.21 6.34 -30.49
CA HIS B 326 -65.71 7.49 -31.22
C HIS B 326 -64.30 7.86 -30.80
N ARG B 327 -63.75 7.17 -29.80
CA ARG B 327 -62.36 7.31 -29.39
C ARG B 327 -61.55 6.06 -29.69
N HIS B 328 -62.00 4.92 -29.18
CA HIS B 328 -61.32 3.63 -29.38
C HIS B 328 -62.27 2.69 -30.11
N PRO B 329 -62.32 2.73 -31.44
CA PRO B 329 -63.05 1.69 -32.17
C PRO B 329 -62.35 0.35 -32.12
N VAL B 330 -61.04 0.32 -31.88
CA VAL B 330 -60.30 -0.94 -31.84
C VAL B 330 -60.46 -1.69 -30.53
N TYR B 331 -60.98 -1.03 -29.49
CA TYR B 331 -61.27 -1.69 -28.23
C TYR B 331 -62.74 -2.00 -28.03
N THR B 332 -63.62 -1.25 -28.66
CA THR B 332 -65.05 -1.35 -28.37
C THR B 332 -65.64 -2.61 -29.00
N VAL B 333 -65.33 -2.86 -30.26
CA VAL B 333 -66.04 -3.85 -31.05
C VAL B 333 -65.70 -5.25 -30.57
N MET B 334 -64.44 -5.47 -30.19
CA MET B 334 -64.00 -6.79 -29.72
C MET B 334 -64.72 -7.19 -28.43
N ILE B 335 -64.80 -6.26 -27.48
CA ILE B 335 -65.47 -6.60 -26.21
C ILE B 335 -66.98 -6.54 -26.33
N LEU B 336 -67.53 -5.94 -27.39
CA LEU B 336 -68.95 -6.17 -27.67
C LEU B 336 -69.19 -7.58 -28.20
N VAL B 337 -68.38 -7.99 -29.17
CA VAL B 337 -68.56 -9.28 -29.84
C VAL B 337 -68.32 -10.44 -28.87
N ALA B 338 -67.37 -10.26 -27.95
CA ALA B 338 -67.10 -11.30 -26.94
C ALA B 338 -68.31 -11.49 -26.02
N ALA B 339 -68.97 -10.39 -25.65
CA ALA B 339 -70.15 -10.49 -24.79
C ALA B 339 -71.32 -11.14 -25.52
N THR B 340 -71.50 -10.80 -26.81
CA THR B 340 -72.58 -11.42 -27.58
C THR B 340 -72.36 -12.92 -27.75
N LEU B 341 -71.10 -13.32 -28.02
CA LEU B 341 -70.79 -14.75 -28.12
C LEU B 341 -70.96 -15.45 -26.79
N ALA B 342 -70.67 -14.76 -25.67
CA ALA B 342 -70.88 -15.36 -24.36
C ALA B 342 -72.36 -15.59 -24.08
N ILE B 343 -73.21 -14.65 -24.49
CA ILE B 343 -74.66 -14.80 -24.32
C ILE B 343 -75.16 -15.99 -25.13
N VAL B 344 -74.74 -16.07 -26.40
CA VAL B 344 -75.21 -17.14 -27.28
C VAL B 344 -74.71 -18.50 -26.79
N LEU B 345 -73.46 -18.55 -26.32
CA LEU B 345 -72.90 -19.79 -25.78
C LEU B 345 -73.66 -20.23 -24.54
N GLY B 346 -73.96 -19.30 -23.64
CA GLY B 346 -74.67 -19.65 -22.41
C GLY B 346 -76.09 -20.12 -22.66
N VAL B 347 -76.81 -19.45 -23.56
CA VAL B 347 -78.20 -19.85 -23.81
C VAL B 347 -78.23 -21.17 -24.57
N SER B 348 -77.24 -21.44 -25.43
CA SER B 348 -77.21 -22.72 -26.14
C SER B 348 -76.90 -23.88 -25.21
N VAL B 349 -75.94 -23.69 -24.29
CA VAL B 349 -75.60 -24.80 -23.41
C VAL B 349 -76.70 -25.02 -22.38
N ALA B 350 -77.41 -23.97 -21.96
CA ALA B 350 -78.55 -24.17 -21.08
C ALA B 350 -79.69 -24.90 -21.79
N SER B 351 -79.92 -24.57 -23.07
CA SER B 351 -80.97 -25.20 -23.83
C SER B 351 -80.67 -26.67 -24.11
N VAL B 352 -79.40 -27.03 -24.31
CA VAL B 352 -79.12 -28.44 -24.53
C VAL B 352 -79.07 -29.21 -23.20
N CYS B 353 -78.68 -28.54 -22.11
CA CYS B 353 -78.58 -29.24 -20.84
C CYS B 353 -79.93 -29.48 -20.20
N VAL B 354 -80.92 -28.59 -20.42
CA VAL B 354 -82.25 -28.88 -19.89
C VAL B 354 -82.91 -30.02 -20.68
N CYS B 355 -82.59 -30.16 -21.96
CA CYS B 355 -83.13 -31.26 -22.74
C CYS B 355 -82.49 -32.59 -22.36
N ARG B 356 -81.19 -32.57 -22.07
CA ARG B 356 -80.56 -33.79 -21.56
C ARG B 356 -81.03 -34.11 -20.15
N ALA B 357 -81.43 -33.09 -19.38
CA ALA B 357 -81.99 -33.35 -18.07
C ALA B 357 -83.42 -33.89 -18.15
N ARG B 358 -84.13 -33.60 -19.23
CA ARG B 358 -85.46 -34.19 -19.38
C ARG B 358 -85.45 -35.54 -20.08
N ARG B 359 -84.44 -35.84 -20.89
CA ARG B 359 -84.38 -37.16 -21.51
C ARG B 359 -84.10 -38.27 -20.51
N GLU B 360 -83.41 -37.94 -19.41
CA GLU B 360 -83.13 -38.92 -18.38
C GLU B 360 -84.29 -39.12 -17.42
N CYS B 361 -85.40 -38.45 -17.62
CA CYS B 361 -86.59 -38.66 -16.81
C CYS B 361 -87.46 -39.80 -17.34
N LEU B 362 -87.08 -40.39 -18.48
CA LEU B 362 -87.90 -41.40 -19.14
C LEU B 362 -87.81 -42.71 -18.37
N THR B 363 -88.95 -43.16 -17.85
CA THR B 363 -89.08 -44.47 -17.22
C THR B 363 -90.25 -45.23 -17.83
N ALA C 8 12.64 31.99 -32.06
CA ALA C 8 11.98 33.13 -32.68
C ALA C 8 12.99 34.04 -33.38
N MET C 9 13.83 33.44 -34.22
CA MET C 9 14.81 34.20 -34.99
C MET C 9 14.67 33.89 -36.48
N CYS C 10 15.30 34.74 -37.29
CA CYS C 10 15.24 34.64 -38.73
C CYS C 10 16.55 34.08 -39.28
N ILE C 11 16.58 33.89 -40.60
CA ILE C 11 17.72 33.30 -41.31
C ILE C 11 18.16 34.32 -42.35
N LEU C 12 18.15 35.60 -41.97
CA LEU C 12 18.46 36.73 -42.85
C LEU C 12 19.87 36.63 -43.42
N GLY C 13 19.99 36.30 -44.70
CA GLY C 13 21.28 36.04 -45.30
C GLY C 13 22.00 34.88 -44.64
N ASN C 14 23.05 35.19 -43.87
CA ASN C 14 23.67 34.23 -42.98
C ASN C 14 23.52 34.56 -41.50
N MET C 15 23.35 35.84 -41.18
CA MET C 15 23.34 36.28 -39.79
C MET C 15 21.92 36.23 -39.25
N THR C 16 21.75 35.54 -38.13
CA THR C 16 20.44 35.40 -37.53
C THR C 16 20.08 36.61 -36.67
N PHE C 17 18.80 36.94 -36.64
CA PHE C 17 18.29 38.10 -35.93
C PHE C 17 16.93 37.73 -35.33
N PRO C 18 16.60 38.28 -34.16
CA PRO C 18 15.26 38.07 -33.62
C PRO C 18 14.21 38.78 -34.45
N CYS C 19 12.99 38.23 -34.39
CA CYS C 19 11.92 38.61 -35.30
C CYS C 19 11.37 40.00 -35.05
N ASN C 20 11.69 40.62 -33.93
CA ASN C 20 11.22 41.97 -33.64
C ASN C 20 12.26 43.02 -33.95
N GLN C 21 13.48 42.61 -34.32
CA GLN C 21 14.53 43.55 -34.72
C GLN C 21 15.06 43.15 -36.09
N PRO C 22 14.42 43.61 -37.16
CA PRO C 22 14.93 43.31 -38.49
C PRO C 22 15.87 44.39 -38.98
N PRO C 23 17.07 44.01 -39.40
CA PRO C 23 17.84 44.91 -40.27
C PRO C 23 17.50 44.67 -41.74
N THR C 24 16.93 45.65 -42.43
CA THR C 24 16.58 46.96 -41.88
C THR C 24 15.12 47.25 -42.15
N CYS C 25 14.74 48.52 -41.99
CA CYS C 25 13.37 48.95 -42.19
C CYS C 25 12.99 48.94 -43.67
N TYR C 26 11.78 49.42 -43.94
CA TYR C 26 11.14 49.26 -45.24
C TYR C 26 11.79 50.16 -46.29
N SER C 27 12.16 51.38 -45.92
CA SER C 27 12.66 52.34 -46.89
C SER C 27 14.17 52.46 -46.87
N ARG C 28 14.83 51.87 -45.87
CA ARG C 28 16.28 51.82 -45.88
C ARG C 28 16.78 50.88 -46.96
N GLU C 29 16.25 49.66 -46.99
CA GLU C 29 16.71 48.62 -47.90
C GLU C 29 15.52 48.00 -48.63
N PRO C 30 15.05 48.63 -49.70
CA PRO C 30 14.21 47.90 -50.64
C PRO C 30 15.06 46.88 -51.38
N ALA C 31 14.41 45.81 -51.83
CA ALA C 31 15.02 44.62 -52.42
C ALA C 31 16.01 43.93 -51.48
N ARG C 32 15.90 44.15 -50.17
CA ARG C 32 16.60 43.32 -49.22
C ARG C 32 15.62 42.82 -48.18
N ALA C 33 14.65 43.66 -47.83
CA ALA C 33 13.58 43.23 -46.94
C ALA C 33 12.73 42.16 -47.58
N LEU C 34 12.54 42.25 -48.90
CA LEU C 34 11.83 41.21 -49.62
C LEU C 34 12.60 39.90 -49.58
N ASP C 35 13.93 39.97 -49.55
CA ASP C 35 14.72 38.75 -49.44
C ASP C 35 14.58 38.12 -48.07
N ILE C 36 14.43 38.95 -47.03
CA ILE C 36 14.15 38.45 -45.69
C ILE C 36 12.81 37.74 -45.67
N LEU C 37 11.80 38.34 -46.32
CA LEU C 37 10.48 37.76 -46.34
C LEU C 37 10.45 36.45 -47.13
N GLU C 38 11.19 36.39 -48.23
CA GLU C 38 11.21 35.19 -49.04
C GLU C 38 12.05 34.09 -48.41
N ALA C 39 13.03 34.45 -47.60
CA ALA C 39 13.75 33.42 -46.87
C ALA C 39 12.99 32.94 -45.65
N ASN C 40 12.07 33.74 -45.14
CA ASN C 40 11.39 33.42 -43.89
C ASN C 40 9.91 33.15 -44.11
N VAL C 41 9.58 32.39 -45.14
CA VAL C 41 8.17 32.13 -45.43
C VAL C 41 7.58 31.15 -44.44
N ASP C 42 8.29 30.08 -44.13
CA ASP C 42 7.75 29.04 -43.26
C ASP C 42 7.96 29.34 -41.78
N SER C 43 8.37 30.56 -41.43
CA SER C 43 8.48 30.94 -40.04
C SER C 43 7.09 31.06 -39.42
N ALA C 44 7.02 30.80 -38.12
CA ALA C 44 5.74 30.93 -37.43
C ALA C 44 5.36 32.39 -37.25
N ALA C 45 6.31 33.24 -36.88
CA ALA C 45 6.04 34.66 -36.68
C ALA C 45 6.39 35.45 -37.94
N TYR C 46 5.77 35.03 -39.05
CA TYR C 46 5.91 35.78 -40.28
C TYR C 46 5.21 37.12 -40.20
N ASP C 47 4.10 37.18 -39.46
CA ASP C 47 3.35 38.42 -39.32
C ASP C 47 4.09 39.44 -38.48
N ASP C 48 4.86 38.97 -37.49
CA ASP C 48 5.69 39.88 -36.71
C ASP C 48 6.79 40.48 -37.57
N LEU C 49 7.32 39.70 -38.50
CA LEU C 49 8.28 40.23 -39.46
C LEU C 49 7.62 41.27 -40.37
N MET C 50 6.41 40.97 -40.84
CA MET C 50 5.68 41.89 -41.71
C MET C 50 5.36 43.21 -41.01
N ARG C 51 5.08 43.15 -39.71
CA ARG C 51 4.88 44.38 -38.96
C ARG C 51 6.19 45.11 -38.75
N ALA C 52 7.24 44.38 -38.38
CA ALA C 52 8.48 45.00 -37.97
C ALA C 52 9.29 45.56 -39.12
N VAL C 53 8.99 45.14 -40.36
CA VAL C 53 9.60 45.81 -41.51
C VAL C 53 9.08 47.24 -41.62
N LEU C 54 7.81 47.45 -41.29
CA LEU C 54 7.27 48.79 -41.25
C LEU C 54 7.54 49.48 -39.92
N PHE D 1 -3.27 -4.44 -59.72
CA PHE D 1 -3.77 -5.79 -59.58
C PHE D 1 -4.17 -6.07 -58.14
N GLU D 2 -5.39 -6.54 -57.93
CA GLU D 2 -5.91 -6.71 -56.58
C GLU D 2 -5.44 -8.03 -55.98
N HIS D 3 -5.00 -7.97 -54.73
CA HIS D 3 -4.58 -9.18 -54.03
C HIS D 3 -4.80 -9.00 -52.54
N ALA D 4 -5.32 -10.04 -51.89
CA ALA D 4 -5.75 -9.92 -50.50
C ALA D 4 -5.28 -11.13 -49.70
N THR D 5 -4.70 -10.89 -48.53
CA THR D 5 -4.27 -11.97 -47.63
C THR D 5 -4.62 -11.56 -46.20
N THR D 6 -4.10 -12.32 -45.23
CA THR D 6 -4.24 -12.00 -43.81
C THR D 6 -2.88 -12.12 -43.13
N VAL D 7 -2.31 -10.99 -42.75
CA VAL D 7 -1.00 -10.97 -42.07
C VAL D 7 -1.23 -11.18 -40.59
N PRO D 8 -0.54 -12.12 -39.95
CA PRO D 8 -0.65 -12.25 -38.49
C PRO D 8 0.04 -11.10 -37.78
N ASN D 9 -0.62 -10.58 -36.73
CA ASN D 9 -0.18 -9.38 -36.03
C ASN D 9 0.93 -9.76 -35.05
N VAL D 10 2.14 -9.93 -35.58
CA VAL D 10 3.33 -10.11 -34.76
C VAL D 10 4.39 -9.20 -35.35
N PRO D 11 4.94 -8.25 -34.60
CA PRO D 11 5.93 -7.33 -35.16
C PRO D 11 7.24 -8.02 -35.48
N ARG D 12 7.82 -7.61 -36.62
CA ARG D 12 9.19 -7.92 -37.03
C ARG D 12 9.39 -9.41 -37.28
N ILE D 13 8.33 -10.11 -37.65
CA ILE D 13 8.41 -11.48 -38.15
C ILE D 13 7.82 -11.47 -39.56
N PRO D 14 8.64 -11.64 -40.59
CA PRO D 14 8.15 -11.44 -41.96
C PRO D 14 7.16 -12.50 -42.40
N TYR D 15 6.41 -12.14 -43.44
CA TYR D 15 5.32 -12.97 -43.93
C TYR D 15 5.45 -13.07 -45.44
N LYS D 16 5.35 -14.29 -45.95
CA LYS D 16 5.62 -14.57 -47.35
C LYS D 16 4.33 -14.71 -48.13
N ALA D 17 4.38 -14.32 -49.41
CA ALA D 17 3.27 -14.56 -50.32
C ALA D 17 3.80 -14.54 -51.75
N LEU D 18 3.08 -15.23 -52.64
CA LEU D 18 3.23 -15.06 -54.08
C LEU D 18 1.97 -14.45 -54.65
N VAL D 19 2.14 -13.49 -55.54
CA VAL D 19 1.03 -12.97 -56.31
C VAL D 19 1.32 -13.25 -57.79
N GLU D 20 0.27 -13.61 -58.52
CA GLU D 20 0.43 -13.97 -59.92
C GLU D 20 -0.87 -13.67 -60.65
N ARG D 21 -0.80 -13.66 -61.97
CA ARG D 21 -2.00 -13.58 -62.76
C ARG D 21 -1.75 -14.30 -64.07
N ALA D 22 -2.82 -14.54 -64.81
CA ALA D 22 -2.74 -15.32 -66.04
C ALA D 22 -1.99 -14.53 -67.10
N GLY D 23 -0.82 -15.04 -67.49
CA GLY D 23 0.02 -14.36 -68.45
C GLY D 23 1.28 -13.78 -67.87
N TYR D 24 1.49 -13.92 -66.58
CA TYR D 24 2.67 -13.35 -65.94
C TYR D 24 3.29 -14.35 -65.00
N ALA D 25 4.59 -14.23 -64.81
CA ALA D 25 5.28 -15.09 -63.85
C ALA D 25 4.93 -14.65 -62.44
N PRO D 26 4.81 -15.59 -61.50
CA PRO D 26 4.52 -15.22 -60.11
C PRO D 26 5.66 -14.44 -59.49
N LEU D 27 5.31 -13.50 -58.62
CA LEU D 27 6.33 -12.69 -57.98
C LEU D 27 6.17 -12.70 -56.47
N ASN D 28 7.28 -12.36 -55.82
CA ASN D 28 7.47 -12.48 -54.39
C ASN D 28 6.71 -11.39 -53.63
N LEU D 29 6.50 -11.62 -52.35
CA LEU D 29 5.82 -10.62 -51.53
C LEU D 29 6.25 -10.83 -50.10
N GLU D 30 6.79 -9.80 -49.46
CA GLU D 30 7.19 -9.88 -48.06
C GLU D 30 6.65 -8.66 -47.32
N ILE D 31 5.69 -8.89 -46.43
CA ILE D 31 5.02 -7.80 -45.73
C ILE D 31 5.19 -8.01 -44.24
N THR D 32 5.96 -7.13 -43.62
CA THR D 32 6.38 -7.30 -42.23
C THR D 32 5.87 -6.10 -41.44
N VAL D 33 5.00 -6.34 -40.48
CA VAL D 33 4.54 -5.25 -39.63
C VAL D 33 5.66 -4.84 -38.69
N MET D 34 5.99 -3.55 -38.70
CA MET D 34 7.14 -3.03 -37.97
C MET D 34 6.77 -2.39 -36.65
N SER D 35 5.71 -1.58 -36.61
CA SER D 35 5.47 -0.73 -35.45
C SER D 35 3.98 -0.42 -35.39
N SER D 36 3.28 -1.08 -34.47
CA SER D 36 1.81 -1.06 -34.48
C SER D 36 1.28 -0.58 -33.13
N GLU D 37 1.12 0.72 -32.95
CA GLU D 37 0.50 1.19 -31.72
C GLU D 37 -0.98 1.43 -31.92
N LEU D 38 -1.71 1.39 -30.81
CA LEU D 38 -3.13 1.72 -30.83
C LEU D 38 -3.41 2.81 -29.81
N ILE D 39 -4.24 3.76 -30.21
CA ILE D 39 -4.49 4.99 -29.47
C ILE D 39 -5.98 5.03 -29.12
N PRO D 40 -6.34 5.10 -27.85
CA PRO D 40 -7.75 5.25 -27.51
C PRO D 40 -8.14 6.69 -27.27
N SER D 41 -9.39 7.00 -27.58
CA SER D 41 -9.92 8.35 -27.38
C SER D 41 -10.16 8.59 -25.90
N THR D 42 -9.48 9.58 -25.35
CA THR D 42 -9.48 9.83 -23.92
C THR D 42 -10.00 11.24 -23.62
N ASN D 43 -10.45 11.41 -22.39
CA ASN D 43 -10.75 12.74 -21.86
C ASN D 43 -10.52 12.76 -20.36
N LEU D 44 -9.94 13.84 -19.86
CA LEU D 44 -9.57 13.88 -18.46
C LEU D 44 -10.66 14.59 -17.67
N GLU D 45 -11.01 14.03 -16.52
CA GLU D 45 -11.92 14.74 -15.62
C GLU D 45 -11.17 15.71 -14.73
N TYR D 46 -10.33 15.21 -13.83
CA TYR D 46 -9.84 16.08 -12.78
C TYR D 46 -8.40 15.74 -12.44
N VAL D 47 -7.77 16.67 -11.74
CA VAL D 47 -6.33 16.74 -11.59
C VAL D 47 -6.03 16.85 -10.10
N THR D 48 -5.48 15.78 -9.52
CA THR D 48 -5.32 15.65 -8.08
C THR D 48 -3.87 15.99 -7.69
N CYS D 49 -3.70 16.44 -6.45
CA CYS D 49 -2.36 16.65 -5.90
C CYS D 49 -2.35 16.31 -4.42
N LYS D 50 -1.25 16.69 -3.76
CA LYS D 50 -1.24 16.92 -2.32
C LYS D 50 -1.82 18.29 -2.06
N TYR D 51 -1.65 18.81 -0.85
CA TYR D 51 -2.20 20.12 -0.58
C TYR D 51 -1.44 20.82 0.53
N THR D 52 -1.69 22.11 0.64
CA THR D 52 -1.30 22.87 1.81
C THR D 52 -2.52 23.57 2.37
N THR D 53 -2.67 23.50 3.68
CA THR D 53 -3.78 24.15 4.37
C THR D 53 -3.38 25.58 4.70
N VAL D 54 -3.97 26.52 3.98
CA VAL D 54 -3.77 27.93 4.30
C VAL D 54 -4.54 28.25 5.57
N VAL D 55 -3.80 28.69 6.58
CA VAL D 55 -4.34 29.17 7.84
C VAL D 55 -3.86 30.60 8.05
N PRO D 56 -4.68 31.59 7.77
CA PRO D 56 -4.24 32.98 7.86
C PRO D 56 -4.19 33.46 9.31
N SER D 57 -3.71 34.68 9.49
CA SER D 57 -3.68 35.30 10.80
C SER D 57 -5.11 35.57 11.28
N PRO D 58 -5.40 35.32 12.55
CA PRO D 58 -6.78 35.42 13.04
C PRO D 58 -7.20 36.87 13.23
N LYS D 59 -8.45 37.03 13.63
CA LYS D 59 -9.01 38.32 14.00
C LYS D 59 -9.50 38.24 15.44
N VAL D 60 -9.25 39.28 16.22
CA VAL D 60 -9.62 39.30 17.64
C VAL D 60 -10.23 40.65 17.97
N LYS D 61 -11.43 40.62 18.58
CA LYS D 61 -11.97 41.79 19.25
C LYS D 61 -11.82 41.66 20.76
N CYS D 62 -11.40 42.77 21.38
CA CYS D 62 -11.12 42.75 22.81
C CYS D 62 -12.41 42.76 23.62
N CYS D 63 -13.44 43.45 23.15
CA CYS D 63 -14.70 43.51 23.87
C CYS D 63 -15.87 42.97 23.07
N GLY D 64 -16.07 43.45 21.84
CA GLY D 64 -17.21 43.07 21.06
C GLY D 64 -17.09 41.67 20.49
N THR D 65 -18.13 41.26 19.79
CA THR D 65 -18.23 39.93 19.20
C THR D 65 -18.00 40.00 17.71
N LEU D 66 -17.96 38.83 17.08
CA LEU D 66 -17.61 38.70 15.68
C LEU D 66 -18.49 37.66 15.00
N GLU D 67 -18.76 37.89 13.72
CA GLU D 67 -19.26 36.85 12.84
C GLU D 67 -18.50 36.92 11.53
N CYS D 68 -18.56 35.83 10.78
CA CYS D 68 -17.90 35.77 9.48
C CYS D 68 -18.78 35.03 8.49
N SER D 69 -18.85 35.56 7.28
CA SER D 69 -19.55 34.91 6.19
C SER D 69 -18.57 34.09 5.35
N SER D 70 -19.12 33.27 4.48
CA SER D 70 -18.32 32.36 3.67
C SER D 70 -17.61 33.13 2.55
N ALA D 71 -16.80 32.40 1.79
CA ALA D 71 -16.09 32.98 0.67
C ALA D 71 -15.82 31.89 -0.36
N ARG D 72 -15.48 32.33 -1.56
CA ARG D 72 -15.13 31.40 -2.64
C ARG D 72 -13.72 30.90 -2.37
N HIS D 73 -13.66 29.75 -1.71
CA HIS D 73 -12.41 29.06 -1.45
C HIS D 73 -12.67 27.57 -1.53
N ALA D 74 -11.72 26.79 -1.05
CA ALA D 74 -11.84 25.35 -0.94
C ALA D 74 -12.63 24.97 0.29
N ASP D 75 -12.41 23.75 0.81
CA ASP D 75 -13.02 23.33 2.06
C ASP D 75 -12.69 24.35 3.14
N TYR D 76 -13.70 25.11 3.55
CA TYR D 76 -13.51 26.36 4.25
C TYR D 76 -14.24 26.29 5.58
N ASN D 77 -13.52 26.54 6.67
CA ASN D 77 -14.13 26.47 7.98
C ASN D 77 -13.78 27.71 8.79
N CYS D 78 -14.80 28.34 9.35
CA CYS D 78 -14.62 29.48 10.23
C CYS D 78 -15.45 29.25 11.49
N LYS D 79 -14.86 29.60 12.63
CA LYS D 79 -15.55 29.48 13.90
C LYS D 79 -15.06 30.62 14.79
N VAL D 80 -15.92 31.03 15.72
CA VAL D 80 -15.94 32.37 16.29
C VAL D 80 -15.76 32.38 17.79
N PHE D 81 -14.87 31.51 18.30
CA PHE D 81 -14.71 31.14 19.71
C PHE D 81 -14.77 32.31 20.68
N GLY D 82 -15.43 32.07 21.82
CA GLY D 82 -15.82 33.13 22.73
C GLY D 82 -14.72 33.62 23.65
N GLY D 83 -15.04 33.73 24.94
CA GLY D 83 -14.17 34.37 25.91
C GLY D 83 -12.85 33.67 26.13
N VAL D 84 -11.75 34.37 25.85
CA VAL D 84 -10.44 33.76 25.76
C VAL D 84 -9.40 34.88 25.87
N TYR D 85 -8.17 34.51 26.26
CA TYR D 85 -7.01 35.38 26.41
C TYR D 85 -7.24 36.55 27.36
N PRO D 86 -7.25 36.33 28.68
CA PRO D 86 -7.38 37.44 29.64
C PRO D 86 -6.19 38.40 29.61
N GLU D 99 -13.99 39.73 28.00
CA GLU D 99 -14.64 38.77 27.11
C GLU D 99 -14.17 38.94 25.68
N ASN D 100 -12.86 38.80 25.46
CA ASN D 100 -12.31 38.90 24.13
C ASN D 100 -12.68 37.68 23.31
N SER D 101 -12.80 37.86 22.00
CA SER D 101 -13.18 36.77 21.12
C SER D 101 -12.33 36.79 19.86
N GLN D 102 -12.18 35.61 19.26
CA GLN D 102 -11.38 35.40 18.07
C GLN D 102 -12.19 34.69 17.00
N MET D 103 -11.88 34.98 15.75
CA MET D 103 -12.56 34.38 14.61
C MET D 103 -11.50 33.59 13.83
N SER D 104 -11.34 32.33 14.19
CA SER D 104 -10.42 31.47 13.46
C SER D 104 -11.07 30.98 12.18
N GLU D 105 -10.26 30.85 11.13
CA GLU D 105 -10.76 30.41 9.84
C GLU D 105 -9.60 29.81 9.07
N ALA D 106 -9.87 28.75 8.30
CA ALA D 106 -8.83 28.09 7.54
C ALA D 106 -9.44 27.35 6.36
N TYR D 107 -8.59 27.09 5.36
CA TYR D 107 -9.00 26.41 4.14
C TYR D 107 -7.78 25.74 3.54
N VAL D 108 -7.95 25.03 2.43
CA VAL D 108 -6.85 24.33 1.78
C VAL D 108 -6.65 24.88 0.38
N GLU D 109 -5.54 24.48 -0.24
CA GLU D 109 -5.30 24.78 -1.66
C GLU D 109 -4.25 23.82 -2.17
N PHE D 110 -4.07 23.84 -3.51
CA PHE D 110 -3.01 23.10 -4.17
C PHE D 110 -1.64 23.43 -3.60
N SER D 111 -0.73 22.48 -3.73
CA SER D 111 0.56 22.57 -3.06
C SER D 111 1.46 23.56 -3.78
N ALA D 112 2.72 23.60 -3.38
CA ALA D 112 3.67 24.53 -3.97
C ALA D 112 4.01 24.20 -5.41
N ASP D 113 3.78 22.96 -5.84
CA ASP D 113 4.29 22.50 -7.12
C ASP D 113 3.46 21.30 -7.59
N CYS D 114 2.50 21.57 -8.46
CA CYS D 114 1.68 20.53 -9.06
C CYS D 114 1.91 20.32 -10.54
N ALA D 115 2.51 21.29 -11.22
CA ALA D 115 2.89 21.09 -12.62
C ALA D 115 3.92 19.98 -12.74
N ALA D 116 4.76 19.82 -11.71
CA ALA D 116 5.71 18.73 -11.68
C ALA D 116 5.03 17.42 -11.34
N ASP D 117 4.32 17.38 -10.22
CA ASP D 117 3.74 16.15 -9.69
C ASP D 117 2.24 16.31 -9.53
N HIS D 118 1.48 15.54 -10.31
CA HIS D 118 0.04 15.48 -10.19
C HIS D 118 -0.43 14.26 -10.94
N ALA D 119 -1.56 13.71 -10.50
CA ALA D 119 -2.21 12.69 -11.28
C ALA D 119 -3.10 13.32 -12.34
N GLN D 120 -3.56 12.50 -13.27
CA GLN D 120 -4.56 12.90 -14.23
C GLN D 120 -5.57 11.78 -14.34
N ALA D 121 -6.82 12.05 -14.01
CA ALA D 121 -7.82 10.99 -13.97
C ALA D 121 -8.50 10.85 -15.33
N VAL D 122 -7.72 10.36 -16.28
CA VAL D 122 -8.19 10.15 -17.65
C VAL D 122 -9.27 9.07 -17.69
N LYS D 123 -10.33 9.30 -18.46
CA LYS D 123 -11.31 8.29 -18.82
C LYS D 123 -11.11 7.90 -20.27
N VAL D 124 -11.22 6.60 -20.55
CA VAL D 124 -10.73 6.01 -21.80
C VAL D 124 -11.88 5.33 -22.54
N HIS D 125 -12.24 5.88 -23.70
CA HIS D 125 -13.19 5.28 -24.62
C HIS D 125 -12.42 4.44 -25.65
N THR D 126 -13.06 4.06 -26.76
CA THR D 126 -12.50 3.07 -27.68
C THR D 126 -11.31 3.60 -28.47
N ALA D 127 -10.75 2.74 -29.33
CA ALA D 127 -9.37 2.86 -29.77
C ALA D 127 -9.20 2.81 -31.29
N ALA D 128 -8.26 3.60 -31.79
CA ALA D 128 -7.81 3.58 -33.18
C ALA D 128 -6.66 2.59 -33.30
N LEU D 129 -6.18 2.34 -34.53
CA LEU D 129 -5.33 1.17 -34.83
C LEU D 129 -4.18 1.40 -35.81
N LYS D 130 -3.28 2.35 -35.55
CA LYS D 130 -2.18 2.58 -36.49
C LYS D 130 -1.24 1.38 -36.60
N ALA D 131 -0.41 1.39 -37.66
CA ALA D 131 0.53 0.32 -37.96
C ALA D 131 1.65 0.90 -38.84
N GLY D 132 2.64 0.08 -39.16
CA GLY D 132 3.86 0.61 -39.74
C GLY D 132 4.55 -0.14 -40.86
N LEU D 133 3.79 -0.78 -41.76
CA LEU D 133 4.21 -1.95 -42.54
C LEU D 133 5.45 -1.71 -43.42
N ARG D 134 6.24 -2.78 -43.59
CA ARG D 134 7.17 -2.93 -44.70
C ARG D 134 6.49 -3.74 -45.77
N ILE D 135 6.54 -3.27 -47.01
CA ILE D 135 6.00 -4.04 -48.13
C ILE D 135 7.09 -4.20 -49.17
N VAL D 136 7.45 -5.44 -49.47
CA VAL D 136 8.49 -5.75 -50.43
C VAL D 136 7.86 -6.53 -51.56
N TYR D 137 7.99 -6.01 -52.78
CA TYR D 137 7.43 -6.66 -53.97
C TYR D 137 8.43 -6.50 -55.10
N GLY D 138 8.70 -7.60 -55.80
CA GLY D 138 9.64 -7.58 -56.89
C GLY D 138 11.05 -7.24 -56.46
N ASN D 139 11.48 -6.03 -56.79
CA ASN D 139 12.76 -5.51 -56.35
C ASN D 139 12.61 -4.14 -55.73
N THR D 140 11.46 -3.87 -55.11
CA THR D 140 11.19 -2.59 -54.47
C THR D 140 10.61 -2.80 -53.09
N THR D 141 11.14 -2.06 -52.11
CA THR D 141 10.70 -2.11 -50.73
C THR D 141 10.14 -0.75 -50.34
N SER D 142 8.93 -0.73 -49.83
CA SER D 142 8.23 0.49 -49.46
C SER D 142 7.93 0.50 -47.98
N MET D 143 7.93 1.71 -47.41
CA MET D 143 7.80 1.96 -45.98
C MET D 143 6.61 2.89 -45.79
N LEU D 144 5.46 2.34 -45.45
CA LEU D 144 4.29 3.18 -45.23
C LEU D 144 3.69 2.94 -43.85
N ASP D 145 2.51 3.51 -43.61
CA ASP D 145 1.85 3.40 -42.32
C ASP D 145 0.35 3.55 -42.51
N VAL D 146 -0.40 2.49 -42.26
CA VAL D 146 -1.81 2.42 -42.62
C VAL D 146 -2.64 2.48 -41.34
N TYR D 147 -3.81 3.10 -41.44
CA TYR D 147 -4.82 3.04 -40.40
C TYR D 147 -5.59 1.73 -40.56
N VAL D 148 -5.63 0.92 -39.53
CA VAL D 148 -6.30 -0.37 -39.66
C VAL D 148 -7.79 -0.17 -39.47
N ASN D 149 -8.49 -0.01 -40.59
CA ASN D 149 -9.93 -0.05 -40.73
C ASN D 149 -10.18 -0.18 -42.23
N GLY D 150 -11.32 -0.76 -42.58
CA GLY D 150 -11.49 -1.14 -43.98
C GLY D 150 -11.75 -0.05 -44.98
N VAL D 151 -11.44 1.21 -44.67
CA VAL D 151 -11.78 2.31 -45.56
C VAL D 151 -10.58 3.17 -45.92
N THR D 152 -9.58 3.26 -45.06
CA THR D 152 -8.58 4.31 -45.21
C THR D 152 -7.41 3.81 -46.03
N PRO D 153 -7.14 4.37 -47.21
CA PRO D 153 -6.07 3.85 -48.04
C PRO D 153 -4.73 4.48 -47.72
N GLY D 154 -3.69 3.67 -47.76
CA GLY D 154 -2.34 4.14 -47.53
C GLY D 154 -1.53 3.93 -48.78
N THR D 155 -0.93 4.99 -49.28
CA THR D 155 -0.24 4.95 -50.55
C THR D 155 1.25 5.08 -50.34
N SER D 156 2.00 4.24 -51.02
CA SER D 156 3.42 4.44 -51.24
C SER D 156 3.60 5.34 -52.46
N LYS D 157 4.78 5.32 -53.07
CA LYS D 157 4.98 5.97 -54.36
C LYS D 157 3.98 5.48 -55.39
N ASP D 158 3.75 4.18 -55.43
CA ASP D 158 2.90 3.72 -56.51
C ASP D 158 1.76 2.82 -56.05
N LEU D 159 1.99 1.94 -55.08
CA LEU D 159 0.91 1.03 -54.72
C LEU D 159 -0.05 1.67 -53.74
N LYS D 160 -1.18 0.98 -53.54
CA LYS D 160 -2.18 1.38 -52.57
C LYS D 160 -2.55 0.18 -51.72
N VAL D 161 -2.71 0.41 -50.43
CA VAL D 161 -2.94 -0.65 -49.45
C VAL D 161 -4.07 -0.24 -48.54
N ILE D 162 -5.08 -1.09 -48.41
CA ILE D 162 -6.00 -0.92 -47.29
C ILE D 162 -5.82 -2.12 -46.36
N ALA D 163 -6.06 -1.87 -45.08
CA ALA D 163 -5.91 -2.88 -44.05
C ALA D 163 -7.25 -3.04 -43.36
N GLY D 164 -7.89 -4.18 -43.55
CA GLY D 164 -9.15 -4.48 -42.95
C GLY D 164 -9.05 -4.57 -41.44
N PRO D 165 -10.18 -4.52 -40.75
CA PRO D 165 -10.15 -4.43 -39.28
C PRO D 165 -9.64 -5.69 -38.62
N ILE D 166 -9.24 -5.56 -37.35
CA ILE D 166 -8.69 -6.66 -36.59
C ILE D 166 -9.75 -7.73 -36.38
N SER D 167 -9.33 -9.01 -36.42
CA SER D 167 -10.23 -10.13 -36.25
C SER D 167 -10.91 -10.13 -34.89
N ALA D 168 -10.23 -9.64 -33.85
CA ALA D 168 -10.81 -9.62 -32.52
C ALA D 168 -10.27 -8.41 -31.78
N ALA D 169 -11.18 -7.59 -31.25
CA ALA D 169 -10.76 -6.38 -30.57
C ALA D 169 -10.20 -6.71 -29.20
N TYR D 170 -9.37 -5.80 -28.70
CA TYR D 170 -8.57 -6.05 -27.50
C TYR D 170 -8.01 -4.72 -27.02
N THR D 171 -7.98 -4.53 -25.71
CA THR D 171 -7.37 -3.37 -25.10
C THR D 171 -6.65 -3.82 -23.85
N PRO D 172 -5.46 -3.29 -23.60
CA PRO D 172 -4.87 -3.43 -22.28
C PRO D 172 -5.58 -2.60 -21.24
N PHE D 173 -6.25 -1.54 -21.65
CA PHE D 173 -6.76 -0.50 -20.79
C PHE D 173 -8.10 -0.88 -20.19
N ASP D 174 -8.57 -0.06 -19.27
CA ASP D 174 -9.87 -0.26 -18.67
C ASP D 174 -10.67 1.03 -18.85
N HIS D 175 -11.84 1.14 -18.23
CA HIS D 175 -12.69 2.29 -18.49
C HIS D 175 -12.16 3.55 -17.81
N LYS D 176 -11.70 3.43 -16.57
CA LYS D 176 -11.06 4.54 -15.89
C LYS D 176 -9.58 4.25 -15.74
N VAL D 177 -8.77 5.29 -15.58
CA VAL D 177 -7.33 5.13 -15.48
C VAL D 177 -6.76 6.36 -14.80
N ILE D 178 -5.54 6.24 -14.28
CA ILE D 178 -4.85 7.32 -13.58
C ILE D 178 -3.45 7.41 -14.15
N ILE D 179 -3.10 8.58 -14.67
CA ILE D 179 -1.77 8.81 -15.19
C ILE D 179 -0.97 9.59 -14.16
N HIS D 180 0.03 8.94 -13.59
CA HIS D 180 1.03 9.58 -12.73
C HIS D 180 2.18 10.01 -13.64
N LYS D 181 3.37 10.26 -13.06
CA LYS D 181 4.54 10.86 -13.72
C LYS D 181 4.88 10.32 -15.10
N GLY D 182 4.97 9.01 -15.25
CA GLY D 182 5.05 8.49 -16.59
C GLY D 182 4.27 7.21 -16.71
N LYS D 183 3.45 6.93 -15.72
CA LYS D 183 2.95 5.59 -15.53
C LYS D 183 1.43 5.56 -15.63
N VAL D 184 0.91 4.36 -15.79
CA VAL D 184 -0.51 4.13 -16.03
C VAL D 184 -0.96 3.03 -15.09
N TYR D 185 -1.95 3.35 -14.26
CA TYR D 185 -2.46 2.43 -13.27
C TYR D 185 -3.95 2.24 -13.51
N ASN D 186 -4.37 1.00 -13.79
CA ASN D 186 -5.79 0.71 -13.87
C ASN D 186 -6.41 0.82 -12.48
N TYR D 187 -7.28 1.80 -12.28
CA TYR D 187 -7.85 2.03 -10.96
C TYR D 187 -9.17 2.77 -11.15
N ASP D 188 -10.06 2.60 -10.18
CA ASP D 188 -11.43 3.10 -10.27
C ASP D 188 -11.59 4.31 -9.34
N PHE D 189 -11.23 5.48 -9.85
CA PHE D 189 -11.31 6.69 -9.06
C PHE D 189 -12.76 7.12 -8.86
N PRO D 190 -13.08 7.81 -7.76
CA PRO D 190 -14.44 8.31 -7.59
C PRO D 190 -14.74 9.42 -8.58
N GLU D 191 -16.02 9.72 -8.72
CA GLU D 191 -16.52 10.64 -9.73
C GLU D 191 -16.15 12.07 -9.38
N TYR D 192 -16.63 13.01 -10.19
CA TYR D 192 -16.29 14.41 -9.94
C TYR D 192 -17.11 14.94 -8.79
N GLY D 193 -16.44 15.52 -7.80
CA GLY D 193 -17.12 16.06 -6.65
C GLY D 193 -17.79 15.02 -5.78
N ALA D 194 -17.29 13.81 -5.77
CA ALA D 194 -17.90 12.69 -5.07
C ALA D 194 -16.88 12.00 -4.18
N MET D 195 -16.16 12.79 -3.40
CA MET D 195 -15.01 12.26 -2.70
C MET D 195 -15.26 12.11 -1.20
N LYS D 196 -14.38 11.33 -0.60
CA LYS D 196 -14.31 11.02 0.82
C LYS D 196 -12.90 11.32 1.28
N PRO D 197 -12.73 11.77 2.53
CA PRO D 197 -11.40 12.18 2.97
C PRO D 197 -10.49 11.00 3.18
N GLY D 198 -9.19 11.29 3.11
CA GLY D 198 -8.19 10.28 3.38
C GLY D 198 -8.06 9.22 2.32
N ALA D 199 -8.60 9.44 1.13
CA ALA D 199 -8.49 8.49 0.04
C ALA D 199 -8.13 9.27 -1.21
N PHE D 200 -8.11 8.58 -2.34
CA PHE D 200 -7.65 9.21 -3.57
C PHE D 200 -8.69 10.20 -4.09
N GLY D 201 -8.22 11.36 -4.51
CA GLY D 201 -9.08 12.32 -5.14
C GLY D 201 -9.82 13.21 -4.16
N ASP D 202 -9.14 13.65 -3.10
CA ASP D 202 -9.71 14.61 -2.18
C ASP D 202 -9.93 15.95 -2.86
N ILE D 203 -8.88 16.48 -3.45
CA ILE D 203 -8.84 17.85 -3.93
C ILE D 203 -8.73 17.81 -5.43
N GLN D 204 -9.78 18.25 -6.10
CA GLN D 204 -9.96 18.05 -7.51
C GLN D 204 -9.96 19.40 -8.21
N ALA D 205 -9.54 19.40 -9.46
CA ALA D 205 -9.68 20.57 -10.30
C ALA D 205 -9.68 20.11 -11.75
N THR D 206 -10.45 20.83 -12.58
CA THR D 206 -10.62 20.43 -13.97
C THR D 206 -9.33 20.61 -14.77
N SER D 207 -8.49 21.54 -14.37
CA SER D 207 -7.13 21.62 -14.88
C SER D 207 -6.27 22.25 -13.80
N LEU D 208 -4.99 22.45 -14.09
CA LEU D 208 -4.09 23.02 -13.11
C LEU D 208 -4.30 24.51 -12.95
N THR D 209 -4.30 25.25 -14.06
CA THR D 209 -4.38 26.69 -13.97
C THR D 209 -5.78 27.20 -13.67
N SER D 210 -6.81 26.38 -13.89
CA SER D 210 -8.16 26.82 -13.63
C SER D 210 -8.45 26.87 -12.14
N ASN D 211 -9.62 27.40 -11.82
CA ASN D 211 -10.13 27.47 -10.46
C ASN D 211 -11.02 26.26 -10.19
N ASP D 212 -11.90 26.37 -9.19
CA ASP D 212 -12.84 25.37 -8.68
C ASP D 212 -12.16 24.19 -8.01
N LEU D 213 -11.43 24.46 -6.94
CA LEU D 213 -10.93 23.42 -6.06
C LEU D 213 -12.06 22.92 -5.18
N ILE D 214 -12.26 21.61 -5.15
CA ILE D 214 -13.34 21.00 -4.41
C ILE D 214 -12.72 20.03 -3.42
N ALA D 215 -13.00 20.21 -2.14
CA ALA D 215 -12.23 19.51 -1.13
C ALA D 215 -13.12 19.06 0.03
N ASN D 216 -12.89 17.84 0.50
CA ASN D 216 -13.44 17.33 1.76
C ASN D 216 -12.29 16.66 2.49
N THR D 217 -11.59 17.42 3.32
CA THR D 217 -10.45 16.89 4.03
C THR D 217 -10.66 16.82 5.54
N ASP D 218 -11.87 17.16 6.01
CA ASP D 218 -12.25 17.13 7.43
C ASP D 218 -11.33 17.95 8.32
N ILE D 219 -10.95 19.12 7.84
CA ILE D 219 -10.34 20.10 8.71
C ILE D 219 -11.37 20.57 9.73
N ARG D 220 -11.05 20.44 11.01
CA ARG D 220 -11.92 20.97 12.04
C ARG D 220 -11.08 21.76 13.05
N LEU D 221 -11.68 22.83 13.55
CA LEU D 221 -10.98 23.79 14.39
C LEU D 221 -11.18 23.44 15.85
N LEU D 222 -10.30 23.99 16.68
CA LEU D 222 -10.36 23.75 18.12
C LEU D 222 -10.30 25.07 18.86
N LYS D 223 -10.84 25.07 20.06
CA LYS D 223 -10.84 26.26 20.90
C LYS D 223 -9.44 26.52 21.39
N PRO D 224 -8.85 27.67 21.10
CA PRO D 224 -7.49 27.94 21.56
C PRO D 224 -7.46 28.21 23.05
N SER D 225 -6.37 27.76 23.69
CA SER D 225 -6.18 28.01 25.10
C SER D 225 -4.68 27.97 25.37
N ALA D 226 -4.06 29.13 25.47
CA ALA D 226 -2.64 29.25 25.76
C ALA D 226 -2.39 30.64 26.32
N LYS D 227 -1.12 30.98 26.49
CA LYS D 227 -0.72 32.33 26.86
C LYS D 227 -0.24 33.12 25.65
N ASN D 228 -0.29 32.53 24.45
CA ASN D 228 0.02 33.24 23.23
C ASN D 228 -1.04 32.89 22.19
N VAL D 229 -1.18 33.77 21.20
CA VAL D 229 -2.18 33.56 20.18
C VAL D 229 -1.72 32.48 19.21
N HIS D 230 -2.62 31.55 18.90
CA HIS D 230 -2.39 30.57 17.86
C HIS D 230 -3.74 30.17 17.31
N VAL D 231 -3.78 29.10 16.54
CA VAL D 231 -5.03 28.60 15.99
C VAL D 231 -4.92 27.09 15.80
N PRO D 232 -5.63 26.30 16.57
CA PRO D 232 -5.46 24.85 16.49
C PRO D 232 -6.47 24.16 15.58
N TYR D 233 -6.00 23.16 14.84
CA TYR D 233 -6.84 22.46 13.88
C TYR D 233 -6.35 21.04 13.75
N THR D 234 -7.28 20.12 13.52
CA THR D 234 -6.93 18.74 13.22
C THR D 234 -7.53 18.37 11.88
N GLN D 235 -6.89 17.40 11.22
CA GLN D 235 -7.22 17.11 9.85
C GLN D 235 -6.77 15.70 9.50
N ALA D 236 -7.59 14.98 8.76
CA ALA D 236 -7.19 13.70 8.23
C ALA D 236 -6.06 13.88 7.22
N ALA D 237 -5.25 12.85 7.06
CA ALA D 237 -4.03 12.97 6.27
C ALA D 237 -4.37 12.96 4.77
N SER D 238 -3.36 13.26 3.97
CA SER D 238 -3.54 13.39 2.54
C SER D 238 -3.77 12.04 1.90
N GLY D 239 -4.84 11.93 1.13
CA GLY D 239 -5.13 10.66 0.48
C GLY D 239 -4.26 10.37 -0.72
N PHE D 240 -3.72 11.40 -1.34
CA PHE D 240 -2.82 11.20 -2.46
C PHE D 240 -1.48 10.64 -2.00
N GLU D 241 -0.96 11.16 -0.90
CA GLU D 241 0.27 10.62 -0.34
C GLU D 241 0.03 9.25 0.28
N MET D 242 -1.19 9.01 0.74
CA MET D 242 -1.61 7.67 1.13
C MET D 242 -1.63 6.74 -0.07
N TRP D 243 -1.95 7.27 -1.24
CA TRP D 243 -2.06 6.44 -2.43
C TRP D 243 -0.69 6.06 -2.97
N LYS D 244 0.25 7.00 -2.97
CA LYS D 244 1.58 6.69 -3.48
C LYS D 244 2.30 5.64 -2.63
N ASN D 245 1.93 5.49 -1.36
CA ASN D 245 2.46 4.40 -0.56
C ASN D 245 1.86 3.07 -1.00
N ASN D 246 0.67 3.08 -1.57
CA ASN D 246 0.00 1.83 -1.91
C ASN D 246 -0.22 1.70 -3.42
N SER D 247 0.55 2.42 -4.21
CA SER D 247 0.45 2.29 -5.65
C SER D 247 1.15 1.01 -6.09
N GLY D 248 0.45 0.17 -6.83
CA GLY D 248 1.01 -1.12 -7.23
C GLY D 248 1.97 -1.04 -8.39
N ARG D 249 1.88 -2.00 -9.30
CA ARG D 249 2.77 -1.91 -10.44
C ARG D 249 2.06 -1.27 -11.63
N PRO D 250 2.74 -0.42 -12.39
CA PRO D 250 2.10 0.21 -13.54
C PRO D 250 1.83 -0.77 -14.66
N LEU D 251 1.07 -0.33 -15.66
CA LEU D 251 0.72 -1.22 -16.76
C LEU D 251 1.85 -1.47 -17.74
N GLN D 252 2.99 -0.79 -17.60
CA GLN D 252 4.15 -1.21 -18.36
C GLN D 252 4.58 -2.61 -17.96
N GLU D 253 4.32 -2.98 -16.72
CA GLU D 253 4.86 -4.18 -16.11
C GLU D 253 3.78 -5.22 -15.84
N THR D 254 2.53 -4.96 -16.28
CA THR D 254 1.44 -5.91 -16.08
C THR D 254 0.52 -6.07 -17.29
N ALA D 255 0.92 -5.64 -18.48
CA ALA D 255 0.03 -5.57 -19.64
C ALA D 255 -0.25 -6.97 -20.20
N PRO D 256 -1.45 -7.18 -20.77
CA PRO D 256 -1.88 -8.55 -21.04
C PRO D 256 -1.40 -9.17 -22.34
N PHE D 257 -0.62 -8.48 -23.17
CA PHE D 257 -0.14 -9.10 -24.38
C PHE D 257 1.30 -8.72 -24.70
N GLY D 258 2.07 -8.29 -23.72
CA GLY D 258 3.41 -7.86 -24.01
C GLY D 258 3.50 -6.53 -24.68
N CYS D 259 2.48 -5.70 -24.55
CA CYS D 259 2.53 -4.38 -25.12
C CYS D 259 3.16 -3.38 -24.16
N GLN D 260 4.10 -2.60 -24.68
CA GLN D 260 4.63 -1.52 -23.89
C GLN D 260 3.63 -0.37 -23.87
N ILE D 261 3.79 0.53 -22.91
CA ILE D 261 2.92 1.70 -22.81
C ILE D 261 3.78 2.91 -22.54
N ALA D 262 3.73 3.88 -23.44
CA ALA D 262 4.39 5.17 -23.25
C ALA D 262 3.41 6.27 -23.59
N VAL D 263 3.39 7.31 -22.76
CA VAL D 263 2.26 8.23 -22.68
C VAL D 263 2.78 9.66 -22.85
N ASN D 264 2.84 10.15 -24.06
CA ASN D 264 2.40 11.52 -24.19
C ASN D 264 0.94 11.53 -24.65
N PRO D 265 0.51 10.80 -25.70
CA PRO D 265 -0.93 10.67 -25.96
C PRO D 265 -1.59 9.39 -25.47
N LEU D 266 -0.94 8.58 -24.63
CA LEU D 266 -1.46 7.31 -24.12
C LEU D 266 -1.74 6.32 -25.27
N ARG D 267 -0.66 5.84 -25.84
CA ARG D 267 -0.70 4.82 -26.86
C ARG D 267 -0.18 3.51 -26.29
N ALA D 268 -0.68 2.39 -26.80
CA ALA D 268 -0.32 1.07 -26.30
C ALA D 268 0.51 0.36 -27.36
N VAL D 269 1.82 0.55 -27.29
CA VAL D 269 2.71 0.22 -28.39
C VAL D 269 2.99 -1.27 -28.41
N ASP D 270 2.97 -1.84 -29.62
CA ASP D 270 3.52 -3.15 -29.98
C ASP D 270 2.84 -4.35 -29.34
N CYS D 271 1.53 -4.47 -29.56
CA CYS D 271 0.80 -5.65 -29.15
C CYS D 271 1.14 -6.84 -30.04
N ALA D 272 0.55 -7.99 -29.74
CA ALA D 272 0.65 -9.16 -30.58
C ALA D 272 -0.61 -10.00 -30.36
N TYR D 273 -1.62 -9.77 -31.20
CA TYR D 273 -2.87 -10.49 -31.08
C TYR D 273 -3.65 -10.36 -32.37
N GLY D 274 -4.31 -11.45 -32.78
CA GLY D 274 -5.15 -11.41 -33.96
C GLY D 274 -4.36 -11.28 -35.24
N ASN D 275 -5.05 -10.89 -36.31
CA ASN D 275 -4.42 -10.78 -37.61
C ASN D 275 -5.15 -9.75 -38.47
N ILE D 276 -4.37 -9.09 -39.32
CA ILE D 276 -4.82 -7.97 -40.14
C ILE D 276 -5.09 -8.50 -41.54
N PRO D 277 -6.32 -8.53 -42.00
CA PRO D 277 -6.54 -8.85 -43.40
C PRO D 277 -6.14 -7.71 -44.32
N ILE D 278 -5.04 -7.88 -45.02
CA ILE D 278 -4.50 -6.83 -45.86
C ILE D 278 -5.07 -7.01 -47.26
N SER D 279 -5.20 -5.90 -47.99
CA SER D 279 -5.61 -5.94 -49.38
C SER D 279 -4.84 -4.87 -50.12
N LEU D 280 -4.44 -5.18 -51.34
CA LEU D 280 -3.33 -4.46 -51.94
C LEU D 280 -3.54 -4.36 -53.43
N ASP D 281 -3.04 -3.27 -54.02
CA ASP D 281 -3.04 -3.06 -55.46
C ASP D 281 -1.59 -2.95 -55.93
N ILE D 282 -1.10 -4.02 -56.54
CA ILE D 282 0.28 -4.03 -57.07
C ILE D 282 0.32 -3.13 -58.31
N PRO D 283 1.34 -2.26 -58.46
CA PRO D 283 1.49 -1.52 -59.70
C PRO D 283 1.81 -2.45 -60.85
N ASN D 284 1.23 -2.13 -62.00
CA ASN D 284 1.19 -3.07 -63.12
C ASN D 284 2.53 -3.17 -63.83
N ALA D 285 3.35 -2.12 -63.78
CA ALA D 285 4.64 -2.14 -64.45
C ALA D 285 5.64 -3.06 -63.78
N ALA D 286 5.44 -3.43 -62.53
CA ALA D 286 6.35 -4.32 -61.82
C ALA D 286 5.83 -5.75 -61.86
N PHE D 287 5.71 -6.27 -63.08
CA PHE D 287 5.45 -7.67 -63.34
C PHE D 287 6.43 -8.16 -64.40
N VAL D 288 6.30 -9.44 -64.74
CA VAL D 288 7.14 -10.02 -65.79
C VAL D 288 6.33 -11.11 -66.47
N ARG D 289 6.43 -11.15 -67.80
CA ARG D 289 5.62 -12.03 -68.60
C ARG D 289 6.07 -13.48 -68.45
N VAL D 290 5.31 -14.39 -69.08
CA VAL D 290 5.74 -15.78 -69.09
C VAL D 290 6.82 -16.04 -70.13
N SER D 291 7.11 -15.07 -70.98
CA SER D 291 8.19 -15.17 -71.95
C SER D 291 9.45 -14.48 -71.49
N ASP D 292 9.63 -14.27 -70.19
CA ASP D 292 10.92 -13.83 -69.68
C ASP D 292 11.39 -14.60 -68.46
N ALA D 293 10.51 -15.24 -67.73
CA ALA D 293 10.95 -16.12 -66.68
C ALA D 293 11.39 -17.45 -67.27
N PRO D 294 12.35 -18.13 -66.67
CA PRO D 294 12.75 -19.45 -67.18
C PRO D 294 11.71 -20.51 -66.88
N LEU D 295 11.35 -21.28 -67.91
CA LEU D 295 10.48 -22.42 -67.72
C LEU D 295 11.21 -23.52 -66.98
N VAL D 296 10.54 -24.16 -66.03
CA VAL D 296 11.17 -25.11 -65.12
C VAL D 296 10.39 -26.40 -65.13
N THR D 297 11.07 -27.50 -65.44
CA THR D 297 10.51 -28.85 -65.30
C THR D 297 11.44 -29.70 -64.43
N ALA D 298 10.93 -30.86 -64.03
CA ALA D 298 11.68 -31.94 -63.37
C ALA D 298 12.30 -31.48 -62.05
N LEU D 299 11.42 -31.23 -61.08
CA LEU D 299 11.84 -30.89 -59.74
C LEU D 299 12.03 -32.11 -58.86
N LYS D 300 13.07 -32.07 -58.04
CA LYS D 300 13.28 -33.04 -56.98
C LYS D 300 13.57 -32.31 -55.67
N CYS D 301 13.20 -32.95 -54.57
CA CYS D 301 13.41 -32.42 -53.23
C CYS D 301 14.01 -33.51 -52.36
N GLU D 302 15.28 -33.35 -52.00
CA GLU D 302 15.95 -34.27 -51.10
C GLU D 302 16.12 -33.54 -49.77
N VAL D 303 15.15 -33.72 -48.89
CA VAL D 303 15.09 -32.98 -47.64
C VAL D 303 16.13 -33.55 -46.69
N GLY D 304 16.87 -32.68 -46.03
CA GLY D 304 18.04 -33.09 -45.27
C GLY D 304 17.82 -33.22 -43.77
N GLU D 305 18.20 -32.18 -43.03
CA GLU D 305 18.41 -32.30 -41.60
C GLU D 305 17.11 -32.42 -40.81
N CYS D 306 16.28 -31.38 -40.86
CA CYS D 306 14.99 -31.30 -40.14
C CYS D 306 15.16 -31.47 -38.63
N VAL D 307 15.82 -30.49 -38.03
CA VAL D 307 15.86 -30.32 -36.59
C VAL D 307 14.87 -29.20 -36.30
N TYR D 308 13.62 -29.56 -36.05
CA TYR D 308 12.55 -28.62 -36.29
C TYR D 308 12.37 -27.61 -35.16
N SER D 309 11.48 -26.65 -35.43
CA SER D 309 10.79 -25.71 -34.56
C SER D 309 11.61 -24.54 -34.07
N ALA D 310 12.92 -24.50 -34.28
CA ALA D 310 13.62 -23.39 -33.65
C ALA D 310 13.51 -22.11 -34.48
N ASP D 311 14.32 -21.99 -35.52
CA ASP D 311 14.15 -20.94 -36.51
C ASP D 311 14.12 -21.51 -37.92
N PHE D 312 15.22 -22.15 -38.30
CA PHE D 312 15.43 -22.60 -39.67
C PHE D 312 16.14 -23.95 -39.67
N GLY D 313 15.65 -24.88 -38.89
CA GLY D 313 16.32 -26.16 -38.73
C GLY D 313 16.20 -27.13 -39.88
N GLY D 314 15.83 -26.68 -41.07
CA GLY D 314 15.74 -27.54 -42.23
C GLY D 314 16.73 -27.10 -43.30
N ILE D 315 17.22 -28.05 -44.08
CA ILE D 315 18.01 -27.78 -45.26
C ILE D 315 17.54 -28.74 -46.34
N ALA D 316 17.04 -28.21 -47.45
CA ALA D 316 16.60 -29.05 -48.55
C ALA D 316 17.49 -28.77 -49.75
N THR D 317 17.32 -29.58 -50.79
CA THR D 317 18.01 -29.39 -52.06
C THR D 317 16.99 -29.45 -53.18
N LEU D 318 17.03 -28.47 -54.07
CA LEU D 318 16.22 -28.47 -55.27
C LEU D 318 17.05 -28.95 -56.45
N GLN D 319 16.55 -29.99 -57.12
CA GLN D 319 17.18 -30.52 -58.32
C GLN D 319 16.22 -30.30 -59.47
N TYR D 320 16.56 -29.38 -60.36
CA TYR D 320 15.63 -28.82 -61.33
C TYR D 320 16.21 -28.93 -62.73
N SER D 321 15.47 -28.38 -63.69
CA SER D 321 15.92 -28.36 -65.09
C SER D 321 15.20 -27.21 -65.77
N SER D 322 15.93 -26.13 -66.05
CA SER D 322 15.34 -24.94 -66.61
C SER D 322 16.02 -24.61 -67.93
N ASP D 323 15.68 -23.44 -68.49
CA ASP D 323 16.18 -23.03 -69.79
C ASP D 323 17.09 -21.82 -69.72
N ARG D 324 16.58 -20.71 -69.22
CA ARG D 324 17.32 -19.47 -69.19
C ARG D 324 18.12 -19.39 -67.90
N GLU D 325 18.71 -18.24 -67.63
CA GLU D 325 19.31 -17.98 -66.33
C GLU D 325 18.78 -16.67 -65.79
N GLY D 326 17.93 -16.76 -64.78
CA GLY D 326 17.38 -15.58 -64.15
C GLY D 326 16.96 -15.93 -62.74
N GLN D 327 16.11 -15.09 -62.17
CA GLN D 327 15.63 -15.31 -60.82
C GLN D 327 14.29 -16.03 -60.87
N CYS D 328 14.07 -16.90 -59.90
CA CYS D 328 12.78 -17.53 -59.73
C CYS D 328 12.27 -17.31 -58.31
N SER D 329 10.98 -17.50 -58.15
CA SER D 329 10.26 -17.13 -56.94
C SER D 329 9.79 -18.40 -56.24
N VAL D 330 10.38 -18.68 -55.08
CA VAL D 330 10.21 -19.94 -54.38
C VAL D 330 9.24 -19.74 -53.23
N HIS D 331 8.39 -20.73 -52.97
CA HIS D 331 7.31 -20.56 -52.01
C HIS D 331 6.77 -21.90 -51.55
N SER D 332 6.45 -22.00 -50.26
CA SER D 332 5.79 -23.19 -49.72
C SER D 332 4.29 -22.97 -49.70
N HIS D 333 3.56 -23.92 -50.25
CA HIS D 333 2.12 -23.71 -50.34
C HIS D 333 1.40 -24.10 -49.06
N SER D 334 1.69 -25.26 -48.52
CA SER D 334 0.98 -25.71 -47.33
C SER D 334 1.45 -24.94 -46.10
N SER D 335 0.64 -25.04 -45.04
CA SER D 335 0.74 -24.14 -43.90
C SER D 335 1.55 -24.71 -42.76
N THR D 336 2.40 -25.71 -43.01
CA THR D 336 3.21 -26.30 -41.97
C THR D 336 4.69 -26.04 -42.14
N ALA D 337 5.07 -25.25 -43.14
CA ALA D 337 6.46 -24.87 -43.32
C ALA D 337 6.52 -23.56 -44.08
N THR D 338 7.42 -22.69 -43.67
CA THR D 338 7.63 -21.39 -44.31
C THR D 338 9.09 -21.24 -44.62
N LEU D 339 9.43 -21.16 -45.89
CA LEU D 339 10.85 -21.16 -46.25
C LEU D 339 11.49 -19.79 -46.10
N GLN D 340 12.67 -19.61 -46.68
CA GLN D 340 13.45 -18.41 -46.45
C GLN D 340 13.99 -17.89 -47.78
N GLU D 341 14.09 -16.56 -47.86
CA GLU D 341 14.69 -15.70 -48.88
C GLU D 341 13.84 -15.58 -50.16
N SER D 342 12.90 -16.49 -50.38
CA SER D 342 11.82 -16.39 -51.37
C SER D 342 12.22 -16.18 -52.84
N THR D 343 13.52 -16.13 -53.15
CA THR D 343 14.03 -15.97 -54.50
C THR D 343 15.31 -16.77 -54.66
N VAL D 344 15.49 -17.35 -55.84
CA VAL D 344 16.63 -18.20 -56.14
C VAL D 344 17.14 -17.86 -57.53
N HIS D 345 18.43 -17.53 -57.64
CA HIS D 345 19.05 -17.38 -58.95
C HIS D 345 19.37 -18.76 -59.51
N VAL D 346 18.60 -19.18 -60.51
CA VAL D 346 18.76 -20.52 -61.06
C VAL D 346 19.91 -20.54 -62.04
N LEU D 347 20.30 -21.75 -62.43
CA LEU D 347 21.19 -22.03 -63.54
C LEU D 347 20.36 -22.88 -64.50
N GLN D 348 20.97 -23.43 -65.54
CA GLN D 348 20.20 -24.30 -66.43
C GLN D 348 19.93 -25.64 -65.77
N LYS D 349 20.91 -26.22 -65.09
CA LYS D 349 20.68 -27.32 -64.16
C LYS D 349 21.52 -27.07 -62.91
N GLY D 350 20.87 -27.05 -61.75
CA GLY D 350 21.56 -26.73 -60.53
C GLY D 350 21.04 -27.47 -59.31
N GLY D 351 21.59 -27.12 -58.14
CA GLY D 351 21.29 -27.79 -56.90
C GLY D 351 20.95 -26.87 -55.75
N ALA D 352 20.13 -25.85 -55.99
CA ALA D 352 19.90 -24.79 -55.02
C ALA D 352 19.23 -25.29 -53.75
N THR D 353 19.50 -24.61 -52.64
CA THR D 353 19.15 -25.07 -51.31
C THR D 353 18.26 -24.07 -50.59
N ILE D 354 17.31 -24.59 -49.81
CA ILE D 354 16.27 -23.82 -49.14
C ILE D 354 16.51 -24.00 -47.64
N HIS D 355 15.64 -23.42 -46.80
CA HIS D 355 15.56 -23.80 -45.40
C HIS D 355 14.10 -23.85 -44.98
N PHE D 356 13.71 -24.94 -44.33
CA PHE D 356 12.35 -25.06 -43.82
C PHE D 356 12.27 -24.46 -42.43
N SER D 357 11.05 -24.38 -41.88
CA SER D 357 10.89 -23.91 -40.52
C SER D 357 9.74 -24.63 -39.82
N THR D 358 9.61 -25.93 -40.04
CA THR D 358 8.40 -26.64 -39.60
C THR D 358 8.34 -26.78 -38.09
N ALA D 359 7.11 -26.96 -37.60
CA ALA D 359 6.85 -27.10 -36.18
C ALA D 359 6.10 -28.39 -35.93
N SER D 360 6.60 -29.47 -36.50
CA SER D 360 5.91 -30.75 -36.54
C SER D 360 6.96 -31.83 -36.74
N PRO D 361 6.63 -33.11 -36.52
CA PRO D 361 7.60 -34.16 -36.84
C PRO D 361 7.69 -34.49 -38.32
N GLN D 362 6.86 -33.89 -39.16
CA GLN D 362 6.76 -34.27 -40.57
C GLN D 362 6.94 -33.03 -41.44
N ALA D 363 7.79 -33.15 -42.45
CA ALA D 363 7.89 -32.14 -43.49
C ALA D 363 7.13 -32.65 -44.70
N ASN D 364 5.96 -32.09 -44.96
CA ASN D 364 5.07 -32.64 -45.97
C ASN D 364 4.53 -31.52 -46.85
N PHE D 365 5.42 -30.66 -47.32
CA PHE D 365 5.02 -29.39 -47.93
C PHE D 365 5.37 -29.36 -49.42
N ILE D 366 4.85 -28.34 -50.09
CA ILE D 366 4.88 -28.23 -51.54
C ILE D 366 5.61 -26.96 -51.93
N VAL D 367 6.73 -27.10 -52.60
CA VAL D 367 7.50 -25.96 -53.07
C VAL D 367 7.27 -25.81 -54.55
N SER D 368 7.11 -24.58 -55.02
CA SER D 368 6.97 -24.30 -56.44
C SER D 368 8.09 -23.37 -56.87
N LEU D 369 8.93 -23.82 -57.79
CA LEU D 369 10.12 -23.04 -58.12
C LEU D 369 9.79 -21.87 -59.02
N CYS D 370 9.20 -22.12 -60.18
CA CYS D 370 8.65 -21.03 -60.97
C CYS D 370 7.33 -21.46 -61.59
N GLY D 371 6.50 -22.12 -60.79
CA GLY D 371 5.21 -22.57 -61.28
C GLY D 371 5.02 -24.07 -61.15
N LYS D 372 6.06 -24.84 -61.43
CA LYS D 372 5.99 -26.28 -61.25
C LYS D 372 6.01 -26.61 -59.77
N LYS D 373 5.01 -27.37 -59.31
CA LYS D 373 4.89 -27.70 -57.90
C LYS D 373 5.45 -29.09 -57.62
N THR D 374 6.18 -29.23 -56.52
CA THR D 374 6.73 -30.50 -56.09
C THR D 374 6.57 -30.65 -54.59
N THR D 375 6.63 -31.88 -54.12
CA THR D 375 6.39 -32.17 -52.71
C THR D 375 7.71 -32.31 -51.96
N CYS D 376 7.61 -32.53 -50.65
CA CYS D 376 8.74 -32.79 -49.78
C CYS D 376 8.32 -33.79 -48.74
N ASN D 377 9.22 -34.70 -48.38
CA ASN D 377 8.92 -35.73 -47.39
C ASN D 377 10.13 -35.96 -46.50
N ALA D 378 9.92 -35.90 -45.19
CA ALA D 378 10.99 -36.13 -44.23
C ALA D 378 10.40 -36.48 -42.87
N GLU D 379 11.28 -36.97 -41.99
CA GLU D 379 11.02 -37.08 -40.57
C GLU D 379 11.85 -36.02 -39.86
N CYS D 380 11.23 -35.32 -38.92
CA CYS D 380 11.83 -34.16 -38.28
C CYS D 380 12.25 -34.52 -36.86
N LYS D 381 13.53 -34.36 -36.55
CA LYS D 381 14.12 -34.72 -35.28
C LYS D 381 13.97 -33.59 -34.28
N PRO D 382 13.71 -33.92 -33.00
CA PRO D 382 13.43 -32.88 -32.02
C PRO D 382 14.66 -32.02 -31.74
N PRO D 383 14.46 -30.75 -31.39
CA PRO D 383 15.59 -29.84 -31.28
C PRO D 383 16.32 -30.04 -29.96
N ALA D 384 17.65 -29.95 -30.02
CA ALA D 384 18.46 -30.23 -28.84
C ALA D 384 18.80 -28.98 -28.06
N ASP D 385 17.79 -28.18 -27.73
CA ASP D 385 17.96 -26.97 -26.93
C ASP D 385 16.60 -26.56 -26.41
N HIS D 386 16.56 -26.14 -25.16
CA HIS D 386 15.26 -25.96 -24.54
C HIS D 386 14.65 -24.60 -24.85
N ILE D 387 15.44 -23.53 -24.85
CA ILE D 387 14.90 -22.17 -24.77
C ILE D 387 15.67 -21.24 -25.70
N VAL D 388 14.93 -20.53 -26.56
CA VAL D 388 15.49 -19.79 -27.68
C VAL D 388 14.81 -18.42 -27.75
N ASN D 389 15.58 -17.37 -28.06
CA ASN D 389 15.12 -15.99 -27.96
C ASN D 389 14.10 -15.58 -29.02
N VAL D 390 13.93 -16.33 -30.09
CA VAL D 390 13.17 -15.89 -31.25
C VAL D 390 11.83 -16.61 -31.23
N PRO D 391 10.71 -15.91 -31.34
CA PRO D 391 9.41 -16.56 -31.19
C PRO D 391 9.09 -17.45 -32.38
N HIS D 392 8.04 -18.26 -32.20
CA HIS D 392 7.67 -19.27 -33.18
C HIS D 392 7.20 -18.67 -34.48
N LYS D 393 7.58 -19.31 -35.59
CA LYS D 393 7.15 -18.88 -36.91
C LYS D 393 6.06 -19.78 -37.47
N ASN D 394 5.64 -20.80 -36.74
CA ASN D 394 4.56 -21.69 -37.17
C ASN D 394 3.71 -22.06 -35.97
N ASP D 395 2.59 -22.71 -36.24
CA ASP D 395 1.68 -23.13 -35.18
C ASP D 395 1.51 -24.64 -35.23
N GLN D 396 0.89 -25.17 -34.18
CA GLN D 396 0.61 -26.59 -34.08
C GLN D 396 -0.75 -26.91 -34.68
N GLU D 397 -0.87 -28.11 -35.23
CA GLU D 397 -2.14 -28.61 -35.73
C GLU D 397 -2.32 -30.03 -35.24
N PHE D 398 -3.51 -30.34 -34.74
CA PHE D 398 -3.88 -31.74 -34.59
C PHE D 398 -4.08 -32.33 -35.98
N GLN D 399 -3.80 -33.64 -36.08
CA GLN D 399 -3.70 -34.43 -37.31
C GLN D 399 -2.58 -33.98 -38.22
N ALA D 400 -1.65 -33.17 -37.72
CA ALA D 400 -0.44 -32.83 -38.46
C ALA D 400 0.80 -32.81 -37.59
N ALA D 401 0.67 -32.85 -36.27
CA ALA D 401 1.80 -32.91 -35.35
C ALA D 401 2.04 -34.30 -34.82
N VAL D 402 1.47 -35.31 -35.46
CA VAL D 402 1.51 -36.68 -35.00
C VAL D 402 2.20 -37.51 -36.08
N SER D 403 3.31 -38.15 -35.72
CA SER D 403 4.16 -38.81 -36.71
C SER D 403 3.47 -40.06 -37.25
N GLN D 404 3.83 -40.44 -38.49
CA GLN D 404 3.10 -41.48 -39.21
C GLN D 404 3.24 -42.86 -38.59
N THR D 405 4.32 -43.09 -37.85
CA THR D 405 4.50 -44.36 -37.16
C THR D 405 3.39 -44.60 -36.15
N SER D 406 3.13 -43.59 -35.32
CA SER D 406 2.04 -43.66 -34.37
C SER D 406 0.68 -43.69 -35.04
N TRP D 407 0.57 -43.12 -36.25
CA TRP D 407 -0.65 -43.29 -37.02
C TRP D 407 -0.86 -44.74 -37.41
N SER D 408 0.23 -45.43 -37.78
CA SER D 408 0.12 -46.84 -38.12
C SER D 408 -0.23 -47.68 -36.90
N TRP D 409 0.35 -47.34 -35.74
CA TRP D 409 0.03 -48.06 -34.51
C TRP D 409 -1.44 -47.88 -34.13
N LEU D 410 -1.93 -46.64 -34.19
CA LEU D 410 -3.32 -46.38 -33.80
C LEU D 410 -4.31 -46.98 -34.80
N PHE D 411 -3.99 -46.92 -36.09
CA PHE D 411 -4.90 -47.48 -37.09
C PHE D 411 -4.96 -49.00 -37.00
N ALA D 412 -3.82 -49.64 -36.77
CA ALA D 412 -3.83 -51.10 -36.60
C ALA D 412 -4.50 -51.50 -35.31
N LEU D 413 -4.32 -50.70 -34.25
CA LEU D 413 -4.90 -51.04 -32.97
C LEU D 413 -6.40 -50.85 -32.96
N PHE D 414 -6.92 -49.90 -33.72
CA PHE D 414 -8.36 -49.74 -33.82
C PHE D 414 -8.98 -50.67 -34.84
N GLY D 415 -8.27 -51.01 -35.92
CA GLY D 415 -8.78 -51.96 -36.88
C GLY D 415 -8.82 -53.37 -36.33
N GLY D 416 -7.90 -53.69 -35.42
CA GLY D 416 -7.97 -54.98 -34.74
C GLY D 416 -9.14 -55.11 -33.79
N ALA D 417 -9.68 -53.99 -33.32
CA ALA D 417 -10.82 -53.99 -32.41
C ALA D 417 -12.12 -53.66 -33.11
N SER D 418 -12.14 -53.63 -34.45
CA SER D 418 -13.32 -53.30 -35.21
C SER D 418 -13.62 -54.25 -36.35
N SER D 419 -12.61 -54.96 -36.88
CA SER D 419 -12.86 -55.89 -37.97
C SER D 419 -13.46 -57.19 -37.47
N LEU D 420 -13.15 -57.57 -36.23
CA LEU D 420 -13.69 -58.81 -35.69
C LEU D 420 -15.17 -58.69 -35.33
N LEU D 421 -15.66 -57.47 -35.08
CA LEU D 421 -17.10 -57.24 -35.00
C LEU D 421 -17.76 -57.54 -36.34
N VAL D 422 -17.11 -57.17 -37.43
CA VAL D 422 -17.60 -57.47 -38.77
C VAL D 422 -17.56 -58.98 -39.02
N ILE D 423 -16.51 -59.64 -38.53
CA ILE D 423 -16.43 -61.10 -38.64
C ILE D 423 -17.56 -61.77 -37.88
N GLY D 424 -17.87 -61.27 -36.68
CA GLY D 424 -18.94 -61.85 -35.89
C GLY D 424 -20.31 -61.64 -36.49
N VAL D 425 -20.57 -60.45 -37.04
CA VAL D 425 -21.88 -60.25 -37.64
C VAL D 425 -22.00 -60.98 -38.98
N MET D 426 -20.89 -61.25 -39.67
CA MET D 426 -20.97 -62.14 -40.82
C MET D 426 -21.20 -63.58 -40.40
N ILE D 427 -20.74 -63.97 -39.21
CA ILE D 427 -21.07 -65.29 -38.67
C ILE D 427 -22.56 -65.38 -38.35
N PHE D 428 -23.15 -64.29 -37.83
CA PHE D 428 -24.60 -64.21 -37.66
C PHE D 428 -25.33 -64.36 -38.99
N ALA D 429 -24.89 -63.64 -40.01
CA ALA D 429 -25.54 -63.70 -41.31
C ALA D 429 -25.43 -65.09 -41.93
N CYS D 430 -24.28 -65.73 -41.76
CA CYS D 430 -24.06 -67.08 -42.26
C CYS D 430 -24.98 -68.09 -41.56
N SER D 431 -24.97 -68.08 -40.23
CA SER D 431 -25.75 -69.05 -39.47
C SER D 431 -27.25 -68.76 -39.52
N ALA D 432 -27.65 -67.55 -39.91
CA ALA D 432 -29.06 -67.28 -40.08
C ALA D 432 -29.56 -67.57 -41.48
N LEU D 433 -28.74 -67.36 -42.50
CA LEU D 433 -29.17 -67.60 -43.86
C LEU D 433 -28.83 -69.00 -44.37
N LEU D 434 -28.13 -69.81 -43.57
CA LEU D 434 -27.96 -71.22 -43.92
C LEU D 434 -28.83 -72.14 -43.08
N THR D 435 -28.83 -71.93 -41.75
CA THR D 435 -29.49 -72.77 -40.75
C THR D 435 -29.09 -74.24 -40.87
N PHE E 1 10.58 39.90 -2.94
CA PHE E 1 11.98 39.86 -2.56
C PHE E 1 12.42 41.27 -2.25
N THR E 2 13.04 41.45 -1.07
CA THR E 2 13.48 42.75 -0.53
C THR E 2 12.34 43.76 -0.44
N LEU E 3 11.12 43.26 -0.40
CA LEU E 3 9.90 44.02 -0.31
C LEU E 3 9.26 43.82 1.04
N THR E 4 9.78 42.88 1.82
CA THR E 4 9.20 42.42 3.06
C THR E 4 10.17 42.62 4.22
N SER E 5 9.70 42.29 5.41
CA SER E 5 10.39 42.51 6.66
C SER E 5 10.30 41.26 7.51
N PRO E 6 11.27 41.02 8.39
CA PRO E 6 11.20 39.85 9.28
C PRO E 6 10.18 40.08 10.38
N TYR E 7 10.02 39.05 11.21
CA TYR E 7 9.07 39.03 12.31
C TYR E 7 9.47 37.85 13.19
N LEU E 8 9.23 37.99 14.48
CA LEU E 8 9.58 36.93 15.41
C LEU E 8 8.34 36.13 15.77
N GLY E 9 8.53 34.84 16.03
CA GLY E 9 7.40 33.94 16.17
C GLY E 9 7.56 33.00 17.34
N THR E 10 6.43 32.39 17.71
CA THR E 10 6.41 31.38 18.75
C THR E 10 6.81 30.03 18.17
N CYS E 11 7.44 29.20 19.00
CA CYS E 11 7.86 27.88 18.57
C CYS E 11 8.11 27.04 19.80
N SER E 12 7.96 25.73 19.64
CA SER E 12 8.24 24.79 20.70
C SER E 12 9.64 24.21 20.52
N TYR E 13 10.34 24.03 21.65
CA TYR E 13 11.75 23.67 21.70
C TYR E 13 12.60 24.63 20.87
N CYS E 14 12.72 25.85 21.37
CA CYS E 14 13.69 26.79 20.79
C CYS E 14 14.97 26.72 21.60
N HIS E 15 15.89 25.86 21.13
CA HIS E 15 17.27 25.63 21.63
C HIS E 15 17.33 25.41 23.14
N HIS E 16 16.23 24.95 23.71
CA HIS E 16 15.92 24.80 25.11
C HIS E 16 14.51 24.25 25.13
N THR E 17 14.11 23.63 26.24
CA THR E 17 12.73 23.19 26.40
C THR E 17 11.77 24.37 26.62
N GLU E 18 11.69 25.24 25.63
CA GLU E 18 10.90 26.44 25.65
C GLU E 18 9.87 26.39 24.54
N PRO E 19 8.61 26.40 24.86
CA PRO E 19 7.68 27.07 23.96
C PRO E 19 7.87 28.56 24.16
N CYS E 20 8.58 29.20 23.24
CA CYS E 20 8.92 30.61 23.42
C CYS E 20 9.18 31.24 22.06
N PHE E 21 9.60 32.50 22.10
CA PHE E 21 9.78 33.29 20.89
C PHE E 21 11.16 33.07 20.30
N SER E 22 11.26 33.31 19.00
CA SER E 22 12.49 33.08 18.27
C SER E 22 12.46 33.94 17.02
N PRO E 23 13.63 34.26 16.47
CA PRO E 23 13.65 34.92 15.17
C PRO E 23 13.33 33.99 14.02
N VAL E 24 13.49 32.69 14.21
CA VAL E 24 13.60 31.75 13.10
C VAL E 24 12.49 30.70 13.22
N LYS E 25 11.26 31.14 13.49
CA LYS E 25 10.12 30.25 13.34
C LYS E 25 10.10 29.67 11.92
N ILE E 26 9.90 28.36 11.84
CA ILE E 26 10.27 27.60 10.65
C ILE E 26 9.04 27.24 9.82
N GLU E 27 7.89 27.07 10.46
CA GLU E 27 6.58 27.36 9.88
C GLU E 27 6.12 26.57 8.65
N GLN E 28 7.02 25.88 7.95
CA GLN E 28 6.73 25.05 6.79
C GLN E 28 8.05 24.42 6.32
N VAL E 29 7.99 23.25 5.68
CA VAL E 29 9.14 22.62 5.04
C VAL E 29 8.67 21.64 3.97
N TRP E 30 9.23 21.73 2.77
CA TRP E 30 8.83 20.90 1.64
C TRP E 30 9.86 19.83 1.35
N ASP E 31 9.40 18.69 0.87
CA ASP E 31 10.30 17.58 0.54
C ASP E 31 9.65 16.78 -0.59
N GLU E 32 10.04 17.07 -1.83
CA GLU E 32 9.58 16.27 -2.95
C GLU E 32 10.67 15.98 -3.97
N ALA E 33 11.90 16.42 -3.73
CA ALA E 33 12.98 16.21 -4.69
C ALA E 33 13.38 14.75 -4.71
N ASP E 34 14.12 14.36 -5.75
CA ASP E 34 14.53 12.99 -5.87
C ASP E 34 15.92 12.72 -5.30
N ASP E 35 16.77 13.74 -5.21
CA ASP E 35 17.80 13.67 -4.20
C ASP E 35 17.21 14.22 -2.89
N ASN E 36 17.98 14.16 -1.82
CA ASN E 36 17.45 14.54 -0.52
C ASN E 36 17.64 16.04 -0.29
N THR E 37 16.77 16.82 -0.92
CA THR E 37 16.86 18.28 -0.92
C THR E 37 15.66 18.87 -0.19
N ILE E 38 15.88 19.96 0.55
CA ILE E 38 14.90 20.52 1.48
C ILE E 38 14.78 22.02 1.25
N ARG E 39 13.53 22.50 1.15
CA ARG E 39 13.20 23.92 1.08
C ARG E 39 12.52 24.37 2.37
N ILE E 40 13.04 25.41 3.00
CA ILE E 40 12.65 25.84 4.34
C ILE E 40 12.17 27.29 4.28
N GLN E 41 11.08 27.58 4.99
CA GLN E 41 10.53 28.93 5.11
C GLN E 41 10.81 29.47 6.51
N THR E 42 11.94 30.12 6.70
CA THR E 42 12.25 30.67 8.01
C THR E 42 11.44 31.96 8.22
N SER E 43 11.61 32.60 9.37
CA SER E 43 10.89 33.82 9.68
C SER E 43 11.74 35.06 9.55
N ALA E 44 13.01 34.92 9.20
CA ALA E 44 13.91 36.04 9.05
C ALA E 44 14.26 36.20 7.58
N GLN E 45 14.42 37.44 7.14
CA GLN E 45 14.82 37.71 5.76
C GLN E 45 16.32 37.50 5.61
N PHE E 46 16.71 36.97 4.46
CA PHE E 46 18.11 36.66 4.19
C PHE E 46 18.71 37.51 3.08
N GLY E 47 17.96 38.45 2.53
CA GLY E 47 18.47 39.28 1.46
C GLY E 47 19.08 40.58 1.90
N TYR E 48 18.31 41.41 2.62
CA TYR E 48 18.79 42.74 2.99
C TYR E 48 19.84 42.63 4.09
N ASP E 49 20.96 43.33 3.90
CA ASP E 49 22.05 43.28 4.87
C ASP E 49 22.07 44.50 5.79
N GLN E 50 22.27 45.68 5.23
CA GLN E 50 22.31 46.92 6.02
C GLN E 50 20.95 47.59 6.06
N SER E 51 19.95 46.79 6.44
CA SER E 51 18.53 47.12 6.63
C SER E 51 17.80 47.47 5.33
N GLY E 52 18.52 47.63 4.22
CA GLY E 52 17.89 47.61 2.91
C GLY E 52 18.73 46.92 1.86
N ALA E 53 19.99 46.67 2.19
CA ALA E 53 21.01 46.39 1.20
C ALA E 53 21.02 44.91 0.85
N ALA E 54 20.58 44.59 -0.37
CA ALA E 54 20.49 43.20 -0.81
C ALA E 54 21.90 42.68 -1.11
N SER E 55 22.61 42.30 -0.05
CA SER E 55 23.93 41.72 -0.16
C SER E 55 23.82 40.20 -0.07
N VAL E 56 24.95 39.52 0.01
CA VAL E 56 24.97 38.06 0.03
C VAL E 56 25.28 37.56 1.42
N ASN E 57 26.43 37.95 1.96
CA ASN E 57 26.94 37.33 3.18
C ASN E 57 26.35 37.92 4.45
N LYS E 58 25.16 38.52 4.41
CA LYS E 58 24.54 39.04 5.61
C LYS E 58 23.03 39.00 5.49
N TYR E 59 22.34 38.95 6.63
CA TYR E 59 20.90 38.76 6.65
C TYR E 59 20.22 39.71 7.64
N ARG E 60 18.91 39.51 7.84
CA ARG E 60 18.02 40.55 8.35
C ARG E 60 17.21 39.99 9.53
N ILE E 61 17.92 39.51 10.55
CA ILE E 61 17.25 39.03 11.76
C ILE E 61 16.62 40.20 12.52
N MET E 62 15.41 39.98 13.02
CA MET E 62 14.77 40.86 13.99
C MET E 62 15.18 40.47 15.40
N SER E 63 15.33 41.46 16.28
CA SER E 63 15.73 41.16 17.65
C SER E 63 14.59 40.56 18.45
N LEU E 64 14.92 40.11 19.66
CA LEU E 64 13.96 39.44 20.53
C LEU E 64 13.27 40.39 21.49
N LYS E 65 13.91 41.50 21.85
CA LYS E 65 13.26 42.48 22.70
C LYS E 65 12.15 43.19 21.93
N GLN E 66 11.13 43.62 22.66
CA GLN E 66 9.97 44.29 22.03
C GLN E 66 10.29 45.77 21.82
N ASP E 67 11.19 46.01 20.86
CA ASP E 67 11.54 47.36 20.46
C ASP E 67 11.70 47.52 18.97
N HIS E 68 11.51 46.45 18.18
CA HIS E 68 11.52 46.45 16.71
C HIS E 68 12.87 46.91 16.17
N THR E 69 13.91 46.22 16.62
CA THR E 69 15.29 46.58 16.31
C THR E 69 15.88 45.49 15.42
N ILE E 70 15.77 45.68 14.10
CA ILE E 70 16.34 44.72 13.17
C ILE E 70 17.86 44.86 13.19
N GLU E 71 18.56 43.76 13.49
CA GLU E 71 20.01 43.84 13.70
C GLU E 71 20.77 42.87 12.80
N GLU E 72 20.94 43.24 11.53
CA GLU E 72 22.12 43.04 10.69
C GLU E 72 22.95 41.79 10.93
N GLY E 73 22.33 40.61 10.91
CA GLY E 73 23.09 39.39 11.06
C GLY E 73 23.89 39.07 9.82
N SER E 74 24.99 38.34 10.01
CA SER E 74 25.91 37.97 8.93
C SER E 74 25.80 36.49 8.64
N MET E 75 25.59 36.14 7.35
CA MET E 75 25.15 34.80 6.96
C MET E 75 26.25 33.76 6.97
N ASP E 76 27.40 34.02 7.59
CA ASP E 76 28.43 33.01 7.73
C ASP E 76 28.23 32.14 8.96
N ALA E 77 27.15 32.35 9.72
CA ALA E 77 26.94 31.62 10.95
C ALA E 77 25.64 30.84 10.99
N ILE E 78 24.78 30.97 9.99
CA ILE E 78 23.54 30.20 9.96
C ILE E 78 23.87 28.75 9.64
N LYS E 79 23.79 27.90 10.64
CA LYS E 79 24.06 26.48 10.49
C LYS E 79 22.76 25.72 10.74
N ILE E 80 22.36 24.89 9.78
CA ILE E 80 21.13 24.14 9.94
C ILE E 80 21.47 22.66 9.99
N SER E 81 20.55 21.89 10.56
CA SER E 81 20.80 20.47 10.77
C SER E 81 19.47 19.75 10.96
N THR E 82 19.46 18.46 10.65
CA THR E 82 18.28 17.64 10.81
C THR E 82 18.46 16.54 11.85
N SER E 83 19.36 15.60 11.60
CA SER E 83 19.93 14.77 12.66
C SER E 83 21.45 14.74 12.61
N GLY E 84 22.06 14.83 11.45
CA GLY E 84 23.46 15.11 11.34
C GLY E 84 23.64 16.54 10.91
N PRO E 85 24.90 16.96 10.68
CA PRO E 85 25.13 18.30 10.15
C PRO E 85 24.74 18.35 8.68
N CYS E 86 23.83 19.25 8.35
CA CYS E 86 23.28 19.38 7.01
C CYS E 86 23.92 20.57 6.33
N ARG E 87 24.21 20.43 5.03
CA ARG E 87 24.90 21.47 4.28
C ARG E 87 23.89 22.24 3.45
N ARG E 88 23.98 23.57 3.50
CA ARG E 88 23.04 24.42 2.78
C ARG E 88 23.58 24.77 1.40
N LEU E 89 22.66 25.17 0.53
CA LEU E 89 23.01 25.49 -0.84
C LEU E 89 22.67 26.92 -1.23
N ASN E 90 21.46 27.38 -0.95
CA ASN E 90 21.08 28.69 -1.47
C ASN E 90 20.04 29.32 -0.57
N HIS E 91 19.86 30.62 -0.72
CA HIS E 91 18.88 31.37 0.04
C HIS E 91 18.46 32.59 -0.76
N LYS E 92 17.17 32.89 -0.73
CA LYS E 92 16.64 34.07 -1.41
C LYS E 92 15.38 34.49 -0.68
N GLY E 93 15.48 35.53 0.11
CA GLY E 93 14.34 36.04 0.86
C GLY E 93 14.20 35.32 2.18
N TYR E 94 13.01 34.79 2.44
CA TYR E 94 12.80 34.02 3.66
C TYR E 94 13.48 32.66 3.60
N PHE E 95 13.73 32.13 2.42
CA PHE E 95 13.80 30.69 2.29
C PHE E 95 15.22 30.17 2.39
N LEU E 96 15.32 28.86 2.43
CA LEU E 96 16.57 28.15 2.41
C LEU E 96 16.41 26.92 1.53
N LEU E 97 17.47 26.58 0.82
CA LEU E 97 17.53 25.32 0.10
C LEU E 97 18.80 24.63 0.55
N ALA E 98 18.65 23.45 1.14
CA ALA E 98 19.74 22.67 1.68
C ALA E 98 19.58 21.23 1.22
N LYS E 99 20.55 20.37 1.51
CA LYS E 99 20.36 18.95 1.23
C LYS E 99 20.68 18.11 2.46
N CYS E 100 19.65 17.52 3.04
CA CYS E 100 19.63 17.00 4.39
C CYS E 100 19.29 15.50 4.39
N PRO E 101 20.21 14.61 4.76
CA PRO E 101 19.99 13.17 4.52
C PRO E 101 18.96 12.48 5.41
N PRO E 102 19.05 12.50 6.77
CA PRO E 102 18.20 11.57 7.52
C PRO E 102 16.84 12.16 7.82
N GLY E 103 16.11 11.58 8.79
CA GLY E 103 14.84 12.17 9.19
C GLY E 103 14.65 12.52 10.65
N ASP E 104 13.37 12.69 11.01
CA ASP E 104 12.73 12.87 12.31
C ASP E 104 12.81 14.26 12.93
N SER E 105 13.59 15.20 12.41
CA SER E 105 13.63 16.56 12.93
C SER E 105 14.26 17.46 11.90
N VAL E 106 13.96 18.75 12.00
CA VAL E 106 14.63 19.78 11.23
C VAL E 106 14.95 20.92 12.19
N THR E 107 16.22 21.11 12.51
CA THR E 107 16.63 22.18 13.41
C THR E 107 17.19 23.33 12.61
N VAL E 108 17.19 24.51 13.21
CA VAL E 108 17.90 25.67 12.68
C VAL E 108 18.64 26.30 13.85
N SER E 109 19.95 26.28 13.81
CA SER E 109 20.77 26.86 14.86
C SER E 109 21.06 28.31 14.52
N ILE E 110 22.06 28.91 15.17
CA ILE E 110 22.46 30.30 14.97
C ILE E 110 22.77 30.68 13.54
N THR E 117 20.81 30.91 17.90
CA THR E 117 20.30 29.66 18.45
C THR E 117 18.78 29.67 18.33
N SER E 118 18.21 28.66 17.70
CA SER E 118 16.78 28.72 17.39
C SER E 118 16.20 27.31 17.38
N CYS E 119 15.02 27.20 16.79
CA CYS E 119 14.06 26.16 17.14
C CYS E 119 14.24 24.91 16.30
N THR E 120 13.23 24.04 16.38
CA THR E 120 13.11 22.90 15.51
C THR E 120 11.64 22.59 15.29
N LEU E 121 11.39 21.75 14.29
CA LEU E 121 10.05 21.34 13.92
C LEU E 121 10.03 19.83 13.79
N ALA E 122 8.95 19.21 14.22
CA ALA E 122 8.85 17.75 14.26
C ALA E 122 8.13 17.29 13.01
N ARG E 123 8.89 17.09 11.94
CA ARG E 123 8.34 16.56 10.70
C ARG E 123 9.29 15.52 10.18
N LYS E 124 8.84 14.28 10.12
CA LYS E 124 9.71 13.17 9.76
C LYS E 124 10.04 13.21 8.27
N VAL E 125 11.33 13.14 7.96
CA VAL E 125 11.80 13.15 6.58
C VAL E 125 12.14 11.71 6.22
N LYS E 126 11.20 11.03 5.59
CA LYS E 126 11.43 9.64 5.21
C LYS E 126 12.42 9.59 4.06
N PRO E 127 13.40 8.70 4.10
CA PRO E 127 14.40 8.65 3.02
C PRO E 127 13.82 7.96 1.79
N LYS E 128 14.22 8.44 0.63
CA LYS E 128 13.65 7.96 -0.62
C LYS E 128 14.74 7.72 -1.64
N PHE E 129 14.51 6.72 -2.49
CA PHE E 129 15.35 6.41 -3.62
C PHE E 129 14.49 6.42 -4.87
N VAL E 130 15.11 6.50 -6.04
CA VAL E 130 14.39 6.84 -7.25
C VAL E 130 14.28 5.68 -8.25
N GLY E 131 15.26 4.78 -8.31
CA GLY E 131 15.23 3.72 -9.28
C GLY E 131 14.43 2.53 -8.82
N ARG E 132 14.76 1.37 -9.40
CA ARG E 132 14.22 0.10 -8.95
C ARG E 132 15.14 -0.60 -7.96
N GLU E 133 16.39 -0.18 -7.85
CA GLU E 133 17.31 -0.69 -6.85
C GLU E 133 17.59 0.39 -5.84
N LYS E 134 17.64 0.05 -4.56
CA LYS E 134 17.81 1.09 -3.57
C LYS E 134 19.28 1.32 -3.27
N TYR E 135 19.56 2.45 -2.66
CA TYR E 135 20.90 2.92 -2.39
C TYR E 135 20.82 3.93 -1.27
N ASP E 136 21.97 4.35 -0.78
CA ASP E 136 22.03 5.35 0.28
C ASP E 136 22.73 6.62 -0.20
N LEU E 137 23.97 6.53 -0.58
CA LEU E 137 24.61 7.58 -1.34
C LEU E 137 24.52 7.21 -2.81
N PRO E 138 24.59 8.18 -3.72
CA PRO E 138 24.51 7.85 -5.13
C PRO E 138 25.73 7.08 -5.58
N PRO E 139 25.55 6.12 -6.47
CA PRO E 139 26.63 5.19 -6.78
C PRO E 139 27.69 5.78 -7.71
N VAL E 140 28.63 4.94 -8.14
CA VAL E 140 29.80 5.44 -8.83
C VAL E 140 29.52 5.65 -10.31
N HIS E 141 29.02 4.62 -11.00
CA HIS E 141 28.91 4.68 -12.45
C HIS E 141 27.48 4.64 -12.96
N GLY E 142 26.68 3.61 -12.64
CA GLY E 142 25.24 3.73 -12.83
C GLY E 142 24.68 3.83 -14.25
N LYS E 143 23.43 4.30 -14.38
CA LYS E 143 22.87 4.49 -15.72
C LYS E 143 21.98 5.72 -15.97
N LYS E 144 21.76 6.62 -14.99
CA LYS E 144 21.16 7.94 -15.20
C LYS E 144 19.74 7.90 -15.77
N ILE E 145 18.78 7.51 -14.94
CA ILE E 145 17.37 7.58 -15.34
C ILE E 145 16.85 8.97 -14.95
N PRO E 146 15.72 9.45 -15.50
CA PRO E 146 15.25 10.80 -15.17
C PRO E 146 14.58 10.90 -13.80
N CYS E 147 14.62 12.12 -13.26
CA CYS E 147 14.18 12.41 -11.90
C CYS E 147 13.72 13.86 -11.84
N TYR E 148 13.47 14.36 -10.63
CA TYR E 148 13.10 15.75 -10.42
C TYR E 148 14.05 16.37 -9.40
N ILE E 149 14.16 17.69 -9.45
CA ILE E 149 15.19 18.38 -8.70
C ILE E 149 14.64 19.74 -8.28
N TYR E 150 15.24 20.30 -7.24
CA TYR E 150 15.10 21.71 -6.96
C TYR E 150 16.25 22.44 -7.61
N ASP E 151 15.94 23.34 -8.54
CA ASP E 151 16.98 24.13 -9.15
C ASP E 151 17.49 25.18 -8.18
N ARG E 152 18.66 25.72 -8.47
CA ARG E 152 19.36 26.55 -7.52
C ARG E 152 19.36 28.01 -7.92
N LEU E 153 19.02 28.30 -9.18
CA LEU E 153 19.15 29.66 -9.69
C LEU E 153 17.84 30.41 -9.54
N LYS E 154 17.70 31.52 -10.26
CA LYS E 154 16.55 32.41 -10.16
C LYS E 154 15.39 31.89 -10.98
N GLU E 155 14.64 30.95 -10.43
CA GLU E 155 13.37 30.52 -11.02
C GLU E 155 12.33 30.40 -9.93
N THR E 156 11.07 30.67 -10.29
CA THR E 156 9.96 30.63 -9.36
C THR E 156 9.01 29.50 -9.74
N SER E 157 8.13 29.14 -8.81
CA SER E 157 7.34 27.93 -8.93
C SER E 157 5.84 28.16 -9.00
N ALA E 158 5.40 29.42 -8.95
CA ALA E 158 3.98 29.82 -9.00
C ALA E 158 3.16 29.16 -7.88
N GLY E 159 3.49 29.53 -6.64
CA GLY E 159 2.85 28.95 -5.48
C GLY E 159 1.92 29.87 -4.73
N TYR E 160 2.14 31.18 -4.82
CA TYR E 160 1.29 32.24 -4.28
C TYR E 160 1.14 32.13 -2.76
N ILE E 161 2.26 32.38 -2.10
CA ILE E 161 2.24 32.78 -0.69
C ILE E 161 1.56 34.15 -0.58
N THR E 162 0.78 34.35 0.49
CA THR E 162 0.02 35.57 0.68
C THR E 162 0.57 36.36 1.85
N MET E 163 0.72 37.67 1.67
CA MET E 163 1.23 38.55 2.73
C MET E 163 0.32 39.75 2.88
N HIS E 164 0.35 40.34 4.07
CA HIS E 164 -0.44 41.54 4.38
C HIS E 164 0.49 42.57 5.00
N ARG E 165 -0.06 43.74 5.29
CA ARG E 165 0.78 44.92 5.48
C ARG E 165 1.39 45.09 6.87
N PRO E 166 0.65 44.99 8.00
CA PRO E 166 1.39 45.32 9.22
C PRO E 166 2.35 44.25 9.72
N THR E 199 7.26 51.57 4.61
CA THR E 199 6.61 50.36 5.12
C THR E 199 6.76 49.19 4.16
N LYS E 200 6.72 47.99 4.70
CA LYS E 200 6.93 46.76 3.94
C LYS E 200 5.79 45.78 4.21
N TRP E 201 5.78 44.69 3.47
CA TRP E 201 4.88 43.59 3.74
C TRP E 201 5.45 42.67 4.82
N VAL E 202 4.55 41.95 5.50
CA VAL E 202 4.92 40.94 6.47
C VAL E 202 4.15 39.69 6.10
N PHE E 203 4.76 38.52 6.30
CA PHE E 203 4.09 37.25 6.00
C PHE E 203 2.86 37.05 6.86
N ASN E 204 1.81 36.51 6.24
CA ASN E 204 0.54 36.22 6.90
C ASN E 204 0.75 34.99 7.79
N SER E 205 1.27 35.23 8.96
CA SER E 205 1.59 34.10 9.82
C SER E 205 0.46 33.80 10.77
N PRO E 206 0.28 32.54 11.16
CA PRO E 206 -0.72 32.20 12.18
C PRO E 206 -0.35 32.57 13.60
N ASP E 207 0.74 33.29 13.82
CA ASP E 207 1.03 33.82 15.15
C ASP E 207 1.07 35.34 15.20
N LEU E 208 0.72 36.01 14.13
CA LEU E 208 0.63 37.47 14.13
C LEU E 208 -0.80 37.87 14.45
N ILE E 209 -0.97 38.51 15.60
CA ILE E 209 -2.31 38.95 16.02
C ILE E 209 -2.81 40.08 15.12
N ARG E 210 -1.91 40.88 14.56
CA ARG E 210 -2.26 42.19 14.01
C ARG E 210 -3.03 42.07 12.70
N HIS E 211 -4.23 41.53 12.78
CA HIS E 211 -5.16 41.48 11.66
C HIS E 211 -6.52 41.77 12.28
N ALA E 212 -6.86 43.05 12.38
CA ALA E 212 -8.10 43.48 13.00
C ALA E 212 -9.04 44.15 12.02
N ASP E 213 -8.57 45.16 11.30
CA ASP E 213 -9.32 45.82 10.26
C ASP E 213 -8.59 45.90 8.93
N HIS E 214 -7.28 45.75 8.93
CA HIS E 214 -6.47 45.92 7.72
C HIS E 214 -6.63 44.68 6.86
N THR E 215 -7.66 44.70 6.02
CA THR E 215 -7.91 43.64 5.06
C THR E 215 -7.11 43.92 3.79
N ALA E 216 -7.45 43.23 2.69
CA ALA E 216 -6.86 43.39 1.37
C ALA E 216 -5.35 43.11 1.38
N GLN E 217 -5.04 41.84 1.60
CA GLN E 217 -3.69 41.33 1.58
C GLN E 217 -3.16 41.20 0.15
N GLY E 218 -1.86 40.96 0.02
CA GLY E 218 -1.24 40.79 -1.27
C GLY E 218 -0.54 39.45 -1.40
N LYS E 219 0.20 39.23 -2.48
CA LYS E 219 0.83 37.94 -2.67
C LYS E 219 2.11 38.04 -3.50
N MET E 220 3.14 37.34 -3.05
CA MET E 220 4.31 36.96 -3.84
C MET E 220 4.10 35.55 -4.36
N HIS E 221 5.16 34.93 -4.88
CA HIS E 221 5.22 33.48 -5.05
C HIS E 221 6.66 33.01 -4.91
N LEU E 222 6.80 31.70 -4.71
CA LEU E 222 7.82 30.76 -4.24
C LEU E 222 8.87 30.51 -5.30
N PRO E 223 10.15 30.62 -4.94
CA PRO E 223 11.23 30.22 -5.85
C PRO E 223 11.43 28.72 -5.93
N PHE E 224 12.52 28.32 -6.60
CA PHE E 224 13.07 26.95 -6.56
C PHE E 224 12.08 25.96 -7.19
N LYS E 225 11.96 26.08 -8.52
CA LYS E 225 10.81 25.59 -9.28
C LYS E 225 10.59 24.08 -9.24
N LEU E 226 11.60 23.28 -8.88
CA LEU E 226 11.56 21.80 -8.97
C LEU E 226 11.37 21.36 -10.42
N VAL E 227 12.45 21.54 -11.18
CA VAL E 227 12.57 21.24 -12.60
C VAL E 227 12.75 19.74 -12.80
N PRO E 228 12.25 19.13 -13.88
CA PRO E 228 12.70 17.80 -14.26
C PRO E 228 14.15 17.79 -14.70
N SER E 229 14.80 16.63 -14.51
CA SER E 229 16.22 16.44 -14.76
C SER E 229 16.53 14.94 -14.81
N THR E 230 17.80 14.55 -14.70
CA THR E 230 18.15 13.15 -14.59
C THR E 230 19.21 12.93 -13.53
N CYS E 231 19.35 11.67 -13.10
CA CYS E 231 20.31 11.34 -12.05
C CYS E 231 20.76 9.90 -12.20
N LEU E 232 21.62 9.47 -11.27
CA LEU E 232 22.24 8.16 -11.27
C LEU E 232 21.42 7.13 -10.50
N VAL E 233 21.27 5.95 -11.08
CA VAL E 233 20.78 4.79 -10.33
C VAL E 233 21.73 3.64 -10.54
N PRO E 234 21.98 2.80 -9.55
CA PRO E 234 22.96 1.73 -9.71
C PRO E 234 22.46 0.59 -10.56
N LEU E 235 23.37 0.00 -11.33
CA LEU E 235 23.09 -1.22 -12.06
C LEU E 235 23.38 -2.44 -11.19
N ALA E 236 22.53 -3.44 -11.30
CA ALA E 236 22.69 -4.64 -10.53
C ALA E 236 23.66 -5.61 -11.20
N HIS E 237 24.27 -6.47 -10.40
CA HIS E 237 25.16 -7.49 -10.91
C HIS E 237 24.38 -8.59 -11.61
N VAL E 238 24.65 -8.79 -12.89
CA VAL E 238 23.82 -9.53 -13.85
C VAL E 238 23.65 -10.97 -13.40
N PRO E 239 22.45 -11.54 -13.43
CA PRO E 239 22.28 -12.93 -12.99
C PRO E 239 22.82 -13.94 -13.99
N GLN E 240 22.57 -15.21 -13.73
CA GLN E 240 23.12 -16.30 -14.53
C GLN E 240 22.08 -17.39 -14.63
N VAL E 241 21.47 -17.53 -15.80
CA VAL E 241 20.28 -18.36 -15.95
C VAL E 241 20.69 -19.78 -16.31
N VAL E 242 19.75 -20.72 -16.13
CA VAL E 242 19.97 -22.14 -16.42
C VAL E 242 18.73 -22.63 -17.18
N HIS E 243 18.92 -23.00 -18.43
CA HIS E 243 17.78 -23.33 -19.30
C HIS E 243 17.37 -24.77 -19.08
N GLY E 244 16.37 -24.99 -18.25
CA GLY E 244 15.76 -26.29 -18.12
C GLY E 244 14.60 -26.48 -19.08
N PHE E 245 13.97 -27.63 -18.99
CA PHE E 245 12.82 -27.93 -19.85
C PHE E 245 11.57 -27.24 -19.33
N LYS E 246 11.03 -26.33 -20.14
CA LYS E 246 9.83 -25.53 -19.88
C LYS E 246 9.97 -24.60 -18.68
N HIS E 247 11.19 -24.36 -18.23
CA HIS E 247 11.40 -23.43 -17.13
C HIS E 247 12.81 -22.90 -17.24
N ILE E 248 13.01 -21.69 -16.74
CA ILE E 248 14.35 -21.21 -16.48
C ILE E 248 14.55 -21.22 -14.99
N SER E 249 15.78 -21.06 -14.58
CA SER E 249 16.16 -21.20 -13.19
C SER E 249 17.24 -20.15 -12.99
N LEU E 250 16.84 -18.96 -12.61
CA LEU E 250 17.83 -17.91 -12.52
C LEU E 250 18.33 -17.78 -11.08
N GLN E 251 19.65 -17.79 -10.93
CA GLN E 251 20.30 -17.55 -9.65
C GLN E 251 20.74 -16.10 -9.61
N LEU E 252 20.33 -15.38 -8.59
CA LEU E 252 20.56 -13.95 -8.54
C LEU E 252 21.63 -13.69 -7.51
N ASP E 253 22.15 -12.47 -7.45
CA ASP E 253 23.10 -12.10 -6.40
C ASP E 253 23.30 -10.60 -6.28
N THR E 254 22.94 -10.03 -5.13
CA THR E 254 23.25 -8.64 -4.83
C THR E 254 23.66 -8.48 -3.38
N ASP E 255 23.99 -7.25 -3.03
CA ASP E 255 24.27 -6.84 -1.67
C ASP E 255 23.26 -5.83 -1.15
N HIS E 256 22.34 -5.36 -1.99
CA HIS E 256 21.29 -4.46 -1.60
C HIS E 256 19.99 -4.97 -2.18
N LEU E 257 18.89 -4.31 -1.83
CA LEU E 257 17.58 -4.72 -2.33
C LEU E 257 17.46 -4.37 -3.80
N THR E 258 17.23 -5.36 -4.63
CA THR E 258 16.78 -5.10 -5.99
C THR E 258 15.39 -5.70 -6.16
N LEU E 259 14.87 -5.64 -7.37
CA LEU E 259 13.46 -5.97 -7.59
C LEU E 259 13.34 -6.79 -8.86
N LEU E 260 12.81 -7.99 -8.76
CA LEU E 260 12.56 -8.81 -9.94
C LEU E 260 11.08 -8.83 -10.26
N THR E 261 10.76 -8.76 -11.55
CA THR E 261 9.38 -8.68 -12.02
C THR E 261 9.23 -9.50 -13.29
N THR E 262 8.36 -10.49 -13.26
CA THR E 262 8.09 -11.31 -14.42
C THR E 262 6.65 -11.13 -14.87
N ARG E 263 6.42 -11.37 -16.16
CA ARG E 263 5.07 -11.56 -16.66
C ARG E 263 5.13 -12.51 -17.84
N ARG E 264 4.01 -13.13 -18.14
CA ARG E 264 3.90 -14.01 -19.28
C ARG E 264 3.20 -13.28 -20.41
N LEU E 265 3.65 -13.50 -21.65
CA LEU E 265 3.30 -12.67 -22.77
C LEU E 265 2.05 -13.15 -23.51
N GLY E 266 1.37 -14.17 -23.02
CA GLY E 266 0.26 -14.76 -23.76
C GLY E 266 -1.03 -14.01 -23.59
N GLU E 267 -2.11 -14.73 -23.28
CA GLU E 267 -3.36 -14.06 -22.93
C GLU E 267 -3.37 -13.67 -21.45
N LYS E 268 -3.22 -14.65 -20.57
CA LYS E 268 -3.17 -14.39 -19.14
C LYS E 268 -1.78 -13.90 -18.76
N PRO E 269 -1.63 -12.71 -18.21
CA PRO E 269 -0.31 -12.19 -17.85
C PRO E 269 0.32 -12.92 -16.68
N GLU E 270 -0.42 -13.02 -15.58
CA GLU E 270 -0.01 -13.50 -14.27
C GLU E 270 1.26 -12.80 -13.83
N PRO E 271 1.17 -11.55 -13.36
CA PRO E 271 2.39 -10.83 -12.99
C PRO E 271 2.99 -11.37 -11.72
N THR E 272 4.27 -11.07 -11.50
CA THR E 272 4.92 -11.46 -10.26
C THR E 272 5.99 -10.44 -9.95
N SER E 273 5.99 -9.91 -8.73
CA SER E 273 6.97 -8.91 -8.34
C SER E 273 7.50 -9.22 -6.95
N GLU E 274 8.81 -9.11 -6.77
CA GLU E 274 9.40 -9.41 -5.48
C GLU E 274 10.66 -8.58 -5.29
N TRP E 275 10.78 -7.95 -4.12
CA TRP E 275 12.04 -7.41 -3.68
C TRP E 275 12.90 -8.54 -3.15
N ILE E 276 14.18 -8.55 -3.53
CA ILE E 276 15.09 -9.57 -3.05
C ILE E 276 16.40 -8.95 -2.61
N ILE E 277 17.08 -9.64 -1.71
CA ILE E 277 18.47 -9.37 -1.35
C ILE E 277 19.21 -10.68 -1.48
N GLY E 278 20.46 -10.60 -1.91
CA GLY E 278 21.33 -11.76 -1.85
C GLY E 278 21.13 -12.74 -2.98
N LYS E 279 21.39 -14.01 -2.69
CA LYS E 279 21.48 -15.08 -3.69
C LYS E 279 20.49 -16.18 -3.35
N THR E 280 19.30 -16.07 -3.93
CA THR E 280 18.32 -17.13 -3.90
C THR E 280 18.39 -17.83 -5.25
N VAL E 281 17.47 -18.75 -5.49
CA VAL E 281 17.32 -19.40 -6.78
C VAL E 281 15.85 -19.35 -7.13
N ARG E 282 15.51 -18.70 -8.22
CA ARG E 282 14.12 -18.60 -8.62
C ARG E 282 13.89 -19.45 -9.86
N ASN E 283 13.22 -20.59 -9.67
CA ASN E 283 12.68 -21.34 -10.80
C ASN E 283 11.43 -20.65 -11.32
N PHE E 284 11.30 -20.59 -12.64
CA PHE E 284 10.14 -19.97 -13.27
C PHE E 284 9.71 -20.79 -14.46
N SER E 285 8.47 -21.25 -14.47
CA SER E 285 7.97 -22.09 -15.56
C SER E 285 7.65 -21.22 -16.77
N VAL E 286 8.30 -21.50 -17.88
CA VAL E 286 8.08 -20.77 -19.13
C VAL E 286 7.23 -21.62 -20.04
N GLY E 287 6.09 -21.09 -20.46
CA GLY E 287 5.23 -21.77 -21.40
C GLY E 287 5.74 -21.64 -22.81
N ARG E 288 4.85 -21.88 -23.77
CA ARG E 288 5.24 -21.79 -25.17
C ARG E 288 5.47 -20.36 -25.61
N ASP E 289 4.76 -19.40 -25.01
CA ASP E 289 4.65 -18.09 -25.60
C ASP E 289 4.79 -16.97 -24.57
N GLY E 290 5.79 -17.05 -23.69
CA GLY E 290 5.76 -16.04 -22.65
C GLY E 290 7.04 -15.61 -21.99
N PHE E 291 6.88 -15.14 -20.75
CA PHE E 291 7.93 -14.85 -19.79
C PHE E 291 8.95 -13.81 -20.21
N GLU E 292 8.55 -12.55 -20.17
CA GLU E 292 9.49 -11.45 -20.13
C GLU E 292 9.68 -11.02 -18.69
N TYR E 293 10.94 -10.91 -18.26
CA TYR E 293 11.29 -10.56 -16.89
C TYR E 293 12.30 -9.42 -16.88
N ILE E 294 12.22 -8.56 -15.87
CA ILE E 294 13.22 -7.51 -15.69
C ILE E 294 13.70 -7.60 -14.27
N TRP E 295 14.89 -7.06 -14.02
CA TRP E 295 15.49 -7.24 -12.70
C TRP E 295 16.39 -6.05 -12.38
N GLY E 296 15.82 -5.07 -11.67
CA GLY E 296 16.62 -4.04 -11.06
C GLY E 296 17.24 -3.10 -12.06
N ASN E 297 16.40 -2.26 -12.66
CA ASN E 297 16.69 -1.22 -13.68
C ASN E 297 17.79 -1.61 -14.68
N HIS E 298 17.63 -2.81 -15.22
CA HIS E 298 18.18 -3.18 -16.52
C HIS E 298 17.08 -3.10 -17.56
N GLU E 299 17.46 -3.34 -18.80
CA GLU E 299 16.49 -3.53 -19.86
C GLU E 299 15.83 -4.89 -19.73
N PRO E 300 14.64 -5.06 -20.26
CA PRO E 300 13.98 -6.38 -20.25
C PRO E 300 14.69 -7.38 -21.14
N VAL E 301 14.24 -8.62 -21.04
CA VAL E 301 14.86 -9.73 -21.73
C VAL E 301 13.84 -10.85 -21.84
N ARG E 302 13.76 -11.46 -23.02
CA ARG E 302 12.69 -12.39 -23.30
C ARG E 302 13.22 -13.77 -23.63
N VAL E 303 12.31 -14.73 -23.58
CA VAL E 303 12.60 -16.15 -23.49
C VAL E 303 11.44 -16.89 -24.13
N TRP E 304 11.72 -17.89 -24.97
CA TRP E 304 10.64 -18.61 -25.63
C TRP E 304 11.02 -20.07 -25.64
N ALA E 305 10.11 -20.93 -25.23
CA ALA E 305 10.44 -22.33 -24.97
C ALA E 305 9.99 -23.23 -26.11
N GLN E 306 10.64 -24.37 -26.22
CA GLN E 306 10.42 -25.24 -27.36
C GLN E 306 9.88 -26.59 -26.93
N GLU E 307 9.79 -27.47 -27.92
CA GLU E 307 9.34 -28.84 -27.74
C GLU E 307 10.55 -29.75 -27.57
N SER E 308 10.57 -30.51 -26.49
CA SER E 308 11.63 -31.46 -26.26
C SER E 308 11.09 -32.54 -25.34
N ALA E 309 11.65 -33.73 -25.46
CA ALA E 309 11.33 -34.86 -24.59
C ALA E 309 12.38 -35.93 -24.82
N PRO E 310 12.61 -36.78 -23.83
CA PRO E 310 13.33 -38.03 -24.10
C PRO E 310 12.48 -38.95 -24.96
N GLY E 311 13.16 -39.69 -25.83
CA GLY E 311 12.47 -40.62 -26.71
C GLY E 311 11.96 -39.95 -27.97
N ASP E 312 12.09 -40.62 -29.07
CA ASP E 312 11.66 -40.03 -30.33
C ASP E 312 10.23 -40.46 -30.66
N PRO E 313 9.54 -39.67 -31.47
CA PRO E 313 8.26 -40.13 -32.02
C PRO E 313 8.42 -40.95 -33.28
N HIS E 314 9.62 -41.45 -33.55
CA HIS E 314 9.90 -42.30 -34.69
C HIS E 314 10.59 -43.55 -34.17
N GLY E 315 9.81 -44.59 -33.87
CA GLY E 315 10.41 -45.84 -33.44
C GLY E 315 9.48 -46.73 -32.64
N TRP E 316 9.99 -47.25 -31.52
CA TRP E 316 9.22 -48.16 -30.70
C TRP E 316 8.12 -47.42 -29.95
N PRO E 317 7.01 -48.09 -29.62
CA PRO E 317 5.88 -47.37 -29.01
C PRO E 317 6.14 -46.82 -27.61
N HIS E 318 7.03 -47.45 -26.83
CA HIS E 318 7.31 -46.90 -25.51
C HIS E 318 8.09 -45.60 -25.61
N GLU E 319 8.93 -45.46 -26.63
CA GLU E 319 9.61 -44.20 -26.89
C GLU E 319 8.62 -43.11 -27.28
N ILE E 320 7.60 -43.48 -28.08
CA ILE E 320 6.60 -42.52 -28.51
C ILE E 320 5.73 -42.08 -27.34
N VAL E 321 5.44 -43.01 -26.42
CA VAL E 321 4.64 -42.63 -25.26
C VAL E 321 5.47 -41.78 -24.30
N GLN E 322 6.77 -42.07 -24.16
CA GLN E 322 7.65 -41.22 -23.36
C GLN E 322 7.79 -39.82 -23.97
N HIS E 323 7.67 -39.70 -25.28
CA HIS E 323 7.70 -38.36 -25.86
C HIS E 323 6.38 -37.64 -25.65
N TYR E 324 5.27 -38.24 -26.08
CA TYR E 324 4.01 -37.51 -26.11
C TYR E 324 3.37 -37.33 -24.74
N TYR E 325 3.55 -38.27 -23.81
CA TYR E 325 3.02 -38.05 -22.46
C TYR E 325 3.76 -36.94 -21.74
N HIS E 326 5.02 -36.75 -22.08
CA HIS E 326 5.84 -35.69 -21.50
C HIS E 326 5.47 -34.31 -22.03
N ARG E 327 4.54 -34.22 -22.98
CA ARG E 327 4.10 -32.96 -23.53
C ARG E 327 2.62 -32.70 -23.27
N HIS E 328 1.74 -33.60 -23.71
CA HIS E 328 0.30 -33.44 -23.57
C HIS E 328 -0.21 -34.62 -22.75
N PRO E 329 -0.09 -34.55 -21.42
CA PRO E 329 -0.36 -35.74 -20.61
C PRO E 329 -1.82 -36.11 -20.52
N VAL E 330 -2.74 -35.15 -20.63
CA VAL E 330 -4.16 -35.45 -20.51
C VAL E 330 -4.76 -36.03 -21.78
N TYR E 331 -3.99 -36.10 -22.86
CA TYR E 331 -4.47 -36.66 -24.12
C TYR E 331 -3.95 -38.06 -24.37
N THR E 332 -2.71 -38.33 -23.96
CA THR E 332 -2.10 -39.65 -24.10
C THR E 332 -2.91 -40.71 -23.36
N VAL E 333 -3.34 -40.39 -22.15
CA VAL E 333 -4.07 -41.34 -21.32
C VAL E 333 -5.43 -41.66 -21.94
N MET E 334 -6.09 -40.65 -22.49
CA MET E 334 -7.40 -40.88 -23.12
C MET E 334 -7.27 -41.72 -24.38
N ILE E 335 -6.32 -41.37 -25.24
CA ILE E 335 -6.18 -42.12 -26.49
C ILE E 335 -5.59 -43.51 -26.27
N LEU E 336 -5.02 -43.79 -25.11
CA LEU E 336 -4.68 -45.18 -24.81
C LEU E 336 -5.83 -45.96 -24.20
N VAL E 337 -6.55 -45.35 -23.23
CA VAL E 337 -7.59 -46.06 -22.50
C VAL E 337 -8.78 -46.36 -23.39
N ALA E 338 -9.12 -45.45 -24.30
CA ALA E 338 -10.22 -45.70 -25.23
C ALA E 338 -9.90 -46.85 -26.18
N ALA E 339 -8.63 -46.96 -26.59
CA ALA E 339 -8.21 -48.06 -27.44
C ALA E 339 -8.24 -49.39 -26.70
N THR E 340 -7.83 -49.39 -25.43
CA THR E 340 -7.91 -50.63 -24.64
C THR E 340 -9.35 -51.07 -24.40
N LEU E 341 -10.25 -50.10 -24.18
CA LEU E 341 -11.66 -50.43 -24.02
C LEU E 341 -12.25 -50.98 -25.31
N ALA E 342 -11.85 -50.43 -26.46
CA ALA E 342 -12.31 -50.98 -27.74
C ALA E 342 -11.79 -52.38 -27.97
N ILE E 343 -10.55 -52.67 -27.55
CA ILE E 343 -9.98 -54.00 -27.68
C ILE E 343 -10.76 -55.02 -26.85
N VAL E 344 -11.04 -54.67 -25.58
CA VAL E 344 -11.79 -55.55 -24.70
C VAL E 344 -13.20 -55.76 -25.22
N LEU E 345 -13.81 -54.70 -25.78
CA LEU E 345 -15.14 -54.80 -26.37
C LEU E 345 -15.16 -55.74 -27.56
N GLY E 346 -14.14 -55.65 -28.42
CA GLY E 346 -14.10 -56.48 -29.61
C GLY E 346 -13.87 -57.96 -29.29
N VAL E 347 -12.92 -58.25 -28.40
CA VAL E 347 -12.69 -59.65 -28.05
C VAL E 347 -13.87 -60.22 -27.26
N SER E 348 -14.57 -59.37 -26.50
CA SER E 348 -15.74 -59.84 -25.75
C SER E 348 -16.89 -60.18 -26.69
N VAL E 349 -17.16 -59.32 -27.68
CA VAL E 349 -18.27 -59.61 -28.57
C VAL E 349 -17.94 -60.77 -29.50
N ALA E 350 -16.67 -60.96 -29.86
CA ALA E 350 -16.30 -62.13 -30.66
C ALA E 350 -16.48 -63.41 -29.86
N SER E 351 -16.01 -63.42 -28.61
CA SER E 351 -16.12 -64.62 -27.78
C SER E 351 -17.55 -64.91 -27.34
N VAL E 352 -18.44 -63.93 -27.29
CA VAL E 352 -19.83 -64.26 -26.98
C VAL E 352 -20.61 -64.64 -28.23
N CYS E 353 -20.28 -64.08 -29.40
CA CYS E 353 -21.10 -64.36 -30.56
C CYS E 353 -20.71 -65.67 -31.23
N VAL E 354 -19.44 -66.10 -31.12
CA VAL E 354 -19.12 -67.43 -31.62
C VAL E 354 -19.71 -68.51 -30.71
N CYS E 355 -19.87 -68.21 -29.41
CA CYS E 355 -20.54 -69.16 -28.53
C CYS E 355 -22.04 -69.21 -28.80
N ARG E 356 -22.64 -68.07 -29.12
CA ARG E 356 -24.04 -68.07 -29.53
C ARG E 356 -24.26 -68.87 -30.80
N ALA E 357 -23.34 -68.74 -31.77
CA ALA E 357 -23.45 -69.50 -33.01
C ALA E 357 -23.26 -70.99 -32.77
N ARG E 358 -22.34 -71.37 -31.88
CA ARG E 358 -22.17 -72.79 -31.58
C ARG E 358 -23.36 -73.36 -30.81
N ARG E 359 -24.02 -72.56 -29.98
CA ARG E 359 -25.20 -73.06 -29.29
C ARG E 359 -26.35 -73.27 -30.25
N GLU E 360 -26.69 -72.26 -31.05
CA GLU E 360 -27.84 -72.44 -31.93
C GLU E 360 -27.50 -73.20 -33.20
N CYS E 361 -26.24 -73.58 -33.41
CA CYS E 361 -25.89 -74.37 -34.58
C CYS E 361 -26.20 -75.84 -34.38
N LEU E 362 -26.24 -76.30 -33.14
CA LEU E 362 -26.30 -77.72 -32.82
C LEU E 362 -27.71 -78.09 -32.36
N THR E 363 -28.29 -79.11 -32.99
CA THR E 363 -29.55 -79.71 -32.56
C THR E 363 -29.36 -81.19 -32.28
N ALA F 8 -6.96 44.02 -19.87
CA ALA F 8 -5.76 43.97 -19.05
C ALA F 8 -5.46 45.32 -18.44
N MET F 9 -6.40 45.85 -17.67
CA MET F 9 -6.22 47.11 -16.97
C MET F 9 -6.49 46.93 -15.48
N CYS F 10 -5.94 47.85 -14.69
CA CYS F 10 -6.04 47.83 -13.24
C CYS F 10 -7.10 48.81 -12.77
N ILE F 11 -7.49 48.64 -11.51
CA ILE F 11 -8.56 49.41 -10.88
C ILE F 11 -7.89 50.22 -9.79
N LEU F 12 -6.69 50.71 -10.10
CA LEU F 12 -5.85 51.51 -9.21
C LEU F 12 -6.59 52.75 -8.71
N GLY F 13 -6.92 52.77 -7.42
CA GLY F 13 -7.72 53.85 -6.87
C GLY F 13 -9.09 53.96 -7.50
N ASN F 14 -9.28 55.00 -8.31
CA ASN F 14 -10.50 55.17 -9.10
C ASN F 14 -10.20 55.43 -10.57
N MET F 15 -8.98 55.17 -11.03
CA MET F 15 -8.58 55.48 -12.41
C MET F 15 -7.95 54.25 -13.03
N THR F 16 -8.40 53.90 -14.23
CA THR F 16 -7.85 52.76 -14.93
C THR F 16 -6.51 53.08 -15.57
N PHE F 17 -5.66 52.06 -15.66
CA PHE F 17 -4.33 52.16 -16.23
C PHE F 17 -4.00 50.80 -16.83
N PRO F 18 -3.24 50.75 -17.93
CA PRO F 18 -2.85 49.46 -18.49
C PRO F 18 -1.86 48.77 -17.56
N CYS F 19 -1.97 47.44 -17.49
CA CYS F 19 -1.18 46.69 -16.54
C CYS F 19 0.30 46.65 -16.90
N ASN F 20 0.63 46.85 -18.18
CA ASN F 20 2.02 46.83 -18.57
C ASN F 20 2.73 48.12 -18.14
N GLN F 21 2.01 49.24 -18.08
CA GLN F 21 2.56 50.49 -17.57
C GLN F 21 1.62 51.09 -16.53
N PRO F 22 1.77 50.70 -15.27
CA PRO F 22 1.10 51.41 -14.19
C PRO F 22 1.83 52.69 -13.85
N PRO F 23 1.13 53.70 -13.38
CA PRO F 23 1.75 55.03 -13.26
C PRO F 23 2.52 55.27 -11.98
N THR F 24 3.32 54.32 -11.52
CA THR F 24 4.10 54.49 -10.30
C THR F 24 5.46 53.83 -10.50
N CYS F 25 6.24 53.78 -9.42
CA CYS F 25 7.57 53.20 -9.42
C CYS F 25 7.74 52.37 -8.16
N TYR F 26 8.81 51.57 -8.14
CA TYR F 26 9.03 50.63 -7.05
C TYR F 26 9.58 51.31 -5.81
N SER F 27 10.52 52.25 -5.97
CA SER F 27 11.13 52.91 -4.83
C SER F 27 11.02 54.43 -4.88
N ARG F 28 10.64 55.01 -6.01
CA ARG F 28 10.40 56.45 -6.04
C ARG F 28 9.16 56.79 -5.21
N GLU F 29 8.15 55.94 -5.24
CA GLU F 29 6.94 56.12 -4.46
C GLU F 29 6.66 54.85 -3.67
N PRO F 30 7.36 54.65 -2.56
CA PRO F 30 7.08 53.46 -1.74
C PRO F 30 5.74 53.59 -1.04
N ALA F 31 5.18 52.42 -0.71
CA ALA F 31 3.89 52.21 -0.04
C ALA F 31 2.68 52.71 -0.83
N ARG F 32 2.90 53.20 -2.05
CA ARG F 32 1.78 53.45 -2.95
C ARG F 32 1.54 52.24 -3.83
N ALA F 33 2.61 51.59 -4.26
CA ALA F 33 2.49 50.42 -5.12
C ALA F 33 1.89 49.24 -4.38
N LEU F 34 2.05 49.20 -3.06
CA LEU F 34 1.42 48.15 -2.27
C LEU F 34 -0.09 48.23 -2.34
N ASP F 35 -0.63 49.44 -2.31
CA ASP F 35 -2.07 49.61 -2.46
C ASP F 35 -2.54 49.31 -3.87
N ILE F 36 -1.64 49.42 -4.84
CA ILE F 36 -1.97 49.04 -6.20
C ILE F 36 -2.10 47.53 -6.31
N LEU F 37 -1.13 46.81 -5.74
CA LEU F 37 -1.12 45.35 -5.84
C LEU F 37 -2.24 44.75 -5.00
N GLU F 38 -2.50 45.34 -3.84
CA GLU F 38 -3.55 44.83 -2.96
C GLU F 38 -4.94 45.10 -3.51
N ALA F 39 -5.08 46.05 -4.43
CA ALA F 39 -6.35 46.27 -5.09
C ALA F 39 -6.49 45.49 -6.39
N ASN F 40 -5.47 44.73 -6.77
CA ASN F 40 -5.44 44.04 -8.05
C ASN F 40 -5.11 42.57 -7.85
N VAL F 41 -5.62 41.99 -6.76
CA VAL F 41 -5.25 40.62 -6.41
C VAL F 41 -5.92 39.63 -7.35
N ASP F 42 -7.20 39.81 -7.61
CA ASP F 42 -7.91 38.85 -8.44
C ASP F 42 -7.70 39.03 -9.93
N SER F 43 -6.84 39.97 -10.33
CA SER F 43 -6.60 40.19 -11.75
C SER F 43 -5.61 39.17 -12.29
N ALA F 44 -5.90 38.64 -13.47
CA ALA F 44 -5.04 37.63 -14.06
C ALA F 44 -3.73 38.20 -14.57
N ALA F 45 -3.66 39.50 -14.83
CA ALA F 45 -2.41 40.13 -15.22
C ALA F 45 -1.65 40.65 -14.01
N TYR F 46 -1.50 39.79 -13.01
CA TYR F 46 -0.93 40.25 -11.75
C TYR F 46 0.59 40.24 -11.78
N ASP F 47 1.19 39.22 -12.42
CA ASP F 47 2.64 39.13 -12.48
C ASP F 47 3.23 40.23 -13.36
N ASP F 48 2.46 40.66 -14.37
CA ASP F 48 2.86 41.81 -15.17
C ASP F 48 2.93 43.07 -14.32
N LEU F 49 1.96 43.23 -13.42
CA LEU F 49 1.99 44.33 -12.47
C LEU F 49 3.16 44.21 -11.52
N MET F 50 3.47 42.99 -11.10
CA MET F 50 4.58 42.74 -10.19
C MET F 50 5.91 43.16 -10.80
N ARG F 51 6.11 42.81 -12.06
CA ARG F 51 7.33 43.23 -12.74
C ARG F 51 7.33 44.72 -13.01
N ALA F 52 6.21 45.26 -13.50
CA ALA F 52 6.17 46.63 -13.96
C ALA F 52 6.17 47.64 -12.83
N VAL F 53 5.92 47.21 -11.59
CA VAL F 53 6.27 48.08 -10.47
C VAL F 53 7.79 48.22 -10.37
N LEU F 54 8.51 47.11 -10.39
CA LEU F 54 9.95 47.14 -10.45
C LEU F 54 10.44 47.60 -11.82
N PHE G 1 51.73 -63.71 32.83
CA PHE G 1 50.50 -64.46 32.61
C PHE G 1 49.69 -63.70 31.58
N GLU G 2 48.72 -64.34 30.93
CA GLU G 2 48.00 -63.73 29.82
C GLU G 2 46.51 -63.69 30.08
N HIS G 3 45.94 -62.50 30.09
CA HIS G 3 44.53 -62.28 30.38
C HIS G 3 43.92 -61.41 29.30
N ALA G 4 42.63 -61.64 29.02
CA ALA G 4 41.99 -61.06 27.85
C ALA G 4 40.55 -60.66 28.17
N THR G 5 40.24 -59.37 28.10
CA THR G 5 38.89 -58.84 28.35
C THR G 5 38.56 -57.74 27.35
N THR G 6 37.36 -57.15 27.52
CA THR G 6 36.79 -56.14 26.63
C THR G 6 36.39 -54.89 27.41
N VAL G 7 37.28 -53.90 27.48
CA VAL G 7 37.03 -52.58 28.06
C VAL G 7 35.87 -51.92 27.30
N PRO G 8 35.00 -51.13 27.92
CA PRO G 8 34.07 -50.34 27.13
C PRO G 8 34.58 -48.93 26.91
N ASN G 9 34.40 -48.42 25.69
CA ASN G 9 34.99 -47.17 25.26
C ASN G 9 34.10 -46.02 25.69
N VAL G 10 34.21 -45.66 26.97
CA VAL G 10 33.66 -44.42 27.48
C VAL G 10 34.75 -43.83 28.36
N PRO G 11 35.30 -42.67 28.02
CA PRO G 11 36.54 -42.23 28.67
C PRO G 11 36.33 -41.77 30.10
N ARG G 12 37.31 -42.07 30.93
CA ARG G 12 37.42 -41.76 32.36
C ARG G 12 36.39 -42.47 33.23
N ILE G 13 35.78 -43.53 32.73
CA ILE G 13 35.10 -44.51 33.58
C ILE G 13 36.08 -45.65 33.83
N PRO G 14 36.52 -45.87 35.05
CA PRO G 14 37.39 -47.02 35.34
C PRO G 14 36.64 -48.33 35.20
N TYR G 15 37.42 -49.39 35.07
CA TYR G 15 36.88 -50.70 34.78
C TYR G 15 37.61 -51.72 35.64
N LYS G 16 36.87 -52.48 36.42
CA LYS G 16 37.46 -53.40 37.38
C LYS G 16 37.53 -54.79 36.80
N ALA G 17 38.62 -55.51 37.06
CA ALA G 17 38.73 -56.92 36.71
C ALA G 17 39.74 -57.61 37.62
N LEU G 18 39.45 -58.85 37.99
CA LEU G 18 40.43 -59.73 38.64
C LEU G 18 41.05 -60.65 37.63
N VAL G 19 42.35 -60.84 37.76
CA VAL G 19 43.08 -61.92 37.12
C VAL G 19 43.53 -62.89 38.19
N GLU G 20 43.13 -64.14 38.07
CA GLU G 20 43.52 -65.13 39.06
C GLU G 20 44.06 -66.35 38.36
N ARG G 21 45.24 -66.79 38.79
CA ARG G 21 45.74 -68.10 38.43
C ARG G 21 45.98 -68.90 39.69
N ALA G 22 46.15 -70.19 39.51
CA ALA G 22 46.09 -71.10 40.64
C ALA G 22 47.36 -71.03 41.47
N GLY G 23 47.20 -71.25 42.77
CA GLY G 23 48.33 -71.14 43.66
C GLY G 23 48.77 -69.72 43.92
N TYR G 24 47.92 -68.75 43.62
CA TYR G 24 48.30 -67.36 43.70
C TYR G 24 47.10 -66.53 44.14
N ALA G 25 47.38 -65.49 44.92
CA ALA G 25 46.32 -64.60 45.34
C ALA G 25 45.83 -63.80 44.15
N PRO G 26 44.51 -63.67 43.97
CA PRO G 26 43.98 -62.92 42.84
C PRO G 26 44.33 -61.45 42.98
N LEU G 27 45.07 -60.92 42.02
CA LEU G 27 45.36 -59.50 42.08
C LEU G 27 44.38 -58.72 41.21
N ASN G 28 44.30 -57.44 41.53
CA ASN G 28 43.37 -56.48 40.98
C ASN G 28 43.84 -55.95 39.63
N LEU G 29 42.93 -55.31 38.90
CA LEU G 29 43.30 -54.72 37.63
C LEU G 29 42.30 -53.64 37.27
N GLU G 30 42.78 -52.42 37.03
CA GLU G 30 41.94 -51.32 36.57
C GLU G 30 42.51 -50.73 35.30
N ILE G 31 41.66 -50.50 34.31
CA ILE G 31 42.07 -50.08 32.97
C ILE G 31 41.17 -48.93 32.56
N THR G 32 41.61 -47.69 32.81
CA THR G 32 40.80 -46.52 32.49
C THR G 32 41.31 -45.93 31.19
N VAL G 33 40.43 -45.79 30.21
CA VAL G 33 40.79 -45.08 29.00
C VAL G 33 40.69 -43.59 29.30
N MET G 34 41.82 -42.90 29.23
CA MET G 34 41.87 -41.50 29.63
C MET G 34 41.81 -40.53 28.48
N SER G 35 42.03 -41.00 27.27
CA SER G 35 41.94 -40.19 26.07
C SER G 35 41.84 -41.13 24.89
N SER G 36 41.16 -40.68 23.85
CA SER G 36 41.04 -41.51 22.65
C SER G 36 40.72 -40.58 21.50
N GLU G 37 41.53 -40.61 20.46
CA GLU G 37 41.20 -39.83 19.28
C GLU G 37 41.42 -40.66 18.04
N LEU G 38 40.51 -40.53 17.08
CA LEU G 38 40.73 -41.12 15.77
C LEU G 38 41.24 -40.05 14.82
N ILE G 39 42.34 -40.38 14.15
CA ILE G 39 43.04 -39.52 13.21
C ILE G 39 42.85 -40.11 11.82
N PRO G 40 42.19 -39.42 10.90
CA PRO G 40 42.14 -39.87 9.53
C PRO G 40 43.30 -39.34 8.71
N SER G 41 43.56 -40.03 7.59
CA SER G 41 44.61 -39.64 6.67
C SER G 41 44.04 -38.67 5.65
N THR G 42 44.61 -37.47 5.60
CA THR G 42 44.05 -36.34 4.87
C THR G 42 45.02 -35.85 3.81
N ASN G 43 44.47 -35.26 2.76
CA ASN G 43 45.27 -34.60 1.74
C ASN G 43 44.45 -33.50 1.08
N LEU G 44 45.07 -32.35 0.86
CA LEU G 44 44.32 -31.16 0.49
C LEU G 44 44.41 -30.93 -1.02
N GLU G 45 43.26 -30.62 -1.62
CA GLU G 45 43.21 -30.29 -3.04
C GLU G 45 43.61 -28.86 -3.29
N TYR G 46 42.88 -27.89 -2.74
CA TYR G 46 43.18 -26.52 -3.09
C TYR G 46 43.04 -25.61 -1.89
N VAL G 47 43.19 -24.31 -2.11
CA VAL G 47 43.21 -23.29 -1.08
C VAL G 47 42.48 -22.08 -1.63
N THR G 48 41.59 -21.48 -0.83
CA THR G 48 40.72 -20.43 -1.32
C THR G 48 40.85 -19.20 -0.45
N CYS G 49 40.59 -18.03 -1.01
CA CYS G 49 40.41 -16.79 -0.27
C CYS G 49 39.36 -15.95 -0.97
N LYS G 50 39.31 -14.67 -0.62
CA LYS G 50 38.71 -13.68 -1.49
C LYS G 50 39.73 -13.23 -2.51
N TYR G 51 39.26 -12.97 -3.72
CA TYR G 51 40.04 -12.14 -4.61
C TYR G 51 40.08 -10.71 -4.08
N THR G 52 41.22 -10.09 -4.21
CA THR G 52 41.28 -8.66 -4.45
C THR G 52 41.84 -8.61 -5.85
N THR G 53 40.92 -8.44 -6.80
CA THR G 53 41.27 -8.31 -8.20
C THR G 53 42.27 -7.20 -8.39
N VAL G 54 43.34 -7.51 -9.12
CA VAL G 54 44.25 -6.46 -9.57
C VAL G 54 43.38 -5.59 -10.42
N VAL G 55 43.18 -4.36 -9.96
CA VAL G 55 42.47 -3.40 -10.76
C VAL G 55 43.55 -2.43 -11.16
N PRO G 56 44.27 -2.71 -12.24
CA PRO G 56 45.44 -1.92 -12.57
C PRO G 56 45.03 -0.58 -13.17
N SER G 57 45.98 0.31 -13.29
CA SER G 57 45.75 1.48 -14.10
C SER G 57 45.63 1.02 -15.55
N PRO G 58 44.54 1.34 -16.24
CA PRO G 58 44.27 0.72 -17.54
C PRO G 58 45.19 1.25 -18.62
N LYS G 59 45.16 0.55 -19.74
CA LYS G 59 45.95 0.90 -20.91
C LYS G 59 45.08 1.66 -21.88
N VAL G 60 45.45 2.90 -22.18
CA VAL G 60 44.62 3.78 -23.01
C VAL G 60 45.48 4.39 -24.10
N LYS G 61 45.09 4.16 -25.36
CA LYS G 61 45.66 4.86 -26.49
C LYS G 61 44.71 5.96 -26.95
N CYS G 62 45.27 7.15 -27.21
CA CYS G 62 44.44 8.29 -27.58
C CYS G 62 43.95 8.20 -29.02
N CYS G 63 44.78 7.68 -29.92
CA CYS G 63 44.37 7.53 -31.31
C CYS G 63 44.64 6.12 -31.80
N GLY G 64 45.64 5.46 -31.23
CA GLY G 64 45.95 4.10 -31.61
C GLY G 64 44.92 3.12 -31.05
N THR G 65 45.13 1.84 -31.41
CA THR G 65 44.26 0.76 -30.97
C THR G 65 45.06 -0.26 -30.18
N LEU G 66 44.36 -0.97 -29.31
CA LEU G 66 44.94 -2.01 -28.47
C LEU G 66 44.28 -3.34 -28.74
N GLU G 67 45.09 -4.39 -28.81
CA GLU G 67 44.63 -5.77 -28.92
C GLU G 67 45.41 -6.56 -27.88
N CYS G 68 44.88 -6.59 -26.66
CA CYS G 68 45.58 -7.19 -25.54
C CYS G 68 45.08 -8.61 -25.33
N SER G 69 45.99 -9.57 -25.40
CA SER G 69 45.69 -10.95 -25.10
C SER G 69 46.01 -11.22 -23.64
N SER G 70 46.06 -12.49 -23.25
CA SER G 70 46.27 -12.85 -21.86
C SER G 70 47.73 -13.13 -21.59
N ALA G 71 48.25 -12.53 -20.52
CA ALA G 71 49.46 -12.99 -19.90
C ALA G 71 49.11 -14.16 -18.99
N ARG G 72 50.13 -14.81 -18.45
CA ARG G 72 49.90 -15.97 -17.59
C ARG G 72 49.44 -15.45 -16.24
N HIS G 73 48.13 -15.20 -16.16
CA HIS G 73 47.50 -14.77 -14.94
C HIS G 73 46.20 -15.53 -14.80
N ALA G 74 45.40 -15.14 -13.82
CA ALA G 74 44.17 -15.80 -13.43
C ALA G 74 43.03 -15.45 -14.37
N ASP G 75 41.78 -15.59 -13.90
CA ASP G 75 40.68 -14.85 -14.50
C ASP G 75 41.07 -13.44 -14.80
N TYR G 76 40.93 -13.07 -16.04
CA TYR G 76 40.81 -11.70 -16.44
C TYR G 76 39.36 -11.41 -16.68
N ASN G 77 39.11 -10.22 -17.19
CA ASN G 77 38.29 -10.03 -18.38
C ASN G 77 39.12 -8.98 -19.12
N CYS G 78 40.09 -9.44 -19.89
CA CYS G 78 40.96 -8.49 -20.58
C CYS G 78 40.18 -7.99 -21.78
N LYS G 79 39.38 -6.97 -21.55
CA LYS G 79 38.43 -6.49 -22.52
C LYS G 79 38.86 -5.10 -22.99
N VAL G 80 38.59 -4.82 -24.25
CA VAL G 80 39.36 -3.85 -25.03
C VAL G 80 38.51 -2.73 -25.61
N PHE G 81 37.56 -2.22 -24.80
CA PHE G 81 36.47 -1.32 -25.19
C PHE G 81 36.86 -0.22 -26.16
N GLY G 82 35.95 0.06 -27.08
CA GLY G 82 36.23 0.91 -28.23
C GLY G 82 36.16 2.39 -27.93
N GLY G 83 35.39 3.12 -28.75
CA GLY G 83 35.34 4.57 -28.70
C GLY G 83 34.88 5.16 -27.39
N VAL G 84 35.83 5.77 -26.66
CA VAL G 84 35.60 6.20 -25.29
C VAL G 84 36.59 7.32 -24.99
N TYR G 85 36.27 8.13 -23.98
CA TYR G 85 36.96 9.33 -23.54
C TYR G 85 37.13 10.35 -24.66
N PRO G 86 36.05 11.00 -25.12
CA PRO G 86 36.20 11.97 -26.21
C PRO G 86 36.82 13.28 -25.76
N GLU G 99 39.60 6.18 -33.15
CA GLU G 99 39.25 6.82 -31.89
C GLU G 99 40.18 6.38 -30.77
N ASN G 100 39.86 6.78 -29.54
CA ASN G 100 40.63 6.34 -28.40
C ASN G 100 40.15 4.97 -27.95
N SER G 101 40.99 4.29 -27.16
CA SER G 101 40.70 2.93 -26.74
C SER G 101 41.27 2.66 -25.37
N GLN G 102 40.55 1.84 -24.60
CA GLN G 102 40.97 1.40 -23.28
C GLN G 102 40.87 -0.12 -23.23
N MET G 103 41.95 -0.76 -22.81
CA MET G 103 41.99 -2.21 -22.63
C MET G 103 42.15 -2.45 -21.13
N SER G 104 41.02 -2.54 -20.45
CA SER G 104 41.01 -2.81 -19.02
C SER G 104 41.08 -4.30 -18.79
N GLU G 105 41.92 -4.72 -17.86
CA GLU G 105 42.10 -6.13 -17.53
C GLU G 105 42.17 -6.20 -16.02
N ALA G 106 41.01 -6.38 -15.40
CA ALA G 106 40.94 -6.49 -13.95
C ALA G 106 41.07 -7.96 -13.60
N TYR G 107 42.30 -8.43 -13.47
CA TYR G 107 42.51 -9.83 -13.23
C TYR G 107 42.55 -10.14 -11.75
N VAL G 108 41.93 -11.26 -11.38
CA VAL G 108 41.86 -11.61 -9.98
C VAL G 108 43.22 -12.15 -9.54
N GLU G 109 43.45 -12.11 -8.24
CA GLU G 109 44.55 -12.82 -7.61
C GLU G 109 44.09 -13.15 -6.19
N PHE G 110 45.01 -13.49 -5.32
CA PHE G 110 44.64 -13.61 -3.91
C PHE G 110 44.44 -12.23 -3.30
N SER G 111 43.96 -12.23 -2.08
CA SER G 111 43.70 -10.97 -1.40
C SER G 111 45.01 -10.37 -0.92
N ALA G 112 44.92 -9.30 -0.14
CA ALA G 112 46.13 -8.73 0.44
C ALA G 112 46.67 -9.57 1.58
N ASP G 113 45.88 -10.52 2.10
CA ASP G 113 46.30 -11.34 3.22
C ASP G 113 45.51 -12.64 3.23
N CYS G 114 46.18 -13.72 2.81
CA CYS G 114 45.66 -15.06 2.91
C CYS G 114 46.41 -15.92 3.90
N ALA G 115 47.54 -15.42 4.43
CA ALA G 115 48.22 -16.13 5.50
C ALA G 115 47.43 -16.10 6.79
N ALA G 116 46.43 -15.22 6.88
CA ALA G 116 45.62 -15.11 8.07
C ALA G 116 44.21 -15.65 7.91
N ASP G 117 43.65 -15.63 6.71
CA ASP G 117 42.24 -15.96 6.53
C ASP G 117 42.05 -16.68 5.20
N HIS G 118 42.16 -18.00 5.23
CA HIS G 118 42.01 -18.80 4.02
C HIS G 118 41.31 -20.09 4.38
N ALA G 119 41.33 -21.06 3.47
CA ALA G 119 40.64 -22.31 3.72
C ALA G 119 41.39 -23.44 3.03
N GLN G 120 41.16 -24.64 3.51
CA GLN G 120 41.91 -25.80 3.04
C GLN G 120 40.91 -26.91 2.72
N ALA G 121 40.56 -27.09 1.46
CA ALA G 121 39.52 -28.08 1.16
C ALA G 121 40.14 -29.46 1.18
N VAL G 122 40.17 -30.02 2.36
CA VAL G 122 40.87 -31.26 2.67
C VAL G 122 39.97 -32.45 2.36
N LYS G 123 40.52 -33.48 1.73
CA LYS G 123 39.81 -34.74 1.59
C LYS G 123 40.32 -35.73 2.63
N VAL G 124 39.40 -36.58 3.11
CA VAL G 124 39.58 -37.40 4.31
C VAL G 124 39.31 -38.86 3.96
N HIS G 125 40.26 -39.73 4.29
CA HIS G 125 40.08 -41.17 4.15
C HIS G 125 39.81 -41.79 5.51
N THR G 126 39.85 -43.12 5.59
CA THR G 126 39.51 -43.81 6.82
C THR G 126 40.54 -43.57 7.91
N ALA G 127 40.11 -43.81 9.15
CA ALA G 127 40.80 -43.32 10.34
C ALA G 127 41.28 -44.45 11.23
N ALA G 128 42.07 -44.07 12.23
CA ALA G 128 42.70 -44.97 13.17
C ALA G 128 41.91 -45.06 14.47
N LEU G 129 42.52 -45.63 15.50
CA LEU G 129 42.25 -45.28 16.88
C LEU G 129 43.48 -45.43 17.74
N LYS G 130 43.84 -44.35 18.41
CA LYS G 130 44.72 -44.46 19.55
C LYS G 130 43.93 -44.77 20.81
N ALA G 131 44.60 -44.66 21.94
CA ALA G 131 44.01 -44.57 23.27
C ALA G 131 45.10 -43.97 24.14
N GLY G 132 44.84 -43.89 25.43
CA GLY G 132 45.86 -43.33 26.30
C GLY G 132 45.96 -44.08 27.61
N LEU G 133 45.75 -45.40 27.54
CA LEU G 133 45.26 -46.22 28.64
C LEU G 133 46.09 -46.08 29.90
N ARG G 134 45.41 -46.08 31.04
CA ARG G 134 46.06 -46.13 32.35
C ARG G 134 45.70 -47.44 33.01
N ILE G 135 46.71 -48.26 33.27
CA ILE G 135 46.51 -49.60 33.80
C ILE G 135 47.15 -49.67 35.17
N VAL G 136 46.36 -50.04 36.17
CA VAL G 136 46.85 -50.28 37.52
C VAL G 136 46.73 -51.76 37.79
N TYR G 137 47.86 -52.38 38.11
CA TYR G 137 47.93 -53.79 38.46
C TYR G 137 48.76 -53.87 39.72
N GLY G 138 48.24 -54.57 40.71
CA GLY G 138 48.89 -54.72 41.98
C GLY G 138 49.09 -53.41 42.70
N ASN G 139 50.34 -53.01 42.85
CA ASN G 139 50.66 -51.74 43.49
C ASN G 139 51.29 -50.78 42.52
N THR G 140 51.23 -51.06 41.22
CA THR G 140 51.91 -50.24 40.22
C THR G 140 50.93 -49.75 39.18
N THR G 141 51.05 -48.48 38.82
CA THR G 141 50.29 -47.87 37.75
C THR G 141 51.19 -47.68 36.54
N SER G 142 50.56 -47.62 35.38
CA SER G 142 51.30 -47.53 34.13
C SER G 142 50.52 -46.69 33.14
N MET G 143 51.17 -45.66 32.64
CA MET G 143 50.64 -44.76 31.63
C MET G 143 51.24 -45.11 30.29
N LEU G 144 50.41 -45.31 29.28
CA LEU G 144 50.93 -45.69 27.97
C LEU G 144 50.04 -45.09 26.90
N ASP G 145 50.23 -45.53 25.66
CA ASP G 145 49.36 -45.21 24.54
C ASP G 145 49.49 -46.28 23.48
N VAL G 146 48.38 -46.80 23.01
CA VAL G 146 48.39 -48.00 22.19
C VAL G 146 47.44 -47.83 21.01
N TYR G 147 47.93 -48.12 19.82
CA TYR G 147 47.10 -48.05 18.63
C TYR G 147 46.05 -49.14 18.68
N VAL G 148 44.80 -48.80 18.43
CA VAL G 148 43.73 -49.78 18.52
C VAL G 148 43.66 -50.42 17.15
N ASN G 149 44.59 -51.33 16.92
CA ASN G 149 44.56 -52.36 15.90
C ASN G 149 45.11 -53.60 16.57
N GLY G 150 44.71 -54.76 16.11
CA GLY G 150 45.01 -55.95 16.90
C GLY G 150 46.45 -56.44 16.93
N VAL G 151 47.43 -55.61 16.56
CA VAL G 151 48.79 -56.10 16.42
C VAL G 151 49.85 -55.28 17.14
N THR G 152 49.67 -53.98 17.29
CA THR G 152 50.80 -53.17 17.70
C THR G 152 50.91 -53.17 19.21
N PRO G 153 52.02 -53.61 19.77
CA PRO G 153 52.14 -53.65 21.23
C PRO G 153 52.59 -52.34 21.84
N GLY G 154 51.67 -51.65 22.50
CA GLY G 154 52.03 -50.53 23.33
C GLY G 154 52.43 -51.12 24.65
N THR G 155 53.65 -50.81 25.08
CA THR G 155 54.17 -51.44 26.27
C THR G 155 54.44 -50.40 27.34
N SER G 156 54.32 -50.84 28.57
CA SER G 156 54.83 -50.15 29.73
C SER G 156 56.27 -50.55 29.93
N LYS G 157 56.79 -50.35 31.16
CA LYS G 157 58.08 -50.91 31.54
C LYS G 157 58.14 -52.41 31.31
N ASP G 158 57.06 -53.12 31.61
CA ASP G 158 57.17 -54.57 31.58
C ASP G 158 55.97 -55.29 31.00
N LEU G 159 54.80 -54.70 30.89
CA LEU G 159 53.65 -55.41 30.34
C LEU G 159 53.37 -55.00 28.91
N LYS G 160 52.98 -55.96 28.10
CA LYS G 160 52.71 -55.75 26.70
C LYS G 160 51.20 -55.78 26.49
N VAL G 161 50.67 -54.68 25.97
CA VAL G 161 49.25 -54.51 25.76
C VAL G 161 49.00 -54.45 24.27
N ILE G 162 48.04 -55.22 23.79
CA ILE G 162 47.48 -54.99 22.47
C ILE G 162 46.02 -54.66 22.70
N ALA G 163 45.39 -54.07 21.68
CA ALA G 163 43.98 -53.73 21.77
C ALA G 163 43.32 -54.13 20.48
N GLY G 164 42.24 -54.90 20.58
CA GLY G 164 41.66 -55.53 19.42
C GLY G 164 41.00 -54.53 18.52
N PRO G 165 40.52 -54.99 17.39
CA PRO G 165 39.75 -54.10 16.52
C PRO G 165 38.45 -53.70 17.17
N ILE G 166 38.00 -52.49 16.86
CA ILE G 166 36.76 -51.96 17.41
C ILE G 166 35.57 -52.81 16.98
N SER G 167 34.59 -52.94 17.87
CA SER G 167 33.30 -53.53 17.55
C SER G 167 32.68 -52.93 16.30
N ALA G 168 32.50 -51.61 16.29
CA ALA G 168 31.88 -50.95 15.15
C ALA G 168 32.61 -49.66 14.84
N ALA G 169 33.12 -49.54 13.61
CA ALA G 169 33.82 -48.35 13.20
C ALA G 169 32.86 -47.19 12.98
N TYR G 170 33.35 -45.99 13.26
CA TYR G 170 32.55 -44.78 13.28
C TYR G 170 33.43 -43.63 12.87
N THR G 171 32.89 -42.67 12.14
CA THR G 171 33.60 -41.44 11.84
C THR G 171 32.67 -40.28 12.12
N PRO G 172 33.12 -39.23 12.80
CA PRO G 172 32.35 -38.00 12.81
C PRO G 172 32.46 -37.25 11.52
N PHE G 173 33.46 -37.54 10.70
CA PHE G 173 33.70 -36.80 9.48
C PHE G 173 32.93 -37.39 8.31
N ASP G 174 33.28 -36.94 7.12
CA ASP G 174 32.70 -37.42 5.88
C ASP G 174 33.85 -37.49 4.90
N HIS G 175 33.57 -37.60 3.60
CA HIS G 175 34.68 -37.68 2.66
C HIS G 175 35.29 -36.31 2.43
N LYS G 176 34.48 -35.28 2.22
CA LYS G 176 34.99 -33.96 1.87
C LYS G 176 34.71 -32.98 2.99
N VAL G 177 35.70 -32.15 3.32
CA VAL G 177 35.67 -31.34 4.52
C VAL G 177 36.37 -30.03 4.21
N ILE G 178 36.18 -29.02 5.06
CA ILE G 178 36.72 -27.67 4.86
C ILE G 178 37.26 -27.17 6.18
N ILE G 179 38.51 -26.76 6.23
CA ILE G 179 39.06 -26.18 7.45
C ILE G 179 39.16 -24.67 7.25
N HIS G 180 38.46 -23.92 8.09
CA HIS G 180 38.57 -22.47 8.16
C HIS G 180 39.61 -22.15 9.21
N LYS G 181 39.53 -20.99 9.86
CA LYS G 181 40.47 -20.57 10.89
C LYS G 181 40.72 -21.64 11.94
N GLY G 182 39.66 -22.16 12.53
CA GLY G 182 39.87 -23.22 13.49
C GLY G 182 38.87 -24.34 13.40
N LYS G 183 37.89 -24.18 12.52
CA LYS G 183 36.67 -24.96 12.62
C LYS G 183 36.52 -25.85 11.39
N VAL G 184 35.61 -26.83 11.48
CA VAL G 184 35.57 -27.94 10.53
C VAL G 184 34.14 -28.15 10.06
N TYR G 185 33.95 -28.27 8.73
CA TYR G 185 32.62 -28.26 8.13
C TYR G 185 32.48 -29.43 7.16
N ASN G 186 31.41 -30.21 7.30
CA ASN G 186 31.13 -31.23 6.30
C ASN G 186 30.38 -30.60 5.15
N TYR G 187 31.12 -30.14 4.16
CA TYR G 187 30.55 -29.50 2.98
C TYR G 187 31.21 -30.11 1.75
N ASP G 188 30.49 -30.05 0.63
CA ASP G 188 30.86 -30.76 -0.59
C ASP G 188 31.45 -29.76 -1.58
N PHE G 189 32.73 -29.47 -1.41
CA PHE G 189 33.40 -28.51 -2.28
C PHE G 189 33.58 -29.10 -3.68
N PRO G 190 33.62 -28.26 -4.72
CA PRO G 190 33.76 -28.79 -6.07
C PRO G 190 35.16 -29.31 -6.30
N GLU G 191 35.33 -30.06 -7.39
CA GLU G 191 36.58 -30.72 -7.69
C GLU G 191 37.67 -29.71 -8.04
N TYR G 192 38.87 -30.20 -8.28
CA TYR G 192 39.93 -29.29 -8.70
C TYR G 192 39.73 -28.92 -10.16
N GLY G 193 39.83 -27.63 -10.46
CA GLY G 193 39.81 -27.16 -11.82
C GLY G 193 38.48 -27.20 -12.54
N ALA G 194 37.41 -27.59 -11.89
CA ALA G 194 36.11 -27.68 -12.54
C ALA G 194 35.06 -26.93 -11.74
N MET G 195 35.36 -25.69 -11.41
CA MET G 195 34.55 -24.92 -10.48
C MET G 195 33.46 -24.13 -11.16
N LYS G 196 32.57 -23.59 -10.34
CA LYS G 196 31.49 -22.72 -10.78
C LYS G 196 31.59 -21.41 -10.02
N PRO G 197 31.25 -20.29 -10.66
CA PRO G 197 31.39 -18.99 -10.00
C PRO G 197 30.16 -18.60 -9.21
N GLY G 198 30.41 -17.77 -8.20
CA GLY G 198 29.39 -17.46 -7.22
C GLY G 198 29.52 -18.30 -5.98
N ALA G 199 29.82 -19.59 -6.15
CA ALA G 199 29.87 -20.51 -5.03
C ALA G 199 31.27 -20.61 -4.47
N PHE G 200 31.45 -21.45 -3.46
CA PHE G 200 32.75 -21.66 -2.85
C PHE G 200 33.68 -22.35 -3.82
N GLY G 201 34.91 -21.85 -3.91
CA GLY G 201 35.90 -22.44 -4.77
C GLY G 201 36.11 -21.73 -6.07
N ASP G 202 35.92 -20.40 -6.12
CA ASP G 202 36.24 -19.61 -7.30
C ASP G 202 37.72 -19.69 -7.62
N ILE G 203 38.53 -19.09 -6.76
CA ILE G 203 39.97 -19.25 -6.86
C ILE G 203 40.33 -20.63 -6.34
N GLN G 204 41.24 -21.30 -7.00
CA GLN G 204 41.84 -22.52 -6.52
C GLN G 204 43.34 -22.32 -6.55
N ALA G 205 44.03 -22.93 -5.59
CA ALA G 205 45.48 -22.84 -5.54
C ALA G 205 46.00 -24.01 -4.74
N THR G 206 47.05 -24.66 -5.23
CA THR G 206 47.59 -25.81 -4.54
C THR G 206 48.31 -25.44 -3.25
N SER G 207 48.70 -24.18 -3.08
CA SER G 207 49.15 -23.66 -1.80
C SER G 207 49.00 -22.15 -1.83
N LEU G 208 49.38 -21.52 -0.72
CA LEU G 208 49.38 -20.06 -0.66
C LEU G 208 50.47 -19.46 -1.52
N THR G 209 51.63 -20.08 -1.55
CA THR G 209 52.82 -19.47 -2.10
C THR G 209 53.08 -19.86 -3.54
N SER G 210 52.51 -20.96 -4.01
CA SER G 210 52.80 -21.45 -5.35
C SER G 210 52.14 -20.56 -6.40
N ASN G 211 52.42 -20.87 -7.64
CA ASN G 211 51.83 -20.14 -8.76
C ASN G 211 50.54 -20.83 -9.18
N ASP G 212 50.05 -20.50 -10.38
CA ASP G 212 49.00 -21.20 -11.09
C ASP G 212 47.64 -21.15 -10.38
N LEU G 213 47.11 -19.95 -10.23
CA LEU G 213 45.74 -19.77 -9.81
C LEU G 213 44.81 -20.09 -10.98
N ILE G 214 43.71 -20.76 -10.69
CA ILE G 214 42.71 -21.11 -11.69
C ILE G 214 41.39 -20.54 -11.21
N ALA G 215 40.83 -19.60 -11.94
CA ALA G 215 39.66 -18.88 -11.45
C ALA G 215 38.52 -18.90 -12.46
N ASN G 216 37.30 -19.07 -11.95
CA ASN G 216 36.06 -18.72 -12.63
C ASN G 216 35.31 -17.88 -11.60
N THR G 217 35.27 -16.56 -11.78
CA THR G 217 34.92 -15.67 -10.69
C THR G 217 33.59 -14.94 -10.85
N ASP G 218 32.94 -15.03 -12.00
CA ASP G 218 31.85 -14.12 -12.38
C ASP G 218 32.24 -12.66 -12.21
N ILE G 219 33.46 -12.33 -12.57
CA ILE G 219 33.80 -10.94 -12.72
C ILE G 219 33.24 -10.47 -14.05
N ARG G 220 32.74 -9.25 -14.11
CA ARG G 220 32.20 -8.73 -15.34
C ARG G 220 32.71 -7.31 -15.51
N LEU G 221 33.52 -7.10 -16.52
CA LEU G 221 33.97 -5.76 -16.84
C LEU G 221 32.87 -5.01 -17.56
N LEU G 222 32.77 -3.72 -17.31
CA LEU G 222 31.72 -2.90 -17.88
C LEU G 222 32.35 -1.74 -18.64
N LYS G 223 31.70 -1.33 -19.72
CA LYS G 223 32.22 -0.25 -20.56
C LYS G 223 32.16 1.07 -19.79
N PRO G 224 33.28 1.80 -19.69
CA PRO G 224 33.27 3.00 -18.86
C PRO G 224 32.51 4.13 -19.51
N SER G 225 31.85 4.92 -18.68
CA SER G 225 31.18 6.14 -19.15
C SER G 225 31.24 7.16 -18.02
N ALA G 226 32.24 8.03 -18.08
CA ALA G 226 32.39 9.11 -17.11
C ALA G 226 33.28 10.17 -17.74
N LYS G 227 33.41 11.29 -17.03
CA LYS G 227 34.28 12.35 -17.50
C LYS G 227 35.74 12.06 -17.21
N ASN G 228 36.03 11.22 -16.23
CA ASN G 228 37.39 10.93 -15.85
C ASN G 228 37.71 9.46 -16.06
N VAL G 229 38.99 9.12 -15.88
CA VAL G 229 39.45 7.77 -16.11
C VAL G 229 39.17 6.91 -14.88
N HIS G 230 38.41 5.85 -15.08
CA HIS G 230 38.24 4.83 -14.07
C HIS G 230 38.05 3.52 -14.82
N VAL G 231 37.87 2.45 -14.08
CA VAL G 231 37.50 1.18 -14.70
C VAL G 231 36.34 0.58 -13.91
N PRO G 232 35.17 0.48 -14.51
CA PRO G 232 34.04 -0.09 -13.78
C PRO G 232 33.94 -1.59 -13.99
N TYR G 233 33.90 -2.31 -12.89
CA TYR G 233 33.65 -3.73 -12.91
C TYR G 233 32.50 -4.00 -11.97
N THR G 234 31.71 -5.01 -12.27
CA THR G 234 30.85 -5.58 -11.26
C THR G 234 31.30 -7.01 -11.03
N GLN G 235 30.83 -7.56 -9.92
CA GLN G 235 31.15 -8.93 -9.62
C GLN G 235 30.11 -9.41 -8.64
N ALA G 236 29.95 -10.73 -8.59
CA ALA G 236 29.32 -11.33 -7.44
C ALA G 236 30.19 -11.12 -6.22
N ALA G 237 29.67 -11.49 -5.06
CA ALA G 237 30.56 -11.65 -3.94
C ALA G 237 31.51 -12.81 -4.21
N SER G 238 32.68 -12.74 -3.60
CA SER G 238 33.57 -13.88 -3.60
C SER G 238 32.87 -15.04 -2.93
N GLY G 239 32.97 -16.21 -3.54
CA GLY G 239 32.30 -17.39 -2.99
C GLY G 239 32.79 -17.76 -1.61
N PHE G 240 34.04 -17.41 -1.29
CA PHE G 240 34.50 -17.50 0.08
C PHE G 240 33.75 -16.54 0.99
N GLU G 241 33.56 -15.30 0.53
CA GLU G 241 32.87 -14.29 1.33
C GLU G 241 31.40 -14.66 1.52
N MET G 242 30.81 -15.33 0.55
CA MET G 242 29.42 -15.72 0.68
C MET G 242 29.26 -17.03 1.43
N TRP G 243 30.27 -17.89 1.36
CA TRP G 243 30.27 -19.07 2.22
C TRP G 243 30.45 -18.68 3.67
N LYS G 244 31.16 -17.58 3.95
CA LYS G 244 31.26 -17.12 5.34
C LYS G 244 29.93 -16.67 5.92
N ASN G 245 28.93 -16.42 5.10
CA ASN G 245 27.58 -16.13 5.56
C ASN G 245 26.66 -17.33 5.46
N ASN G 246 26.94 -18.28 4.57
CA ASN G 246 26.01 -19.37 4.34
C ASN G 246 26.28 -20.61 5.20
N SER G 247 27.37 -20.63 5.96
CA SER G 247 27.74 -21.82 6.67
C SER G 247 26.96 -21.97 7.97
N GLY G 248 26.52 -23.19 8.24
CA GLY G 248 25.85 -23.45 9.49
C GLY G 248 26.81 -23.62 10.65
N ARG G 249 26.75 -24.78 11.31
CA ARG G 249 27.54 -24.99 12.51
C ARG G 249 28.67 -25.97 12.25
N PRO G 250 29.77 -25.49 12.79
CA PRO G 250 30.90 -26.38 12.50
C PRO G 250 30.71 -27.82 12.96
N LEU G 251 31.70 -28.67 12.76
CA LEU G 251 31.62 -30.00 13.34
C LEU G 251 32.01 -30.06 14.80
N GLN G 252 32.51 -28.97 15.39
CA GLN G 252 32.66 -28.95 16.84
C GLN G 252 31.33 -29.11 17.54
N GLU G 253 30.25 -28.66 16.92
CA GLU G 253 28.99 -28.50 17.61
C GLU G 253 27.86 -29.34 17.06
N THR G 254 28.12 -30.27 16.13
CA THR G 254 27.09 -31.21 15.69
C THR G 254 27.61 -32.64 15.60
N ALA G 255 28.78 -32.93 16.15
CA ALA G 255 29.43 -34.22 15.98
C ALA G 255 28.72 -35.29 16.81
N PRO G 256 28.51 -36.48 16.27
CA PRO G 256 27.46 -37.36 16.77
C PRO G 256 27.81 -38.21 17.99
N PHE G 257 28.91 -38.02 18.70
CA PHE G 257 29.06 -38.75 19.95
C PHE G 257 29.63 -37.89 21.06
N GLY G 258 29.47 -36.59 20.96
CA GLY G 258 30.01 -35.75 21.99
C GLY G 258 31.49 -35.55 21.89
N CYS G 259 32.05 -35.80 20.72
CA CYS G 259 33.47 -35.66 20.54
C CYS G 259 33.81 -34.25 20.13
N GLN G 260 35.00 -33.82 20.50
CA GLN G 260 35.44 -32.46 20.28
C GLN G 260 36.61 -32.48 19.32
N ILE G 261 36.68 -31.50 18.43
CA ILE G 261 37.53 -31.60 17.25
C ILE G 261 38.54 -30.47 17.26
N ALA G 262 39.80 -30.80 17.51
CA ALA G 262 40.89 -29.84 17.43
C ALA G 262 41.80 -30.29 16.32
N VAL G 263 42.38 -29.31 15.62
CA VAL G 263 42.99 -29.54 14.31
C VAL G 263 44.35 -28.86 14.28
N ASN G 264 45.41 -29.58 14.61
CA ASN G 264 46.49 -29.37 13.68
C ASN G 264 46.50 -30.54 12.68
N PRO G 265 46.49 -31.85 13.10
CA PRO G 265 46.31 -32.92 12.11
C PRO G 265 44.89 -33.43 11.91
N LEU G 266 43.85 -32.72 12.34
CA LEU G 266 42.44 -33.08 12.12
C LEU G 266 42.11 -34.44 12.74
N ARG G 267 42.05 -34.44 14.06
CA ARG G 267 41.65 -35.58 14.86
C ARG G 267 40.28 -35.36 15.48
N ALA G 268 39.66 -36.42 15.96
CA ALA G 268 38.33 -36.32 16.58
C ALA G 268 38.40 -36.73 18.04
N VAL G 269 38.85 -35.82 18.89
CA VAL G 269 39.28 -36.15 20.24
C VAL G 269 38.09 -36.52 21.11
N ASP G 270 38.26 -37.62 21.88
CA ASP G 270 37.39 -38.00 23.00
C ASP G 270 35.98 -38.37 22.56
N CYS G 271 35.90 -39.34 21.66
CA CYS G 271 34.62 -39.92 21.27
C CYS G 271 34.10 -40.84 22.36
N ALA G 272 32.98 -41.51 22.09
CA ALA G 272 32.50 -42.55 23.00
C ALA G 272 31.64 -43.54 22.19
N TYR G 273 32.26 -44.62 21.71
CA TYR G 273 31.50 -45.58 20.94
C TYR G 273 32.17 -46.94 20.97
N GLY G 274 31.36 -47.99 20.91
CA GLY G 274 31.86 -49.35 20.80
C GLY G 274 32.57 -49.80 22.06
N ASN G 275 33.29 -50.91 21.95
CA ASN G 275 34.09 -51.39 23.06
C ASN G 275 35.33 -52.12 22.56
N ILE G 276 36.48 -51.64 23.01
CA ILE G 276 37.81 -52.19 22.72
C ILE G 276 37.93 -53.55 23.38
N PRO G 277 38.34 -54.60 22.69
CA PRO G 277 38.91 -55.75 23.41
C PRO G 277 40.39 -55.62 23.65
N ILE G 278 40.78 -55.68 24.92
CA ILE G 278 42.16 -55.62 25.34
C ILE G 278 42.67 -57.04 25.29
N SER G 279 43.99 -57.24 25.37
CA SER G 279 44.54 -58.56 25.68
C SER G 279 45.92 -58.32 26.30
N LEU G 280 45.96 -58.33 27.60
CA LEU G 280 47.12 -57.87 28.33
C LEU G 280 48.04 -59.05 28.58
N ASP G 281 49.26 -58.77 29.00
CA ASP G 281 50.28 -59.80 29.20
C ASP G 281 51.04 -59.43 30.47
N ILE G 282 50.55 -59.92 31.60
CA ILE G 282 50.92 -59.41 32.91
C ILE G 282 52.29 -59.97 33.26
N PRO G 283 53.17 -59.19 33.89
CA PRO G 283 54.43 -59.74 34.40
C PRO G 283 54.23 -60.81 35.44
N ASN G 284 55.34 -61.44 35.81
CA ASN G 284 55.26 -62.63 36.66
C ASN G 284 55.70 -62.35 38.09
N ALA G 285 56.15 -61.14 38.39
CA ALA G 285 56.63 -60.81 39.73
C ALA G 285 55.67 -59.91 40.48
N ALA G 286 54.46 -59.74 39.97
CA ALA G 286 53.44 -59.01 40.69
C ALA G 286 52.52 -59.92 41.47
N PHE G 287 52.42 -61.17 41.06
CA PHE G 287 51.64 -62.16 41.76
C PHE G 287 52.30 -62.53 43.07
N VAL G 288 51.51 -63.12 43.97
CA VAL G 288 52.02 -63.61 45.24
C VAL G 288 51.24 -64.87 45.58
N ARG G 289 51.92 -65.83 46.20
CA ARG G 289 51.32 -67.15 46.36
C ARG G 289 50.31 -67.15 47.48
N VAL G 290 49.47 -68.19 47.49
CA VAL G 290 48.43 -68.28 48.51
C VAL G 290 49.01 -68.67 49.86
N SER G 291 50.27 -69.07 49.89
CA SER G 291 51.02 -69.23 51.11
C SER G 291 51.48 -67.91 51.70
N ASP G 292 51.11 -66.79 51.09
CA ASP G 292 51.40 -65.49 51.67
C ASP G 292 50.21 -64.56 51.63
N ALA G 293 49.17 -64.89 50.94
CA ALA G 293 47.95 -64.14 51.13
C ALA G 293 47.26 -64.60 52.41
N PRO G 294 46.63 -63.68 53.14
CA PRO G 294 45.77 -64.08 54.25
C PRO G 294 44.58 -64.90 53.79
N LEU G 295 44.28 -65.96 54.53
CA LEU G 295 43.03 -66.66 54.34
C LEU G 295 41.87 -65.79 54.75
N VAL G 296 40.68 -66.21 54.36
CA VAL G 296 39.42 -65.59 54.78
C VAL G 296 38.40 -66.71 54.87
N THR G 297 37.73 -66.81 56.02
CA THR G 297 36.64 -67.74 56.21
C THR G 297 35.37 -66.98 56.59
N ALA G 298 34.24 -67.48 56.07
CA ALA G 298 32.90 -67.07 56.50
C ALA G 298 32.56 -65.59 56.32
N LEU G 299 32.28 -65.17 55.09
CA LEU G 299 31.79 -63.81 54.86
C LEU G 299 30.31 -63.67 55.12
N LYS G 300 29.89 -62.47 55.53
CA LYS G 300 28.48 -62.11 55.57
C LYS G 300 28.32 -60.67 55.14
N CYS G 301 27.07 -60.30 54.80
CA CYS G 301 26.77 -59.00 54.17
C CYS G 301 25.47 -58.40 54.71
N GLU G 302 25.56 -57.43 55.63
CA GLU G 302 24.49 -56.44 55.71
C GLU G 302 24.56 -55.54 54.49
N VAL G 303 23.40 -55.11 54.01
CA VAL G 303 23.31 -54.20 52.86
C VAL G 303 22.46 -53.00 53.26
N GLY G 304 22.97 -51.80 53.03
CA GLY G 304 22.34 -50.59 53.47
C GLY G 304 21.41 -49.89 52.49
N GLU G 305 21.86 -48.75 51.97
CA GLU G 305 21.03 -47.79 51.23
C GLU G 305 20.38 -48.39 49.98
N CYS G 306 21.21 -48.72 48.99
CA CYS G 306 20.80 -49.17 47.66
C CYS G 306 19.76 -48.25 47.00
N VAL G 307 20.15 -47.00 46.85
CA VAL G 307 19.54 -46.13 45.85
C VAL G 307 20.18 -46.47 44.52
N TYR G 308 19.42 -46.92 43.55
CA TYR G 308 20.15 -47.43 42.42
C TYR G 308 20.46 -46.32 41.41
N SER G 309 20.97 -46.74 40.27
CA SER G 309 21.12 -45.95 39.05
C SER G 309 22.07 -44.76 39.09
N ALA G 310 22.54 -44.34 40.25
CA ALA G 310 23.17 -43.04 40.14
C ALA G 310 24.66 -43.04 39.76
N ASP G 311 25.51 -43.11 40.77
CA ASP G 311 26.96 -43.16 40.62
C ASP G 311 27.50 -44.30 41.46
N PHE G 312 27.31 -44.15 42.77
CA PHE G 312 27.78 -45.10 43.76
C PHE G 312 26.70 -45.28 44.80
N GLY G 313 25.48 -45.50 44.35
CA GLY G 313 24.40 -45.69 45.29
C GLY G 313 24.33 -47.08 45.85
N GLY G 314 25.20 -47.39 46.79
CA GLY G 314 25.11 -48.66 47.48
C GLY G 314 26.07 -48.68 48.64
N ILE G 315 25.69 -49.27 49.76
CA ILE G 315 26.66 -49.59 50.81
C ILE G 315 26.41 -51.04 51.18
N ALA G 316 27.47 -51.77 51.51
CA ALA G 316 27.30 -53.00 52.25
C ALA G 316 28.44 -53.15 53.22
N THR G 317 28.32 -54.13 54.09
CA THR G 317 29.35 -54.44 55.07
C THR G 317 29.81 -55.86 54.86
N LEU G 318 31.10 -56.04 54.70
CA LEU G 318 31.66 -57.36 54.63
C LEU G 318 32.13 -57.77 56.01
N GLN G 319 31.55 -58.83 56.55
CA GLN G 319 31.93 -59.38 57.85
C GLN G 319 32.76 -60.62 57.62
N TYR G 320 34.03 -60.56 58.02
CA TYR G 320 35.04 -61.50 57.58
C TYR G 320 35.82 -62.01 58.78
N SER G 321 36.76 -62.90 58.49
CA SER G 321 37.60 -63.52 59.52
C SER G 321 38.86 -64.04 58.85
N SER G 322 40.02 -63.50 59.23
CA SER G 322 41.25 -63.77 58.50
C SER G 322 42.32 -64.27 59.46
N ASP G 323 43.57 -64.25 58.99
CA ASP G 323 44.68 -64.71 59.79
C ASP G 323 45.73 -63.65 60.04
N ARG G 324 46.13 -62.94 59.02
CA ARG G 324 47.15 -61.93 59.15
C ARG G 324 46.50 -60.56 59.02
N GLU G 325 47.31 -59.54 59.00
CA GLU G 325 46.90 -58.21 58.60
C GLU G 325 47.59 -57.91 57.28
N GLY G 326 46.86 -58.09 56.18
CA GLY G 326 47.39 -57.88 54.86
C GLY G 326 46.50 -56.93 54.07
N GLN G 327 46.50 -57.11 52.76
CA GLN G 327 45.55 -56.44 51.88
C GLN G 327 44.90 -57.47 51.00
N CYS G 328 43.59 -57.58 51.10
CA CYS G 328 42.89 -58.45 50.17
C CYS G 328 42.47 -57.61 48.98
N SER G 329 41.53 -58.09 48.18
CA SER G 329 41.26 -57.46 46.89
C SER G 329 39.89 -57.91 46.43
N VAL G 330 38.94 -56.99 46.38
CA VAL G 330 37.53 -57.33 46.29
C VAL G 330 37.06 -57.14 44.86
N HIS G 331 36.17 -57.99 44.41
CA HIS G 331 35.61 -57.88 43.08
C HIS G 331 34.25 -58.55 43.02
N SER G 332 33.26 -57.86 42.48
CA SER G 332 31.95 -58.41 42.21
C SER G 332 31.98 -59.25 40.96
N HIS G 333 31.37 -60.42 40.99
CA HIS G 333 31.50 -61.30 39.85
C HIS G 333 30.38 -61.19 38.86
N SER G 334 29.18 -60.80 39.29
CA SER G 334 28.14 -60.66 38.28
C SER G 334 28.24 -59.28 37.68
N SER G 335 27.47 -59.06 36.61
CA SER G 335 27.60 -57.84 35.84
C SER G 335 26.61 -56.76 36.25
N THR G 336 25.61 -57.10 37.06
CA THR G 336 24.57 -56.16 37.44
C THR G 336 24.91 -55.41 38.71
N ALA G 337 26.16 -55.42 39.12
CA ALA G 337 26.68 -54.49 40.12
C ALA G 337 28.18 -54.46 39.98
N THR G 338 28.77 -53.28 40.13
CA THR G 338 30.21 -53.13 39.96
C THR G 338 30.73 -52.22 41.06
N LEU G 339 31.58 -52.73 41.93
CA LEU G 339 31.85 -52.00 43.17
C LEU G 339 32.94 -50.96 42.97
N GLN G 340 33.56 -50.52 44.05
CA GLN G 340 34.59 -49.50 43.96
C GLN G 340 35.69 -49.79 44.97
N GLU G 341 36.89 -49.31 44.65
CA GLU G 341 38.16 -49.24 45.39
C GLU G 341 38.94 -50.57 45.44
N SER G 342 38.30 -51.69 45.12
CA SER G 342 38.95 -52.92 44.71
C SER G 342 40.01 -53.57 45.62
N THR G 343 40.38 -52.96 46.74
CA THR G 343 41.22 -53.59 47.75
C THR G 343 40.77 -53.18 49.14
N VAL G 344 40.99 -54.06 50.10
CA VAL G 344 40.57 -53.86 51.48
C VAL G 344 41.71 -54.24 52.40
N HIS G 345 42.09 -53.34 53.30
CA HIS G 345 43.05 -53.73 54.32
C HIS G 345 42.31 -54.46 55.44
N VAL G 346 42.23 -55.77 55.30
CA VAL G 346 41.55 -56.63 56.26
C VAL G 346 42.33 -56.71 57.57
N LEU G 347 41.70 -57.30 58.57
CA LEU G 347 42.32 -57.53 59.86
C LEU G 347 41.83 -58.92 60.28
N GLN G 348 41.94 -59.30 61.55
CA GLN G 348 41.53 -60.67 61.86
C GLN G 348 40.05 -60.78 62.15
N LYS G 349 39.54 -59.87 62.96
CA LYS G 349 38.11 -59.70 63.15
C LYS G 349 37.78 -58.27 62.76
N GLY G 350 36.81 -58.11 61.87
CA GLY G 350 36.56 -56.78 61.35
C GLY G 350 35.33 -56.78 60.49
N GLY G 351 34.99 -55.59 60.02
CA GLY G 351 33.79 -55.41 59.24
C GLY G 351 33.77 -54.35 58.14
N ALA G 352 34.88 -54.07 57.45
CA ALA G 352 34.96 -52.90 56.57
C ALA G 352 33.98 -52.98 55.40
N THR G 353 33.68 -51.80 54.83
CA THR G 353 32.55 -51.58 53.93
C THR G 353 32.96 -51.55 52.46
N ILE G 354 31.95 -51.56 51.60
CA ILE G 354 32.11 -51.51 50.15
C ILE G 354 31.17 -50.44 49.58
N HIS G 355 31.05 -50.39 48.25
CA HIS G 355 30.18 -49.42 47.58
C HIS G 355 29.67 -50.04 46.28
N PHE G 356 28.53 -50.69 46.35
CA PHE G 356 27.89 -51.22 45.16
C PHE G 356 27.43 -50.08 44.24
N SER G 357 27.25 -50.39 42.97
CA SER G 357 26.88 -49.36 42.00
C SER G 357 25.95 -49.89 40.92
N THR G 358 24.87 -50.54 41.31
CA THR G 358 23.98 -51.13 40.34
C THR G 358 23.23 -50.10 39.55
N ALA G 359 22.52 -50.56 38.53
CA ALA G 359 21.53 -49.77 37.84
C ALA G 359 20.33 -50.62 37.52
N SER G 360 19.95 -51.47 38.46
CA SER G 360 18.81 -52.38 38.36
C SER G 360 18.21 -52.48 39.74
N PRO G 361 16.93 -52.86 39.86
CA PRO G 361 16.29 -52.77 41.17
C PRO G 361 16.60 -53.91 42.12
N GLN G 362 17.55 -54.81 41.80
CA GLN G 362 17.83 -55.99 42.61
C GLN G 362 19.32 -56.11 42.81
N ALA G 363 19.82 -55.71 43.98
CA ALA G 363 21.22 -55.97 44.26
C ALA G 363 21.32 -57.45 44.64
N ASN G 364 21.70 -58.28 43.67
CA ASN G 364 21.61 -59.73 43.74
C ASN G 364 22.90 -60.36 43.24
N PHE G 365 24.02 -59.88 43.75
CA PHE G 365 25.30 -60.13 43.12
C PHE G 365 26.19 -61.01 43.98
N ILE G 366 27.43 -61.21 43.55
CA ILE G 366 28.34 -62.19 44.14
C ILE G 366 29.68 -61.54 44.39
N VAL G 367 30.11 -61.50 45.64
CA VAL G 367 31.36 -60.84 46.04
C VAL G 367 32.34 -61.88 46.52
N SER G 368 33.58 -61.80 46.10
CA SER G 368 34.66 -62.59 46.66
C SER G 368 35.65 -61.65 47.33
N LEU G 369 35.91 -61.86 48.61
CA LEU G 369 36.78 -60.93 49.33
C LEU G 369 38.24 -61.17 48.99
N CYS G 370 38.77 -62.33 49.33
CA CYS G 370 40.12 -62.70 48.93
C CYS G 370 40.11 -64.01 48.16
N GLY G 371 38.94 -64.51 47.85
CA GLY G 371 38.83 -65.73 47.11
C GLY G 371 37.60 -66.45 47.59
N LYS G 372 37.11 -66.09 48.77
CA LYS G 372 35.94 -66.73 49.37
C LYS G 372 34.72 -66.04 48.81
N LYS G 373 33.93 -66.76 48.03
CA LYS G 373 32.83 -66.16 47.30
C LYS G 373 31.52 -66.29 48.07
N THR G 374 30.82 -65.17 48.24
CA THR G 374 29.51 -65.07 48.88
C THR G 374 28.57 -64.28 48.00
N THR G 375 27.33 -64.11 48.44
CA THR G 375 26.34 -63.35 47.68
C THR G 375 25.86 -62.14 48.48
N CYS G 376 25.26 -61.19 47.77
CA CYS G 376 24.55 -60.06 48.37
C CYS G 376 23.16 -60.01 47.76
N ASN G 377 22.16 -60.26 48.59
CA ASN G 377 20.76 -60.07 48.24
C ASN G 377 20.25 -58.78 48.85
N ALA G 378 19.46 -58.03 48.09
CA ALA G 378 18.91 -56.77 48.56
C ALA G 378 17.71 -56.37 47.71
N GLU G 379 17.25 -55.15 47.91
CA GLU G 379 16.21 -54.53 47.10
C GLU G 379 16.60 -53.07 46.92
N CYS G 380 16.56 -52.58 45.70
CA CYS G 380 16.97 -51.22 45.40
C CYS G 380 15.76 -50.34 45.17
N LYS G 381 15.93 -49.05 45.44
CA LYS G 381 14.87 -48.05 45.39
C LYS G 381 15.21 -46.95 44.39
N PRO G 382 14.22 -46.38 43.68
CA PRO G 382 14.53 -45.37 42.67
C PRO G 382 15.04 -44.10 43.32
N PRO G 383 15.91 -43.36 42.64
CA PRO G 383 16.48 -42.17 43.25
C PRO G 383 15.50 -41.03 43.24
N ALA G 384 15.73 -40.08 44.13
CA ALA G 384 15.00 -38.82 44.08
C ALA G 384 16.04 -37.77 43.80
N ASP G 385 16.40 -37.67 42.53
CA ASP G 385 17.22 -36.64 41.94
C ASP G 385 17.05 -36.89 40.47
N HIS G 386 16.70 -35.88 39.71
CA HIS G 386 16.24 -36.17 38.36
C HIS G 386 17.34 -36.10 37.33
N ILE G 387 18.36 -35.28 37.51
CA ILE G 387 19.37 -35.01 36.48
C ILE G 387 20.70 -34.71 37.15
N VAL G 388 21.77 -35.31 36.62
CA VAL G 388 23.01 -35.55 37.35
C VAL G 388 24.21 -35.40 36.41
N ASN G 389 25.32 -34.86 36.91
CA ASN G 389 26.54 -34.56 36.17
C ASN G 389 27.41 -35.75 35.79
N VAL G 390 27.02 -37.01 35.97
CA VAL G 390 27.96 -38.12 35.78
C VAL G 390 27.33 -39.24 34.94
N PRO G 391 28.00 -39.77 33.93
CA PRO G 391 27.36 -40.77 33.07
C PRO G 391 27.17 -42.11 33.75
N HIS G 392 26.20 -42.86 33.24
CA HIS G 392 25.80 -44.12 33.83
C HIS G 392 26.92 -45.16 33.79
N LYS G 393 27.15 -45.82 34.91
CA LYS G 393 28.23 -46.80 35.00
C LYS G 393 27.74 -48.21 34.83
N ASN G 394 26.58 -48.40 34.23
CA ASN G 394 26.08 -49.71 33.87
C ASN G 394 25.21 -49.56 32.64
N ASP G 395 24.76 -50.68 32.11
CA ASP G 395 23.71 -50.68 31.10
C ASP G 395 22.58 -51.56 31.58
N GLN G 396 21.37 -51.26 31.12
CA GLN G 396 20.21 -52.02 31.57
C GLN G 396 20.15 -53.37 30.88
N GLU G 397 19.38 -54.27 31.46
CA GLU G 397 19.20 -55.62 30.93
C GLU G 397 17.77 -56.06 31.13
N PHE G 398 17.18 -56.69 30.12
CA PHE G 398 15.95 -57.42 30.36
C PHE G 398 16.29 -58.64 31.19
N GLN G 399 15.31 -59.12 31.96
CA GLN G 399 15.42 -60.16 32.98
C GLN G 399 16.37 -59.78 34.12
N ALA G 400 16.80 -58.54 34.20
CA ALA G 400 17.53 -58.03 35.35
C ALA G 400 17.06 -56.65 35.78
N ALA G 401 16.40 -55.87 34.93
CA ALA G 401 15.81 -54.60 35.29
C ALA G 401 14.33 -54.74 35.61
N VAL G 402 13.88 -55.95 35.86
CA VAL G 402 12.49 -56.24 36.20
C VAL G 402 12.48 -56.80 37.60
N SER G 403 11.70 -56.19 38.50
CA SER G 403 11.77 -56.52 39.92
C SER G 403 11.17 -57.89 40.19
N GLN G 404 11.48 -58.45 41.37
CA GLN G 404 11.10 -59.82 41.67
C GLN G 404 9.61 -59.96 41.85
N THR G 405 8.99 -59.00 42.52
CA THR G 405 7.56 -59.03 42.77
C THR G 405 6.79 -59.01 41.46
N SER G 406 7.28 -58.26 40.50
CA SER G 406 6.67 -58.28 39.18
C SER G 406 6.86 -59.60 38.47
N TRP G 407 7.98 -60.31 38.71
CA TRP G 407 8.10 -61.66 38.17
C TRP G 407 7.11 -62.59 38.82
N SER G 408 6.87 -62.41 40.12
CA SER G 408 5.89 -63.23 40.80
C SER G 408 4.50 -63.00 40.25
N TRP G 409 4.15 -61.74 39.98
CA TRP G 409 2.85 -61.45 39.37
C TRP G 409 2.73 -62.00 37.96
N LEU G 410 3.79 -61.85 37.15
CA LEU G 410 3.72 -62.34 35.77
C LEU G 410 3.65 -63.85 35.72
N PHE G 411 4.44 -64.54 36.54
CA PHE G 411 4.40 -65.99 36.55
C PHE G 411 3.10 -66.50 37.13
N ALA G 412 2.54 -65.82 38.14
CA ALA G 412 1.25 -66.21 38.69
C ALA G 412 0.16 -66.09 37.65
N LEU G 413 0.11 -64.96 36.95
CA LEU G 413 -0.97 -64.70 36.01
C LEU G 413 -0.84 -65.61 34.79
N PHE G 414 0.34 -65.60 34.15
CA PHE G 414 0.55 -66.35 32.92
C PHE G 414 0.69 -67.85 33.17
N GLY G 415 0.91 -68.29 34.42
CA GLY G 415 0.97 -69.70 34.71
C GLY G 415 -0.37 -70.23 35.17
N GLY G 416 -1.19 -69.37 35.77
CA GLY G 416 -2.57 -69.72 35.99
C GLY G 416 -3.39 -69.69 34.73
N ALA G 417 -2.91 -68.99 33.70
CA ALA G 417 -3.47 -69.09 32.37
C ALA G 417 -3.07 -70.37 31.64
N SER G 418 -2.31 -71.26 32.27
CA SER G 418 -1.87 -72.50 31.64
C SER G 418 -2.07 -73.74 32.50
N SER G 419 -2.16 -73.62 33.82
CA SER G 419 -2.44 -74.78 34.66
C SER G 419 -3.84 -75.30 34.42
N LEU G 420 -4.80 -74.42 34.12
CA LEU G 420 -6.13 -74.90 33.78
C LEU G 420 -6.14 -75.56 32.41
N LEU G 421 -5.21 -75.18 31.53
CA LEU G 421 -5.08 -75.89 30.25
C LEU G 421 -4.48 -77.28 30.45
N VAL G 422 -3.55 -77.41 31.39
CA VAL G 422 -3.02 -78.73 31.74
C VAL G 422 -4.12 -79.59 32.35
N ILE G 423 -4.98 -78.97 33.17
CA ILE G 423 -6.13 -79.70 33.68
C ILE G 423 -7.10 -80.05 32.55
N GLY G 424 -7.18 -79.21 31.52
CA GLY G 424 -8.02 -79.52 30.38
C GLY G 424 -7.52 -80.70 29.55
N VAL G 425 -6.20 -80.81 29.39
CA VAL G 425 -5.71 -81.98 28.66
C VAL G 425 -5.72 -83.24 29.52
N MET G 426 -5.68 -83.11 30.84
CA MET G 426 -5.96 -84.27 31.69
C MET G 426 -7.43 -84.66 31.61
N ILE G 427 -8.32 -83.69 31.40
CA ILE G 427 -9.73 -84.00 31.12
C ILE G 427 -9.87 -84.73 29.80
N PHE G 428 -9.11 -84.32 28.77
CA PHE G 428 -9.00 -85.06 27.51
C PHE G 428 -8.67 -86.52 27.75
N ALA G 429 -7.54 -86.78 28.41
CA ALA G 429 -7.07 -88.15 28.57
C ALA G 429 -8.00 -88.97 29.47
N CYS G 430 -8.53 -88.36 30.53
CA CYS G 430 -9.42 -89.07 31.44
C CYS G 430 -10.75 -89.42 30.78
N SER G 431 -11.37 -88.45 30.10
CA SER G 431 -12.65 -88.70 29.47
C SER G 431 -12.51 -89.54 28.20
N ALA G 432 -11.35 -89.55 27.57
CA ALA G 432 -11.17 -90.30 26.34
C ALA G 432 -10.71 -91.73 26.58
N LEU G 433 -10.05 -92.00 27.70
CA LEU G 433 -9.52 -93.34 27.93
C LEU G 433 -10.36 -94.17 28.90
N LEU G 434 -11.35 -93.57 29.55
CA LEU G 434 -12.27 -94.35 30.40
C LEU G 434 -13.58 -94.66 29.69
N THR G 435 -14.31 -93.61 29.30
CA THR G 435 -15.55 -93.67 28.50
C THR G 435 -16.63 -94.60 29.05
N PHE H 1 -45.55 7.44 57.22
CA PHE H 1 -46.01 6.28 56.45
C PHE H 1 -44.94 5.87 55.46
N GLU H 2 -44.70 4.56 55.34
CA GLU H 2 -43.60 4.03 54.55
C GLU H 2 -44.13 3.23 53.36
N HIS H 3 -43.51 3.45 52.21
CA HIS H 3 -43.88 2.78 50.96
C HIS H 3 -42.63 2.25 50.27
N ALA H 4 -42.76 1.08 49.62
CA ALA H 4 -41.66 0.41 48.95
C ALA H 4 -41.94 0.28 47.45
N THR H 5 -40.91 0.56 46.65
CA THR H 5 -40.89 0.29 45.20
C THR H 5 -39.52 -0.28 44.84
N THR H 6 -39.27 -0.36 43.53
CA THR H 6 -37.95 -0.72 42.99
C THR H 6 -37.61 0.23 41.86
N VAL H 7 -36.32 0.51 41.71
CA VAL H 7 -35.80 1.40 40.66
C VAL H 7 -34.73 0.62 39.91
N PRO H 8 -34.78 0.57 38.58
CA PRO H 8 -33.65 -0.01 37.84
C PRO H 8 -32.38 0.83 37.99
N ASN H 9 -31.26 0.15 38.18
CA ASN H 9 -30.00 0.77 38.59
C ASN H 9 -29.28 1.35 37.37
N VAL H 10 -29.90 2.37 36.80
CA VAL H 10 -29.38 3.08 35.64
C VAL H 10 -29.33 4.54 36.06
N PRO H 11 -28.22 5.25 35.90
CA PRO H 11 -28.01 6.49 36.67
C PRO H 11 -28.87 7.66 36.22
N ARG H 12 -29.39 8.38 37.22
CA ARG H 12 -30.19 9.61 37.07
C ARG H 12 -31.48 9.33 36.29
N ILE H 13 -32.08 8.19 36.58
CA ILE H 13 -33.39 7.84 36.06
C ILE H 13 -34.41 8.04 37.18
N PRO H 14 -35.31 9.01 37.07
CA PRO H 14 -36.35 9.17 38.09
C PRO H 14 -37.37 8.05 37.99
N TYR H 15 -37.94 7.71 39.13
CA TYR H 15 -39.02 6.74 39.21
C TYR H 15 -40.24 7.47 39.75
N LYS H 16 -41.32 7.42 38.99
CA LYS H 16 -42.62 7.92 39.41
C LYS H 16 -43.33 6.84 40.19
N ALA H 17 -43.88 7.19 41.34
CA ALA H 17 -44.59 6.21 42.14
C ALA H 17 -45.70 6.92 42.90
N LEU H 18 -46.76 6.19 43.18
CA LEU H 18 -47.78 6.66 44.10
C LEU H 18 -47.55 6.09 45.48
N VAL H 19 -47.82 6.91 46.48
CA VAL H 19 -48.05 6.42 47.83
C VAL H 19 -49.37 7.02 48.31
N GLU H 20 -50.25 6.16 48.79
CA GLU H 20 -51.61 6.56 49.12
C GLU H 20 -52.04 5.90 50.41
N ARG H 21 -52.97 6.56 51.08
CA ARG H 21 -53.60 6.03 52.28
C ARG H 21 -54.96 6.70 52.40
N ALA H 22 -55.71 6.30 53.42
CA ALA H 22 -57.07 6.79 53.57
C ALA H 22 -57.08 8.25 54.01
N GLY H 23 -58.10 8.98 53.55
CA GLY H 23 -58.25 10.38 53.87
C GLY H 23 -57.33 11.33 53.14
N TYR H 24 -56.47 10.82 52.26
CA TYR H 24 -55.53 11.65 51.55
C TYR H 24 -55.55 11.31 50.07
N ALA H 25 -55.00 12.21 49.28
CA ALA H 25 -54.84 11.97 47.86
C ALA H 25 -53.70 10.98 47.63
N PRO H 26 -53.78 10.19 46.57
CA PRO H 26 -52.61 9.40 46.17
C PRO H 26 -51.49 10.30 45.70
N LEU H 27 -50.41 10.42 46.46
CA LEU H 27 -49.45 11.47 46.22
C LEU H 27 -48.22 10.93 45.51
N ASN H 28 -47.61 11.84 44.76
CA ASN H 28 -46.52 11.57 43.84
C ASN H 28 -45.22 11.33 44.59
N LEU H 29 -44.31 10.60 43.93
CA LEU H 29 -43.02 10.33 44.54
C LEU H 29 -42.03 10.06 43.41
N GLU H 30 -41.00 10.89 43.29
CA GLU H 30 -40.03 10.81 42.22
C GLU H 30 -38.67 10.54 42.83
N ILE H 31 -38.06 9.42 42.47
CA ILE H 31 -36.80 9.00 43.06
C ILE H 31 -35.79 8.68 41.96
N THR H 32 -34.71 9.45 41.89
CA THR H 32 -33.73 9.35 40.82
C THR H 32 -32.43 8.84 41.41
N VAL H 33 -31.84 7.82 40.80
CA VAL H 33 -30.57 7.28 41.29
C VAL H 33 -29.43 8.02 40.59
N MET H 34 -28.81 8.93 41.33
CA MET H 34 -27.80 9.85 40.81
C MET H 34 -26.48 9.09 40.66
N SER H 35 -25.37 9.80 40.47
CA SER H 35 -24.03 9.22 40.37
C SER H 35 -23.67 8.42 41.61
N SER H 36 -23.56 7.10 41.45
CA SER H 36 -23.52 6.15 42.55
C SER H 36 -22.29 5.26 42.38
N GLU H 37 -21.25 5.54 43.14
CA GLU H 37 -20.08 4.68 43.08
C GLU H 37 -20.25 3.48 43.98
N LEU H 38 -19.29 2.59 43.93
CA LEU H 38 -19.18 1.51 44.90
C LEU H 38 -17.72 1.42 45.32
N ILE H 39 -17.49 1.12 46.59
CA ILE H 39 -16.17 1.22 47.20
C ILE H 39 -15.78 -0.12 47.84
N PRO H 40 -14.75 -0.80 47.37
CA PRO H 40 -14.30 -2.04 48.01
C PRO H 40 -13.21 -1.80 49.04
N SER H 41 -13.08 -2.77 49.94
CA SER H 41 -12.16 -2.67 51.07
C SER H 41 -10.80 -3.16 50.64
N THR H 42 -9.78 -2.31 50.84
CA THR H 42 -8.44 -2.58 50.34
C THR H 42 -7.43 -2.64 51.47
N ASN H 43 -6.27 -3.19 51.14
CA ASN H 43 -5.11 -3.25 52.03
C ASN H 43 -3.87 -3.49 51.19
N LEU H 44 -2.99 -2.50 51.08
CA LEU H 44 -1.79 -2.72 50.29
C LEU H 44 -0.82 -3.61 51.03
N GLU H 45 -0.21 -4.53 50.29
CA GLU H 45 0.89 -5.29 50.83
C GLU H 45 2.22 -4.58 50.59
N TYR H 46 2.54 -4.29 49.33
CA TYR H 46 3.85 -3.76 49.06
C TYR H 46 3.81 -2.77 47.92
N VAL H 47 4.93 -2.08 47.77
CA VAL H 47 5.16 -1.03 46.79
C VAL H 47 6.47 -1.34 46.06
N THR H 48 6.43 -1.35 44.72
CA THR H 48 7.51 -1.81 43.87
C THR H 48 8.09 -0.64 43.09
N CYS H 49 9.37 -0.72 42.71
CA CYS H 49 9.97 0.29 41.83
C CYS H 49 11.08 -0.34 41.00
N LYS H 50 11.89 0.51 40.37
CA LYS H 50 13.16 0.08 39.84
C LYS H 50 14.18 0.04 40.97
N TYR H 51 15.38 -0.43 40.66
CA TYR H 51 16.42 -0.50 41.67
C TYR H 51 17.71 0.13 41.20
N THR H 52 18.50 0.60 42.15
CA THR H 52 19.87 1.00 41.89
C THR H 52 20.75 0.10 42.72
N THR H 53 21.56 -0.70 42.06
CA THR H 53 22.41 -1.64 42.75
C THR H 53 23.59 -0.87 43.33
N VAL H 54 23.56 -0.66 44.64
CA VAL H 54 24.69 -0.03 45.30
C VAL H 54 25.83 -1.02 45.35
N VAL H 55 26.96 -0.64 44.76
CA VAL H 55 28.18 -1.43 44.80
C VAL H 55 29.26 -0.51 45.35
N PRO H 56 29.56 -0.55 46.64
CA PRO H 56 30.52 0.38 47.21
C PRO H 56 31.96 -0.04 46.91
N SER H 57 32.90 0.80 47.35
CA SER H 57 34.30 0.55 47.13
C SER H 57 34.78 -0.66 47.92
N PRO H 58 35.69 -1.45 47.37
CA PRO H 58 36.03 -2.73 47.99
C PRO H 58 37.08 -2.63 49.08
N LYS H 59 37.29 -3.74 49.77
CA LYS H 59 38.28 -3.89 50.81
C LYS H 59 39.36 -4.84 50.33
N VAL H 60 40.61 -4.43 50.42
CA VAL H 60 41.73 -5.22 49.91
C VAL H 60 42.86 -5.23 50.93
N LYS H 61 43.30 -6.42 51.31
CA LYS H 61 44.56 -6.62 52.00
C LYS H 61 45.61 -7.16 51.04
N CYS H 62 46.86 -7.19 51.51
CA CYS H 62 47.97 -7.75 50.77
C CYS H 62 48.61 -8.93 51.50
N CYS H 63 48.84 -8.81 52.81
CA CYS H 63 49.42 -9.90 53.58
C CYS H 63 48.35 -10.83 54.13
N GLY H 64 47.42 -10.28 54.91
CA GLY H 64 46.39 -11.07 55.53
C GLY H 64 45.20 -11.30 54.62
N THR H 65 44.26 -12.08 55.13
CA THR H 65 43.01 -12.34 54.43
C THR H 65 41.86 -11.73 55.20
N LEU H 66 40.69 -11.75 54.56
CA LEU H 66 39.49 -11.13 55.09
C LEU H 66 38.40 -12.16 55.25
N GLU H 67 37.48 -11.90 56.19
CA GLU H 67 36.32 -12.74 56.39
C GLU H 67 35.10 -11.83 56.50
N CYS H 68 34.08 -12.12 55.72
CA CYS H 68 32.98 -11.20 55.48
C CYS H 68 31.71 -11.69 56.13
N SER H 69 31.03 -10.77 56.82
CA SER H 69 29.83 -11.04 57.58
C SER H 69 28.60 -10.47 56.89
N SER H 70 27.44 -10.71 57.49
CA SER H 70 26.19 -10.21 56.94
C SER H 70 25.89 -8.81 57.46
N ALA H 71 24.79 -8.24 56.98
CA ALA H 71 24.33 -6.95 57.45
C ALA H 71 22.81 -6.91 57.29
N ARG H 72 22.23 -5.72 57.25
CA ARG H 72 20.80 -5.53 57.02
C ARG H 72 20.58 -4.63 55.82
N HIS H 73 20.51 -5.24 54.63
CA HIS H 73 20.11 -4.53 53.42
C HIS H 73 19.17 -5.46 52.66
N ALA H 74 18.98 -5.17 51.38
CA ALA H 74 18.23 -6.01 50.46
C ALA H 74 19.08 -7.19 50.00
N ASP H 75 18.75 -7.76 48.83
CA ASP H 75 19.49 -8.85 48.19
C ASP H 75 20.99 -8.64 48.28
N TYR H 76 21.68 -9.51 49.00
CA TYR H 76 23.12 -9.41 49.08
C TYR H 76 23.83 -10.25 48.06
N ASN H 77 25.06 -9.86 47.82
CA ASN H 77 26.14 -10.80 47.75
C ASN H 77 27.35 -10.16 48.39
N CYS H 78 28.18 -10.99 49.00
CA CYS H 78 29.49 -10.56 49.46
C CYS H 78 30.41 -11.75 49.33
N LYS H 79 31.64 -11.50 48.88
CA LYS H 79 32.51 -12.62 48.56
C LYS H 79 33.95 -12.17 48.70
N VAL H 80 34.83 -13.15 48.82
CA VAL H 80 36.14 -13.01 49.46
C VAL H 80 37.28 -13.39 48.54
N PHE H 81 37.20 -13.01 47.25
CA PHE H 81 38.10 -13.45 46.18
C PHE H 81 39.57 -13.36 46.53
N GLY H 82 40.32 -14.36 46.09
CA GLY H 82 41.63 -14.66 46.63
C GLY H 82 42.75 -13.82 46.09
N GLY H 83 43.83 -14.47 45.66
CA GLY H 83 45.00 -13.78 45.17
C GLY H 83 44.71 -13.02 43.89
N VAL H 84 44.62 -11.70 44.01
CA VAL H 84 44.18 -10.86 42.92
C VAL H 84 45.02 -9.59 42.97
N TYR H 85 45.25 -9.01 41.79
CA TYR H 85 46.16 -7.90 41.50
C TYR H 85 47.58 -8.18 41.99
N PRO H 86 48.34 -9.05 41.30
CA PRO H 86 49.69 -9.36 41.74
C PRO H 86 50.69 -8.28 41.35
N GLU H 99 50.03 -13.12 48.40
CA GLU H 99 48.64 -13.56 48.52
C GLU H 99 47.74 -12.40 48.90
N ASN H 100 47.42 -11.55 47.93
CA ASN H 100 46.53 -10.43 48.17
C ASN H 100 45.09 -10.93 48.25
N SER H 101 44.20 -10.04 48.69
CA SER H 101 42.82 -10.42 48.96
C SER H 101 41.88 -9.33 48.46
N GLN H 102 40.59 -9.65 48.43
CA GLN H 102 39.58 -8.68 48.03
C GLN H 102 38.26 -9.07 48.66
N MET H 103 37.41 -8.07 48.89
CA MET H 103 36.07 -8.29 49.41
C MET H 103 35.10 -7.54 48.52
N SER H 104 34.38 -8.27 47.68
CA SER H 104 33.44 -7.71 46.73
C SER H 104 32.04 -7.81 47.31
N GLU H 105 31.38 -6.68 47.49
CA GLU H 105 30.14 -6.64 48.26
C GLU H 105 29.14 -5.73 47.59
N ALA H 106 27.91 -6.20 47.41
CA ALA H 106 26.96 -5.44 46.62
C ALA H 106 25.53 -5.77 47.03
N TYR H 107 24.65 -4.77 46.95
CA TYR H 107 23.26 -4.92 47.35
C TYR H 107 22.40 -3.97 46.53
N VAL H 108 21.09 -4.03 46.71
CA VAL H 108 20.21 -3.10 46.01
C VAL H 108 19.40 -2.32 47.02
N GLU H 109 18.67 -1.33 46.50
CA GLU H 109 17.75 -0.52 47.29
C GLU H 109 16.77 0.10 46.32
N PHE H 110 15.88 0.95 46.83
CA PHE H 110 14.96 1.64 45.93
C PHE H 110 15.69 2.62 45.05
N SER H 111 15.00 3.04 44.00
CA SER H 111 15.57 3.92 43.00
C SER H 111 15.71 5.33 43.55
N ALA H 112 16.08 6.26 42.67
CA ALA H 112 16.29 7.62 43.10
C ALA H 112 14.99 8.35 43.40
N ASP H 113 13.86 7.81 42.94
CA ASP H 113 12.60 8.53 43.02
C ASP H 113 11.44 7.55 42.93
N CYS H 114 10.91 7.18 44.07
CA CYS H 114 9.71 6.35 44.13
C CYS H 114 8.52 7.09 44.69
N ALA H 115 8.66 8.37 45.01
CA ALA H 115 7.48 9.16 45.30
C ALA H 115 6.65 9.38 44.04
N ALA H 116 7.28 9.37 42.87
CA ALA H 116 6.58 9.61 41.62
C ALA H 116 6.16 8.32 40.95
N ASP H 117 7.10 7.45 40.65
CA ASP H 117 6.83 6.24 39.88
C ASP H 117 6.96 5.04 40.80
N HIS H 118 5.83 4.53 41.27
CA HIS H 118 5.83 3.33 42.08
C HIS H 118 4.46 2.69 41.99
N ALA H 119 4.43 1.37 41.89
CA ALA H 119 3.15 0.68 41.84
C ALA H 119 2.68 0.42 43.25
N GLN H 120 1.48 -0.12 43.36
CA GLN H 120 0.96 -0.58 44.64
C GLN H 120 0.23 -1.86 44.40
N ALA H 121 0.70 -2.97 44.99
CA ALA H 121 -0.04 -4.21 44.87
C ALA H 121 -1.05 -4.26 45.99
N VAL H 122 -2.31 -4.45 45.65
CA VAL H 122 -3.43 -4.31 46.56
C VAL H 122 -4.34 -5.51 46.40
N LYS H 123 -4.86 -6.04 47.50
CA LYS H 123 -5.89 -7.05 47.45
C LYS H 123 -7.25 -6.40 47.66
N VAL H 124 -8.25 -6.88 46.93
CA VAL H 124 -9.58 -6.25 46.93
C VAL H 124 -10.61 -7.25 47.40
N HIS H 125 -11.24 -6.96 48.53
CA HIS H 125 -12.38 -7.69 49.04
C HIS H 125 -13.67 -6.97 48.64
N THR H 126 -14.78 -7.34 49.29
CA THR H 126 -16.13 -6.92 48.92
C THR H 126 -16.33 -5.41 49.03
N ALA H 127 -17.45 -4.94 48.49
CA ALA H 127 -17.65 -3.53 48.19
C ALA H 127 -18.94 -2.98 48.78
N ALA H 128 -18.86 -1.73 49.25
CA ALA H 128 -20.02 -0.96 49.68
C ALA H 128 -20.80 -0.48 48.46
N LEU H 129 -21.94 0.17 48.70
CA LEU H 129 -22.90 0.49 47.64
C LEU H 129 -23.52 1.88 47.77
N LYS H 130 -22.70 2.92 47.83
CA LYS H 130 -23.23 4.28 47.94
C LYS H 130 -24.11 4.66 46.74
N ALA H 131 -24.98 5.64 46.96
CA ALA H 131 -25.98 6.03 45.99
C ALA H 131 -26.00 7.56 45.91
N GLY H 132 -27.01 8.12 45.25
CA GLY H 132 -27.07 9.56 45.11
C GLY H 132 -28.43 10.23 45.09
N LEU H 133 -29.48 9.48 45.44
CA LEU H 133 -30.89 9.72 45.08
C LEU H 133 -31.37 11.17 45.22
N ARG H 134 -32.06 11.64 44.18
CA ARG H 134 -32.85 12.87 44.24
C ARG H 134 -34.31 12.50 44.45
N ILE H 135 -34.94 13.04 45.47
CA ILE H 135 -36.30 12.66 45.82
C ILE H 135 -37.17 13.90 45.81
N VAL H 136 -38.21 13.89 44.98
CA VAL H 136 -39.17 14.97 44.88
C VAL H 136 -40.55 14.39 45.17
N TYR H 137 -41.26 15.03 46.08
CA TYR H 137 -42.65 14.67 46.33
C TYR H 137 -43.40 15.91 46.78
N GLY H 138 -44.58 16.11 46.21
CA GLY H 138 -45.32 17.33 46.44
C GLY H 138 -44.60 18.53 45.86
N ASN H 139 -44.02 19.36 46.73
CA ASN H 139 -43.16 20.46 46.33
C ASN H 139 -41.80 20.35 46.99
N THR H 140 -41.49 19.18 47.55
CA THR H 140 -40.25 18.96 48.29
C THR H 140 -39.25 18.26 47.40
N THR H 141 -38.17 18.96 47.07
CA THR H 141 -37.08 18.45 46.25
C THR H 141 -35.87 18.30 47.15
N SER H 142 -35.42 17.08 47.35
CA SER H 142 -34.39 16.76 48.33
C SER H 142 -33.23 16.05 47.65
N MET H 143 -32.03 16.45 48.06
CA MET H 143 -30.78 15.85 47.61
C MET H 143 -30.24 15.02 48.76
N LEU H 144 -30.07 13.72 48.55
CA LEU H 144 -29.56 12.86 49.59
C LEU H 144 -28.76 11.74 48.97
N ASP H 145 -28.32 10.81 49.81
CA ASP H 145 -27.65 9.60 49.38
C ASP H 145 -27.78 8.57 50.49
N VAL H 146 -27.60 7.31 50.13
CA VAL H 146 -27.87 6.22 51.06
C VAL H 146 -26.96 5.04 50.75
N TYR H 147 -26.34 4.50 51.80
CA TYR H 147 -25.68 3.21 51.69
C TYR H 147 -26.72 2.14 51.42
N VAL H 148 -26.63 1.50 50.26
CA VAL H 148 -27.64 0.54 49.85
C VAL H 148 -27.50 -0.73 50.67
N ASN H 149 -28.32 -0.83 51.71
CA ASN H 149 -28.59 -2.04 52.47
C ASN H 149 -29.89 -1.79 53.23
N GLY H 150 -30.48 -2.87 53.74
CA GLY H 150 -31.81 -2.75 54.29
C GLY H 150 -31.91 -2.08 55.64
N VAL H 151 -30.83 -1.52 56.20
CA VAL H 151 -30.86 -1.02 57.56
C VAL H 151 -30.53 0.46 57.68
N THR H 152 -29.73 1.03 56.77
CA THR H 152 -29.26 2.38 56.97
C THR H 152 -30.31 3.38 56.52
N PRO H 153 -30.74 4.30 57.37
CA PRO H 153 -31.78 5.27 56.98
C PRO H 153 -31.18 6.43 56.19
N GLY H 154 -31.83 6.77 55.08
CA GLY H 154 -31.41 7.90 54.27
C GLY H 154 -32.21 9.13 54.63
N THR H 155 -31.56 10.06 55.33
CA THR H 155 -32.26 11.11 56.06
C THR H 155 -32.09 12.45 55.34
N SER H 156 -33.18 12.94 54.76
CA SER H 156 -33.30 14.33 54.37
C SER H 156 -33.93 15.11 55.53
N LYS H 157 -34.46 16.30 55.24
CA LYS H 157 -34.92 17.24 56.27
C LYS H 157 -36.03 16.68 57.15
N ASP H 158 -36.85 15.77 56.63
CA ASP H 158 -37.89 15.19 57.47
C ASP H 158 -38.12 13.70 57.22
N LEU H 159 -37.46 13.10 56.22
CA LEU H 159 -37.83 11.77 55.77
C LEU H 159 -36.74 10.75 56.10
N LYS H 160 -37.07 9.49 55.89
CA LYS H 160 -36.12 8.40 56.03
C LYS H 160 -36.27 7.48 54.83
N VAL H 161 -35.14 6.94 54.37
CA VAL H 161 -35.07 6.12 53.17
C VAL H 161 -34.17 4.93 53.46
N ILE H 162 -34.66 3.73 53.17
CA ILE H 162 -33.80 2.55 53.14
C ILE H 162 -33.80 1.97 51.73
N ALA H 163 -32.62 1.78 51.18
CA ALA H 163 -32.46 1.18 49.86
C ALA H 163 -32.10 -0.28 50.06
N GLY H 164 -33.02 -1.17 49.68
CA GLY H 164 -32.84 -2.58 49.88
C GLY H 164 -31.72 -3.13 49.02
N PRO H 165 -31.15 -4.27 49.43
CA PRO H 165 -29.95 -4.78 48.76
C PRO H 165 -30.23 -5.22 47.33
N ILE H 166 -29.15 -5.24 46.54
CA ILE H 166 -29.23 -5.41 45.10
C ILE H 166 -29.70 -6.81 44.76
N SER H 167 -30.51 -6.92 43.70
CA SER H 167 -30.96 -8.23 43.25
C SER H 167 -29.84 -9.12 42.72
N ALA H 168 -28.72 -8.54 42.31
CA ALA H 168 -27.58 -9.34 41.83
C ALA H 168 -26.31 -8.55 42.03
N ALA H 169 -25.34 -9.13 42.74
CA ALA H 169 -24.08 -8.46 43.02
C ALA H 169 -23.19 -8.43 41.78
N TYR H 170 -22.22 -7.53 41.81
CA TYR H 170 -21.28 -7.34 40.71
C TYR H 170 -20.07 -6.60 41.25
N THR H 171 -18.91 -6.89 40.67
CA THR H 171 -17.69 -6.16 40.95
C THR H 171 -16.96 -5.99 39.63
N PRO H 172 -16.52 -4.78 39.28
CA PRO H 172 -15.61 -4.64 38.16
C PRO H 172 -14.22 -5.15 38.48
N PHE H 173 -13.84 -5.14 39.75
CA PHE H 173 -12.49 -5.45 40.17
C PHE H 173 -12.28 -6.96 40.20
N ASP H 174 -11.16 -7.37 40.76
CA ASP H 174 -10.85 -8.76 40.91
C ASP H 174 -10.27 -8.94 42.31
N HIS H 175 -9.69 -10.09 42.59
CA HIS H 175 -9.23 -10.32 43.95
C HIS H 175 -7.92 -9.61 44.22
N LYS H 176 -7.04 -9.56 43.22
CA LYS H 176 -5.76 -8.89 43.32
C LYS H 176 -5.68 -7.82 42.24
N VAL H 177 -4.95 -6.74 42.51
CA VAL H 177 -5.02 -5.57 41.64
C VAL H 177 -3.76 -4.75 41.83
N ILE H 178 -3.41 -3.96 40.82
CA ILE H 178 -2.20 -3.14 40.80
C ILE H 178 -2.63 -1.73 40.48
N ILE H 179 -2.17 -0.79 41.27
CA ILE H 179 -2.42 0.62 41.02
C ILE H 179 -1.12 1.26 40.59
N HIS H 180 -1.07 1.77 39.36
CA HIS H 180 0.09 2.52 38.90
C HIS H 180 -0.17 3.99 39.24
N LYS H 181 0.43 4.90 38.48
CA LYS H 181 0.16 6.34 38.53
C LYS H 181 -1.32 6.68 38.67
N GLY H 182 -2.14 6.27 37.72
CA GLY H 182 -3.54 6.51 37.90
C GLY H 182 -4.43 5.34 37.55
N LYS H 183 -3.86 4.36 36.87
CA LYS H 183 -4.65 3.35 36.22
C LYS H 183 -4.72 2.10 37.09
N VAL H 184 -5.69 1.25 36.78
CA VAL H 184 -5.99 0.07 37.57
C VAL H 184 -6.01 -1.13 36.64
N TYR H 185 -5.19 -2.13 36.93
CA TYR H 185 -5.02 -3.29 36.08
C TYR H 185 -5.39 -4.54 36.87
N ASN H 186 -5.90 -5.56 36.22
CA ASN H 186 -6.12 -6.85 36.87
C ASN H 186 -4.95 -7.77 36.58
N TYR H 187 -4.12 -8.03 37.58
CA TYR H 187 -2.91 -8.81 37.40
C TYR H 187 -2.57 -9.50 38.71
N ASP H 188 -2.03 -10.71 38.61
CA ASP H 188 -1.77 -11.56 39.77
C ASP H 188 -0.34 -11.34 40.22
N PHE H 189 -0.16 -10.42 41.15
CA PHE H 189 1.16 -10.19 41.69
C PHE H 189 1.58 -11.33 42.62
N PRO H 190 2.87 -11.57 42.76
CA PRO H 190 3.33 -12.56 43.72
C PRO H 190 3.19 -12.04 45.14
N GLU H 191 3.02 -12.97 46.08
CA GLU H 191 2.73 -12.63 47.47
C GLU H 191 3.91 -11.98 48.16
N TYR H 192 3.66 -11.43 49.33
CA TYR H 192 4.69 -10.66 50.03
C TYR H 192 5.72 -11.61 50.61
N GLY H 193 6.92 -11.61 50.04
CA GLY H 193 7.98 -12.52 50.43
C GLY H 193 8.28 -13.58 49.41
N ALA H 194 7.33 -13.89 48.53
CA ALA H 194 7.52 -14.88 47.49
C ALA H 194 7.97 -14.25 46.19
N MET H 195 9.02 -13.43 46.20
CA MET H 195 9.39 -12.71 44.99
C MET H 195 10.24 -13.59 44.07
N LYS H 196 9.93 -13.52 42.77
CA LYS H 196 10.62 -14.22 41.69
C LYS H 196 11.36 -13.20 40.87
N PRO H 197 12.62 -13.41 40.49
CA PRO H 197 13.37 -12.36 39.82
C PRO H 197 12.94 -12.21 38.39
N GLY H 198 13.12 -11.01 37.86
CA GLY H 198 12.76 -10.75 36.48
C GLY H 198 11.27 -10.77 36.23
N ALA H 199 10.46 -10.56 37.26
CA ALA H 199 9.02 -10.45 37.09
C ALA H 199 8.56 -9.28 37.94
N PHE H 200 7.25 -9.07 38.00
CA PHE H 200 6.75 -7.96 38.79
C PHE H 200 6.89 -8.29 40.26
N GLY H 201 7.27 -7.29 41.05
CA GLY H 201 7.47 -7.54 42.44
C GLY H 201 8.80 -8.18 42.73
N ASP H 202 9.88 -7.45 42.45
CA ASP H 202 11.21 -7.86 42.88
C ASP H 202 11.61 -7.18 44.16
N ILE H 203 11.49 -5.90 44.21
CA ILE H 203 11.66 -5.17 45.46
C ILE H 203 10.31 -5.15 46.13
N GLN H 204 10.32 -5.23 47.45
CA GLN H 204 9.12 -5.20 48.26
C GLN H 204 9.38 -4.41 49.52
N ALA H 205 8.46 -3.52 49.87
CA ALA H 205 8.51 -2.78 51.12
C ALA H 205 7.10 -2.42 51.51
N THR H 206 6.85 -2.29 52.80
CA THR H 206 5.48 -2.12 53.29
C THR H 206 5.00 -0.69 53.20
N SER H 207 5.87 0.26 52.91
CA SER H 207 5.45 1.60 52.52
C SER H 207 6.55 2.20 51.66
N LEU H 208 6.41 3.48 51.34
CA LEU H 208 7.47 4.18 50.62
C LEU H 208 8.65 4.50 51.51
N THR H 209 8.46 4.56 52.82
CA THR H 209 9.52 4.94 53.73
C THR H 209 9.82 3.93 54.82
N SER H 210 9.08 2.83 54.88
CA SER H 210 9.39 1.81 55.86
C SER H 210 10.66 1.08 55.49
N ASN H 211 11.23 0.41 56.48
CA ASN H 211 12.38 -0.44 56.25
C ASN H 211 11.91 -1.86 55.97
N ASP H 212 12.83 -2.82 56.07
CA ASP H 212 12.65 -4.22 55.69
C ASP H 212 12.27 -4.33 54.21
N LEU H 213 13.25 -3.94 53.40
CA LEU H 213 13.27 -4.27 51.99
C LEU H 213 13.53 -5.76 51.79
N ILE H 214 13.05 -6.26 50.66
CA ILE H 214 13.05 -7.69 50.33
C ILE H 214 13.30 -7.80 48.83
N ALA H 215 14.23 -8.65 48.40
CA ALA H 215 14.65 -8.58 47.01
C ALA H 215 15.30 -9.87 46.54
N ASN H 216 14.85 -10.37 45.39
CA ASN H 216 15.62 -11.29 44.55
C ASN H 216 15.97 -10.61 43.24
N THR H 217 17.24 -10.64 42.88
CA THR H 217 17.62 -10.14 41.57
C THR H 217 18.58 -11.02 40.80
N ASP H 218 18.92 -12.24 41.28
CA ASP H 218 19.93 -13.11 40.69
C ASP H 218 21.26 -12.41 40.49
N ILE H 219 21.65 -11.59 41.46
CA ILE H 219 22.93 -10.91 41.36
C ILE H 219 24.03 -11.92 41.62
N ARG H 220 25.06 -11.88 40.79
CA ARG H 220 26.16 -12.82 40.86
C ARG H 220 27.44 -12.01 40.75
N LEU H 221 28.22 -11.98 41.83
CA LEU H 221 29.53 -11.36 41.79
C LEU H 221 30.49 -12.22 41.00
N LEU H 222 31.55 -11.58 40.48
CA LEU H 222 32.50 -12.29 39.64
C LEU H 222 33.90 -11.94 40.06
N LYS H 223 34.84 -12.81 39.71
CA LYS H 223 36.22 -12.63 40.11
C LYS H 223 36.85 -11.51 39.32
N PRO H 224 37.45 -10.52 39.98
CA PRO H 224 38.11 -9.45 39.25
C PRO H 224 39.37 -9.96 38.60
N SER H 225 39.61 -9.52 37.38
CA SER H 225 40.79 -9.95 36.63
C SER H 225 41.12 -8.84 35.66
N ALA H 226 42.03 -7.95 36.05
CA ALA H 226 42.33 -6.73 35.31
C ALA H 226 43.64 -6.16 35.85
N LYS H 227 43.97 -4.95 35.40
CA LYS H 227 45.11 -4.22 35.94
C LYS H 227 44.72 -3.19 36.99
N ASN H 228 43.50 -2.67 36.92
CA ASN H 228 43.02 -1.71 37.90
C ASN H 228 41.84 -2.30 38.67
N VAL H 229 41.54 -1.68 39.81
CA VAL H 229 40.60 -2.25 40.77
C VAL H 229 39.19 -2.09 40.25
N HIS H 230 38.47 -3.19 40.11
CA HIS H 230 37.06 -3.12 39.78
C HIS H 230 36.36 -4.27 40.45
N VAL H 231 35.06 -4.10 40.66
CA VAL H 231 34.25 -5.16 41.20
C VAL H 231 33.14 -5.51 40.20
N PRO H 232 33.23 -6.67 39.57
CA PRO H 232 32.30 -7.00 38.49
C PRO H 232 31.13 -7.86 38.93
N TYR H 233 30.00 -7.75 38.25
CA TYR H 233 28.83 -8.53 38.61
C TYR H 233 27.93 -8.68 37.40
N THR H 234 26.95 -9.56 37.53
CA THR H 234 25.91 -9.71 36.52
C THR H 234 24.59 -9.96 37.24
N GLN H 235 23.48 -9.74 36.54
CA GLN H 235 22.24 -9.50 37.26
C GLN H 235 21.05 -9.59 36.33
N ALA H 236 19.93 -10.11 36.81
CA ALA H 236 18.72 -10.09 36.02
C ALA H 236 18.17 -8.67 35.95
N ALA H 237 17.36 -8.42 34.93
CA ALA H 237 16.89 -7.08 34.65
C ALA H 237 15.82 -6.66 35.65
N SER H 238 15.40 -5.41 35.56
CA SER H 238 14.41 -4.88 36.50
C SER H 238 13.04 -5.34 36.08
N GLY H 239 12.47 -6.25 36.85
CA GLY H 239 11.21 -6.85 36.46
C GLY H 239 10.01 -5.96 36.58
N PHE H 240 10.16 -4.78 37.17
CA PHE H 240 9.14 -3.75 37.04
C PHE H 240 9.17 -3.11 35.67
N GLU H 241 10.36 -2.94 35.08
CA GLU H 241 10.44 -2.41 33.73
C GLU H 241 9.98 -3.39 32.68
N MET H 242 9.91 -4.67 32.97
CA MET H 242 9.43 -5.62 31.98
C MET H 242 7.96 -5.89 32.15
N TRP H 243 7.30 -5.10 32.96
CA TRP H 243 5.86 -5.06 33.02
C TRP H 243 5.31 -3.82 32.36
N LYS H 244 6.02 -2.71 32.48
CA LYS H 244 5.63 -1.49 31.78
C LYS H 244 5.72 -1.65 30.27
N ASN H 245 6.58 -2.54 29.79
CA ASN H 245 6.54 -2.88 28.38
C ASN H 245 5.26 -3.64 28.05
N ASN H 246 4.82 -4.51 28.94
CA ASN H 246 3.84 -5.51 28.57
C ASN H 246 2.57 -5.44 29.42
N SER H 247 2.37 -4.34 30.14
CA SER H 247 1.07 -4.10 30.74
C SER H 247 0.03 -3.88 29.65
N GLY H 248 -1.13 -4.50 29.81
CA GLY H 248 -2.16 -4.38 28.79
C GLY H 248 -2.92 -3.08 28.85
N ARG H 249 -4.21 -3.14 28.77
CA ARG H 249 -4.95 -1.90 28.89
C ARG H 249 -5.74 -1.89 30.18
N PRO H 250 -5.80 -0.77 30.88
CA PRO H 250 -6.37 -0.76 32.23
C PRO H 250 -7.87 -0.96 32.34
N LEU H 251 -8.38 -0.91 33.56
CA LEU H 251 -9.79 -1.16 33.80
C LEU H 251 -10.68 0.01 33.43
N GLN H 252 -10.13 1.18 33.08
CA GLN H 252 -10.98 2.22 32.52
C GLN H 252 -11.47 1.85 31.12
N GLU H 253 -10.87 0.84 30.50
CA GLU H 253 -11.12 0.53 29.12
C GLU H 253 -11.57 -0.91 28.91
N THR H 254 -11.62 -1.73 29.96
CA THR H 254 -12.07 -3.11 29.82
C THR H 254 -13.17 -3.49 30.80
N ALA H 255 -13.68 -2.55 31.58
CA ALA H 255 -14.62 -2.88 32.65
C ALA H 255 -15.98 -3.27 32.09
N PRO H 256 -16.70 -4.18 32.75
CA PRO H 256 -17.89 -4.77 32.13
C PRO H 256 -19.16 -3.94 32.14
N PHE H 257 -19.24 -2.83 32.87
CA PHE H 257 -20.52 -2.14 32.96
C PHE H 257 -20.41 -0.64 32.74
N GLY H 258 -19.37 -0.18 32.06
CA GLY H 258 -19.23 1.23 31.80
C GLY H 258 -18.72 2.04 32.96
N CYS H 259 -18.43 1.39 34.06
CA CYS H 259 -17.98 2.09 35.25
C CYS H 259 -16.59 2.65 35.03
N GLN H 260 -16.44 3.93 35.29
CA GLN H 260 -15.11 4.49 35.39
C GLN H 260 -14.48 4.07 36.70
N ILE H 261 -13.19 4.32 36.85
CA ILE H 261 -12.52 4.02 38.10
C ILE H 261 -11.75 5.26 38.53
N ALA H 262 -12.00 5.73 39.74
CA ALA H 262 -11.20 6.79 40.33
C ALA H 262 -10.41 6.21 41.48
N VAL H 263 -9.18 6.67 41.65
CA VAL H 263 -8.38 6.25 42.79
C VAL H 263 -7.92 7.52 43.49
N ASN H 264 -8.74 8.07 44.37
CA ASN H 264 -8.10 8.46 45.61
C ASN H 264 -8.40 7.38 46.66
N PRO H 265 -9.64 6.95 46.88
CA PRO H 265 -9.86 5.73 47.70
C PRO H 265 -10.12 4.45 46.92
N LEU H 266 -9.91 4.42 45.60
CA LEU H 266 -10.21 3.29 44.72
C LEU H 266 -11.71 2.96 44.74
N ARG H 267 -12.47 3.84 44.10
CA ARG H 267 -13.88 3.65 43.90
C ARG H 267 -14.18 3.39 42.42
N ALA H 268 -15.27 2.66 42.16
CA ALA H 268 -15.73 2.40 40.81
C ALA H 268 -17.06 3.10 40.61
N VAL H 269 -17.14 3.96 39.60
CA VAL H 269 -18.15 4.99 39.50
C VAL H 269 -19.07 4.68 38.32
N ASP H 270 -20.37 4.90 38.54
CA ASP H 270 -21.41 4.94 37.50
C ASP H 270 -21.58 3.60 36.79
N CYS H 271 -21.92 2.60 37.56
CA CYS H 271 -22.28 1.31 36.99
C CYS H 271 -23.70 1.36 36.44
N ALA H 272 -24.08 0.31 35.72
CA ALA H 272 -25.44 0.19 35.23
C ALA H 272 -25.76 -1.29 35.17
N TYR H 273 -26.35 -1.80 36.25
CA TYR H 273 -26.68 -3.23 36.33
C TYR H 273 -27.68 -3.44 37.46
N GLY H 274 -28.72 -4.19 37.17
CA GLY H 274 -29.63 -4.63 38.20
C GLY H 274 -30.66 -3.57 38.58
N ASN H 275 -31.26 -3.78 39.74
CA ASN H 275 -32.27 -2.86 40.24
C ASN H 275 -32.25 -2.85 41.76
N ILE H 276 -32.57 -1.69 42.31
CA ILE H 276 -32.47 -1.37 43.73
C ILE H 276 -33.88 -1.33 44.29
N PRO H 277 -34.23 -2.20 45.23
CA PRO H 277 -35.46 -1.99 45.99
C PRO H 277 -35.27 -0.85 46.99
N ILE H 278 -36.34 -0.10 47.19
CA ILE H 278 -36.27 1.20 47.83
C ILE H 278 -37.52 1.38 48.68
N SER H 279 -37.38 2.09 49.80
CA SER H 279 -38.48 2.29 50.73
C SER H 279 -38.31 3.65 51.37
N LEU H 280 -39.41 4.37 51.47
CA LEU H 280 -39.40 5.76 51.90
C LEU H 280 -40.49 5.94 52.95
N ASP H 281 -40.10 6.39 54.13
CA ASP H 281 -41.05 6.85 55.14
C ASP H 281 -41.39 8.29 54.82
N ILE H 282 -42.60 8.51 54.32
CA ILE H 282 -43.02 9.85 53.92
C ILE H 282 -43.37 10.64 55.17
N PRO H 283 -42.86 11.87 55.31
CA PRO H 283 -43.22 12.70 56.45
C PRO H 283 -44.71 13.08 56.41
N ASN H 284 -45.29 13.19 57.61
CA ASN H 284 -46.73 13.30 57.74
C ASN H 284 -47.27 14.64 57.24
N ALA H 285 -46.42 15.68 57.22
CA ALA H 285 -46.86 17.00 56.81
C ALA H 285 -47.14 17.11 55.32
N ALA H 286 -46.54 16.24 54.50
CA ALA H 286 -46.78 16.23 53.07
C ALA H 286 -47.80 15.14 52.75
N PHE H 287 -49.05 15.44 53.07
CA PHE H 287 -50.17 14.56 52.78
C PHE H 287 -51.38 15.42 52.45
N VAL H 288 -51.62 15.63 51.16
CA VAL H 288 -52.75 16.42 50.71
C VAL H 288 -54.00 15.54 50.75
N ARG H 289 -55.11 16.11 51.20
CA ARG H 289 -56.33 15.35 51.46
C ARG H 289 -57.21 15.28 50.21
N VAL H 290 -58.23 14.42 50.30
CA VAL H 290 -59.15 14.20 49.18
C VAL H 290 -60.09 15.38 48.98
N SER H 291 -60.21 16.27 49.97
CA SER H 291 -60.97 17.49 49.76
C SER H 291 -60.21 18.43 48.82
N ASP H 292 -58.94 18.68 49.11
CA ASP H 292 -58.15 19.54 48.25
C ASP H 292 -57.80 18.87 46.93
N ALA H 293 -57.84 17.55 46.88
CA ALA H 293 -57.55 16.80 45.66
C ALA H 293 -58.64 17.03 44.62
N PRO H 294 -58.32 17.60 43.46
CA PRO H 294 -59.36 17.81 42.45
C PRO H 294 -59.81 16.51 41.80
N LEU H 295 -60.97 16.02 42.23
CA LEU H 295 -61.52 14.79 41.67
C LEU H 295 -62.07 15.07 40.29
N VAL H 296 -61.75 14.21 39.33
CA VAL H 296 -62.11 14.41 37.94
C VAL H 296 -62.77 13.14 37.42
N THR H 297 -63.96 13.27 36.88
CA THR H 297 -64.69 12.18 36.26
C THR H 297 -64.83 12.44 34.76
N ALA H 298 -65.45 11.47 34.08
CA ALA H 298 -65.51 11.38 32.61
C ALA H 298 -64.11 11.47 32.00
N LEU H 299 -63.27 10.52 32.38
CA LEU H 299 -61.92 10.43 31.83
C LEU H 299 -61.96 9.82 30.44
N LYS H 300 -61.36 10.52 29.48
CA LYS H 300 -61.29 10.06 28.10
C LYS H 300 -59.85 10.15 27.63
N CYS H 301 -59.28 9.00 27.27
CA CYS H 301 -57.90 8.89 26.83
C CYS H 301 -57.87 8.89 25.31
N GLU H 302 -57.03 9.75 24.73
CA GLU H 302 -56.87 9.81 23.29
C GLU H 302 -55.38 9.68 22.99
N VAL H 303 -54.98 8.55 22.42
CA VAL H 303 -53.58 8.18 22.28
C VAL H 303 -53.08 8.66 20.93
N GLY H 304 -51.91 9.31 20.92
CA GLY H 304 -51.35 9.84 19.70
C GLY H 304 -50.38 8.89 19.03
N GLU H 305 -49.07 9.17 19.13
CA GLU H 305 -48.09 8.40 18.38
C GLU H 305 -47.81 7.05 19.01
N CYS H 306 -47.24 7.04 20.21
CA CYS H 306 -46.65 5.87 20.87
C CYS H 306 -45.63 5.17 19.96
N VAL H 307 -44.54 5.87 19.69
CA VAL H 307 -43.36 5.26 19.08
C VAL H 307 -42.43 4.90 20.21
N TYR H 308 -42.25 3.61 20.46
CA TYR H 308 -41.80 3.18 21.76
C TYR H 308 -40.29 3.19 21.90
N SER H 309 -39.86 2.93 23.14
CA SER H 309 -38.55 2.56 23.65
C SER H 309 -37.54 3.68 23.76
N ALA H 310 -37.81 4.89 23.25
CA ALA H 310 -36.68 5.81 23.26
C ALA H 310 -36.53 6.56 24.58
N ASP H 311 -37.28 7.64 24.75
CA ASP H 311 -37.34 8.35 26.02
C ASP H 311 -38.76 8.61 26.44
N PHE H 312 -39.47 9.36 25.60
CA PHE H 312 -40.83 9.80 25.86
C PHE H 312 -41.61 9.76 24.56
N GLY H 313 -41.49 8.65 23.84
CA GLY H 313 -42.06 8.58 22.51
C GLY H 313 -43.54 8.30 22.41
N GLY H 314 -44.32 8.70 23.42
CA GLY H 314 -45.76 8.53 23.32
C GLY H 314 -46.54 9.73 23.79
N ILE H 315 -47.42 10.26 22.96
CA ILE H 315 -48.28 11.39 23.32
C ILE H 315 -49.68 10.88 23.60
N ALA H 316 -50.22 11.24 24.75
CA ALA H 316 -51.60 10.96 25.07
C ALA H 316 -52.25 12.25 25.57
N THR H 317 -53.51 12.43 25.22
CA THR H 317 -54.29 13.56 25.73
C THR H 317 -55.46 13.02 26.54
N LEU H 318 -55.97 13.88 27.41
CA LEU H 318 -57.09 13.55 28.28
C LEU H 318 -58.18 14.59 28.13
N GLN H 319 -59.32 14.16 27.59
CA GLN H 319 -60.53 14.97 27.64
C GLN H 319 -61.30 14.57 28.88
N TYR H 320 -61.71 15.56 29.66
CA TYR H 320 -62.24 15.26 30.98
C TYR H 320 -63.27 16.31 31.37
N SER H 321 -63.72 16.22 32.61
CA SER H 321 -64.62 17.19 33.24
C SER H 321 -64.30 17.18 34.72
N SER H 322 -63.89 18.32 35.25
CA SER H 322 -63.31 18.37 36.58
C SER H 322 -64.32 18.80 37.63
N ASP H 323 -63.91 18.68 38.88
CA ASP H 323 -64.57 19.37 39.97
C ASP H 323 -63.86 20.66 40.33
N ARG H 324 -62.53 20.65 40.35
CA ARG H 324 -61.77 21.82 40.77
C ARG H 324 -60.67 22.15 39.78
N GLU H 325 -59.79 23.07 40.16
CA GLU H 325 -58.66 23.49 39.34
C GLU H 325 -57.42 23.48 40.20
N GLY H 326 -56.50 22.57 39.93
CA GLY H 326 -55.31 22.43 40.74
C GLY H 326 -54.49 21.26 40.28
N GLN H 327 -53.26 21.20 40.81
CA GLN H 327 -52.28 20.24 40.34
C GLN H 327 -52.58 18.85 40.89
N CYS H 328 -52.87 17.92 39.98
CA CYS H 328 -53.24 16.55 40.31
C CYS H 328 -51.99 15.72 40.58
N SER H 329 -52.17 14.41 40.63
CA SER H 329 -51.07 13.46 40.80
C SER H 329 -51.33 12.32 39.82
N VAL H 330 -50.77 12.44 38.64
CA VAL H 330 -51.04 11.53 37.54
C VAL H 330 -50.08 10.36 37.63
N HIS H 331 -50.54 9.17 37.24
CA HIS H 331 -49.76 7.96 37.47
C HIS H 331 -50.22 6.86 36.55
N SER H 332 -49.27 6.03 36.12
CA SER H 332 -49.57 4.78 35.42
C SER H 332 -49.22 3.61 36.31
N HIS H 333 -50.05 2.57 36.29
CA HIS H 333 -49.92 1.48 37.24
C HIS H 333 -49.21 0.26 36.68
N SER H 334 -49.52 -0.14 35.46
CA SER H 334 -48.87 -1.29 34.89
C SER H 334 -47.42 -0.97 34.54
N SER H 335 -46.53 -1.94 34.76
CA SER H 335 -45.11 -1.69 34.60
C SER H 335 -44.66 -1.69 33.15
N THR H 336 -45.58 -1.84 32.19
CA THR H 336 -45.23 -1.77 30.79
C THR H 336 -44.94 -0.34 30.34
N ALA H 337 -45.33 0.67 31.12
CA ALA H 337 -45.14 2.05 30.73
C ALA H 337 -45.14 2.92 31.97
N THR H 338 -44.35 3.99 31.91
CA THR H 338 -44.33 5.01 32.94
C THR H 338 -44.53 6.37 32.28
N LEU H 339 -45.14 7.28 33.01
CA LEU H 339 -45.40 8.60 32.45
C LEU H 339 -44.42 9.61 33.01
N GLN H 340 -44.67 10.88 32.72
CA GLN H 340 -43.75 11.95 33.06
C GLN H 340 -44.55 13.13 33.59
N GLU H 341 -43.87 13.92 34.43
CA GLU H 341 -44.20 15.25 34.94
C GLU H 341 -45.27 15.24 36.04
N SER H 342 -46.02 14.14 36.17
CA SER H 342 -46.66 13.69 37.40
C SER H 342 -47.69 14.60 38.06
N THR H 343 -47.90 15.82 37.56
CA THR H 343 -48.82 16.79 38.14
C THR H 343 -49.46 17.58 37.02
N VAL H 344 -50.78 17.69 37.03
CA VAL H 344 -51.53 18.40 36.01
C VAL H 344 -52.49 19.37 36.67
N HIS H 345 -52.35 20.66 36.35
CA HIS H 345 -53.29 21.69 36.81
C HIS H 345 -54.51 21.68 35.91
N VAL H 346 -55.65 21.25 36.45
CA VAL H 346 -56.85 20.99 35.66
C VAL H 346 -57.73 22.23 35.50
N LEU H 347 -58.71 22.13 34.60
CA LEU H 347 -59.65 23.20 34.29
C LEU H 347 -61.03 22.55 34.12
N GLN H 348 -62.06 23.37 33.91
CA GLN H 348 -63.43 22.87 33.80
C GLN H 348 -63.62 21.99 32.57
N LYS H 349 -62.99 22.37 31.45
CA LYS H 349 -62.84 21.49 30.30
C LYS H 349 -61.41 21.64 29.79
N GLY H 350 -60.61 20.58 29.92
CA GLY H 350 -59.21 20.65 29.57
C GLY H 350 -58.79 19.50 28.68
N GLY H 351 -57.63 19.68 28.05
CA GLY H 351 -57.07 18.70 27.16
C GLY H 351 -55.60 18.42 27.38
N ALA H 352 -55.18 18.33 28.64
CA ALA H 352 -53.76 18.25 28.98
C ALA H 352 -53.13 16.94 28.50
N THR H 353 -51.83 16.99 28.26
CA THR H 353 -51.09 15.92 27.61
C THR H 353 -50.11 15.27 28.57
N ILE H 354 -49.82 13.99 28.30
CA ILE H 354 -48.93 13.19 29.12
C ILE H 354 -47.80 12.76 28.18
N HIS H 355 -46.87 11.92 28.65
CA HIS H 355 -45.84 11.35 27.79
C HIS H 355 -45.63 9.90 28.20
N PHE H 356 -46.29 8.99 27.51
CA PHE H 356 -46.06 7.56 27.69
C PHE H 356 -44.69 7.18 27.15
N SER H 357 -44.10 6.16 27.76
CA SER H 357 -42.70 5.81 27.48
C SER H 357 -42.48 4.31 27.45
N THR H 358 -43.36 3.56 26.78
CA THR H 358 -43.29 2.12 26.88
C THR H 358 -42.12 1.54 26.11
N ALA H 359 -41.82 0.27 26.41
CA ALA H 359 -40.80 -0.52 25.73
C ALA H 359 -41.40 -1.83 25.25
N SER H 360 -42.61 -1.75 24.69
CA SER H 360 -43.35 -2.90 24.23
C SER H 360 -44.33 -2.40 23.18
N PRO H 361 -44.75 -3.23 22.22
CA PRO H 361 -45.62 -2.75 21.16
C PRO H 361 -47.06 -2.48 21.55
N GLN H 362 -47.42 -2.55 22.84
CA GLN H 362 -48.82 -2.49 23.26
C GLN H 362 -48.97 -1.43 24.34
N ALA H 363 -49.47 -0.25 23.97
CA ALA H 363 -49.86 0.74 24.97
C ALA H 363 -51.15 0.25 25.61
N ASN H 364 -51.05 -0.37 26.77
CA ASN H 364 -52.15 -1.13 27.35
C ASN H 364 -52.26 -0.84 28.84
N PHE H 365 -52.30 0.44 29.21
CA PHE H 365 -52.03 0.80 30.60
C PHE H 365 -53.17 1.59 31.22
N ILE H 366 -53.02 1.89 32.51
CA ILE H 366 -54.10 2.39 33.36
C ILE H 366 -53.65 3.70 33.98
N VAL H 367 -54.28 4.79 33.59
CA VAL H 367 -53.98 6.11 34.11
C VAL H 367 -54.88 6.39 35.30
N SER H 368 -54.28 6.76 36.42
CA SER H 368 -55.02 7.31 37.55
C SER H 368 -54.71 8.79 37.61
N LEU H 369 -55.70 9.61 37.27
CA LEU H 369 -55.47 11.06 37.22
C LEU H 369 -55.29 11.63 38.61
N CYS H 370 -56.19 11.28 39.53
CA CYS H 370 -56.00 11.57 40.93
C CYS H 370 -56.42 10.35 41.73
N GLY H 371 -55.98 9.18 41.27
CA GLY H 371 -56.44 7.91 41.78
C GLY H 371 -57.55 7.30 40.96
N LYS H 372 -58.38 8.13 40.31
CA LYS H 372 -59.47 7.64 39.49
C LYS H 372 -58.93 7.05 38.21
N LYS H 373 -59.14 5.76 38.00
CA LYS H 373 -58.49 5.02 36.94
C LYS H 373 -59.28 5.07 35.64
N THR H 374 -58.55 4.92 34.54
CA THR H 374 -59.07 4.84 33.18
C THR H 374 -58.00 4.14 32.35
N THR H 375 -58.34 3.79 31.12
CA THR H 375 -57.44 2.97 30.32
C THR H 375 -56.99 3.67 29.04
N CYS H 376 -55.70 3.54 28.74
CA CYS H 376 -55.12 3.89 27.45
C CYS H 376 -54.82 2.61 26.71
N ASN H 377 -55.35 2.49 25.49
CA ASN H 377 -55.15 1.30 24.66
C ASN H 377 -54.87 1.72 23.23
N ALA H 378 -53.68 1.37 22.75
CA ALA H 378 -53.29 1.56 21.36
C ALA H 378 -52.11 0.65 21.06
N GLU H 379 -51.78 0.55 19.78
CA GLU H 379 -50.60 -0.17 19.34
C GLU H 379 -49.43 0.81 19.21
N CYS H 380 -48.22 0.26 19.11
CA CYS H 380 -47.03 1.07 19.07
C CYS H 380 -46.22 0.79 17.81
N LYS H 381 -45.40 1.77 17.44
CA LYS H 381 -44.57 1.68 16.25
C LYS H 381 -43.10 1.64 16.62
N PRO H 382 -42.31 0.77 15.98
CA PRO H 382 -40.87 0.76 16.21
C PRO H 382 -40.23 2.01 15.66
N PRO H 383 -39.24 2.57 16.35
CA PRO H 383 -38.63 3.81 15.88
C PRO H 383 -37.62 3.54 14.79
N ALA H 384 -37.32 4.60 14.03
CA ALA H 384 -36.23 4.55 13.07
C ALA H 384 -35.13 5.46 13.60
N ASP H 385 -34.39 4.92 14.57
CA ASP H 385 -33.14 5.52 15.05
C ASP H 385 -32.46 4.39 15.83
N HIS H 386 -31.36 3.88 15.31
CA HIS H 386 -30.84 2.63 15.84
C HIS H 386 -30.17 2.80 17.18
N ILE H 387 -29.57 3.97 17.45
CA ILE H 387 -28.62 4.14 18.53
C ILE H 387 -28.79 5.51 19.17
N VAL H 388 -29.00 5.54 20.48
CA VAL H 388 -29.28 6.76 21.22
C VAL H 388 -28.33 6.84 22.41
N ASN H 389 -27.80 8.04 22.67
CA ASN H 389 -26.91 8.27 23.81
C ASN H 389 -27.60 7.99 25.13
N VAL H 390 -28.86 8.39 25.25
CA VAL H 390 -29.58 8.35 26.52
C VAL H 390 -29.96 6.91 26.85
N PRO H 391 -29.75 6.45 28.08
CA PRO H 391 -30.10 5.06 28.44
C PRO H 391 -31.58 4.76 28.45
N HIS H 392 -31.94 3.50 28.66
CA HIS H 392 -33.34 3.10 28.70
C HIS H 392 -33.98 3.43 30.03
N LYS H 393 -35.31 3.33 30.06
CA LYS H 393 -36.10 3.61 31.26
C LYS H 393 -37.16 2.56 31.55
N ASN H 394 -37.16 1.44 30.84
CA ASN H 394 -38.10 0.36 31.11
C ASN H 394 -37.37 -0.97 31.01
N ASP H 395 -38.16 -2.04 31.08
CA ASP H 395 -37.66 -3.40 30.97
C ASP H 395 -38.51 -4.14 29.94
N GLN H 396 -38.14 -5.39 29.68
CA GLN H 396 -38.91 -6.23 28.78
C GLN H 396 -39.68 -7.28 29.57
N GLU H 397 -40.91 -7.53 29.15
CA GLU H 397 -41.78 -8.51 29.80
C GLU H 397 -42.32 -9.44 28.74
N PHE H 398 -42.05 -10.74 28.91
CA PHE H 398 -42.79 -11.74 28.16
C PHE H 398 -44.25 -11.71 28.62
N GLN H 399 -45.15 -12.08 27.71
CA GLN H 399 -46.59 -11.83 27.71
C GLN H 399 -46.92 -10.34 27.63
N ALA H 400 -45.93 -9.50 27.32
CA ALA H 400 -46.15 -8.10 27.00
C ALA H 400 -45.38 -7.63 25.78
N ALA H 401 -44.31 -8.31 25.38
CA ALA H 401 -43.54 -7.95 24.20
C ALA H 401 -44.00 -8.69 22.96
N VAL H 402 -45.10 -9.42 23.05
CA VAL H 402 -45.68 -10.12 21.91
C VAL H 402 -46.90 -9.34 21.45
N SER H 403 -46.94 -9.00 20.16
CA SER H 403 -47.98 -8.13 19.64
C SER H 403 -49.33 -8.86 19.60
N GLN H 404 -50.41 -8.06 19.64
CA GLN H 404 -51.75 -8.60 19.85
C GLN H 404 -52.23 -9.41 18.66
N THR H 405 -51.89 -9.00 17.45
CA THR H 405 -52.25 -9.79 16.27
C THR H 405 -51.53 -11.12 16.27
N SER H 406 -50.27 -11.12 16.71
CA SER H 406 -49.56 -12.37 16.85
C SER H 406 -50.15 -13.24 17.96
N TRP H 407 -50.71 -12.62 19.00
CA TRP H 407 -51.47 -13.39 19.98
C TRP H 407 -52.71 -14.01 19.34
N SER H 408 -53.36 -13.28 18.43
CA SER H 408 -54.53 -13.82 17.76
C SER H 408 -54.16 -15.00 16.88
N TRP H 409 -53.04 -14.89 16.15
CA TRP H 409 -52.60 -15.99 15.30
C TRP H 409 -52.21 -17.21 16.11
N LEU H 410 -51.49 -17.01 17.22
CA LEU H 410 -51.06 -18.15 18.03
C LEU H 410 -52.24 -18.82 18.73
N PHE H 411 -53.18 -18.03 19.27
CA PHE H 411 -54.35 -18.60 19.92
C PHE H 411 -55.25 -19.31 18.92
N ALA H 412 -55.41 -18.74 17.72
CA ALA H 412 -56.24 -19.39 16.71
C ALA H 412 -55.61 -20.68 16.22
N LEU H 413 -54.28 -20.71 16.09
CA LEU H 413 -53.63 -21.92 15.59
C LEU H 413 -53.62 -23.01 16.66
N PHE H 414 -53.45 -22.63 17.93
CA PHE H 414 -53.52 -23.61 19.02
C PHE H 414 -54.93 -24.15 19.20
N GLY H 415 -55.94 -23.28 19.03
CA GLY H 415 -57.32 -23.76 19.09
C GLY H 415 -57.67 -24.66 17.93
N GLY H 416 -57.16 -24.34 16.73
CA GLY H 416 -57.35 -25.22 15.60
C GLY H 416 -56.60 -26.52 15.70
N ALA H 417 -55.56 -26.58 16.53
CA ALA H 417 -54.87 -27.84 16.79
C ALA H 417 -55.43 -28.61 17.97
N SER H 418 -56.23 -27.97 18.83
CA SER H 418 -56.77 -28.65 20.01
C SER H 418 -58.22 -29.06 19.88
N SER H 419 -59.04 -28.27 19.18
CA SER H 419 -60.48 -28.49 19.18
C SER H 419 -60.85 -29.76 18.43
N LEU H 420 -60.08 -30.15 17.43
CA LEU H 420 -60.37 -31.38 16.72
C LEU H 420 -59.97 -32.60 17.54
N LEU H 421 -58.96 -32.49 18.39
CA LEU H 421 -58.67 -33.53 19.38
C LEU H 421 -59.81 -33.66 20.38
N VAL H 422 -60.39 -32.53 20.77
CA VAL H 422 -61.57 -32.55 21.64
C VAL H 422 -62.74 -33.25 20.94
N ILE H 423 -62.91 -32.97 19.64
CA ILE H 423 -63.95 -33.63 18.84
C ILE H 423 -63.70 -35.14 18.77
N GLY H 424 -62.44 -35.54 18.63
CA GLY H 424 -62.12 -36.96 18.57
C GLY H 424 -62.39 -37.70 19.86
N VAL H 425 -62.05 -37.10 21.00
CA VAL H 425 -62.34 -37.80 22.26
C VAL H 425 -63.84 -37.78 22.57
N MET H 426 -64.56 -36.75 22.10
CA MET H 426 -66.01 -36.81 22.23
C MET H 426 -66.62 -37.83 21.27
N ILE H 427 -65.94 -38.11 20.16
CA ILE H 427 -66.39 -39.19 19.27
C ILE H 427 -66.16 -40.55 19.93
N PHE H 428 -65.07 -40.69 20.70
CA PHE H 428 -64.90 -41.88 21.55
C PHE H 428 -66.06 -42.04 22.52
N ALA H 429 -66.43 -40.94 23.21
CA ALA H 429 -67.51 -41.01 24.18
C ALA H 429 -68.85 -41.32 23.53
N CYS H 430 -69.12 -40.70 22.38
CA CYS H 430 -70.39 -40.91 21.69
C CYS H 430 -70.49 -42.31 21.12
N SER H 431 -69.39 -42.83 20.58
CA SER H 431 -69.37 -44.20 20.08
C SER H 431 -69.50 -45.21 21.20
N ALA H 432 -68.94 -44.91 22.38
CA ALA H 432 -69.11 -45.81 23.51
C ALA H 432 -70.54 -45.78 24.03
N LEU H 433 -71.21 -44.62 23.98
CA LEU H 433 -72.56 -44.56 24.52
C LEU H 433 -73.60 -45.12 23.56
N LEU H 434 -73.41 -44.91 22.26
CA LEU H 434 -74.43 -45.40 21.31
C LEU H 434 -74.32 -46.91 21.10
N THR H 435 -73.11 -47.39 20.76
CA THR H 435 -72.82 -48.75 20.32
C THR H 435 -73.72 -49.19 19.16
N PHE I 1 57.17 4.50 2.58
CA PHE I 1 58.23 5.28 3.20
C PHE I 1 58.62 6.44 2.30
N THR I 2 57.77 6.65 1.28
CA THR I 2 57.92 7.69 0.26
C THR I 2 59.27 7.65 -0.44
N LEU I 3 59.51 6.52 -1.12
CA LEU I 3 60.37 6.53 -2.29
C LEU I 3 59.66 7.09 -3.50
N THR I 4 58.34 7.07 -3.49
CA THR I 4 57.52 7.40 -4.64
C THR I 4 56.78 8.71 -4.44
N SER I 5 56.00 9.05 -5.40
CA SER I 5 55.27 10.26 -5.67
C SER I 5 53.79 10.11 -5.31
N PRO I 6 53.10 11.18 -4.95
CA PRO I 6 51.66 11.09 -4.67
C PRO I 6 50.86 11.11 -5.96
N TYR I 7 49.54 11.09 -5.80
CA TYR I 7 48.67 11.25 -6.95
C TYR I 7 47.40 11.95 -6.49
N LEU I 8 46.54 12.24 -7.46
CA LEU I 8 45.27 12.90 -7.23
C LEU I 8 44.17 11.93 -7.62
N GLY I 9 43.06 11.95 -6.89
CA GLY I 9 42.03 10.97 -7.12
C GLY I 9 40.71 11.53 -7.62
N THR I 10 39.87 10.68 -8.21
CA THR I 10 38.57 11.08 -8.74
C THR I 10 37.49 10.52 -7.82
N CYS I 11 37.20 11.24 -6.75
CA CYS I 11 36.35 10.72 -5.69
C CYS I 11 34.88 10.77 -6.01
N SER I 12 34.06 10.57 -5.00
CA SER I 12 32.62 10.77 -5.08
C SER I 12 32.17 11.42 -3.78
N TYR I 13 31.29 12.41 -3.91
CA TYR I 13 30.62 13.09 -2.80
C TYR I 13 31.64 13.71 -1.84
N CYS I 14 32.35 14.72 -2.33
CA CYS I 14 33.35 15.38 -1.51
C CYS I 14 32.73 16.61 -0.86
N HIS I 15 32.43 16.47 0.45
CA HIS I 15 31.99 17.54 1.38
C HIS I 15 30.83 18.38 0.87
N HIS I 16 30.06 17.82 -0.06
CA HIS I 16 29.13 18.54 -0.92
C HIS I 16 28.51 17.45 -1.78
N THR I 17 27.66 17.80 -2.74
CA THR I 17 27.24 16.82 -3.74
C THR I 17 28.24 16.69 -4.90
N GLU I 18 29.49 16.52 -4.55
CA GLU I 18 30.58 16.72 -5.50
C GLU I 18 31.45 15.48 -5.65
N PRO I 19 31.34 14.75 -6.74
CA PRO I 19 32.50 13.96 -7.18
C PRO I 19 33.47 14.89 -7.88
N CYS I 20 34.72 14.87 -7.45
CA CYS I 20 35.65 15.87 -7.95
C CYS I 20 37.05 15.29 -8.04
N PHE I 21 37.90 16.02 -8.77
CA PHE I 21 39.35 15.87 -8.67
C PHE I 21 39.72 16.09 -7.22
N SER I 22 40.21 15.05 -6.59
CA SER I 22 40.23 15.12 -5.15
C SER I 22 41.65 15.13 -4.62
N PRO I 23 41.80 15.61 -3.42
CA PRO I 23 42.86 15.14 -2.53
C PRO I 23 42.61 13.72 -2.09
N VAL I 24 42.97 13.47 -0.85
CA VAL I 24 43.35 12.22 -0.17
C VAL I 24 42.42 10.99 -0.36
N LYS I 25 41.64 10.95 -1.45
CA LYS I 25 40.76 9.85 -1.89
C LYS I 25 41.16 8.42 -1.58
N ILE I 26 40.18 7.69 -1.05
CA ILE I 26 40.33 6.36 -0.46
C ILE I 26 40.84 5.32 -1.46
N GLU I 27 40.26 5.25 -2.65
CA GLU I 27 40.78 4.50 -3.82
C GLU I 27 40.91 2.97 -3.70
N GLN I 28 40.80 2.42 -2.49
CA GLN I 28 40.72 1.00 -2.15
C GLN I 28 40.57 0.97 -0.64
N VAL I 29 39.94 -0.05 -0.07
CA VAL I 29 39.80 -0.13 1.38
C VAL I 29 39.66 -1.59 1.80
N TRP I 30 40.39 -1.94 2.85
CA TRP I 30 40.34 -3.26 3.44
C TRP I 30 39.67 -3.20 4.80
N ASP I 31 38.73 -4.12 5.01
CA ASP I 31 37.85 -4.22 6.18
C ASP I 31 37.84 -5.69 6.59
N GLU I 32 38.79 -6.08 7.41
CA GLU I 32 38.98 -7.50 7.68
C GLU I 32 39.26 -7.83 9.12
N ALA I 33 39.38 -6.86 10.01
CA ALA I 33 39.77 -7.12 11.39
C ALA I 33 38.60 -7.65 12.18
N ASP I 34 38.77 -7.70 13.50
CA ASP I 34 37.68 -8.05 14.39
C ASP I 34 37.36 -6.97 15.39
N ASP I 35 38.18 -5.93 15.48
CA ASP I 35 37.67 -4.63 15.89
C ASP I 35 37.30 -3.86 14.63
N ASN I 36 37.07 -2.57 14.76
CA ASN I 36 36.55 -1.83 13.60
C ASN I 36 37.65 -1.15 12.81
N THR I 37 38.72 -1.85 12.47
CA THR I 37 39.88 -1.23 11.86
C THR I 37 39.79 -1.27 10.34
N ILE I 38 40.09 -0.13 9.72
CA ILE I 38 39.97 0.09 8.29
C ILE I 38 41.34 0.50 7.76
N ARG I 39 41.72 -0.05 6.60
CA ARG I 39 42.93 0.36 5.90
C ARG I 39 42.56 0.98 4.56
N ILE I 40 43.11 2.17 4.30
CA ILE I 40 42.69 3.07 3.22
C ILE I 40 43.88 3.35 2.33
N GLN I 41 43.68 3.33 1.01
CA GLN I 41 44.78 3.56 0.06
C GLN I 41 44.68 4.96 -0.55
N THR I 42 45.19 5.95 0.18
CA THR I 42 44.90 7.34 -0.08
C THR I 42 45.54 7.83 -1.37
N SER I 43 45.31 9.12 -1.64
CA SER I 43 45.81 9.76 -2.84
C SER I 43 47.24 10.27 -2.65
N ALA I 44 47.53 10.86 -1.50
CA ALA I 44 48.76 11.59 -1.30
C ALA I 44 49.78 10.77 -0.54
N GLN I 45 51.05 11.02 -0.82
CA GLN I 45 52.10 10.46 0.02
C GLN I 45 52.14 11.21 1.34
N PHE I 46 52.57 10.51 2.38
CA PHE I 46 52.43 11.03 3.73
C PHE I 46 53.74 11.21 4.48
N GLY I 47 54.85 10.70 3.95
CA GLY I 47 56.13 10.87 4.61
C GLY I 47 56.92 12.05 4.09
N TYR I 48 57.11 12.14 2.78
CA TYR I 48 58.05 13.09 2.20
C TYR I 48 57.48 14.49 2.27
N ASP I 49 57.84 15.20 3.34
CA ASP I 49 57.21 16.49 3.63
C ASP I 49 57.74 17.60 2.73
N GLN I 50 59.02 17.92 2.85
CA GLN I 50 59.60 19.06 2.13
C GLN I 50 60.17 18.63 0.78
N SER I 51 59.35 17.89 0.03
CA SER I 51 59.54 17.43 -1.34
C SER I 51 60.68 16.43 -1.54
N GLY I 52 61.51 16.18 -0.51
CA GLY I 52 62.48 15.12 -0.59
C GLY I 52 62.72 14.39 0.71
N ALA I 53 62.12 14.88 1.80
CA ALA I 53 62.51 14.49 3.14
C ALA I 53 61.34 13.79 3.82
N ALA I 54 61.49 12.48 4.03
CA ALA I 54 60.48 11.67 4.69
C ALA I 54 60.34 12.11 6.14
N SER I 55 59.21 12.73 6.46
CA SER I 55 58.91 13.24 7.79
C SER I 55 57.59 12.63 8.25
N VAL I 56 57.08 13.13 9.37
CA VAL I 56 55.89 12.58 10.02
C VAL I 56 54.79 13.63 10.13
N ASN I 57 55.11 14.80 10.69
CA ASN I 57 54.08 15.78 11.00
C ASN I 57 53.51 16.47 9.77
N LYS I 58 54.11 16.28 8.60
CA LYS I 58 53.61 16.88 7.37
C LYS I 58 53.53 15.79 6.30
N TYR I 59 53.03 16.17 5.12
CA TYR I 59 52.81 15.19 4.07
C TYR I 59 52.99 15.85 2.71
N ARG I 60 52.53 15.16 1.66
CA ARG I 60 52.98 15.36 0.29
C ARG I 60 51.76 15.42 -0.63
N ILE I 61 50.80 16.30 -0.33
CA ILE I 61 49.59 16.36 -1.14
C ILE I 61 49.90 16.88 -2.54
N MET I 62 49.47 16.12 -3.54
CA MET I 62 49.41 16.71 -4.88
C MET I 62 48.26 17.69 -4.84
N SER I 63 48.57 18.98 -4.77
CA SER I 63 47.57 19.99 -4.50
C SER I 63 46.66 20.21 -5.70
N LEU I 64 45.61 21.00 -5.48
CA LEU I 64 44.49 21.06 -6.40
C LEU I 64 44.82 21.75 -7.71
N LYS I 65 45.90 22.53 -7.78
CA LYS I 65 46.28 23.15 -9.03
C LYS I 65 46.87 22.11 -9.97
N GLN I 66 46.53 22.20 -11.25
CA GLN I 66 46.96 21.22 -12.25
C GLN I 66 48.38 21.53 -12.75
N ASP I 67 49.33 21.47 -11.81
CA ASP I 67 50.72 21.75 -12.13
C ASP I 67 51.68 20.84 -11.37
N HIS I 68 51.18 19.74 -10.79
CA HIS I 68 51.92 18.78 -9.96
C HIS I 68 52.58 19.43 -8.75
N THR I 69 52.07 20.57 -8.29
CA THR I 69 52.72 21.29 -7.20
C THR I 69 52.35 20.63 -5.88
N ILE I 70 53.34 20.06 -5.22
CA ILE I 70 53.15 19.49 -3.90
C ILE I 70 53.25 20.61 -2.88
N GLU I 71 52.21 20.76 -2.04
CA GLU I 71 52.24 21.79 -1.01
C GLU I 71 51.95 21.17 0.34
N GLU I 72 52.99 20.54 0.92
CA GLU I 72 53.38 20.59 2.33
C GLU I 72 52.29 20.82 3.36
N GLY I 73 51.22 20.04 3.30
CA GLY I 73 50.18 20.16 4.30
C GLY I 73 50.60 19.62 5.64
N SER I 74 49.96 20.11 6.69
CA SER I 74 50.22 19.59 8.03
C SER I 74 49.39 18.34 8.26
N MET I 75 50.05 17.25 8.68
CA MET I 75 49.37 15.97 8.85
C MET I 75 48.46 15.94 10.06
N ASP I 76 48.41 17.01 10.86
CA ASP I 76 47.43 17.17 11.91
C ASP I 76 46.16 17.83 11.42
N ALA I 77 45.85 17.73 10.12
CA ALA I 77 44.65 18.35 9.59
C ALA I 77 43.84 17.43 8.68
N ILE I 78 44.30 16.21 8.41
CA ILE I 78 43.51 15.27 7.62
C ILE I 78 42.50 14.62 8.56
N LYS I 79 41.26 15.09 8.54
CA LYS I 79 40.20 14.48 9.31
C LYS I 79 39.46 13.50 8.41
N ILE I 80 39.34 12.26 8.86
CA ILE I 80 38.57 11.26 8.12
C ILE I 80 37.49 10.74 9.06
N SER I 81 36.47 10.14 8.45
CA SER I 81 35.32 9.66 9.20
C SER I 81 34.64 8.59 8.36
N THR I 82 33.61 7.95 8.90
CA THR I 82 32.82 7.06 8.06
C THR I 82 31.34 7.45 8.03
N SER I 83 30.66 7.52 9.17
CA SER I 83 29.40 8.22 9.31
C SER I 83 29.34 9.05 10.58
N GLY I 84 30.12 8.72 11.59
CA GLY I 84 30.52 9.65 12.61
C GLY I 84 32.02 9.80 12.51
N PRO I 85 32.61 10.65 13.33
CA PRO I 85 34.05 10.93 13.20
C PRO I 85 34.89 9.74 13.65
N CYS I 86 36.11 9.71 13.13
CA CYS I 86 36.96 8.53 13.24
C CYS I 86 38.40 8.95 13.49
N ARG I 87 39.00 8.41 14.55
CA ARG I 87 40.38 8.73 14.88
C ARG I 87 41.32 7.85 14.07
N ARG I 88 42.23 8.49 13.35
CA ARG I 88 43.21 7.73 12.59
C ARG I 88 44.31 7.22 13.51
N LEU I 89 45.00 6.19 13.06
CA LEU I 89 46.02 5.58 13.88
C LEU I 89 47.40 5.61 13.26
N ASN I 90 47.52 5.37 11.97
CA ASN I 90 48.85 5.35 11.39
C ASN I 90 48.79 5.76 9.92
N HIS I 91 49.95 6.19 9.40
CA HIS I 91 50.07 6.58 8.01
C HIS I 91 51.47 6.26 7.50
N LYS I 92 51.54 5.75 6.28
CA LYS I 92 52.83 5.45 5.66
C LYS I 92 52.64 5.48 4.15
N GLY I 93 52.99 6.61 3.53
CA GLY I 93 52.93 6.74 2.09
C GLY I 93 51.52 6.93 1.58
N TYR I 94 51.02 5.96 0.84
CA TYR I 94 49.68 5.98 0.25
C TYR I 94 48.59 5.56 1.21
N PHE I 95 48.89 5.33 2.47
CA PHE I 95 48.08 4.47 3.31
C PHE I 95 47.65 5.18 4.58
N LEU I 96 46.43 4.90 4.99
CA LEU I 96 45.96 5.25 6.32
C LEU I 96 45.39 4.03 7.02
N LEU I 97 45.56 4.01 8.33
CA LEU I 97 44.99 2.98 9.18
C LEU I 97 44.22 3.69 10.26
N ALA I 98 42.91 3.43 10.33
CA ALA I 98 42.05 4.08 11.29
C ALA I 98 41.10 3.05 11.86
N LYS I 99 40.33 3.44 12.89
CA LYS I 99 39.28 2.56 13.39
C LYS I 99 37.96 3.31 13.47
N CYS I 100 37.04 2.95 12.56
CA CYS I 100 35.92 3.79 12.17
C CYS I 100 34.62 3.01 12.27
N PRO I 101 33.74 3.28 13.23
CA PRO I 101 32.79 2.25 13.68
C PRO I 101 31.57 2.02 12.79
N PRO I 102 30.82 3.04 12.29
CA PRO I 102 29.65 2.64 11.48
C PRO I 102 30.00 2.34 10.04
N GLY I 103 28.99 2.20 9.18
CA GLY I 103 29.22 1.86 7.79
C GLY I 103 28.51 2.74 6.78
N ASP I 104 28.32 2.20 5.58
CA ASP I 104 27.60 2.76 4.42
C ASP I 104 28.28 3.94 3.76
N SER I 105 29.39 4.45 4.30
CA SER I 105 30.09 5.62 3.80
C SER I 105 31.46 5.61 4.45
N VAL I 106 32.52 5.95 3.70
CA VAL I 106 33.88 6.02 4.27
C VAL I 106 34.49 7.34 3.85
N THR I 107 34.49 8.33 4.74
CA THR I 107 34.88 9.66 4.33
C THR I 107 36.35 9.93 4.57
N VAL I 108 36.92 10.75 3.70
CA VAL I 108 38.24 11.35 3.91
C VAL I 108 38.04 12.83 3.69
N SER I 109 37.84 13.59 4.77
CA SER I 109 37.65 15.03 4.67
C SER I 109 39.01 15.73 4.77
N ILE I 110 38.99 17.06 4.96
CA ILE I 110 40.12 18.03 5.08
C ILE I 110 41.54 17.53 5.34
N THR I 117 38.01 20.56 3.72
CA THR I 117 36.96 19.56 3.73
C THR I 117 37.06 18.75 2.45
N SER I 118 36.78 17.44 2.51
CA SER I 118 37.06 16.56 1.38
C SER I 118 36.14 15.34 1.44
N CYS I 119 36.58 14.21 0.85
CA CYS I 119 35.78 13.22 0.13
C CYS I 119 35.26 12.06 0.96
N THR I 120 34.66 11.07 0.28
CA THR I 120 34.10 9.88 0.91
C THR I 120 34.08 8.67 -0.03
N LEU I 121 33.59 7.54 0.51
CA LEU I 121 33.31 6.34 -0.27
C LEU I 121 32.19 5.55 0.38
N ALA I 122 31.14 5.23 -0.37
CA ALA I 122 29.96 4.61 0.23
C ALA I 122 30.04 3.09 0.22
N ARG I 123 31.16 2.56 0.71
CA ARG I 123 31.30 1.11 0.80
C ARG I 123 30.66 0.64 2.10
N LYS I 124 29.97 -0.48 2.03
CA LYS I 124 29.35 -1.04 3.22
C LYS I 124 30.43 -1.51 4.17
N VAL I 125 30.62 -0.79 5.27
CA VAL I 125 31.44 -1.27 6.38
C VAL I 125 30.47 -1.95 7.33
N LYS I 126 30.25 -3.24 7.11
CA LYS I 126 29.26 -4.00 7.85
C LYS I 126 29.70 -4.15 9.30
N PRO I 127 28.78 -4.11 10.26
CA PRO I 127 29.17 -4.27 11.66
C PRO I 127 29.46 -5.73 11.97
N LYS I 128 30.59 -5.97 12.62
CA LYS I 128 31.02 -7.33 12.91
C LYS I 128 31.56 -7.40 14.32
N PHE I 129 31.45 -8.59 14.89
CA PHE I 129 31.90 -8.90 16.22
C PHE I 129 32.53 -10.28 16.14
N VAL I 130 32.99 -10.79 17.27
CA VAL I 130 33.81 -11.99 17.25
C VAL I 130 33.25 -13.09 18.14
N GLY I 131 32.52 -12.73 19.18
CA GLY I 131 32.07 -13.72 20.13
C GLY I 131 30.85 -14.47 19.66
N ARG I 132 30.12 -15.02 20.63
CA ARG I 132 28.77 -15.52 20.41
C ARG I 132 27.72 -14.57 20.94
N GLU I 133 28.06 -13.72 21.89
CA GLU I 133 27.20 -12.65 22.35
C GLU I 133 27.65 -11.36 21.68
N LYS I 134 26.73 -10.69 20.99
CA LYS I 134 27.15 -9.57 20.18
C LYS I 134 27.32 -8.31 21.00
N TYR I 135 28.03 -7.34 20.43
CA TYR I 135 28.34 -6.12 21.14
C TYR I 135 28.62 -5.02 20.13
N ASP I 136 28.65 -3.79 20.64
CA ASP I 136 28.98 -2.63 19.83
C ASP I 136 30.25 -1.96 20.31
N LEU I 137 30.29 -1.55 21.52
CA LEU I 137 31.51 -1.16 22.19
C LEU I 137 32.10 -2.39 22.86
N PRO I 138 33.40 -2.43 23.11
CA PRO I 138 33.96 -3.56 23.85
C PRO I 138 33.42 -3.59 25.27
N PRO I 139 33.17 -4.79 25.80
CA PRO I 139 32.68 -4.90 27.17
C PRO I 139 33.72 -4.47 28.18
N VAL I 140 33.30 -4.39 29.43
CA VAL I 140 34.14 -3.80 30.44
C VAL I 140 35.14 -4.80 31.00
N HIS I 141 34.70 -6.02 31.30
CA HIS I 141 35.57 -7.01 31.93
C HIS I 141 35.88 -8.21 31.05
N GLY I 142 34.89 -8.96 30.57
CA GLY I 142 35.12 -9.89 29.48
C GLY I 142 36.01 -11.11 29.72
N LYS I 143 36.44 -11.75 28.62
CA LYS I 143 37.25 -12.96 28.77
C LYS I 143 38.41 -13.18 27.78
N LYS I 144 38.62 -12.33 26.77
CA LYS I 144 39.77 -12.40 25.85
C LYS I 144 39.95 -13.69 25.04
N ILE I 145 39.11 -13.92 24.03
CA ILE I 145 39.28 -15.02 23.08
C ILE I 145 40.06 -14.49 21.88
N PRO I 146 40.66 -15.32 21.02
CA PRO I 146 41.57 -14.80 19.99
C PRO I 146 40.86 -14.25 18.75
N CYS I 147 41.61 -13.44 18.00
CA CYS I 147 41.12 -12.74 16.83
C CYS I 147 42.32 -12.32 15.98
N TYR I 148 42.09 -11.41 15.04
CA TYR I 148 43.14 -10.81 14.22
C TYR I 148 43.13 -9.31 14.39
N ILE I 149 44.21 -8.66 13.99
CA ILE I 149 44.32 -7.22 14.12
C ILE I 149 45.20 -6.70 12.99
N TYR I 150 44.91 -5.49 12.53
CA TYR I 150 45.88 -4.76 11.73
C TYR I 150 46.89 -4.13 12.66
N ASP I 151 48.11 -4.66 12.66
CA ASP I 151 49.14 -4.14 13.55
C ASP I 151 49.69 -2.85 12.97
N ARG I 152 49.93 -1.90 13.86
CA ARG I 152 50.18 -0.54 13.39
C ARG I 152 51.59 -0.05 13.64
N LEU I 153 52.60 -0.89 13.55
CA LEU I 153 53.96 -0.40 13.68
C LEU I 153 54.79 -0.51 12.42
N LYS I 154 55.07 -1.72 11.93
CA LYS I 154 56.11 -1.83 10.92
C LYS I 154 55.84 -2.88 9.86
N GLU I 155 54.93 -3.80 10.14
CA GLU I 155 54.95 -5.06 9.42
C GLU I 155 54.25 -4.96 8.08
N THR I 156 54.65 -5.85 7.17
CA THR I 156 54.16 -5.85 5.81
C THR I 156 53.48 -7.17 5.50
N SER I 157 52.65 -7.16 4.47
CA SER I 157 51.69 -8.23 4.26
C SER I 157 52.07 -9.23 3.18
N ALA I 158 53.07 -8.90 2.37
CA ALA I 158 53.42 -9.64 1.14
C ALA I 158 52.21 -9.76 0.22
N GLY I 159 51.73 -8.60 -0.23
CA GLY I 159 50.61 -8.55 -1.15
C GLY I 159 51.01 -8.25 -2.58
N TYR I 160 52.14 -7.55 -2.74
CA TYR I 160 52.78 -7.29 -4.04
C TYR I 160 51.86 -6.51 -4.98
N ILE I 161 51.61 -5.26 -4.62
CA ILE I 161 50.88 -4.35 -5.51
C ILE I 161 51.93 -3.52 -6.25
N THR I 162 51.65 -3.24 -7.53
CA THR I 162 52.67 -2.80 -8.46
C THR I 162 52.68 -1.28 -8.59
N MET I 163 53.84 -0.72 -8.90
CA MET I 163 53.95 0.68 -9.25
C MET I 163 54.77 0.83 -10.51
N HIS I 164 54.55 1.93 -11.21
CA HIS I 164 55.06 2.12 -12.57
C HIS I 164 55.60 3.54 -12.70
N ARG I 165 55.76 4.00 -13.93
CA ARG I 165 56.30 5.31 -14.23
C ARG I 165 55.20 6.36 -14.28
N PRO I 166 55.54 7.67 -14.30
CA PRO I 166 54.55 8.68 -14.70
C PRO I 166 54.08 8.50 -16.15
N THR I 199 62.32 11.54 -12.12
CA THR I 199 61.04 11.24 -11.49
C THR I 199 61.17 10.02 -10.60
N LYS I 200 60.04 9.56 -10.07
CA LYS I 200 59.99 8.39 -9.20
C LYS I 200 58.93 7.44 -9.71
N TRP I 201 58.71 6.35 -8.97
CA TRP I 201 57.62 5.43 -9.25
C TRP I 201 56.26 6.07 -9.07
N VAL I 202 55.29 5.55 -9.84
CA VAL I 202 53.91 6.02 -9.83
C VAL I 202 53.00 4.78 -9.74
N PHE I 203 51.99 4.85 -8.88
CA PHE I 203 51.24 3.66 -8.52
C PHE I 203 50.24 3.23 -9.59
N ASN I 204 49.99 1.91 -9.65
CA ASN I 204 48.98 1.26 -10.47
C ASN I 204 47.60 1.38 -9.82
N SER I 205 47.06 2.64 -9.81
CA SER I 205 45.75 2.93 -9.23
C SER I 205 44.67 2.84 -10.28
N PRO I 206 43.45 2.43 -9.90
CA PRO I 206 42.34 2.47 -10.85
C PRO I 206 41.96 3.87 -11.26
N ASP I 207 42.28 4.88 -10.47
CA ASP I 207 42.11 6.25 -10.94
C ASP I 207 43.14 6.61 -11.99
N LEU I 208 44.38 6.19 -11.79
CA LEU I 208 45.47 6.71 -12.59
C LEU I 208 45.48 6.09 -13.98
N ILE I 209 46.26 6.71 -14.84
CA ILE I 209 46.24 6.44 -16.26
C ILE I 209 47.56 5.90 -16.78
N ARG I 210 48.67 6.19 -16.11
CA ARG I 210 50.00 6.13 -16.70
C ARG I 210 50.52 4.71 -16.87
N HIS I 211 49.76 3.87 -17.55
CA HIS I 211 50.20 2.54 -17.91
C HIS I 211 49.90 2.44 -19.40
N ALA I 212 50.79 3.01 -20.20
CA ALA I 212 50.62 3.01 -21.65
C ALA I 212 51.76 2.29 -22.35
N ASP I 213 53.00 2.69 -22.05
CA ASP I 213 54.18 2.05 -22.62
C ASP I 213 55.16 1.58 -21.58
N HIS I 214 55.15 2.14 -20.38
CA HIS I 214 56.14 1.81 -19.35
C HIS I 214 55.62 0.69 -18.47
N THR I 215 55.40 -0.46 -19.12
CA THR I 215 55.00 -1.69 -18.48
C THR I 215 56.23 -2.38 -17.89
N ALA I 216 56.08 -3.67 -17.56
CA ALA I 216 57.13 -4.51 -16.98
C ALA I 216 57.68 -3.88 -15.71
N GLN I 217 56.77 -3.39 -14.88
CA GLN I 217 57.07 -2.44 -13.83
C GLN I 217 57.31 -3.13 -12.49
N GLY I 218 58.02 -2.43 -11.61
CA GLY I 218 58.35 -2.94 -10.30
C GLY I 218 57.13 -3.04 -9.40
N LYS I 219 57.36 -3.58 -8.22
CA LYS I 219 56.27 -3.83 -7.29
C LYS I 219 56.76 -3.63 -5.87
N MET I 220 55.99 -2.91 -5.07
CA MET I 220 56.17 -2.84 -3.63
C MET I 220 55.33 -3.94 -3.01
N HIS I 221 55.16 -3.93 -1.70
CA HIS I 221 54.07 -4.69 -1.11
C HIS I 221 53.47 -3.95 0.07
N LEU I 222 52.26 -4.36 0.40
CA LEU I 222 51.40 -3.61 1.29
C LEU I 222 51.84 -3.78 2.73
N PRO I 223 51.77 -2.72 3.54
CA PRO I 223 52.09 -2.83 4.96
C PRO I 223 50.95 -3.43 5.75
N PHE I 224 51.04 -3.38 7.09
CA PHE I 224 49.93 -3.63 8.01
C PHE I 224 49.41 -5.07 7.88
N LYS I 225 50.26 -5.99 8.36
CA LYS I 225 50.21 -7.41 8.03
C LYS I 225 48.91 -8.13 8.45
N LEU I 226 48.14 -7.57 9.41
CA LEU I 226 46.98 -8.21 10.02
C LEU I 226 47.40 -9.53 10.70
N VAL I 227 48.14 -9.33 11.78
CA VAL I 227 48.71 -10.34 12.68
C VAL I 227 47.64 -10.82 13.66
N PRO I 228 47.60 -12.10 14.03
CA PRO I 228 46.67 -12.54 15.08
C PRO I 228 46.99 -11.95 16.44
N SER I 229 45.94 -11.85 17.26
CA SER I 229 45.98 -11.23 18.58
C SER I 229 44.79 -11.77 19.36
N THR I 230 44.41 -11.10 20.44
CA THR I 230 43.28 -11.52 21.27
C THR I 230 42.46 -10.31 21.68
N CYS I 231 41.18 -10.55 22.06
CA CYS I 231 40.28 -9.44 22.34
C CYS I 231 39.21 -9.89 23.33
N LEU I 232 38.42 -8.91 23.79
CA LEU I 232 37.44 -9.09 24.86
C LEU I 232 36.05 -9.31 24.32
N VAL I 233 35.40 -10.37 24.77
CA VAL I 233 33.99 -10.62 24.47
C VAL I 233 33.22 -10.69 25.77
N PRO I 234 31.94 -10.34 25.80
CA PRO I 234 31.22 -10.40 27.06
C PRO I 234 30.86 -11.81 27.46
N LEU I 235 30.86 -12.05 28.76
CA LEU I 235 30.25 -13.22 29.32
C LEU I 235 28.79 -12.93 29.63
N ALA I 236 27.92 -13.79 29.16
CA ALA I 236 26.50 -13.59 29.37
C ALA I 236 26.12 -13.93 30.81
N HIS I 237 24.88 -13.63 31.15
CA HIS I 237 24.39 -13.82 32.51
C HIS I 237 23.96 -15.27 32.71
N VAL I 238 24.70 -16.01 33.53
CA VAL I 238 24.56 -17.43 33.83
C VAL I 238 23.12 -17.87 34.03
N PRO I 239 22.59 -18.79 33.24
CA PRO I 239 21.14 -19.07 33.28
C PRO I 239 20.69 -19.78 34.53
N GLN I 240 19.41 -20.16 34.59
CA GLN I 240 18.93 -20.80 35.82
C GLN I 240 18.07 -22.00 35.49
N VAL I 241 18.52 -23.18 35.91
CA VAL I 241 18.00 -24.44 35.44
C VAL I 241 17.07 -25.08 36.45
N VAL I 242 16.13 -25.87 35.93
CA VAL I 242 15.09 -26.54 36.67
C VAL I 242 15.02 -27.96 36.14
N HIS I 243 15.31 -28.93 36.99
CA HIS I 243 15.54 -30.31 36.57
C HIS I 243 14.23 -31.06 36.74
N GLY I 244 13.52 -31.34 35.66
CA GLY I 244 12.28 -32.08 35.73
C GLY I 244 12.53 -33.55 35.46
N PHE I 245 11.46 -34.29 35.33
CA PHE I 245 11.62 -35.68 34.90
C PHE I 245 11.84 -35.71 33.41
N LYS I 246 12.99 -36.22 33.00
CA LYS I 246 13.42 -36.38 31.61
C LYS I 246 13.46 -35.08 30.84
N HIS I 247 13.63 -33.94 31.50
CA HIS I 247 13.88 -32.71 30.76
C HIS I 247 14.52 -31.71 31.69
N ILE I 248 15.02 -30.65 31.10
CA ILE I 248 15.41 -29.49 31.88
C ILE I 248 14.63 -28.31 31.34
N SER I 249 14.54 -27.30 32.17
CA SER I 249 13.96 -26.03 31.78
C SER I 249 14.93 -24.98 32.23
N LEU I 250 15.32 -24.06 31.36
CA LEU I 250 16.27 -23.06 31.83
C LEU I 250 15.82 -21.65 31.53
N GLN I 251 15.46 -20.91 32.58
CA GLN I 251 15.12 -19.52 32.42
C GLN I 251 16.36 -18.75 32.05
N LEU I 252 16.25 -17.93 31.00
CA LEU I 252 17.37 -17.15 30.52
C LEU I 252 16.97 -15.68 30.47
N ASP I 253 17.92 -14.82 30.81
CA ASP I 253 17.66 -13.39 30.85
C ASP I 253 18.90 -12.63 30.39
N THR I 254 18.92 -12.23 29.12
CA THR I 254 19.92 -11.30 28.62
C THR I 254 19.33 -10.11 27.89
N ASP I 255 20.20 -9.30 27.34
CA ASP I 255 19.75 -8.08 26.68
C ASP I 255 20.50 -7.77 25.41
N HIS I 256 21.69 -8.32 25.20
CA HIS I 256 22.34 -8.39 23.91
C HIS I 256 22.21 -9.83 23.45
N LEU I 257 22.06 -10.03 22.13
CA LEU I 257 21.69 -11.34 21.59
C LEU I 257 22.77 -12.38 21.86
N THR I 258 22.44 -13.44 22.59
CA THR I 258 23.39 -14.53 22.72
C THR I 258 22.92 -15.73 21.92
N LEU I 259 23.77 -16.75 21.85
CA LEU I 259 23.60 -17.89 20.98
C LEU I 259 23.47 -19.13 21.85
N LEU I 260 22.35 -19.82 21.76
CA LEU I 260 22.12 -21.04 22.51
C LEU I 260 22.22 -22.23 21.57
N THR I 261 23.13 -23.17 21.87
CA THR I 261 23.42 -24.29 21.00
C THR I 261 23.29 -25.55 21.82
N THR I 262 22.69 -26.61 21.27
CA THR I 262 22.59 -27.85 22.03
C THR I 262 23.02 -29.02 21.16
N ARG I 263 23.22 -30.18 21.80
CA ARG I 263 23.05 -31.46 21.13
C ARG I 263 22.81 -32.56 22.13
N ARG I 264 22.28 -33.67 21.62
CA ARG I 264 22.18 -34.92 22.34
C ARG I 264 23.39 -35.78 22.00
N LEU I 265 23.91 -36.52 22.98
CA LEU I 265 25.18 -37.22 22.84
C LEU I 265 25.02 -38.67 22.44
N GLY I 266 23.87 -39.04 21.92
CA GLY I 266 23.63 -40.43 21.62
C GLY I 266 24.15 -40.80 20.26
N GLU I 267 23.33 -41.47 19.47
CA GLU I 267 23.65 -41.74 18.08
C GLU I 267 23.06 -40.71 17.15
N LYS I 268 21.83 -40.28 17.42
CA LYS I 268 21.20 -39.20 16.69
C LYS I 268 21.49 -37.92 17.46
N PRO I 269 22.29 -36.99 16.91
CA PRO I 269 22.64 -35.81 17.69
C PRO I 269 21.50 -34.85 17.81
N GLU I 270 20.79 -34.59 16.71
CA GLU I 270 19.64 -33.69 16.61
C GLU I 270 20.01 -32.30 17.12
N PRO I 271 20.77 -31.50 16.39
CA PRO I 271 21.23 -30.23 16.92
C PRO I 271 20.15 -29.16 16.87
N THR I 272 20.46 -28.00 17.44
CA THR I 272 19.54 -26.89 17.62
C THR I 272 20.36 -25.67 17.94
N SER I 273 20.09 -24.56 17.26
CA SER I 273 20.77 -23.31 17.57
C SER I 273 19.79 -22.15 17.43
N GLU I 274 19.94 -21.15 18.28
CA GLU I 274 19.02 -20.04 18.27
C GLU I 274 19.70 -18.82 18.85
N TRP I 275 19.29 -17.64 18.41
CA TRP I 275 19.69 -16.41 19.05
C TRP I 275 18.55 -15.94 19.92
N ILE I 276 18.86 -15.56 21.16
CA ILE I 276 17.82 -15.08 22.06
C ILE I 276 18.20 -13.70 22.59
N ILE I 277 17.16 -12.90 22.88
CA ILE I 277 17.28 -11.67 23.66
C ILE I 277 16.24 -11.76 24.76
N GLY I 278 16.39 -10.89 25.76
CA GLY I 278 15.32 -10.66 26.68
C GLY I 278 15.15 -11.74 27.73
N LYS I 279 13.92 -12.14 28.00
CA LYS I 279 13.63 -13.10 29.06
C LYS I 279 12.75 -14.21 28.52
N THR I 280 13.26 -15.44 28.50
CA THR I 280 12.49 -16.56 27.97
C THR I 280 12.74 -17.83 28.76
N VAL I 281 12.00 -18.87 28.42
CA VAL I 281 12.08 -20.17 29.08
C VAL I 281 12.10 -21.26 28.01
N ARG I 282 13.12 -22.13 28.05
CA ARG I 282 13.26 -23.19 27.08
C ARG I 282 13.22 -24.55 27.77
N ASN I 283 12.52 -25.50 27.17
CA ASN I 283 12.36 -26.87 27.68
C ASN I 283 13.08 -27.84 26.74
N PHE I 284 13.82 -28.79 27.31
CA PHE I 284 14.61 -29.70 26.49
C PHE I 284 14.62 -31.09 27.08
N SER I 285 14.20 -32.09 26.32
CA SER I 285 14.03 -33.44 26.84
C SER I 285 15.36 -34.16 26.83
N VAL I 286 15.86 -34.46 28.00
CA VAL I 286 17.14 -35.13 28.19
C VAL I 286 16.86 -36.63 28.25
N GLY I 287 17.73 -37.44 27.64
CA GLY I 287 17.64 -38.88 27.72
C GLY I 287 18.71 -39.47 28.61
N ARG I 288 18.87 -40.78 28.51
CA ARG I 288 19.81 -41.49 29.36
C ARG I 288 21.26 -41.23 28.99
N ASP I 289 21.50 -40.69 27.80
CA ASP I 289 22.82 -40.40 27.27
C ASP I 289 22.91 -38.94 26.80
N GLY I 290 22.50 -38.03 27.66
CA GLY I 290 21.93 -36.80 27.20
C GLY I 290 22.81 -35.58 27.06
N PHE I 291 22.43 -34.77 26.10
CA PHE I 291 22.31 -33.32 26.21
C PHE I 291 23.46 -32.50 26.76
N GLU I 292 24.41 -32.15 25.92
CA GLU I 292 25.33 -31.06 26.22
C GLU I 292 24.83 -29.79 25.56
N TYR I 293 24.56 -28.74 26.36
CA TYR I 293 24.18 -27.43 25.86
C TYR I 293 25.28 -26.44 26.15
N ILE I 294 25.46 -25.44 25.27
CA ILE I 294 26.27 -24.30 25.65
C ILE I 294 25.45 -23.07 25.32
N TRP I 295 25.84 -21.96 25.92
CA TRP I 295 24.99 -20.78 25.83
C TRP I 295 25.85 -19.53 25.92
N GLY I 296 26.14 -18.95 24.77
CA GLY I 296 26.72 -17.63 24.73
C GLY I 296 28.11 -17.54 25.30
N ASN I 297 29.06 -18.15 24.61
CA ASN I 297 30.49 -18.26 24.87
C ASN I 297 30.91 -18.45 26.32
N HIS I 298 30.18 -19.27 27.05
CA HIS I 298 30.76 -19.90 28.22
C HIS I 298 31.39 -21.21 27.81
N GLU I 299 32.09 -21.82 28.75
CA GLU I 299 32.52 -23.18 28.60
C GLU I 299 31.30 -24.09 28.59
N PRO I 300 31.35 -25.21 27.87
CA PRO I 300 30.18 -26.09 27.75
C PRO I 300 29.80 -26.75 29.07
N VAL I 301 28.64 -27.38 29.08
CA VAL I 301 28.16 -28.04 30.30
C VAL I 301 27.33 -29.25 29.93
N ARG I 302 27.69 -30.40 30.48
CA ARG I 302 27.06 -31.66 30.15
C ARG I 302 26.13 -32.11 31.25
N VAL I 303 25.14 -32.92 30.88
CA VAL I 303 24.02 -33.21 31.75
C VAL I 303 23.51 -34.60 31.42
N TRP I 304 23.32 -35.43 32.43
CA TRP I 304 22.88 -36.80 32.22
C TRP I 304 21.63 -37.02 33.04
N ALA I 305 20.68 -37.77 32.51
CA ALA I 305 19.42 -37.94 33.22
C ALA I 305 19.36 -39.28 33.90
N GLN I 306 18.61 -39.36 34.98
CA GLN I 306 18.48 -40.57 35.77
C GLN I 306 17.10 -41.17 35.64
N GLU I 307 16.99 -42.39 36.11
CA GLU I 307 15.82 -43.23 35.91
C GLU I 307 14.87 -43.11 37.10
N SER I 308 14.50 -41.88 37.41
CA SER I 308 13.43 -41.70 38.38
C SER I 308 12.10 -41.99 37.74
N ALA I 309 11.06 -42.03 38.55
CA ALA I 309 9.65 -42.12 38.18
C ALA I 309 8.81 -42.08 39.44
N PRO I 310 7.54 -41.72 39.36
CA PRO I 310 6.65 -41.86 40.51
C PRO I 310 6.11 -43.28 40.62
N GLY I 311 6.50 -43.98 41.68
CA GLY I 311 5.97 -45.30 41.94
C GLY I 311 7.01 -46.14 42.65
N ASP I 312 6.68 -47.44 42.76
CA ASP I 312 7.62 -48.45 43.25
C ASP I 312 7.46 -49.74 42.47
N PRO I 313 8.57 -50.37 42.09
CA PRO I 313 8.52 -51.75 41.60
C PRO I 313 8.42 -52.78 42.70
N HIS I 314 8.29 -52.37 43.96
CA HIS I 314 8.09 -53.27 45.09
C HIS I 314 6.83 -52.80 45.78
N GLY I 315 5.67 -53.26 45.31
CA GLY I 315 4.44 -52.75 45.86
C GLY I 315 3.23 -53.40 45.24
N TRP I 316 2.10 -52.74 45.38
CA TRP I 316 0.86 -53.26 44.83
C TRP I 316 0.86 -53.03 43.33
N PRO I 317 0.05 -53.78 42.57
CA PRO I 317 0.07 -53.63 41.11
C PRO I 317 -0.34 -52.27 40.57
N HIS I 318 -0.95 -51.39 41.35
CA HIS I 318 -1.19 -50.05 40.83
C HIS I 318 -0.02 -49.12 41.06
N GLU I 319 1.03 -49.58 41.72
CA GLU I 319 2.23 -48.79 41.91
C GLU I 319 3.38 -49.23 41.04
N ILE I 320 3.29 -50.41 40.44
CA ILE I 320 4.35 -50.96 39.61
C ILE I 320 4.14 -50.57 38.17
N VAL I 321 2.89 -50.66 37.72
CA VAL I 321 2.53 -50.29 36.38
C VAL I 321 2.67 -48.78 36.20
N GLN I 322 2.42 -47.99 37.24
CA GLN I 322 2.73 -46.57 37.18
C GLN I 322 4.22 -46.30 37.10
N HIS I 323 5.06 -47.27 37.42
CA HIS I 323 6.49 -47.04 37.30
C HIS I 323 7.03 -47.52 35.97
N TYR I 324 6.39 -48.49 35.35
CA TYR I 324 6.92 -48.99 34.09
C TYR I 324 6.29 -48.33 32.87
N TYR I 325 4.98 -48.14 32.88
CA TYR I 325 4.30 -47.48 31.76
C TYR I 325 4.71 -46.03 31.63
N HIS I 326 5.08 -45.41 32.73
CA HIS I 326 5.57 -44.04 32.72
C HIS I 326 7.02 -43.95 32.26
N ARG I 327 7.69 -45.07 32.08
CA ARG I 327 9.07 -45.12 31.62
C ARG I 327 9.26 -45.88 30.32
N HIS I 328 8.46 -46.92 30.08
CA HIS I 328 8.50 -47.67 28.83
C HIS I 328 7.09 -48.03 28.44
N PRO I 329 6.34 -47.08 27.86
CA PRO I 329 4.93 -47.35 27.54
C PRO I 329 4.75 -48.27 26.35
N VAL I 330 5.79 -48.54 25.59
CA VAL I 330 5.71 -49.40 24.42
C VAL I 330 6.01 -50.85 24.76
N TYR I 331 6.07 -51.18 26.03
CA TYR I 331 6.27 -52.53 26.52
C TYR I 331 5.21 -52.94 27.53
N THR I 332 4.81 -52.01 28.39
CA THR I 332 3.93 -52.36 29.50
C THR I 332 2.56 -52.75 29.00
N VAL I 333 2.02 -51.98 28.06
CA VAL I 333 0.72 -52.28 27.48
C VAL I 333 0.79 -53.59 26.69
N MET I 334 1.93 -53.85 26.05
CA MET I 334 2.13 -55.11 25.32
C MET I 334 2.04 -56.32 26.23
N ILE I 335 2.75 -56.29 27.36
CA ILE I 335 2.75 -57.47 28.22
C ILE I 335 1.42 -57.59 28.96
N LEU I 336 0.72 -56.48 29.20
CA LEU I 336 -0.62 -56.58 29.80
C LEU I 336 -1.61 -57.23 28.84
N VAL I 337 -1.58 -56.83 27.56
CA VAL I 337 -2.46 -57.43 26.56
C VAL I 337 -2.15 -58.91 26.39
N ALA I 338 -0.87 -59.27 26.39
CA ALA I 338 -0.48 -60.67 26.24
C ALA I 338 -0.95 -61.52 27.42
N ALA I 339 -0.87 -60.96 28.64
CA ALA I 339 -1.33 -61.70 29.80
C ALA I 339 -2.84 -61.90 29.81
N THR I 340 -3.60 -60.86 29.47
CA THR I 340 -5.05 -60.99 29.48
C THR I 340 -5.54 -61.91 28.37
N LEU I 341 -4.91 -61.86 27.20
CA LEU I 341 -5.27 -62.80 26.14
C LEU I 341 -4.90 -64.23 26.50
N ALA I 342 -3.82 -64.42 27.26
CA ALA I 342 -3.49 -65.77 27.72
C ALA I 342 -4.54 -66.29 28.70
N ILE I 343 -5.05 -65.43 29.59
CA ILE I 343 -6.11 -65.84 30.50
C ILE I 343 -7.37 -66.21 29.74
N VAL I 344 -7.74 -65.38 28.76
CA VAL I 344 -8.95 -65.62 27.97
C VAL I 344 -8.82 -66.90 27.15
N LEU I 345 -7.62 -67.15 26.60
CA LEU I 345 -7.38 -68.38 25.84
C LEU I 345 -7.49 -69.61 26.72
N GLY I 346 -6.90 -69.56 27.92
CA GLY I 346 -6.96 -70.70 28.82
C GLY I 346 -8.36 -71.00 29.31
N VAL I 347 -9.11 -69.96 29.69
CA VAL I 347 -10.46 -70.19 30.19
C VAL I 347 -11.40 -70.61 29.06
N SER I 348 -11.13 -70.17 27.83
CA SER I 348 -11.98 -70.58 26.71
C SER I 348 -11.78 -72.04 26.37
N VAL I 349 -10.52 -72.50 26.31
CA VAL I 349 -10.32 -73.91 25.97
C VAL I 349 -10.74 -74.82 27.11
N ALA I 350 -10.62 -74.37 28.38
CA ALA I 350 -11.13 -75.18 29.47
C ALA I 350 -12.65 -75.28 29.44
N SER I 351 -13.31 -74.16 29.12
CA SER I 351 -14.76 -74.12 29.07
C SER I 351 -15.31 -74.94 27.91
N VAL I 352 -14.59 -75.02 26.80
CA VAL I 352 -15.12 -75.83 25.71
C VAL I 352 -14.81 -77.32 25.94
N CYS I 353 -13.66 -77.64 26.54
CA CYS I 353 -13.32 -79.05 26.66
C CYS I 353 -14.08 -79.73 27.79
N VAL I 354 -14.45 -79.00 28.84
CA VAL I 354 -15.23 -79.67 29.88
C VAL I 354 -16.67 -79.90 29.42
N CYS I 355 -17.16 -79.05 28.51
CA CYS I 355 -18.47 -79.33 27.92
C CYS I 355 -18.40 -80.49 26.93
N ARG I 356 -17.27 -80.62 26.20
CA ARG I 356 -17.05 -81.83 25.40
C ARG I 356 -17.03 -83.07 26.27
N ALA I 357 -16.41 -82.97 27.44
CA ALA I 357 -16.33 -84.12 28.33
C ALA I 357 -17.69 -84.50 28.89
N ARG I 358 -18.54 -83.52 29.18
CA ARG I 358 -19.89 -83.85 29.58
C ARG I 358 -20.72 -84.40 28.42
N ARG I 359 -20.41 -84.00 27.18
CA ARG I 359 -21.14 -84.57 26.05
C ARG I 359 -20.76 -86.02 25.81
N GLU I 360 -19.49 -86.26 25.46
CA GLU I 360 -19.11 -87.55 24.90
C GLU I 360 -19.01 -88.66 25.93
N CYS I 361 -18.93 -88.32 27.22
CA CYS I 361 -18.97 -89.34 28.26
C CYS I 361 -20.40 -89.62 28.71
N LEU I 362 -21.40 -89.10 28.00
CA LEU I 362 -22.80 -89.25 28.37
C LEU I 362 -23.56 -89.75 27.15
N THR I 363 -23.74 -91.07 27.06
CA THR I 363 -24.56 -91.67 26.01
C THR I 363 -26.05 -91.39 26.25
N PHE J 1 26.37 20.10 49.59
CA PHE J 1 26.87 20.78 48.40
C PHE J 1 28.25 21.34 48.67
N THR J 2 29.13 21.24 47.67
CA THR J 2 30.51 21.79 47.68
C THR J 2 31.29 21.43 48.95
N LEU J 3 30.99 20.26 49.48
CA LEU J 3 31.69 19.63 50.57
C LEU J 3 32.39 18.39 50.07
N THR J 4 32.19 18.06 48.81
CA THR J 4 32.86 16.97 48.15
C THR J 4 34.13 17.48 47.43
N SER J 5 34.78 16.61 46.67
CA SER J 5 35.94 17.00 45.89
C SER J 5 36.04 16.09 44.70
N PRO J 6 36.52 16.59 43.55
CA PRO J 6 36.66 15.73 42.38
C PRO J 6 37.76 14.71 42.54
N TYR J 7 37.49 13.51 42.04
CA TYR J 7 38.43 12.43 41.93
C TYR J 7 38.58 12.08 40.47
N LEU J 8 39.46 11.13 40.16
CA LEU J 8 39.61 10.65 38.81
C LEU J 8 39.36 9.15 38.81
N GLY J 9 38.83 8.65 37.70
CA GLY J 9 38.36 7.28 37.66
C GLY J 9 38.79 6.54 36.41
N THR J 10 38.71 5.21 36.49
CA THR J 10 38.93 4.38 35.32
C THR J 10 37.72 4.47 34.41
N CYS J 11 37.96 4.27 33.12
CA CYS J 11 36.86 4.26 32.17
C CYS J 11 37.31 3.51 30.94
N SER J 12 36.35 2.95 30.22
CA SER J 12 36.63 2.41 28.91
C SER J 12 36.24 3.43 27.86
N TYR J 13 36.91 3.35 26.71
CA TYR J 13 36.60 4.08 25.48
C TYR J 13 36.63 5.59 25.71
N CYS J 14 37.81 6.11 26.01
CA CYS J 14 37.97 7.53 26.32
C CYS J 14 38.79 8.21 25.22
N HIS J 15 38.09 8.75 24.23
CA HIS J 15 38.53 9.74 23.22
C HIS J 15 39.73 9.33 22.38
N HIS J 16 40.23 8.11 22.56
CA HIS J 16 41.14 7.48 21.61
C HIS J 16 40.80 6.00 21.51
N THR J 17 39.55 5.64 21.86
CA THR J 17 38.95 4.31 21.69
C THR J 17 39.69 3.22 22.44
N GLU J 18 40.32 3.54 23.57
CA GLU J 18 41.04 2.59 24.40
C GLU J 18 40.82 2.96 25.87
N PRO J 19 40.72 1.98 26.77
CA PRO J 19 40.40 2.29 28.16
C PRO J 19 41.58 2.89 28.90
N CYS J 20 41.29 3.83 29.79
CA CYS J 20 42.34 4.49 30.56
C CYS J 20 41.76 5.16 31.80
N PHE J 21 42.66 5.70 32.63
CA PHE J 21 42.24 6.64 33.66
C PHE J 21 41.80 7.93 33.01
N SER J 22 40.95 8.67 33.71
CA SER J 22 40.44 9.91 33.16
C SER J 22 39.93 10.77 34.28
N PRO J 23 39.80 12.07 34.04
CA PRO J 23 38.76 12.89 34.67
C PRO J 23 37.36 12.52 34.18
N VAL J 24 36.48 13.49 34.05
CA VAL J 24 35.06 13.55 34.39
C VAL J 24 34.17 12.32 34.34
N LYS J 25 34.74 11.10 34.19
CA LYS J 25 34.11 9.81 33.96
C LYS J 25 32.73 9.59 34.53
N ILE J 26 31.80 9.23 33.65
CA ILE J 26 30.40 9.12 33.98
C ILE J 26 30.15 7.80 34.69
N GLU J 27 29.46 7.88 35.84
CA GLU J 27 29.27 6.72 36.68
C GLU J 27 27.86 6.15 36.66
N GLN J 28 26.85 6.95 36.33
CA GLN J 28 25.45 6.58 36.52
C GLN J 28 24.58 7.60 35.81
N VAL J 29 23.45 7.15 35.27
CA VAL J 29 22.59 8.04 34.48
C VAL J 29 21.13 7.59 34.59
N TRP J 30 20.26 8.53 34.93
CA TRP J 30 18.83 8.30 35.08
C TRP J 30 18.07 8.90 33.91
N ASP J 31 16.99 8.23 33.55
CA ASP J 31 16.16 8.60 32.41
C ASP J 31 14.75 8.10 32.72
N GLU J 32 13.92 8.97 33.26
CA GLU J 32 12.56 8.59 33.61
C GLU J 32 11.54 9.63 33.23
N ALA J 33 11.94 10.76 32.67
CA ALA J 33 11.00 11.81 32.33
C ALA J 33 10.21 11.46 31.10
N ASP J 34 9.02 12.04 31.00
CA ASP J 34 8.19 11.79 29.83
C ASP J 34 8.61 12.61 28.63
N ASP J 35 9.40 13.66 28.82
CA ASP J 35 10.13 14.25 27.70
C ASP J 35 11.53 13.64 27.64
N ASN J 36 12.46 14.29 26.93
CA ASN J 36 13.75 13.70 26.64
C ASN J 36 14.83 14.11 27.63
N THR J 37 14.47 14.28 28.90
CA THR J 37 15.39 14.82 29.90
C THR J 37 16.20 13.72 30.58
N ILE J 38 17.51 13.93 30.66
CA ILE J 38 18.49 12.98 31.18
C ILE J 38 19.14 13.60 32.41
N ARG J 39 19.42 12.80 33.44
CA ARG J 39 20.27 13.25 34.54
C ARG J 39 21.49 12.37 34.63
N ILE J 40 22.67 12.97 34.79
CA ILE J 40 23.95 12.30 34.63
C ILE J 40 24.84 12.60 35.83
N GLN J 41 25.43 11.56 36.40
CA GLN J 41 26.46 11.70 37.43
C GLN J 41 27.84 11.63 36.82
N THR J 42 28.62 12.69 36.96
CA THR J 42 30.01 12.66 36.57
C THR J 42 30.91 12.59 37.80
N SER J 43 32.20 12.84 37.58
CA SER J 43 33.20 12.86 38.64
C SER J 43 34.00 14.15 38.58
N ALA J 44 33.30 15.28 38.54
CA ALA J 44 33.95 16.60 38.52
C ALA J 44 33.03 17.63 39.16
N GLN J 45 33.54 18.37 40.13
CA GLN J 45 32.73 19.37 40.82
C GLN J 45 32.48 20.56 39.90
N PHE J 46 31.21 20.96 39.78
CA PHE J 46 30.80 21.98 38.84
C PHE J 46 30.33 23.28 39.50
N GLY J 47 29.48 23.18 40.51
CA GLY J 47 29.08 24.37 41.25
C GLY J 47 30.21 24.98 42.04
N TYR J 48 31.12 24.15 42.53
CA TYR J 48 32.36 24.65 43.08
C TYR J 48 33.19 25.29 41.97
N ASP J 49 34.02 26.25 42.35
CA ASP J 49 34.73 27.05 41.35
C ASP J 49 36.25 26.88 41.42
N GLN J 50 36.86 27.16 42.56
CA GLN J 50 38.33 27.24 42.61
C GLN J 50 38.76 26.95 44.05
N SER J 51 39.29 25.74 44.27
CA SER J 51 39.79 25.27 45.56
C SER J 51 38.70 25.32 46.64
N GLY J 52 37.47 25.00 46.25
CA GLY J 52 36.35 25.01 47.15
C GLY J 52 35.43 26.21 47.05
N ALA J 53 35.55 27.01 45.99
CA ALA J 53 34.78 28.23 45.87
C ALA J 53 33.37 27.95 45.38
N ALA J 54 32.69 28.97 44.87
CA ALA J 54 31.40 28.74 44.22
C ALA J 54 31.25 29.70 43.06
N SER J 55 30.97 29.16 41.87
CA SER J 55 30.60 29.95 40.71
C SER J 55 29.86 29.06 39.73
N VAL J 56 29.16 29.69 38.78
CA VAL J 56 28.41 28.98 37.77
C VAL J 56 29.13 29.32 36.46
N ASN J 57 30.45 29.42 36.53
CA ASN J 57 31.23 29.57 35.32
C ASN J 57 32.47 28.68 35.30
N LYS J 58 32.81 28.01 36.39
CA LYS J 58 34.02 27.21 36.45
C LYS J 58 33.66 25.77 36.82
N TYR J 59 34.71 24.95 36.89
CA TYR J 59 34.59 23.58 37.36
C TYR J 59 35.93 23.12 37.90
N ARG J 60 35.90 22.34 38.96
CA ARG J 60 37.11 21.77 39.53
C ARG J 60 37.33 20.38 38.93
N ILE J 61 38.48 20.18 38.34
CA ILE J 61 38.87 18.91 37.75
C ILE J 61 40.15 18.45 38.44
N MET J 62 40.33 17.15 38.54
CA MET J 62 41.58 16.60 39.05
C MET J 62 42.49 16.29 37.87
N SER J 63 43.78 16.57 38.01
CA SER J 63 44.70 16.58 36.89
C SER J 63 45.03 15.17 36.43
N LEU J 64 45.73 15.10 35.29
CA LEU J 64 46.11 13.80 34.72
C LEU J 64 47.16 13.11 35.58
N LYS J 65 47.97 13.87 36.29
CA LYS J 65 48.81 13.29 37.33
C LYS J 65 47.97 13.05 38.57
N GLN J 66 48.23 11.92 39.23
CA GLN J 66 47.45 11.47 40.38
C GLN J 66 47.96 12.05 41.68
N ASP J 67 48.69 13.17 41.63
CA ASP J 67 49.34 13.79 42.77
C ASP J 67 48.46 14.80 43.47
N HIS J 68 47.14 14.62 43.38
CA HIS J 68 46.12 15.43 44.07
C HIS J 68 46.20 16.89 43.62
N THR J 69 46.17 17.10 42.31
CA THR J 69 46.33 18.41 41.69
C THR J 69 44.96 18.86 41.19
N ILE J 70 44.20 19.51 42.07
CA ILE J 70 42.84 19.91 41.77
C ILE J 70 42.88 21.26 41.04
N GLU J 71 42.42 21.30 39.79
CA GLU J 71 42.56 22.53 39.03
C GLU J 71 41.33 22.93 38.22
N GLU J 72 41.47 23.94 37.37
CA GLU J 72 40.40 24.85 37.02
C GLU J 72 39.80 24.56 35.65
N GLY J 73 38.91 25.44 35.20
CA GLY J 73 38.31 25.31 33.88
C GLY J 73 37.19 26.31 33.69
N SER J 74 36.67 26.33 32.47
CA SER J 74 35.58 27.21 32.06
C SER J 74 34.35 26.37 31.79
N MET J 75 33.28 26.56 32.56
CA MET J 75 32.14 25.66 32.53
C MET J 75 31.23 25.85 31.33
N ASP J 76 31.65 26.59 30.30
CA ASP J 76 30.99 26.59 29.02
C ASP J 76 31.65 25.66 28.01
N ALA J 77 32.82 25.12 28.35
CA ALA J 77 33.57 24.27 27.44
C ALA J 77 33.11 22.82 27.47
N ILE J 78 32.08 22.51 28.25
CA ILE J 78 31.60 21.14 28.42
C ILE J 78 30.44 20.93 27.47
N LYS J 79 30.64 20.06 26.48
CA LYS J 79 29.61 19.74 25.50
C LYS J 79 29.39 18.24 25.51
N ILE J 80 28.17 17.81 25.82
CA ILE J 80 27.89 16.39 25.99
C ILE J 80 26.88 15.96 24.93
N SER J 81 26.88 14.66 24.64
CA SER J 81 26.29 14.20 23.39
C SER J 81 25.97 12.72 23.48
N THR J 82 24.87 12.32 22.84
CA THR J 82 24.50 10.92 22.73
C THR J 82 24.40 10.42 21.30
N SER J 83 23.62 11.07 20.45
CA SER J 83 23.57 10.77 19.03
C SER J 83 24.04 11.97 18.21
N GLY J 84 23.41 13.12 18.41
CA GLY J 84 24.01 14.39 18.05
C GLY J 84 24.38 15.09 19.34
N PRO J 85 24.36 16.42 19.34
CA PRO J 85 24.64 17.15 20.57
C PRO J 85 23.47 17.12 21.54
N CYS J 86 23.58 17.85 22.65
CA CYS J 86 22.61 17.75 23.74
C CYS J 86 22.69 19.03 24.55
N ARG J 87 21.62 19.82 24.54
CA ARG J 87 21.64 21.13 25.19
C ARG J 87 21.56 20.96 26.69
N ARG J 88 22.65 21.26 27.40
CA ARG J 88 22.64 21.13 28.84
C ARG J 88 21.81 22.22 29.47
N LEU J 89 21.14 21.89 30.58
CA LEU J 89 20.19 22.80 31.18
C LEU J 89 20.61 23.31 32.55
N ASN J 90 21.39 22.54 33.30
CA ASN J 90 21.84 22.89 34.64
C ASN J 90 22.91 21.92 35.04
N HIS J 91 23.79 22.39 35.93
CA HIS J 91 24.86 21.58 36.49
C HIS J 91 25.02 21.94 37.95
N LYS J 92 25.22 20.93 38.79
CA LYS J 92 25.44 21.20 40.21
C LYS J 92 26.22 20.04 40.81
N GLY J 93 27.32 20.34 41.48
CA GLY J 93 28.12 19.32 42.13
C GLY J 93 28.76 18.43 41.11
N TYR J 94 28.41 17.14 41.16
CA TYR J 94 28.85 16.17 40.19
C TYR J 94 27.97 16.09 38.97
N PHE J 95 26.80 16.71 38.98
CA PHE J 95 25.70 16.24 38.15
C PHE J 95 25.38 17.22 37.03
N LEU J 96 24.92 16.69 35.91
CA LEU J 96 24.30 17.48 34.87
C LEU J 96 22.86 17.06 34.68
N LEU J 97 22.06 17.99 34.17
CA LEU J 97 20.75 17.68 33.63
C LEU J 97 20.77 18.12 32.18
N ALA J 98 20.04 17.42 31.32
CA ALA J 98 20.22 17.63 29.88
C ALA J 98 18.99 17.17 29.13
N LYS J 99 18.97 17.42 27.82
CA LYS J 99 17.96 16.85 26.95
C LYS J 99 18.50 16.73 25.53
N CYS J 100 18.26 15.58 24.91
CA CYS J 100 18.93 15.16 23.69
C CYS J 100 18.23 13.94 23.10
N PRO J 101 18.37 13.69 21.79
CA PRO J 101 17.65 12.59 21.14
C PRO J 101 18.14 11.23 21.61
N PRO J 102 17.42 10.14 21.31
CA PRO J 102 17.83 8.84 21.81
C PRO J 102 19.05 8.22 21.16
N GLY J 103 19.35 7.00 21.58
CA GLY J 103 20.31 6.13 20.94
C GLY J 103 21.57 5.83 21.72
N ASP J 104 21.52 4.71 22.44
CA ASP J 104 22.58 3.76 22.81
C ASP J 104 24.00 4.25 23.04
N SER J 105 24.20 5.42 23.67
CA SER J 105 25.48 5.96 24.10
C SER J 105 25.23 7.21 24.92
N VAL J 106 26.16 7.55 25.81
CA VAL J 106 26.19 8.85 26.49
C VAL J 106 27.64 9.28 26.59
N THR J 107 28.00 10.40 25.97
CA THR J 107 29.37 10.89 25.98
C THR J 107 29.48 12.18 26.77
N VAL J 108 30.70 12.45 27.26
CA VAL J 108 31.04 13.72 27.90
C VAL J 108 32.39 14.15 27.36
N SER J 109 32.44 15.31 26.73
CA SER J 109 33.68 15.84 26.19
C SER J 109 34.35 16.75 27.22
N ILE J 110 35.31 17.55 26.76
CA ILE J 110 36.05 18.50 27.58
C ILE J 110 35.18 19.53 28.27
N THR J 117 38.84 16.33 26.39
CA THR J 117 38.41 15.12 25.73
C THR J 117 38.24 14.02 26.76
N SER J 118 37.14 13.28 26.71
CA SER J 118 36.86 12.31 27.77
C SER J 118 35.96 11.20 27.22
N CYS J 119 35.35 10.44 28.13
CA CYS J 119 34.89 9.08 27.92
C CYS J 119 33.40 9.00 27.61
N THR J 120 32.89 7.76 27.64
CA THR J 120 31.49 7.49 27.37
C THR J 120 31.07 6.21 28.11
N LEU J 121 29.77 6.10 28.34
CA LEU J 121 29.13 4.89 28.82
C LEU J 121 28.37 4.29 27.65
N ALA J 122 28.04 3.02 27.74
CA ALA J 122 27.23 2.36 26.72
C ALA J 122 25.87 2.03 27.31
N ARG J 123 24.89 2.91 27.10
CA ARG J 123 23.55 2.71 27.67
C ARG J 123 22.49 3.04 26.64
N LYS J 124 21.56 2.12 26.43
CA LYS J 124 20.47 2.34 25.48
C LYS J 124 19.51 3.38 26.03
N VAL J 125 19.33 4.47 25.29
CA VAL J 125 18.31 5.47 25.61
C VAL J 125 17.10 5.19 24.72
N LYS J 126 16.01 4.76 25.34
CA LYS J 126 14.93 4.38 24.44
C LYS J 126 13.99 5.56 24.23
N PRO J 127 13.45 5.73 23.02
CA PRO J 127 12.52 6.84 22.79
C PRO J 127 11.19 6.56 23.46
N LYS J 128 10.50 7.65 23.84
CA LYS J 128 9.30 7.49 24.63
C LYS J 128 8.39 8.69 24.48
N PHE J 129 7.11 8.48 24.77
CA PHE J 129 6.07 9.48 24.66
C PHE J 129 5.08 9.28 25.80
N VAL J 130 4.18 10.24 25.99
CA VAL J 130 3.37 10.27 27.19
C VAL J 130 1.90 9.93 26.94
N GLY J 131 1.36 10.17 25.75
CA GLY J 131 -0.05 9.97 25.53
C GLY J 131 -0.36 8.61 24.97
N ARG J 132 -1.65 8.37 24.75
CA ARG J 132 -2.05 7.32 23.82
C ARG J 132 -1.60 7.68 22.44
N GLU J 133 -1.66 8.95 22.12
CA GLU J 133 -1.14 9.46 20.87
C GLU J 133 0.36 9.68 21.03
N LYS J 134 1.15 9.24 20.05
CA LYS J 134 2.59 9.33 20.23
C LYS J 134 3.17 10.56 19.56
N TYR J 135 4.45 10.81 19.86
CA TYR J 135 5.16 11.97 19.36
C TYR J 135 6.65 11.68 19.48
N ASP J 136 7.46 12.63 18.97
CA ASP J 136 8.89 12.61 19.17
C ASP J 136 9.41 13.94 19.67
N LEU J 137 8.51 14.82 20.12
CA LEU J 137 8.76 16.19 20.56
C LEU J 137 7.43 16.67 21.12
N PRO J 138 7.38 17.56 22.12
CA PRO J 138 6.09 17.94 22.72
C PRO J 138 5.22 18.69 21.74
N PRO J 139 3.94 18.39 21.70
CA PRO J 139 3.05 19.03 20.74
C PRO J 139 2.80 20.48 21.10
N VAL J 140 2.08 21.15 20.21
CA VAL J 140 2.02 22.60 20.25
C VAL J 140 0.88 23.09 21.10
N HIS J 141 -0.32 22.57 20.88
CA HIS J 141 -1.50 23.10 21.56
C HIS J 141 -1.92 22.28 22.77
N GLY J 142 -1.93 20.95 22.67
CA GLY J 142 -2.09 20.11 23.83
C GLY J 142 -3.49 20.02 24.39
N LYS J 143 -3.68 19.08 25.33
CA LYS J 143 -4.76 19.16 26.28
C LYS J 143 -4.27 19.03 27.71
N LYS J 144 -2.98 18.76 27.89
CA LYS J 144 -2.30 18.63 29.18
C LYS J 144 -2.87 17.48 30.01
N ILE J 145 -2.63 16.26 29.55
CA ILE J 145 -2.79 15.15 30.49
C ILE J 145 -1.46 15.17 31.24
N PRO J 146 -1.42 14.79 32.51
CA PRO J 146 -0.23 15.10 33.32
C PRO J 146 0.98 14.26 32.94
N CYS J 147 2.14 14.69 33.45
CA CYS J 147 3.39 14.00 33.18
C CYS J 147 4.33 14.28 34.34
N TYR J 148 5.55 13.79 34.22
CA TYR J 148 6.53 13.92 35.28
C TYR J 148 7.81 14.48 34.69
N ILE J 149 8.31 15.56 35.27
CA ILE J 149 9.39 16.33 34.70
C ILE J 149 10.52 16.36 35.72
N TYR J 150 11.75 16.48 35.22
CA TYR J 150 12.84 16.86 36.09
C TYR J 150 12.77 18.36 36.33
N ASP J 151 12.80 18.75 37.59
CA ASP J 151 12.83 20.15 37.94
C ASP J 151 14.27 20.60 38.01
N ARG J 152 14.54 21.80 37.53
CA ARG J 152 15.93 22.14 37.24
C ARG J 152 16.50 23.26 38.11
N LEU J 153 15.86 23.65 39.21
CA LEU J 153 16.52 24.76 39.88
C LEU J 153 17.04 24.46 41.29
N LYS J 154 16.16 24.08 42.25
CA LYS J 154 16.65 23.89 43.61
C LYS J 154 15.97 22.76 44.38
N GLU J 155 15.56 21.70 43.71
CA GLU J 155 14.69 20.70 44.34
C GLU J 155 15.41 19.36 44.40
N THR J 156 15.71 18.91 45.61
CA THR J 156 16.37 17.63 45.81
C THR J 156 15.34 16.52 45.98
N SER J 157 15.79 15.27 45.82
CA SER J 157 14.90 14.15 45.57
C SER J 157 14.83 13.12 46.68
N ALA J 158 15.65 13.26 47.73
CA ALA J 158 15.86 12.24 48.76
C ALA J 158 16.29 10.90 48.13
N GLY J 159 17.48 10.94 47.55
CA GLY J 159 18.08 9.76 46.95
C GLY J 159 19.15 9.12 47.81
N TYR J 160 19.85 9.92 48.60
CA TYR J 160 20.80 9.48 49.62
C TYR J 160 21.95 8.66 49.02
N ILE J 161 22.76 9.33 48.24
CA ILE J 161 23.98 8.71 47.73
C ILE J 161 25.08 8.88 48.77
N THR J 162 26.02 7.93 48.82
CA THR J 162 26.92 7.79 49.97
C THR J 162 28.31 8.32 49.67
N MET J 163 28.97 8.87 50.70
CA MET J 163 30.31 9.42 50.55
C MET J 163 31.17 9.12 51.76
N HIS J 164 32.49 9.13 51.56
CA HIS J 164 33.42 8.97 52.66
C HIS J 164 34.68 9.79 52.39
N ARG J 165 35.73 9.52 53.14
CA ARG J 165 37.11 9.95 53.28
C ARG J 165 38.03 9.06 52.45
N PRO J 166 39.00 9.62 51.72
CA PRO J 166 39.93 8.83 50.90
C PRO J 166 40.87 7.95 51.72
N THR J 199 38.70 19.54 55.30
CA THR J 199 38.91 18.62 54.20
C THR J 199 37.59 18.06 53.68
N LYS J 200 37.62 17.59 52.44
CA LYS J 200 36.40 17.31 51.69
C LYS J 200 36.08 15.82 51.65
N TRP J 201 34.83 15.53 51.31
CA TRP J 201 34.38 14.18 51.03
C TRP J 201 34.71 13.76 49.61
N VAL J 202 34.73 12.44 49.39
CA VAL J 202 34.93 11.83 48.09
C VAL J 202 33.90 10.73 47.95
N PHE J 203 33.25 10.67 46.79
CA PHE J 203 32.18 9.70 46.53
C PHE J 203 32.69 8.25 46.56
N ASN J 204 31.86 7.39 47.14
CA ASN J 204 32.14 5.96 47.33
C ASN J 204 32.04 5.24 45.99
N SER J 205 33.12 5.33 45.21
CA SER J 205 33.11 4.78 43.85
C SER J 205 33.72 3.38 43.83
N PRO J 206 33.27 2.50 42.92
CA PRO J 206 33.87 1.17 42.81
C PRO J 206 35.24 1.16 42.16
N ASP J 207 35.78 2.31 41.77
CA ASP J 207 37.15 2.41 41.31
C ASP J 207 38.12 2.65 42.46
N LEU J 208 37.64 3.30 43.52
CA LEU J 208 38.50 3.68 44.63
C LEU J 208 38.80 2.47 45.49
N ILE J 209 40.09 2.27 45.78
CA ILE J 209 40.49 1.16 46.63
C ILE J 209 40.30 1.52 48.09
N ARG J 210 40.19 2.81 48.40
CA ARG J 210 40.42 3.33 49.74
C ARG J 210 39.30 3.01 50.70
N HIS J 211 39.04 1.73 50.93
CA HIS J 211 38.11 1.33 51.98
C HIS J 211 38.81 0.16 52.69
N ALA J 212 39.67 0.48 53.66
CA ALA J 212 40.37 -0.52 54.44
C ALA J 212 39.77 -0.64 55.84
N ASP J 213 39.76 0.45 56.59
CA ASP J 213 39.15 0.49 57.91
C ASP J 213 38.31 1.74 58.12
N HIS J 214 38.31 2.68 57.18
CA HIS J 214 37.55 3.92 57.32
C HIS J 214 36.07 3.62 57.11
N THR J 215 35.45 3.13 58.16
CA THR J 215 34.02 2.83 58.12
C THR J 215 33.24 4.09 58.49
N ALA J 216 31.93 3.94 58.65
CA ALA J 216 30.98 5.01 59.00
C ALA J 216 31.04 6.15 57.98
N GLN J 217 30.60 5.81 56.77
CA GLN J 217 30.54 6.77 55.67
C GLN J 217 29.38 7.74 55.89
N GLY J 218 29.41 8.84 55.13
CA GLY J 218 28.39 9.85 55.20
C GLY J 218 27.56 9.92 53.92
N LYS J 219 26.62 10.86 53.91
CA LYS J 219 25.71 10.92 52.77
C LYS J 219 25.17 12.33 52.55
N MET J 220 25.01 12.67 51.28
CA MET J 220 24.17 13.73 50.78
C MET J 220 23.06 13.07 49.99
N HIS J 221 22.23 13.86 49.31
CA HIS J 221 21.21 13.30 48.43
C HIS J 221 21.18 14.06 47.12
N LEU J 222 20.29 13.61 46.19
CA LEU J 222 20.37 13.90 44.76
C LEU J 222 19.50 15.10 44.40
N PRO J 223 20.02 16.04 43.64
CA PRO J 223 19.17 17.13 43.13
C PRO J 223 18.23 16.72 42.02
N PHE J 224 17.50 17.71 41.48
CA PHE J 224 16.68 17.58 40.27
C PHE J 224 15.54 16.57 40.48
N LYS J 225 14.56 17.01 41.26
CA LYS J 225 13.64 16.14 42.01
C LYS J 225 12.75 15.22 41.17
N LEU J 226 12.49 15.55 39.89
CA LEU J 226 11.42 14.95 39.07
C LEU J 226 10.05 15.19 39.73
N VAL J 227 9.69 16.46 39.70
CA VAL J 227 8.39 16.98 40.15
C VAL J 227 7.31 16.58 39.15
N PRO J 228 6.10 16.22 39.60
CA PRO J 228 4.98 16.10 38.67
C PRO J 228 4.58 17.43 38.09
N SER J 229 4.19 17.41 36.82
CA SER J 229 3.76 18.60 36.12
C SER J 229 2.76 18.18 35.07
N THR J 230 2.54 19.05 34.10
CA THR J 230 1.95 18.56 32.86
C THR J 230 2.63 19.22 31.69
N CYS J 231 2.84 18.43 30.66
CA CYS J 231 3.22 18.95 29.37
C CYS J 231 1.98 18.95 28.49
N LEU J 232 2.05 19.72 27.41
CA LEU J 232 1.05 19.61 26.38
C LEU J 232 1.14 18.22 25.76
N VAL J 233 -0.01 17.60 25.53
CA VAL J 233 -0.03 16.21 25.08
C VAL J 233 -0.85 16.15 23.80
N PRO J 234 -0.59 15.18 22.93
CA PRO J 234 -1.31 15.18 21.66
C PRO J 234 -2.73 14.64 21.82
N LEU J 235 -3.70 15.52 21.62
CA LEU J 235 -5.05 15.05 21.32
C LEU J 235 -5.11 14.37 19.97
N ALA J 236 -6.10 13.53 19.82
CA ALA J 236 -6.29 12.82 18.57
C ALA J 236 -7.24 13.58 17.66
N HIS J 237 -7.64 12.91 16.59
CA HIS J 237 -8.48 13.51 15.56
C HIS J 237 -9.82 12.78 15.57
N VAL J 238 -10.78 13.34 16.32
CA VAL J 238 -12.11 12.83 16.70
C VAL J 238 -12.80 12.06 15.57
N PRO J 239 -13.09 10.79 15.75
CA PRO J 239 -13.32 9.89 14.60
C PRO J 239 -14.67 10.11 13.97
N GLN J 240 -14.96 9.29 12.97
CA GLN J 240 -16.24 9.39 12.27
C GLN J 240 -17.04 8.13 12.53
N VAL J 241 -18.31 8.30 12.88
CA VAL J 241 -19.12 7.17 13.31
C VAL J 241 -20.27 6.96 12.35
N VAL J 242 -20.71 5.71 12.24
CA VAL J 242 -21.88 5.32 11.46
C VAL J 242 -22.70 4.38 12.32
N HIS J 243 -23.93 4.77 12.60
CA HIS J 243 -24.81 4.02 13.50
C HIS J 243 -25.55 2.98 12.69
N GLY J 244 -25.01 1.77 12.61
CA GLY J 244 -25.72 0.70 11.96
C GLY J 244 -26.70 0.07 12.91
N PHE J 245 -27.37 -0.98 12.43
CA PHE J 245 -28.29 -1.71 13.28
C PHE J 245 -27.52 -2.62 14.22
N LYS J 246 -27.66 -2.36 15.53
CA LYS J 246 -27.03 -3.11 16.61
C LYS J 246 -25.50 -3.09 16.55
N HIS J 247 -24.93 -2.10 15.86
CA HIS J 247 -23.50 -1.91 15.87
C HIS J 247 -23.21 -0.47 15.52
N ILE J 248 -22.04 -0.01 15.92
CA ILE J 248 -21.52 1.22 15.36
C ILE J 248 -20.32 0.84 14.53
N SER J 249 -19.94 1.74 13.63
CA SER J 249 -18.72 1.59 12.86
C SER J 249 -17.97 2.89 13.01
N LEU J 250 -16.65 2.84 13.06
CA LEU J 250 -15.87 4.05 13.21
C LEU J 250 -14.61 4.05 12.35
N GLN J 251 -14.45 5.15 11.61
CA GLN J 251 -13.29 5.42 10.78
C GLN J 251 -12.34 6.32 11.55
N LEU J 252 -11.06 5.97 11.51
CA LEU J 252 -10.03 6.63 12.29
C LEU J 252 -8.85 6.91 11.38
N ASP J 253 -8.18 8.02 11.64
CA ASP J 253 -7.04 8.40 10.81
C ASP J 253 -6.10 9.25 11.67
N THR J 254 -4.99 8.64 12.09
CA THR J 254 -3.96 9.34 12.86
C THR J 254 -2.57 9.01 12.35
N ASP J 255 -1.77 10.05 12.16
CA ASP J 255 -0.42 9.87 11.63
C ASP J 255 0.47 9.15 12.63
N HIS J 256 0.39 9.52 13.88
CA HIS J 256 1.17 8.93 14.94
C HIS J 256 0.30 7.91 15.67
N LEU J 257 0.96 6.94 16.29
CA LEU J 257 0.27 5.78 16.87
C LEU J 257 -0.64 6.19 18.00
N THR J 258 -1.93 5.93 17.85
CA THR J 258 -2.89 6.12 18.93
C THR J 258 -3.54 4.79 19.22
N LEU J 259 -4.51 4.80 20.13
CA LEU J 259 -5.08 3.52 20.50
C LEU J 259 -6.53 3.64 20.92
N LEU J 260 -7.38 2.81 20.33
CA LEU J 260 -8.79 2.74 20.64
C LEU J 260 -9.05 1.56 21.54
N THR J 261 -9.93 1.73 22.50
CA THR J 261 -10.39 0.58 23.23
C THR J 261 -11.89 0.72 23.45
N THR J 262 -12.57 -0.42 23.40
CA THR J 262 -14.01 -0.46 23.49
C THR J 262 -14.44 -1.40 24.60
N ARG J 263 -15.68 -1.25 25.03
CA ARG J 263 -16.29 -2.16 25.99
C ARG J 263 -17.80 -2.14 25.86
N ARG J 264 -18.39 -3.33 25.79
CA ARG J 264 -19.84 -3.48 25.80
C ARG J 264 -20.29 -3.56 27.25
N LEU J 265 -21.37 -2.88 27.58
CA LEU J 265 -21.64 -2.66 28.98
C LEU J 265 -22.58 -3.68 29.56
N GLY J 266 -22.86 -4.74 28.82
CA GLY J 266 -23.73 -5.80 29.31
C GLY J 266 -22.98 -6.76 30.20
N GLU J 267 -23.35 -8.03 30.11
CA GLU J 267 -22.65 -9.07 30.84
C GLU J 267 -21.40 -9.55 30.13
N LYS J 268 -21.10 -9.01 28.95
CA LYS J 268 -19.87 -9.33 28.24
C LYS J 268 -19.24 -8.02 27.82
N PRO J 269 -18.03 -7.72 28.28
CA PRO J 269 -17.37 -6.49 27.82
C PRO J 269 -16.95 -6.61 26.38
N GLU J 270 -16.36 -7.75 26.04
CA GLU J 270 -15.66 -8.06 24.80
C GLU J 270 -14.70 -6.92 24.44
N PRO J 271 -13.61 -6.76 25.18
CA PRO J 271 -12.70 -5.65 24.88
C PRO J 271 -11.93 -5.96 23.63
N THR J 272 -11.49 -4.91 22.96
CA THR J 272 -10.59 -5.04 21.82
C THR J 272 -9.81 -3.75 21.71
N SER J 273 -8.49 -3.88 21.67
CA SER J 273 -7.63 -2.72 21.65
C SER J 273 -6.45 -3.00 20.76
N GLU J 274 -5.99 -1.98 20.07
CA GLU J 274 -4.95 -2.17 19.08
C GLU J 274 -4.29 -0.84 18.80
N TRP J 275 -2.96 -0.84 18.75
CA TRP J 275 -2.23 0.31 18.24
C TRP J 275 -2.63 0.56 16.81
N ILE J 276 -3.20 1.72 16.54
CA ILE J 276 -3.67 2.04 15.22
C ILE J 276 -2.86 3.21 14.69
N ILE J 277 -2.42 3.05 13.44
CA ILE J 277 -1.76 4.09 12.67
C ILE J 277 -2.59 4.24 11.42
N GLY J 278 -2.41 5.36 10.73
CA GLY J 278 -2.95 5.50 9.40
C GLY J 278 -4.45 5.64 9.44
N LYS J 279 -5.12 4.92 8.54
CA LYS J 279 -6.57 5.02 8.38
C LYS J 279 -7.17 3.63 8.44
N THR J 280 -8.00 3.39 9.45
CA THR J 280 -8.66 2.10 9.58
C THR J 280 -10.13 2.27 9.93
N VAL J 281 -10.85 1.16 9.84
CA VAL J 281 -12.29 1.07 10.10
C VAL J 281 -12.50 -0.06 11.09
N ARG J 282 -13.31 0.16 12.12
CA ARG J 282 -13.64 -0.88 13.07
C ARG J 282 -15.14 -0.90 13.30
N ASN J 283 -15.76 -2.06 13.15
CA ASN J 283 -17.14 -2.26 13.54
C ASN J 283 -17.17 -2.81 14.96
N PHE J 284 -18.23 -2.50 15.70
CA PHE J 284 -18.41 -3.05 17.04
C PHE J 284 -19.89 -3.20 17.34
N SER J 285 -20.29 -4.38 17.76
CA SER J 285 -21.70 -4.62 18.05
C SER J 285 -22.08 -4.05 19.40
N VAL J 286 -23.25 -3.41 19.45
CA VAL J 286 -23.72 -2.72 20.63
C VAL J 286 -24.97 -3.44 21.13
N GLY J 287 -24.96 -3.84 22.39
CA GLY J 287 -26.10 -4.51 22.98
C GLY J 287 -27.22 -3.57 23.33
N ARG J 288 -28.19 -4.08 24.09
CA ARG J 288 -29.31 -3.27 24.54
C ARG J 288 -28.86 -2.19 25.50
N ASP J 289 -27.89 -2.49 26.33
CA ASP J 289 -27.43 -1.58 27.37
C ASP J 289 -25.92 -1.45 27.35
N GLY J 290 -25.33 -1.27 26.18
CA GLY J 290 -23.92 -1.54 25.98
C GLY J 290 -23.05 -0.37 25.58
N PHE J 291 -21.78 -0.70 25.41
CA PHE J 291 -20.78 -0.03 24.61
C PHE J 291 -20.38 1.41 24.94
N GLU J 292 -19.58 1.59 25.97
CA GLU J 292 -18.68 2.73 26.07
C GLU J 292 -17.41 2.45 25.29
N TYR J 293 -16.76 3.50 24.81
CA TYR J 293 -15.41 3.36 24.26
C TYR J 293 -14.63 4.61 24.56
N ILE J 294 -13.31 4.50 24.50
CA ILE J 294 -12.48 5.69 24.36
C ILE J 294 -11.50 5.48 23.24
N TRP J 295 -10.89 6.59 22.83
CA TRP J 295 -9.91 6.56 21.76
C TRP J 295 -9.01 7.78 21.90
N GLY J 296 -7.79 7.56 22.39
CA GLY J 296 -6.77 8.58 22.36
C GLY J 296 -7.09 9.77 23.22
N ASN J 297 -7.10 9.56 24.53
CA ASN J 297 -7.21 10.50 25.66
C ASN J 297 -8.21 11.63 25.48
N HIS J 298 -9.31 11.36 24.80
CA HIS J 298 -10.47 12.22 24.92
C HIS J 298 -11.24 11.83 26.17
N GLU J 299 -12.26 12.63 26.48
CA GLU J 299 -13.22 12.19 27.47
C GLU J 299 -14.01 11.01 26.91
N PRO J 300 -14.44 10.10 27.75
CA PRO J 300 -15.20 8.93 27.29
C PRO J 300 -16.55 9.23 26.67
N VAL J 301 -17.20 8.20 26.15
CA VAL J 301 -18.46 8.37 25.44
C VAL J 301 -19.27 7.09 25.55
N ARG J 302 -20.55 7.23 25.88
CA ARG J 302 -21.45 6.09 26.03
C ARG J 302 -22.54 6.16 24.98
N VAL J 303 -22.89 5.00 24.44
CA VAL J 303 -23.61 4.86 23.18
C VAL J 303 -24.45 3.60 23.26
N TRP J 304 -25.78 3.73 23.24
CA TRP J 304 -26.63 2.58 23.53
C TRP J 304 -27.59 2.31 22.37
N ALA J 305 -27.91 1.05 22.16
CA ALA J 305 -28.73 0.66 21.03
C ALA J 305 -30.17 0.40 21.45
N GLN J 306 -31.08 0.56 20.50
CA GLN J 306 -32.50 0.41 20.73
C GLN J 306 -33.02 -0.86 20.11
N GLU J 307 -34.33 -1.03 20.18
CA GLU J 307 -35.04 -2.12 19.53
C GLU J 307 -35.60 -1.64 18.21
N SER J 308 -35.15 -2.24 17.11
CA SER J 308 -35.69 -1.95 15.79
C SER J 308 -35.51 -3.19 14.94
N ALA J 309 -36.17 -3.19 13.79
CA ALA J 309 -35.99 -4.17 12.72
C ALA J 309 -36.74 -3.68 11.49
N PRO J 310 -36.35 -4.13 10.30
CA PRO J 310 -37.26 -4.05 9.16
C PRO J 310 -38.43 -5.00 9.36
N GLY J 311 -39.60 -4.56 8.93
CA GLY J 311 -40.83 -5.28 9.19
C GLY J 311 -41.55 -4.74 10.41
N ASP J 312 -42.81 -5.13 10.54
CA ASP J 312 -43.66 -4.60 11.60
C ASP J 312 -44.34 -5.71 12.37
N PRO J 313 -44.48 -5.56 13.68
CA PRO J 313 -45.28 -6.53 14.45
C PRO J 313 -46.77 -6.35 14.26
N HIS J 314 -47.21 -5.25 13.66
CA HIS J 314 -48.63 -5.02 13.35
C HIS J 314 -48.74 -4.98 11.83
N GLY J 315 -49.25 -6.06 11.24
CA GLY J 315 -49.44 -6.08 9.81
C GLY J 315 -49.64 -7.46 9.24
N TRP J 316 -48.97 -7.76 8.13
CA TRP J 316 -49.04 -9.08 7.54
C TRP J 316 -48.30 -10.09 8.43
N PRO J 317 -48.67 -11.37 8.36
CA PRO J 317 -47.98 -12.36 9.20
C PRO J 317 -46.52 -12.55 8.88
N HIS J 318 -46.13 -12.48 7.61
CA HIS J 318 -44.72 -12.67 7.28
C HIS J 318 -43.87 -11.49 7.73
N GLU J 319 -44.45 -10.30 7.80
CA GLU J 319 -43.71 -9.16 8.35
C GLU J 319 -43.47 -9.33 9.84
N ILE J 320 -44.45 -9.90 10.54
CA ILE J 320 -44.31 -10.23 11.96
C ILE J 320 -43.22 -11.29 12.15
N VAL J 321 -43.19 -12.28 11.26
CA VAL J 321 -42.19 -13.34 11.33
C VAL J 321 -40.79 -12.77 11.08
N GLN J 322 -40.66 -11.87 10.10
CA GLN J 322 -39.36 -11.25 9.83
C GLN J 322 -38.90 -10.40 10.99
N HIS J 323 -39.81 -9.64 11.61
CA HIS J 323 -39.44 -8.78 12.72
C HIS J 323 -39.00 -9.58 13.93
N TYR J 324 -39.79 -10.57 14.33
CA TYR J 324 -39.43 -11.36 15.50
C TYR J 324 -38.30 -12.35 15.24
N TYR J 325 -38.06 -12.73 13.98
CA TYR J 325 -36.88 -13.53 13.69
C TYR J 325 -35.63 -12.68 13.71
N HIS J 326 -35.74 -11.44 13.25
CA HIS J 326 -34.59 -10.57 13.19
C HIS J 326 -34.20 -10.08 14.57
N ARG J 327 -35.16 -9.96 15.49
CA ARG J 327 -34.80 -9.64 16.86
C ARG J 327 -34.31 -10.87 17.62
N HIS J 328 -35.17 -11.88 17.78
CA HIS J 328 -34.82 -13.08 18.54
C HIS J 328 -34.95 -14.31 17.64
N PRO J 329 -33.86 -14.71 16.98
CA PRO J 329 -33.95 -15.86 16.08
C PRO J 329 -34.03 -17.20 16.80
N VAL J 330 -33.58 -17.27 18.04
CA VAL J 330 -33.56 -18.54 18.75
C VAL J 330 -34.92 -18.97 19.24
N TYR J 331 -35.86 -18.03 19.39
CA TYR J 331 -37.18 -18.37 19.90
C TYR J 331 -38.19 -18.63 18.81
N THR J 332 -38.04 -17.93 17.67
CA THR J 332 -39.06 -17.92 16.63
C THR J 332 -39.17 -19.28 15.96
N VAL J 333 -38.03 -19.91 15.65
CA VAL J 333 -38.04 -21.22 15.01
C VAL J 333 -38.62 -22.27 15.94
N MET J 334 -38.32 -22.18 17.23
CA MET J 334 -38.87 -23.12 18.20
C MET J 334 -40.39 -22.98 18.32
N ILE J 335 -40.88 -21.75 18.46
CA ILE J 335 -42.32 -21.56 18.62
C ILE J 335 -43.08 -21.73 17.32
N LEU J 336 -42.41 -21.78 16.17
CA LEU J 336 -43.12 -22.20 14.97
C LEU J 336 -43.12 -23.71 14.77
N VAL J 337 -42.01 -24.38 15.08
CA VAL J 337 -41.93 -25.84 14.94
C VAL J 337 -42.89 -26.52 15.89
N ALA J 338 -43.03 -25.99 17.12
CA ALA J 338 -43.97 -26.56 18.08
C ALA J 338 -45.41 -26.42 17.60
N ALA J 339 -45.73 -25.30 16.95
CA ALA J 339 -47.08 -25.11 16.42
C ALA J 339 -47.37 -26.05 15.26
N THR J 340 -46.39 -26.24 14.36
CA THR J 340 -46.59 -27.15 13.23
C THR J 340 -46.72 -28.60 13.70
N LEU J 341 -45.97 -28.97 14.74
CA LEU J 341 -46.13 -30.31 15.30
C LEU J 341 -47.50 -30.47 15.97
N ALA J 342 -48.02 -29.41 16.59
CA ALA J 342 -49.37 -29.47 17.15
C ALA J 342 -50.42 -29.66 16.06
N ILE J 343 -50.22 -29.00 14.91
CA ILE J 343 -51.12 -29.16 13.76
C ILE J 343 -51.13 -30.60 13.28
N VAL J 344 -49.92 -31.17 13.09
CA VAL J 344 -49.79 -32.54 12.60
C VAL J 344 -50.39 -33.53 13.58
N LEU J 345 -50.17 -33.33 14.88
CA LEU J 345 -50.70 -34.21 15.92
C LEU J 345 -52.22 -34.19 15.93
N GLY J 346 -52.82 -32.98 15.85
CA GLY J 346 -54.26 -32.87 15.89
C GLY J 346 -54.93 -33.46 14.66
N VAL J 347 -54.37 -33.20 13.47
CA VAL J 347 -55.00 -33.73 12.27
C VAL J 347 -54.81 -35.24 12.18
N SER J 348 -53.71 -35.77 12.73
CA SER J 348 -53.50 -37.22 12.74
C SER J 348 -54.47 -37.91 13.69
N VAL J 349 -54.68 -37.34 14.89
CA VAL J 349 -55.58 -38.00 15.82
C VAL J 349 -57.04 -37.86 15.36
N ALA J 350 -57.40 -36.77 14.69
CA ALA J 350 -58.76 -36.68 14.18
C ALA J 350 -58.98 -37.65 13.02
N SER J 351 -58.00 -37.77 12.12
CA SER J 351 -58.13 -38.68 10.99
C SER J 351 -58.06 -40.15 11.41
N VAL J 352 -57.47 -40.46 12.56
CA VAL J 352 -57.52 -41.86 12.99
C VAL J 352 -58.77 -42.12 13.83
N CYS J 353 -59.30 -41.13 14.55
CA CYS J 353 -60.49 -41.37 15.35
C CYS J 353 -61.74 -41.44 14.49
N VAL J 354 -61.78 -40.71 13.37
CA VAL J 354 -62.94 -40.85 12.49
C VAL J 354 -62.94 -42.22 11.81
N CYS J 355 -61.77 -42.77 11.51
CA CYS J 355 -61.71 -44.10 10.92
C CYS J 355 -62.03 -45.17 11.95
N ARG J 356 -61.62 -44.97 13.20
CA ARG J 356 -62.01 -45.90 14.26
C ARG J 356 -63.51 -45.85 14.53
N ALA J 357 -64.12 -44.67 14.40
CA ALA J 357 -65.57 -44.57 14.52
C ALA J 357 -66.29 -45.30 13.40
N ARG J 358 -65.78 -45.20 12.17
CA ARG J 358 -66.39 -45.95 11.08
C ARG J 358 -66.12 -47.44 11.19
N ARG J 359 -65.02 -47.84 11.83
CA ARG J 359 -64.76 -49.26 12.05
C ARG J 359 -65.73 -49.83 13.09
N GLU J 360 -65.94 -49.12 14.20
CA GLU J 360 -66.90 -49.61 15.19
C GLU J 360 -68.34 -49.44 14.75
N CYS J 361 -68.61 -48.62 13.73
CA CYS J 361 -69.98 -48.36 13.32
C CYS J 361 -70.62 -49.56 12.66
N LEU J 362 -69.84 -50.41 12.00
CA LEU J 362 -70.38 -51.50 11.21
C LEU J 362 -70.51 -52.77 12.04
N THR J 363 -71.68 -53.39 11.99
CA THR J 363 -71.88 -54.74 12.48
C THR J 363 -72.48 -55.56 11.35
N ALA K 8 70.96 -17.07 -6.62
CA ALA K 8 70.92 -15.74 -6.02
C ALA K 8 71.44 -14.68 -6.99
N MET K 9 71.30 -14.94 -8.29
CA MET K 9 71.82 -14.06 -9.32
C MET K 9 70.69 -13.36 -10.06
N CYS K 10 70.98 -12.14 -10.49
CA CYS K 10 70.06 -11.31 -11.26
C CYS K 10 70.55 -11.20 -12.70
N ILE K 11 69.77 -10.48 -13.51
CA ILE K 11 70.01 -10.33 -14.94
C ILE K 11 70.15 -8.83 -15.21
N LEU K 12 70.83 -8.15 -14.29
CA LEU K 12 71.00 -6.69 -14.29
C LEU K 12 71.63 -6.18 -15.59
N GLY K 13 70.83 -5.51 -16.41
CA GLY K 13 71.27 -5.14 -17.76
C GLY K 13 71.55 -6.37 -18.60
N ASN K 14 72.83 -6.62 -18.87
CA ASN K 14 73.26 -7.87 -19.47
C ASN K 14 74.26 -8.66 -18.63
N MET K 15 74.73 -8.09 -17.53
CA MET K 15 75.74 -8.72 -16.68
C MET K 15 75.07 -9.26 -15.42
N THR K 16 75.38 -10.49 -15.06
CA THR K 16 74.78 -11.05 -13.86
C THR K 16 75.53 -10.59 -12.62
N PHE K 17 74.80 -10.52 -11.50
CA PHE K 17 75.32 -10.04 -10.23
C PHE K 17 74.61 -10.78 -9.11
N PRO K 18 75.24 -10.94 -7.95
CA PRO K 18 74.52 -11.48 -6.81
C PRO K 18 73.51 -10.46 -6.30
N CYS K 19 72.36 -10.97 -5.84
CA CYS K 19 71.29 -10.09 -5.40
C CYS K 19 71.61 -9.41 -4.07
N ASN K 20 72.61 -9.89 -3.34
CA ASN K 20 72.99 -9.25 -2.09
C ASN K 20 73.61 -7.88 -2.33
N GLN K 21 74.59 -7.81 -3.23
CA GLN K 21 75.23 -6.54 -3.60
C GLN K 21 75.26 -6.39 -5.12
N PRO K 22 74.16 -5.92 -5.72
CA PRO K 22 74.22 -5.54 -7.13
C PRO K 22 74.47 -4.05 -7.26
N PRO K 23 75.12 -3.62 -8.32
CA PRO K 23 75.42 -2.19 -8.47
C PRO K 23 74.30 -1.43 -9.17
N THR K 24 73.87 -0.28 -8.64
CA THR K 24 74.40 0.33 -7.42
C THR K 24 73.24 0.57 -6.47
N CYS K 25 73.49 1.38 -5.45
CA CYS K 25 72.52 1.62 -4.39
C CYS K 25 71.44 2.61 -4.85
N TYR K 26 70.66 3.10 -3.88
CA TYR K 26 69.51 3.95 -4.17
C TYR K 26 69.95 5.33 -4.64
N SER K 27 71.01 5.87 -4.06
CA SER K 27 71.40 7.25 -4.28
C SER K 27 72.45 7.40 -5.36
N ARG K 28 73.20 6.35 -5.65
CA ARG K 28 74.28 6.45 -6.61
C ARG K 28 73.74 6.52 -8.03
N GLU K 29 72.72 5.72 -8.34
CA GLU K 29 72.08 5.71 -9.66
C GLU K 29 70.57 5.66 -9.48
N PRO K 30 69.92 6.79 -9.21
CA PRO K 30 68.46 6.83 -9.29
C PRO K 30 68.03 6.71 -10.74
N ALA K 31 66.87 6.06 -10.92
CA ALA K 31 66.30 5.68 -12.22
C ALA K 31 67.23 4.79 -13.04
N ARG K 32 68.14 4.08 -12.37
CA ARG K 32 68.87 2.98 -12.97
C ARG K 32 68.77 1.79 -12.03
N ALA K 33 68.66 2.08 -10.73
CA ALA K 33 68.25 1.04 -9.79
C ALA K 33 66.82 0.62 -10.06
N LEU K 34 65.96 1.58 -10.43
CA LEU K 34 64.61 1.28 -10.87
C LEU K 34 64.62 0.41 -12.13
N ASP K 35 65.63 0.59 -12.98
CA ASP K 35 65.77 -0.27 -14.14
C ASP K 35 66.17 -1.68 -13.75
N ILE K 36 66.97 -1.83 -12.69
CA ILE K 36 67.29 -3.15 -12.17
C ILE K 36 66.03 -3.83 -11.65
N LEU K 37 65.21 -3.08 -10.92
CA LEU K 37 64.00 -3.66 -10.33
C LEU K 37 62.97 -4.01 -11.40
N GLU K 38 62.80 -3.15 -12.40
CA GLU K 38 61.87 -3.47 -13.47
C GLU K 38 62.41 -4.51 -14.43
N ALA K 39 63.72 -4.73 -14.44
CA ALA K 39 64.27 -5.86 -15.17
C ALA K 39 64.17 -7.15 -14.37
N ASN K 40 63.98 -7.04 -13.06
CA ASN K 40 63.90 -8.23 -12.23
C ASN K 40 62.60 -8.27 -11.44
N VAL K 41 61.48 -8.08 -12.14
CA VAL K 41 60.17 -8.17 -11.50
C VAL K 41 59.90 -9.60 -11.06
N ASP K 42 60.16 -10.56 -11.93
CA ASP K 42 59.86 -11.96 -11.66
C ASP K 42 61.00 -12.67 -10.94
N SER K 43 61.94 -11.91 -10.38
CA SER K 43 63.02 -12.51 -9.61
C SER K 43 62.48 -13.06 -8.30
N ALA K 44 62.88 -14.29 -7.97
CA ALA K 44 62.37 -14.90 -6.74
C ALA K 44 62.98 -14.26 -5.50
N ALA K 45 64.22 -13.80 -5.59
CA ALA K 45 64.85 -13.11 -4.46
C ALA K 45 64.66 -11.60 -4.58
N TYR K 46 63.41 -11.17 -4.77
CA TYR K 46 63.16 -9.78 -5.12
C TYR K 46 63.25 -8.87 -3.91
N ASP K 47 62.80 -9.35 -2.74
CA ASP K 47 62.92 -8.54 -1.53
C ASP K 47 64.38 -8.38 -1.13
N ASP K 48 65.23 -9.33 -1.50
CA ASP K 48 66.67 -9.16 -1.32
C ASP K 48 67.20 -8.01 -2.17
N LEU K 49 66.72 -7.90 -3.41
CA LEU K 49 67.06 -6.76 -4.24
C LEU K 49 66.53 -5.46 -3.66
N MET K 50 65.33 -5.49 -3.08
CA MET K 50 64.75 -4.28 -2.51
C MET K 50 65.51 -3.83 -1.27
N ARG K 51 66.02 -4.78 -0.49
CA ARG K 51 66.91 -4.41 0.61
C ARG K 51 68.26 -3.98 0.09
N ALA K 52 68.66 -4.50 -1.07
CA ALA K 52 69.97 -4.21 -1.61
C ALA K 52 70.06 -2.81 -2.20
N VAL K 53 68.96 -2.31 -2.77
CA VAL K 53 68.97 -0.96 -3.30
C VAL K 53 69.06 0.05 -2.16
N LEU K 54 68.32 -0.17 -1.08
CA LEU K 54 68.52 0.60 0.13
C LEU K 54 69.57 -0.07 1.02
N ALA L 8 15.83 13.08 69.57
CA ALA L 8 16.19 14.04 68.54
C ALA L 8 17.51 14.71 68.88
N MET L 9 18.47 13.94 69.37
CA MET L 9 19.76 14.47 69.78
C MET L 9 20.88 13.76 69.05
N CYS L 10 21.94 14.50 68.74
CA CYS L 10 23.11 13.94 68.09
C CYS L 10 24.06 13.36 69.14
N ILE L 11 24.70 12.25 68.78
CA ILE L 11 25.33 11.36 69.75
C ILE L 11 26.81 11.25 69.44
N LEU L 12 27.45 12.36 69.06
CA LEU L 12 28.90 12.34 68.90
C LEU L 12 29.60 12.02 70.20
N GLY L 13 30.40 10.95 70.18
CA GLY L 13 31.32 10.66 71.27
C GLY L 13 30.57 10.26 72.52
N ASN L 14 30.93 10.88 73.64
CA ASN L 14 30.24 10.64 74.89
C ASN L 14 29.11 11.62 75.15
N MET L 15 29.23 12.86 74.66
CA MET L 15 28.34 13.93 75.05
C MET L 15 27.28 14.17 73.99
N THR L 16 26.02 14.18 74.41
CA THR L 16 24.90 14.39 73.51
C THR L 16 24.57 15.87 73.40
N PHE L 17 23.93 16.24 72.28
CA PHE L 17 23.63 17.61 71.92
C PHE L 17 22.38 17.55 71.09
N PRO L 18 21.48 18.52 71.19
CA PRO L 18 20.30 18.53 70.31
C PRO L 18 20.69 18.82 68.88
N CYS L 19 19.92 18.23 67.95
CA CYS L 19 20.32 18.17 66.56
C CYS L 19 20.32 19.52 65.86
N ASN L 20 19.65 20.51 66.43
CA ASN L 20 19.73 21.87 65.92
C ASN L 20 20.86 22.66 66.58
N GLN L 21 21.63 22.03 67.46
CA GLN L 21 22.69 22.72 68.19
C GLN L 21 23.92 21.83 68.20
N PRO L 22 24.76 21.91 67.18
CA PRO L 22 25.97 21.10 67.15
C PRO L 22 27.08 21.79 67.91
N PRO L 23 28.17 21.09 68.19
CA PRO L 23 29.36 21.79 68.70
C PRO L 23 30.25 22.35 67.59
N THR L 24 29.66 22.84 66.51
CA THR L 24 30.37 23.24 65.30
C THR L 24 29.49 24.17 64.49
N CYS L 25 30.04 24.63 63.38
CA CYS L 25 29.30 25.22 62.27
C CYS L 25 29.96 24.72 60.99
N TYR L 26 29.66 25.39 59.88
CA TYR L 26 30.19 24.98 58.58
C TYR L 26 31.70 25.17 58.49
N SER L 27 32.23 26.20 59.16
CA SER L 27 33.66 26.52 59.04
C SER L 27 34.37 26.56 60.38
N ARG L 28 33.71 26.18 61.48
CA ARG L 28 34.41 26.11 62.75
C ARG L 28 35.41 24.96 62.75
N GLU L 29 34.93 23.73 62.61
CA GLU L 29 35.76 22.54 62.68
C GLU L 29 35.44 21.63 61.49
N PRO L 30 36.07 21.88 60.34
CA PRO L 30 35.99 20.90 59.26
C PRO L 30 36.73 19.63 59.66
N ALA L 31 36.24 18.51 59.15
CA ALA L 31 36.61 17.14 59.53
C ALA L 31 36.37 16.83 61.00
N ARG L 32 35.57 17.65 61.69
CA ARG L 32 35.10 17.34 63.03
C ARG L 32 33.61 17.60 63.09
N ALA L 33 33.12 18.51 62.24
CA ALA L 33 31.69 18.53 61.94
C ALA L 33 31.33 17.34 61.09
N LEU L 34 32.26 16.90 60.24
CA LEU L 34 32.05 15.68 59.46
C LEU L 34 31.99 14.47 60.37
N ASP L 35 32.67 14.51 61.51
CA ASP L 35 32.53 13.47 62.50
C ASP L 35 31.12 13.43 63.06
N ILE L 36 30.52 14.61 63.26
CA ILE L 36 29.16 14.71 63.76
C ILE L 36 28.19 14.13 62.74
N LEU L 37 28.46 14.37 61.46
CA LEU L 37 27.62 13.82 60.42
C LEU L 37 27.77 12.31 60.30
N GLU L 38 29.01 11.81 60.40
CA GLU L 38 29.23 10.38 60.27
C GLU L 38 28.79 9.60 61.49
N ALA L 39 28.66 10.25 62.64
CA ALA L 39 28.18 9.56 63.81
C ALA L 39 26.68 9.31 63.79
N ASN L 40 25.95 9.93 62.88
CA ASN L 40 24.49 9.95 62.97
C ASN L 40 23.86 9.70 61.62
N VAL L 41 24.39 8.73 60.89
CA VAL L 41 23.82 8.42 59.59
C VAL L 41 22.55 7.59 59.75
N ASP L 42 22.49 6.73 60.76
CA ASP L 42 21.27 5.98 61.04
C ASP L 42 20.33 6.72 61.97
N SER L 43 20.41 8.04 62.05
CA SER L 43 19.48 8.81 62.86
C SER L 43 18.20 9.04 62.07
N ALA L 44 17.34 9.93 62.59
CA ALA L 44 16.14 10.32 61.87
C ALA L 44 16.25 11.73 61.31
N ALA L 45 16.61 12.71 62.13
CA ALA L 45 16.72 14.09 61.68
C ALA L 45 18.14 14.36 61.19
N TYR L 46 18.52 13.62 60.14
CA TYR L 46 19.82 13.85 59.54
C TYR L 46 19.85 15.17 58.80
N ASP L 47 18.73 15.52 58.15
CA ASP L 47 18.64 16.76 57.41
C ASP L 47 18.75 17.97 58.33
N ASP L 48 18.19 17.86 59.53
CA ASP L 48 18.31 18.94 60.49
C ASP L 48 19.73 19.06 61.01
N LEU L 49 20.46 17.95 61.08
CA LEU L 49 21.89 18.04 61.39
C LEU L 49 22.65 18.73 60.28
N MET L 50 22.27 18.48 59.02
CA MET L 50 22.87 19.19 57.90
C MET L 50 22.60 20.68 57.97
N ARG L 51 21.37 21.05 58.34
CA ARG L 51 21.04 22.46 58.40
C ARG L 51 21.70 23.13 59.59
N ALA L 52 21.93 22.38 60.67
CA ALA L 52 22.64 22.93 61.80
C ALA L 52 24.11 23.13 61.49
N VAL L 53 24.70 22.22 60.70
CA VAL L 53 26.04 22.45 60.19
C VAL L 53 26.04 23.59 59.18
N LEU L 54 25.05 23.63 58.31
CA LEU L 54 24.98 24.66 57.29
C LEU L 54 23.93 25.72 57.60
C1 8K6 M . 16.14 -51.25 26.13
C2 8K6 M . 16.41 -52.41 27.08
C3 8K6 M . 15.16 -52.88 27.74
C4 8K6 M . 15.46 -53.14 29.16
C5 8K6 M . 14.25 -52.67 29.89
C6 8K6 M . 13.05 -53.49 29.44
C7 8K6 M . 11.92 -53.25 30.44
C8 8K6 M . 10.71 -54.06 30.17
C9 8K6 M . 9.73 -53.43 31.09
C10 8K6 M . 8.43 -54.07 30.81
C11 8K6 M . 7.53 -53.66 31.91
C12 8K6 M . 7.14 -54.81 32.75
C13 8K6 M . 6.25 -54.31 33.78
C14 8K6 M . 5.21 -55.38 33.97
C15 8K6 M . 4.49 -55.27 35.28
C16 8K6 M . 3.57 -56.45 35.53
C17 8K6 M . 2.70 -56.15 36.71
C18 8K6 M . 1.43 -56.90 36.55
#